data_8ZUK
#
_entry.id   8ZUK
#
_cell.length_a   1.00
_cell.length_b   1.00
_cell.length_c   1.00
_cell.angle_alpha   90.00
_cell.angle_beta   90.00
_cell.angle_gamma   90.00
#
_symmetry.space_group_name_H-M   'P 1'
#
loop_
_entity.id
_entity.type
_entity.pdbx_description
1 polymer 'TNF receptor-associated factor 3'
2 polymer 'Tumor necrosis factor receptor superfamily member 13C'
#
loop_
_entity_poly.entity_id
_entity_poly.type
_entity_poly.pdbx_seq_one_letter_code
_entity_poly.pdbx_strand_id
1 'polypeptide(L)'
;MSNSLEKKVSLLQNESVEKNKSIQSLHNQICSFEIEIERQKEMLRNNESKILHLQRVIDSQAEKLKELDKEIRPFRQNWE
EADSMKSSVESLQNRVTELESVDKSAGQVARNTGLLESQLSRHDQMLSVHDIRLADMDLRFQVLETASYNGVLIWKIRDY
KRRKQEAVMGKTLSLYSQPFYTGYFGYKMCARVYLNGDGMGKGTHLSLFFVIMRGEYDALLPWPFKQKVTLMLMDQGSSR
RHLGDAFKPDPNSSSFKKPTGEMNIASGCPVFVAQTVLENGTYIKDDTIFIKVIVDTSDLPDPGGSLVPR
;
A,B,C,G,H,I,M,N,O,S,T,U,Y,Z,a,e,f,g,k,l,m
2 'polypeptide(L)'
;MRRGPRSLRGRDAPAPTPCVPAECFDLLVRHCVACGLLRTPRPKPAGASSPAPRTALQPQESVGAGAGEAALPLPGLLFG
APALLGLALVLALVLVGLVSWRRRQRRLRGASSAEAPDGDKDAPEPLDKVIILSPGISDATAPAWPPPGEDPGTTPPGHS
VPVPATELGSTELVTTKTAGPEQQSNSLEVLFQ
;
D,E,F,J,K,L,P,Q,R,V,W,X,b,c,d,h,i,j,n,o,p
#
# COMPACT_ATOMS: atom_id res chain seq x y z
N HIS A 123 -8.07 -29.06 -29.10
CA HIS A 123 -8.85 -28.33 -28.10
C HIS A 123 -8.51 -28.81 -26.69
N ASP A 124 -8.28 -30.12 -26.55
CA ASP A 124 -7.95 -30.67 -25.24
C ASP A 124 -6.61 -30.13 -24.74
N GLN A 125 -5.63 -30.01 -25.64
CA GLN A 125 -4.32 -29.49 -25.24
C GLN A 125 -4.43 -28.05 -24.73
N MET A 126 -5.21 -27.22 -25.43
CA MET A 126 -5.39 -25.84 -25.00
C MET A 126 -6.13 -25.77 -23.66
N LEU A 127 -7.09 -26.67 -23.44
CA LEU A 127 -7.80 -26.71 -22.17
C LEU A 127 -6.86 -27.04 -21.03
N SER A 128 -5.95 -27.99 -21.24
CA SER A 128 -4.97 -28.32 -20.21
C SER A 128 -4.06 -27.14 -19.91
N VAL A 129 -3.64 -26.40 -20.94
CA VAL A 129 -2.84 -25.21 -20.73
C VAL A 129 -3.63 -24.17 -19.95
N HIS A 130 -4.91 -24.01 -20.28
CA HIS A 130 -5.74 -23.03 -19.57
C HIS A 130 -5.86 -23.39 -18.10
N ASP A 131 -6.04 -24.68 -17.79
CA ASP A 131 -6.14 -25.10 -16.40
C ASP A 131 -4.86 -24.79 -15.62
N ILE A 132 -3.70 -25.01 -16.25
CA ILE A 132 -2.43 -24.69 -15.60
C ILE A 132 -2.32 -23.19 -15.38
N ARG A 133 -2.67 -22.40 -16.40
CA ARG A 133 -2.59 -20.95 -16.27
C ARG A 133 -3.56 -20.43 -15.22
N LEU A 134 -4.78 -20.98 -15.18
CA LEU A 134 -5.75 -20.57 -14.18
C LEU A 134 -5.27 -20.87 -12.77
N ALA A 135 -4.66 -22.06 -12.58
CA ALA A 135 -4.12 -22.41 -11.27
C ALA A 135 -2.98 -21.48 -10.88
N ASP A 136 -2.12 -21.13 -11.84
CA ASP A 136 -1.01 -20.23 -11.56
C ASP A 136 -1.51 -18.86 -11.16
N MET A 137 -2.56 -18.37 -11.82
CA MET A 137 -3.13 -17.07 -11.48
C MET A 137 -3.71 -17.07 -10.07
N ASP A 138 -4.31 -18.18 -9.66
CA ASP A 138 -4.91 -18.27 -8.33
C ASP A 138 -3.87 -18.05 -7.24
N LEU A 139 -2.68 -18.66 -7.41
CA LEU A 139 -1.59 -18.39 -6.48
C LEU A 139 -1.12 -16.94 -6.56
N ARG A 140 -1.21 -16.34 -7.75
CA ARG A 140 -0.78 -14.96 -7.91
C ARG A 140 -1.70 -14.01 -7.15
N PHE A 141 -3.00 -14.29 -7.13
CA PHE A 141 -3.93 -13.44 -6.37
C PHE A 141 -3.58 -13.45 -4.88
N GLN A 142 -3.31 -14.63 -4.33
CA GLN A 142 -3.07 -14.74 -2.89
C GLN A 142 -1.81 -14.00 -2.48
N VAL A 143 -0.76 -14.06 -3.30
CA VAL A 143 0.49 -13.37 -2.98
C VAL A 143 0.27 -11.86 -2.93
N LEU A 144 -0.46 -11.33 -3.93
CA LEU A 144 -0.76 -9.90 -3.92
C LEU A 144 -1.72 -9.52 -2.81
N GLU A 145 -2.64 -10.42 -2.46
CA GLU A 145 -3.59 -10.13 -1.39
C GLU A 145 -2.89 -9.95 -0.05
N THR A 146 -1.90 -10.79 0.23
CA THR A 146 -1.17 -10.75 1.50
C THR A 146 0.15 -10.00 1.40
N ALA A 147 0.41 -9.35 0.28
CA ALA A 147 1.66 -8.59 0.14
C ALA A 147 1.67 -7.40 1.08
N SER A 148 2.85 -7.09 1.60
CA SER A 148 3.04 -5.99 2.52
C SER A 148 4.22 -5.13 2.06
N TYR A 149 4.15 -3.84 2.37
CA TYR A 149 5.19 -2.90 1.94
C TYR A 149 5.63 -1.98 3.07
N ASN A 150 5.41 -2.36 4.33
CA ASN A 150 5.79 -1.54 5.47
C ASN A 150 6.99 -2.11 6.22
N GLY A 151 7.62 -3.16 5.71
CA GLY A 151 8.76 -3.77 6.36
C GLY A 151 8.43 -4.72 7.48
N VAL A 152 7.15 -4.96 7.76
CA VAL A 152 6.71 -5.87 8.80
C VAL A 152 5.86 -6.95 8.15
N LEU A 153 6.20 -8.21 8.42
CA LEU A 153 5.49 -9.35 7.85
C LEU A 153 4.79 -10.14 8.94
N ILE A 154 3.50 -10.38 8.74
CA ILE A 154 2.70 -11.24 9.62
C ILE A 154 2.33 -12.48 8.81
N TRP A 155 2.77 -13.64 9.29
CA TRP A 155 2.60 -14.89 8.57
C TRP A 155 1.61 -15.78 9.33
N LYS A 156 0.58 -16.23 8.63
CA LYS A 156 -0.44 -17.11 9.20
C LYS A 156 -0.29 -18.50 8.58
N ILE A 157 -0.07 -19.50 9.42
CA ILE A 157 0.11 -20.88 8.99
C ILE A 157 -1.00 -21.70 9.61
N ARG A 158 -2.04 -22.00 8.82
CA ARG A 158 -3.15 -22.80 9.28
C ARG A 158 -2.84 -24.28 9.14
N ASP A 159 -3.65 -25.12 9.80
CA ASP A 159 -3.52 -26.57 9.78
C ASP A 159 -2.10 -26.98 10.22
N TYR A 160 -1.72 -26.52 11.42
CA TYR A 160 -0.40 -26.79 11.94
C TYR A 160 -0.20 -28.27 12.25
N LYS A 161 -1.27 -28.96 12.69
CA LYS A 161 -1.13 -30.34 13.12
C LYS A 161 -0.72 -31.25 11.97
N ARG A 162 -1.39 -31.14 10.82
CA ARG A 162 -1.08 -32.02 9.70
C ARG A 162 0.26 -31.67 9.06
N ARG A 163 0.63 -30.39 9.06
CA ARG A 163 1.90 -30.00 8.45
C ARG A 163 3.08 -30.32 9.34
N LYS A 164 2.91 -30.27 10.67
CA LYS A 164 3.96 -30.72 11.57
C LYS A 164 4.24 -32.20 11.39
N GLN A 165 3.18 -33.00 11.22
CA GLN A 165 3.37 -34.42 10.95
C GLN A 165 4.09 -34.64 9.63
N GLU A 166 3.77 -33.84 8.61
CA GLU A 166 4.43 -33.95 7.33
C GLU A 166 5.92 -33.64 7.44
N ALA A 167 6.26 -32.64 8.26
CA ALA A 167 7.67 -32.33 8.50
C ALA A 167 8.39 -33.50 9.18
N VAL A 168 7.72 -34.15 10.13
CA VAL A 168 8.30 -35.32 10.77
C VAL A 168 8.49 -36.45 9.78
N MET A 169 7.48 -36.69 8.95
CA MET A 169 7.57 -37.73 7.92
C MET A 169 8.48 -37.34 6.76
N GLY A 170 8.93 -36.08 6.70
CA GLY A 170 9.80 -35.64 5.63
C GLY A 170 9.10 -35.25 4.35
N LYS A 171 7.76 -35.22 4.34
CA LYS A 171 7.04 -34.82 3.13
C LYS A 171 7.34 -33.37 2.77
N THR A 172 7.36 -32.48 3.77
CA THR A 172 7.65 -31.06 3.56
C THR A 172 8.50 -30.60 4.74
N LEU A 173 9.80 -30.43 4.51
CA LEU A 173 10.70 -30.07 5.60
C LEU A 173 10.51 -28.62 6.02
N SER A 174 10.37 -27.71 5.06
CA SER A 174 10.29 -26.29 5.37
C SER A 174 9.17 -25.65 4.57
N LEU A 175 8.70 -24.50 5.05
CA LEU A 175 7.64 -23.73 4.42
C LEU A 175 8.13 -22.32 4.13
N TYR A 176 7.69 -21.78 3.01
CA TYR A 176 8.09 -20.44 2.57
C TYR A 176 6.90 -19.48 2.69
N SER A 177 7.17 -18.31 3.25
CA SER A 177 6.14 -17.29 3.41
C SER A 177 5.98 -16.48 2.13
N GLN A 178 4.89 -15.71 2.07
CA GLN A 178 4.69 -14.81 0.95
C GLN A 178 5.72 -13.68 0.98
N PRO A 179 6.12 -13.18 -0.18
CA PRO A 179 7.12 -12.10 -0.21
C PRO A 179 6.60 -10.84 0.48
N PHE A 180 7.50 -10.15 1.17
CA PHE A 180 7.20 -8.86 1.78
C PHE A 180 8.35 -7.91 1.53
N TYR A 181 8.06 -6.61 1.55
CA TYR A 181 9.01 -5.59 1.16
C TYR A 181 9.08 -4.50 2.22
N THR A 182 10.24 -3.85 2.30
CA THR A 182 10.37 -2.67 3.13
C THR A 182 9.60 -1.47 2.59
N GLY A 183 9.34 -1.46 1.28
CA GLY A 183 8.64 -0.36 0.66
C GLY A 183 8.17 -0.75 -0.72
N TYR A 184 7.63 0.24 -1.43
CA TYR A 184 7.14 0.00 -2.79
C TYR A 184 8.28 -0.37 -3.73
N PHE A 185 9.49 0.10 -3.45
CA PHE A 185 10.67 -0.18 -4.25
C PHE A 185 11.85 -0.57 -3.37
N GLY A 186 11.60 -1.46 -2.40
CA GLY A 186 12.60 -1.91 -1.48
C GLY A 186 13.05 -3.34 -1.74
N TYR A 187 13.64 -3.94 -0.71
CA TYR A 187 14.11 -5.31 -0.81
C TYR A 187 12.95 -6.28 -0.93
N LYS A 188 13.16 -7.36 -1.68
CA LYS A 188 12.18 -8.44 -1.80
C LYS A 188 12.61 -9.55 -0.85
N MET A 189 11.80 -9.82 0.16
CA MET A 189 12.19 -10.68 1.27
C MET A 189 11.06 -11.66 1.59
N CYS A 190 11.42 -12.73 2.30
CA CYS A 190 10.44 -13.72 2.74
C CYS A 190 10.99 -14.42 3.97
N ALA A 191 10.16 -15.30 4.53
CA ALA A 191 10.50 -16.04 5.75
C ALA A 191 10.39 -17.53 5.50
N ARG A 192 11.31 -18.29 6.09
CA ARG A 192 11.33 -19.75 5.98
C ARG A 192 11.30 -20.36 7.37
N VAL A 193 10.46 -21.37 7.56
CA VAL A 193 10.28 -22.00 8.86
C VAL A 193 10.39 -23.51 8.72
N TYR A 194 11.00 -24.15 9.71
CA TYR A 194 11.05 -25.60 9.84
C TYR A 194 10.21 -26.01 11.04
N LEU A 195 9.09 -26.69 10.78
CA LEU A 195 8.21 -27.11 11.86
C LEU A 195 8.89 -28.15 12.75
N ASN A 196 9.63 -29.09 12.16
CA ASN A 196 10.32 -30.12 12.91
C ASN A 196 11.76 -29.74 13.24
N GLY A 197 12.21 -28.56 12.85
CA GLY A 197 13.56 -28.12 13.11
C GLY A 197 14.52 -28.43 11.97
N ASP A 198 15.64 -27.72 11.97
CA ASP A 198 16.66 -27.87 10.94
C ASP A 198 18.04 -27.83 11.57
N GLY A 199 18.96 -28.58 10.99
CA GLY A 199 20.32 -28.60 11.50
C GLY A 199 20.38 -29.14 12.92
N MET A 200 21.01 -28.37 13.80
CA MET A 200 21.17 -28.79 15.19
C MET A 200 19.85 -28.78 15.96
N GLY A 201 18.82 -28.14 15.43
CA GLY A 201 17.53 -28.10 16.11
C GLY A 201 16.53 -29.08 15.54
N LYS A 202 17.01 -30.04 14.74
CA LYS A 202 16.12 -31.01 14.12
C LYS A 202 15.55 -31.95 15.16
N GLY A 203 14.22 -32.06 15.19
CA GLY A 203 13.54 -32.99 16.07
C GLY A 203 13.30 -32.49 17.47
N THR A 204 13.94 -31.39 17.88
CA THR A 204 13.78 -30.86 19.23
C THR A 204 13.33 -29.42 19.29
N HIS A 205 13.52 -28.63 18.24
CA HIS A 205 13.17 -27.22 18.24
C HIS A 205 12.46 -26.87 16.95
N LEU A 206 11.99 -25.63 16.87
CA LEU A 206 11.44 -25.06 15.65
C LEU A 206 12.43 -24.07 15.08
N SER A 207 12.72 -24.20 13.79
CA SER A 207 13.73 -23.38 13.11
C SER A 207 13.06 -22.33 12.24
N LEU A 208 13.46 -21.08 12.40
CA LEU A 208 12.96 -19.97 11.62
C LEU A 208 14.13 -19.31 10.90
N PHE A 209 14.00 -19.13 9.59
CA PHE A 209 15.08 -18.55 8.79
C PHE A 209 14.58 -17.37 7.98
N PHE A 210 15.47 -16.42 7.77
CA PHE A 210 15.17 -15.17 7.09
C PHE A 210 15.88 -15.18 5.73
N VAL A 211 15.12 -14.91 4.67
CA VAL A 211 15.57 -15.14 3.31
C VAL A 211 15.51 -13.82 2.53
N ILE A 212 16.56 -13.54 1.77
CA ILE A 212 16.60 -12.40 0.88
C ILE A 212 16.34 -12.88 -0.54
N MET A 213 15.33 -12.32 -1.19
CA MET A 213 14.98 -12.66 -2.55
C MET A 213 15.43 -11.57 -3.52
N ARG A 214 15.52 -11.94 -4.80
CA ARG A 214 15.94 -11.01 -5.82
C ARG A 214 14.82 -10.03 -6.14
N GLY A 215 15.03 -8.76 -5.83
CA GLY A 215 14.04 -7.74 -6.12
C GLY A 215 14.29 -7.08 -7.47
N GLU A 216 13.21 -6.52 -8.04
CA GLU A 216 13.32 -5.87 -9.34
C GLU A 216 14.10 -4.56 -9.28
N TYR A 217 14.29 -4.01 -8.08
CA TYR A 217 15.02 -2.75 -7.91
C TYR A 217 16.28 -2.96 -7.06
N ASP A 218 16.87 -4.16 -7.14
CA ASP A 218 18.06 -4.45 -6.35
C ASP A 218 19.25 -3.60 -6.78
N ALA A 219 19.27 -3.16 -8.04
CA ALA A 219 20.39 -2.36 -8.53
C ALA A 219 20.48 -1.00 -7.85
N LEU A 220 19.35 -0.45 -7.39
CA LEU A 220 19.32 0.84 -6.74
C LEU A 220 19.40 0.74 -5.22
N LEU A 221 19.51 -0.46 -4.67
CA LEU A 221 19.53 -0.60 -3.21
C LEU A 221 20.95 -0.86 -2.73
N PRO A 222 21.30 -0.32 -1.57
CA PRO A 222 22.65 -0.57 -1.01
C PRO A 222 22.85 -2.03 -0.67
N TRP A 223 24.09 -2.48 -0.83
CA TRP A 223 24.50 -3.85 -0.49
C TRP A 223 25.83 -3.78 0.24
N PRO A 224 26.10 -4.75 1.13
CA PRO A 224 25.25 -5.88 1.55
C PRO A 224 24.09 -5.45 2.42
N PHE A 225 23.09 -6.32 2.59
CA PHE A 225 21.95 -6.02 3.45
C PHE A 225 22.41 -5.83 4.89
N LYS A 226 21.93 -4.75 5.52
CA LYS A 226 22.34 -4.43 6.88
C LYS A 226 21.21 -3.97 7.78
N GLN A 227 19.96 -3.96 7.30
CA GLN A 227 18.85 -3.56 8.15
C GLN A 227 18.62 -4.58 9.25
N LYS A 228 18.37 -4.09 10.47
CA LYS A 228 18.15 -4.97 11.60
C LYS A 228 16.90 -5.82 11.38
N VAL A 229 17.04 -7.12 11.64
CA VAL A 229 15.96 -8.09 11.43
C VAL A 229 15.63 -8.72 12.77
N THR A 230 14.35 -8.69 13.14
CA THR A 230 13.87 -9.28 14.38
C THR A 230 12.85 -10.36 14.04
N LEU A 231 13.10 -11.58 14.51
CA LEU A 231 12.19 -12.70 14.32
C LEU A 231 11.38 -12.90 15.60
N MET A 232 10.05 -12.86 15.46
CA MET A 232 9.15 -12.94 16.60
C MET A 232 8.07 -13.97 16.35
N LEU A 233 7.68 -14.67 17.42
CA LEU A 233 6.60 -15.63 17.38
C LEU A 233 5.44 -15.06 18.19
N MET A 234 4.32 -14.79 17.52
CA MET A 234 3.20 -14.11 18.16
C MET A 234 2.54 -15.01 19.20
N ASP A 235 2.18 -14.42 20.34
CA ASP A 235 1.48 -15.12 21.41
C ASP A 235 0.00 -14.85 21.26
N GLN A 236 -0.76 -15.88 20.89
CA GLN A 236 -2.20 -15.73 20.66
C GLN A 236 -3.01 -15.65 21.94
N GLY A 237 -2.40 -15.91 23.10
CA GLY A 237 -3.10 -15.84 24.36
C GLY A 237 -3.25 -14.42 24.87
N SER A 238 -3.97 -14.31 25.99
CA SER A 238 -4.17 -13.00 26.62
C SER A 238 -2.90 -12.44 27.22
N SER A 239 -1.92 -13.30 27.54
CA SER A 239 -0.66 -12.82 28.09
C SER A 239 0.13 -12.01 27.06
N ARG A 240 0.01 -12.37 25.78
CA ARG A 240 0.72 -11.70 24.69
C ARG A 240 2.23 -11.72 24.91
N ARG A 241 2.73 -12.82 25.45
CA ARG A 241 4.16 -12.98 25.70
C ARG A 241 4.81 -13.53 24.44
N HIS A 242 5.07 -12.63 23.50
CA HIS A 242 5.64 -13.02 22.22
C HIS A 242 7.09 -13.43 22.39
N LEU A 243 7.46 -14.56 21.80
CA LEU A 243 8.84 -15.01 21.79
C LEU A 243 9.56 -14.40 20.59
N GLY A 244 10.70 -13.76 20.85
CA GLY A 244 11.40 -13.06 19.79
C GLY A 244 12.90 -13.26 19.92
N ASP A 245 13.59 -12.98 18.81
CA ASP A 245 15.05 -13.08 18.74
C ASP A 245 15.53 -12.14 17.67
N ALA A 246 16.16 -11.04 18.07
CA ALA A 246 16.66 -10.04 17.14
C ALA A 246 18.13 -10.26 16.86
N PHE A 247 18.54 -9.94 15.63
CA PHE A 247 19.92 -10.15 15.22
C PHE A 247 20.27 -9.13 14.14
N LYS A 248 21.58 -8.94 13.94
CA LYS A 248 22.11 -8.05 12.93
C LYS A 248 22.67 -8.86 11.77
N PRO A 249 22.32 -8.54 10.52
CA PRO A 249 22.83 -9.32 9.39
C PRO A 249 24.35 -9.36 9.34
N ASP A 250 24.87 -10.53 9.00
CA ASP A 250 26.31 -10.74 8.90
C ASP A 250 26.84 -9.98 7.68
N PRO A 251 27.83 -9.09 7.85
CA PRO A 251 28.31 -8.29 6.72
C PRO A 251 28.93 -9.10 5.58
N ASN A 252 29.36 -10.34 5.84
CA ASN A 252 30.06 -11.11 4.82
C ASN A 252 29.46 -12.51 4.65
N SER A 253 28.14 -12.59 4.60
CA SER A 253 27.44 -13.85 4.37
C SER A 253 26.72 -13.81 3.03
N SER A 254 26.61 -14.97 2.39
CA SER A 254 25.93 -15.06 1.10
C SER A 254 24.44 -14.77 1.23
N SER A 255 23.90 -14.82 2.45
CA SER A 255 22.49 -14.55 2.68
C SER A 255 22.14 -13.09 2.47
N PHE A 256 23.06 -12.17 2.76
CA PHE A 256 22.77 -10.74 2.70
C PHE A 256 23.51 -10.03 1.58
N LYS A 257 24.08 -10.75 0.63
CA LYS A 257 24.71 -10.14 -0.53
C LYS A 257 23.66 -9.74 -1.56
N LYS A 258 24.12 -9.18 -2.66
CA LYS A 258 23.21 -8.87 -3.77
C LYS A 258 22.75 -10.19 -4.40
N PRO A 259 21.45 -10.46 -4.47
CA PRO A 259 20.99 -11.75 -4.98
C PRO A 259 21.39 -11.96 -6.43
N THR A 260 21.74 -13.20 -6.76
CA THR A 260 22.00 -13.61 -8.13
C THR A 260 20.97 -14.58 -8.68
N GLY A 261 20.44 -15.47 -7.83
CA GLY A 261 19.36 -16.35 -8.18
C GLY A 261 18.02 -15.83 -7.70
N GLU A 262 17.04 -16.73 -7.66
CA GLU A 262 15.71 -16.36 -7.19
C GLU A 262 15.73 -15.99 -5.70
N MET A 263 16.38 -16.83 -4.89
CA MET A 263 16.50 -16.57 -3.46
C MET A 263 17.93 -16.87 -3.02
N ASN A 264 18.34 -16.24 -1.93
CA ASN A 264 19.64 -16.48 -1.34
C ASN A 264 19.55 -17.60 -0.30
N ILE A 265 20.66 -17.87 0.37
CA ILE A 265 20.70 -18.90 1.40
C ILE A 265 19.93 -18.41 2.62
N ALA A 266 19.03 -19.25 3.13
CA ALA A 266 18.26 -18.89 4.31
C ALA A 266 19.14 -18.77 5.53
N SER A 267 18.86 -17.76 6.36
CA SER A 267 19.63 -17.51 7.57
C SER A 267 18.68 -17.17 8.71
N GLY A 268 18.98 -17.70 9.89
CA GLY A 268 18.15 -17.45 11.05
C GLY A 268 18.57 -18.19 12.29
N CYS A 269 17.61 -18.57 13.13
CA CYS A 269 17.88 -19.28 14.38
C CYS A 269 17.28 -20.67 14.33
N PRO A 270 18.10 -21.70 14.12
CA PRO A 270 17.57 -23.08 14.12
C PRO A 270 17.03 -23.50 15.47
N VAL A 271 17.40 -22.81 16.55
CA VAL A 271 16.97 -23.17 17.90
C VAL A 271 16.11 -22.04 18.46
N PHE A 272 15.36 -21.38 17.59
CA PHE A 272 14.52 -20.25 17.95
C PHE A 272 13.62 -20.55 19.15
N VAL A 273 12.74 -21.54 19.01
CA VAL A 273 11.83 -21.94 20.08
C VAL A 273 11.83 -23.45 20.19
N ALA A 274 11.83 -23.95 21.42
CA ALA A 274 11.77 -25.39 21.66
C ALA A 274 10.39 -25.91 21.28
N GLN A 275 10.34 -27.13 20.74
CA GLN A 275 9.07 -27.73 20.34
C GLN A 275 8.13 -27.89 21.52
N THR A 276 8.66 -28.35 22.65
CA THR A 276 7.83 -28.52 23.85
C THR A 276 7.29 -27.17 24.33
N VAL A 277 8.14 -26.14 24.33
CA VAL A 277 7.70 -24.81 24.75
C VAL A 277 6.60 -24.29 23.83
N LEU A 278 6.76 -24.50 22.53
CA LEU A 278 5.74 -24.10 21.58
C LEU A 278 4.41 -24.80 21.83
N GLU A 279 4.47 -26.08 22.21
CA GLU A 279 3.27 -26.89 22.39
C GLU A 279 2.75 -26.86 23.83
N ASN A 280 2.93 -25.75 24.53
CA ASN A 280 2.42 -25.56 25.88
C ASN A 280 1.27 -24.55 25.89
N GLY A 281 0.53 -24.48 24.80
CA GLY A 281 -0.64 -23.62 24.72
C GLY A 281 -0.30 -22.18 24.42
N THR A 282 -1.36 -21.40 24.16
CA THR A 282 -1.31 -19.96 23.91
C THR A 282 -0.57 -19.64 22.61
N TYR A 283 -0.10 -20.66 21.90
CA TYR A 283 0.61 -20.46 20.65
C TYR A 283 -0.04 -21.16 19.46
N ILE A 284 -0.84 -22.19 19.69
CA ILE A 284 -1.55 -22.86 18.61
C ILE A 284 -3.04 -22.80 18.90
N LYS A 285 -3.72 -21.80 18.34
CA LYS A 285 -5.16 -21.69 18.45
C LYS A 285 -5.80 -21.99 17.10
N ASP A 286 -6.80 -22.87 17.11
CA ASP A 286 -7.46 -23.33 15.89
C ASP A 286 -6.46 -23.92 14.91
N ASP A 287 -5.46 -24.63 15.46
CA ASP A 287 -4.40 -25.25 14.67
C ASP A 287 -3.71 -24.25 13.75
N THR A 288 -3.44 -23.06 14.26
CA THR A 288 -2.84 -21.99 13.48
C THR A 288 -1.80 -21.25 14.32
N ILE A 289 -0.67 -20.93 13.69
CA ILE A 289 0.41 -20.20 14.35
C ILE A 289 0.64 -18.89 13.60
N PHE A 290 1.12 -17.89 14.31
CA PHE A 290 1.40 -16.57 13.76
C PHE A 290 2.87 -16.24 13.94
N ILE A 291 3.52 -15.83 12.86
CA ILE A 291 4.94 -15.50 12.85
C ILE A 291 5.09 -14.05 12.41
N LYS A 292 5.80 -13.26 13.20
CA LYS A 292 6.03 -11.84 12.91
C LYS A 292 7.51 -11.59 12.65
N VAL A 293 7.80 -10.92 11.54
CA VAL A 293 9.16 -10.52 11.19
C VAL A 293 9.19 -9.01 11.06
N ILE A 294 10.11 -8.37 11.77
CA ILE A 294 10.22 -6.92 11.80
C ILE A 294 11.59 -6.54 11.23
N VAL A 295 11.58 -5.71 10.19
CA VAL A 295 12.80 -5.21 9.55
C VAL A 295 12.84 -3.70 9.73
N ASP A 296 13.93 -3.19 10.30
CA ASP A 296 14.06 -1.77 10.52
C ASP A 296 14.29 -1.03 9.21
N THR A 297 13.51 0.02 8.97
CA THR A 297 13.60 0.82 7.75
C THR A 297 13.92 2.27 8.05
N SER A 298 14.45 2.57 9.23
CA SER A 298 14.74 3.96 9.61
C SER A 298 15.92 4.55 8.88
N ASP A 299 16.75 3.72 8.25
CA ASP A 299 17.93 4.19 7.52
C ASP A 299 17.84 3.90 6.03
N LEU A 300 16.62 3.83 5.51
CA LEU A 300 16.39 3.55 4.10
C LEU A 300 15.53 4.65 3.50
N PRO A 301 15.96 5.28 2.39
CA PRO A 301 15.21 6.35 1.71
C PRO A 301 13.82 5.90 1.26
N HIS B 123 -15.43 -31.72 -22.68
CA HIS B 123 -14.79 -30.45 -22.97
C HIS B 123 -15.72 -29.28 -22.66
N ASP B 124 -17.01 -29.47 -22.93
CA ASP B 124 -17.99 -28.42 -22.66
C ASP B 124 -18.10 -28.14 -21.17
N GLN B 125 -18.08 -29.20 -20.35
CA GLN B 125 -18.16 -29.00 -18.90
C GLN B 125 -16.97 -28.21 -18.38
N MET B 126 -15.77 -28.52 -18.86
CA MET B 126 -14.58 -27.78 -18.44
C MET B 126 -14.65 -26.33 -18.88
N LEU B 127 -15.18 -26.09 -20.08
CA LEU B 127 -15.32 -24.71 -20.57
C LEU B 127 -16.27 -23.91 -19.68
N SER B 128 -17.37 -24.52 -19.24
CA SER B 128 -18.29 -23.84 -18.34
C SER B 128 -17.62 -23.52 -17.02
N VAL B 129 -16.81 -24.44 -16.50
CA VAL B 129 -16.07 -24.19 -15.26
C VAL B 129 -15.08 -23.05 -15.46
N HIS B 130 -14.40 -23.03 -16.61
CA HIS B 130 -13.45 -21.97 -16.90
C HIS B 130 -14.13 -20.61 -16.95
N ASP B 131 -15.32 -20.54 -17.56
CA ASP B 131 -16.04 -19.28 -17.63
C ASP B 131 -16.41 -18.77 -16.23
N ILE B 132 -16.83 -19.69 -15.35
CA ILE B 132 -17.16 -19.30 -13.98
C ILE B 132 -15.91 -18.81 -13.26
N ARG B 133 -14.80 -19.54 -13.42
CA ARG B 133 -13.56 -19.12 -12.77
C ARG B 133 -13.05 -17.80 -13.31
N LEU B 134 -13.15 -17.60 -14.63
CA LEU B 134 -12.71 -16.33 -15.21
C LEU B 134 -13.56 -15.17 -14.70
N ALA B 135 -14.87 -15.37 -14.58
CA ALA B 135 -15.72 -14.32 -14.04
C ALA B 135 -15.39 -14.02 -12.58
N ASP B 136 -15.11 -15.08 -11.79
CA ASP B 136 -14.75 -14.87 -10.39
C ASP B 136 -13.46 -14.09 -10.27
N MET B 137 -12.47 -14.38 -11.13
CA MET B 137 -11.20 -13.66 -11.09
C MET B 137 -11.41 -12.18 -11.43
N ASP B 138 -12.32 -11.88 -12.35
CA ASP B 138 -12.55 -10.50 -12.74
C ASP B 138 -13.01 -9.66 -11.56
N LEU B 139 -13.91 -10.21 -10.74
CA LEU B 139 -14.31 -9.52 -9.52
C LEU B 139 -13.14 -9.42 -8.53
N ARG B 140 -12.24 -10.41 -8.55
CA ARG B 140 -11.09 -10.38 -7.64
C ARG B 140 -10.14 -9.24 -8.00
N PHE B 141 -9.96 -8.98 -9.29
CA PHE B 141 -9.10 -7.87 -9.71
C PHE B 141 -9.62 -6.54 -9.19
N GLN B 142 -10.94 -6.32 -9.31
CA GLN B 142 -11.51 -5.03 -8.94
C GLN B 142 -11.39 -4.77 -7.45
N VAL B 143 -11.58 -5.81 -6.63
CA VAL B 143 -11.47 -5.65 -5.18
C VAL B 143 -10.05 -5.25 -4.79
N LEU B 144 -9.05 -5.91 -5.38
CA LEU B 144 -7.67 -5.56 -5.10
C LEU B 144 -7.31 -4.19 -5.67
N GLU B 145 -7.90 -3.82 -6.82
CA GLU B 145 -7.60 -2.54 -7.43
C GLU B 145 -8.06 -1.39 -6.53
N THR B 146 -9.22 -1.52 -5.91
CA THR B 146 -9.79 -0.48 -5.07
C THR B 146 -9.54 -0.72 -3.58
N ALA B 147 -8.72 -1.71 -3.23
CA ALA B 147 -8.43 -1.98 -1.84
C ALA B 147 -7.63 -0.85 -1.22
N SER B 148 -7.90 -0.57 0.04
CA SER B 148 -7.22 0.50 0.78
C SER B 148 -6.73 -0.04 2.11
N TYR B 149 -5.62 0.52 2.59
CA TYR B 149 -5.02 0.09 3.84
C TYR B 149 -4.66 1.24 4.76
N ASN B 150 -5.28 2.41 4.58
CA ASN B 150 -4.99 3.57 5.40
C ASN B 150 -6.10 3.90 6.38
N GLY B 151 -7.12 3.04 6.47
CA GLY B 151 -8.23 3.27 7.38
C GLY B 151 -9.30 4.22 6.85
N VAL B 152 -9.14 4.74 5.64
CA VAL B 152 -10.11 5.65 5.03
C VAL B 152 -10.61 5.01 3.74
N LEU B 153 -11.93 4.92 3.59
CA LEU B 153 -12.56 4.30 2.45
C LEU B 153 -13.33 5.35 1.64
N ILE B 154 -13.05 5.41 0.34
CA ILE B 154 -13.79 6.25 -0.59
C ILE B 154 -14.56 5.32 -1.53
N TRP B 155 -15.88 5.43 -1.51
CA TRP B 155 -16.76 4.53 -2.26
C TRP B 155 -17.42 5.29 -3.39
N LYS B 156 -17.28 4.78 -4.61
CA LYS B 156 -17.89 5.38 -5.79
C LYS B 156 -19.01 4.48 -6.28
N ILE B 157 -20.22 5.01 -6.35
CA ILE B 157 -21.39 4.27 -6.78
C ILE B 157 -21.92 4.96 -8.03
N ARG B 158 -21.63 4.38 -9.19
CA ARG B 158 -22.09 4.91 -10.46
C ARG B 158 -23.49 4.40 -10.77
N ASP B 159 -24.14 5.06 -11.74
CA ASP B 159 -25.49 4.70 -12.18
C ASP B 159 -26.47 4.72 -11.00
N TYR B 160 -26.50 5.85 -10.31
CA TYR B 160 -27.36 5.98 -9.13
C TYR B 160 -28.84 5.94 -9.48
N LYS B 161 -29.21 6.46 -10.65
CA LYS B 161 -30.62 6.55 -11.02
C LYS B 161 -31.25 5.18 -11.14
N ARG B 162 -30.62 4.27 -11.88
CA ARG B 162 -31.21 2.95 -12.09
C ARG B 162 -31.17 2.11 -10.83
N ARG B 163 -30.14 2.27 -9.99
CA ARG B 163 -30.05 1.48 -8.77
C ARG B 163 -30.99 1.99 -7.69
N LYS B 164 -31.25 3.30 -7.65
CA LYS B 164 -32.26 3.82 -6.73
C LYS B 164 -33.64 3.30 -7.08
N GLN B 165 -33.96 3.20 -8.37
CA GLN B 165 -35.22 2.62 -8.80
C GLN B 165 -35.30 1.14 -8.41
N GLU B 166 -34.18 0.42 -8.53
CA GLU B 166 -34.16 -0.98 -8.14
C GLU B 166 -34.41 -1.15 -6.65
N ALA B 167 -33.87 -0.25 -5.83
CA ALA B 167 -34.13 -0.29 -4.40
C ALA B 167 -35.61 -0.04 -4.11
N VAL B 168 -36.23 0.88 -4.84
CA VAL B 168 -37.65 1.13 -4.67
C VAL B 168 -38.46 -0.10 -5.07
N MET B 169 -38.10 -0.71 -6.21
CA MET B 169 -38.79 -1.92 -6.67
C MET B 169 -38.43 -3.15 -5.85
N GLY B 170 -37.43 -3.06 -4.97
CA GLY B 170 -37.03 -4.18 -4.15
C GLY B 170 -36.09 -5.16 -4.81
N LYS B 171 -35.61 -4.85 -6.02
CA LYS B 171 -34.66 -5.75 -6.69
C LYS B 171 -33.36 -5.87 -5.91
N THR B 172 -32.85 -4.74 -5.40
CA THR B 172 -31.62 -4.73 -4.61
C THR B 172 -31.82 -3.70 -3.50
N LEU B 173 -32.04 -4.19 -2.28
CA LEU B 173 -32.32 -3.28 -1.17
C LEU B 173 -31.08 -2.53 -0.71
N SER B 174 -29.94 -3.23 -0.63
CA SER B 174 -28.72 -2.63 -0.11
C SER B 174 -27.54 -3.00 -1.00
N LEU B 175 -26.49 -2.19 -0.90
CA LEU B 175 -25.27 -2.40 -1.66
C LEU B 175 -24.08 -2.49 -0.71
N TYR B 176 -23.13 -3.36 -1.05
CA TYR B 176 -21.94 -3.59 -0.23
C TYR B 176 -20.72 -2.99 -0.92
N SER B 177 -19.91 -2.29 -0.15
CA SER B 177 -18.69 -1.69 -0.66
C SER B 177 -17.55 -2.71 -0.68
N GLN B 178 -16.47 -2.35 -1.38
CA GLN B 178 -15.29 -3.18 -1.37
C GLN B 178 -14.63 -3.16 0.01
N PRO B 179 -13.99 -4.26 0.41
CA PRO B 179 -13.35 -4.28 1.73
C PRO B 179 -12.23 -3.26 1.85
N PHE B 180 -12.11 -2.68 3.03
CA PHE B 180 -11.02 -1.75 3.35
C PHE B 180 -10.50 -2.07 4.73
N TYR B 181 -9.22 -1.71 4.96
CA TYR B 181 -8.53 -2.10 6.17
C TYR B 181 -7.86 -0.89 6.81
N THR B 182 -7.69 -0.95 8.13
CA THR B 182 -6.91 0.07 8.83
C THR B 182 -5.42 -0.04 8.51
N GLY B 183 -4.97 -1.22 8.10
CA GLY B 183 -3.57 -1.41 7.78
C GLY B 183 -3.37 -2.71 7.02
N TYR B 184 -2.10 -3.05 6.82
CA TYR B 184 -1.78 -4.28 6.10
C TYR B 184 -2.23 -5.52 6.86
N PHE B 185 -2.30 -5.43 8.19
CA PHE B 185 -2.73 -6.53 9.04
C PHE B 185 -3.73 -6.04 10.08
N GLY B 186 -4.71 -5.23 9.64
CA GLY B 186 -5.72 -4.69 10.52
C GLY B 186 -7.07 -5.32 10.33
N TYR B 187 -8.10 -4.61 10.77
CA TYR B 187 -9.47 -5.11 10.67
C TYR B 187 -9.91 -5.14 9.20
N LYS B 188 -10.73 -6.13 8.87
CA LYS B 188 -11.35 -6.22 7.55
C LYS B 188 -12.76 -5.66 7.64
N MET B 189 -12.99 -4.55 6.94
CA MET B 189 -14.21 -3.78 7.12
C MET B 189 -14.80 -3.42 5.75
N CYS B 190 -16.07 -3.04 5.76
CA CYS B 190 -16.75 -2.59 4.54
C CYS B 190 -17.91 -1.69 4.94
N ALA B 191 -18.58 -1.14 3.93
CA ALA B 191 -19.69 -0.22 4.11
C ALA B 191 -20.93 -0.74 3.40
N ARG B 192 -22.08 -0.55 4.02
CA ARG B 192 -23.37 -0.95 3.46
C ARG B 192 -24.30 0.25 3.40
N VAL B 193 -24.97 0.42 2.27
CA VAL B 193 -25.83 1.57 2.02
C VAL B 193 -27.19 1.10 1.53
N TYR B 194 -28.25 1.78 1.97
CA TYR B 194 -29.60 1.58 1.46
C TYR B 194 -30.01 2.84 0.71
N LEU B 195 -30.18 2.70 -0.61
CA LEU B 195 -30.56 3.86 -1.42
C LEU B 195 -31.96 4.33 -1.09
N ASN B 196 -32.89 3.41 -0.85
CA ASN B 196 -34.27 3.74 -0.52
C ASN B 196 -34.51 3.81 0.99
N GLY B 197 -33.49 3.57 1.80
CA GLY B 197 -33.63 3.60 3.24
C GLY B 197 -33.91 2.23 3.82
N ASP B 198 -33.66 2.12 5.13
CA ASP B 198 -33.85 0.87 5.85
C ASP B 198 -34.45 1.16 7.22
N GLY B 199 -35.29 0.23 7.69
CA GLY B 199 -35.91 0.40 9.00
C GLY B 199 -36.81 1.61 9.03
N MET B 200 -36.58 2.48 10.03
CA MET B 200 -37.39 3.68 10.20
C MET B 200 -37.15 4.71 9.11
N GLY B 201 -36.07 4.60 8.34
CA GLY B 201 -35.79 5.54 7.27
C GLY B 201 -36.17 5.02 5.90
N LYS B 202 -36.98 3.96 5.86
CA LYS B 202 -37.38 3.37 4.59
C LYS B 202 -38.32 4.30 3.84
N GLY B 203 -37.97 4.61 2.59
CA GLY B 203 -38.80 5.42 1.73
C GLY B 203 -38.68 6.92 1.92
N THR B 204 -38.01 7.38 2.97
CA THR B 204 -37.86 8.81 3.22
C THR B 204 -36.42 9.26 3.38
N HIS B 205 -35.49 8.38 3.71
CA HIS B 205 -34.10 8.76 3.95
C HIS B 205 -33.18 7.76 3.25
N LEU B 206 -31.89 8.05 3.29
CA LEU B 206 -30.86 7.13 2.84
C LEU B 206 -30.14 6.56 4.06
N SER B 207 -30.00 5.23 4.09
CA SER B 207 -29.43 4.53 5.23
C SER B 207 -28.01 4.07 4.90
N LEU B 208 -27.07 4.39 5.78
CA LEU B 208 -25.68 3.98 5.64
C LEU B 208 -25.29 3.17 6.87
N PHE B 209 -24.72 2.00 6.65
CA PHE B 209 -24.36 1.10 7.73
C PHE B 209 -22.89 0.69 7.62
N PHE B 210 -22.28 0.48 8.78
CA PHE B 210 -20.87 0.15 8.90
C PHE B 210 -20.75 -1.31 9.35
N VAL B 211 -19.95 -2.08 8.61
CA VAL B 211 -19.93 -3.54 8.75
C VAL B 211 -18.53 -3.98 9.09
N ILE B 212 -18.42 -4.90 10.04
CA ILE B 212 -17.14 -5.52 10.41
C ILE B 212 -17.10 -6.91 9.79
N MET B 213 -16.07 -7.18 8.99
CA MET B 213 -15.89 -8.46 8.35
C MET B 213 -14.80 -9.27 9.06
N ARG B 214 -14.80 -10.58 8.82
CA ARG B 214 -13.82 -11.46 9.42
C ARG B 214 -12.48 -11.29 8.74
N GLY B 215 -11.49 -10.78 9.46
CA GLY B 215 -10.16 -10.63 8.92
C GLY B 215 -9.28 -11.83 9.22
N GLU B 216 -8.26 -12.01 8.38
CA GLU B 216 -7.34 -13.14 8.54
C GLU B 216 -6.46 -12.99 9.77
N TYR B 217 -6.35 -11.79 10.33
CA TYR B 217 -5.51 -11.53 11.50
C TYR B 217 -6.36 -11.06 12.67
N ASP B 218 -7.62 -11.51 12.74
CA ASP B 218 -8.50 -11.10 13.82
C ASP B 218 -8.02 -11.61 15.17
N ALA B 219 -7.29 -12.72 15.19
CA ALA B 219 -6.82 -13.29 16.45
C ALA B 219 -5.81 -12.39 17.15
N LEU B 220 -5.07 -11.58 16.41
CA LEU B 220 -4.07 -10.68 16.98
C LEU B 220 -4.61 -9.28 17.21
N LEU B 221 -5.89 -9.02 16.92
CA LEU B 221 -6.41 -7.69 17.09
C LEU B 221 -7.27 -7.59 18.35
N PRO B 222 -7.23 -6.46 19.04
CA PRO B 222 -8.06 -6.29 20.25
C PRO B 222 -9.54 -6.32 19.91
N TRP B 223 -10.32 -6.85 20.84
CA TRP B 223 -11.77 -6.90 20.73
C TRP B 223 -12.38 -6.51 22.08
N PRO B 224 -13.58 -5.92 22.07
CA PRO B 224 -14.42 -5.56 20.92
C PRO B 224 -13.89 -4.36 20.15
N PHE B 225 -14.38 -4.14 18.92
CA PHE B 225 -13.95 -3.01 18.12
C PHE B 225 -14.34 -1.70 18.81
N LYS B 226 -13.38 -0.78 18.88
CA LYS B 226 -13.61 0.49 19.57
C LYS B 226 -13.05 1.71 18.84
N GLN B 227 -12.49 1.54 17.64
CA GLN B 227 -11.98 2.69 16.90
C GLN B 227 -13.13 3.58 16.44
N LYS B 228 -12.93 4.89 16.58
CA LYS B 228 -13.97 5.84 16.19
C LYS B 228 -14.25 5.74 14.70
N VAL B 229 -15.53 5.70 14.35
CA VAL B 229 -15.98 5.55 12.96
C VAL B 229 -16.81 6.76 12.60
N THR B 230 -16.44 7.43 11.50
CA THR B 230 -17.15 8.59 11.00
C THR B 230 -17.69 8.29 9.61
N LEU B 231 -19.00 8.42 9.43
CA LEU B 231 -19.63 8.22 8.13
C LEU B 231 -19.89 9.58 7.49
N MET B 232 -19.36 9.77 6.29
CA MET B 232 -19.44 11.05 5.59
C MET B 232 -19.94 10.84 4.17
N LEU B 233 -20.73 11.80 3.70
CA LEU B 233 -21.22 11.83 2.32
C LEU B 233 -20.53 12.99 1.60
N MET B 234 -19.72 12.66 0.60
CA MET B 234 -18.91 13.67 -0.07
C MET B 234 -19.78 14.62 -0.88
N ASP B 235 -19.44 15.91 -0.82
CA ASP B 235 -20.12 16.94 -1.58
C ASP B 235 -19.33 17.21 -2.85
N GLN B 236 -19.90 16.82 -4.00
CA GLN B 236 -19.21 16.96 -5.27
C GLN B 236 -19.22 18.38 -5.81
N GLY B 237 -19.97 19.29 -5.19
CA GLY B 237 -20.03 20.67 -5.63
C GLY B 237 -18.84 21.48 -5.13
N SER B 238 -18.81 22.74 -5.59
CA SER B 238 -17.74 23.64 -5.19
C SER B 238 -17.83 24.04 -3.72
N SER B 239 -19.03 23.95 -3.12
CA SER B 239 -19.17 24.28 -1.71
C SER B 239 -18.43 23.27 -0.83
N ARG B 240 -18.36 22.01 -1.25
CA ARG B 240 -17.69 20.95 -0.49
C ARG B 240 -18.28 20.81 0.90
N ARG B 241 -19.61 20.98 1.01
CA ARG B 241 -20.31 20.85 2.29
C ARG B 241 -20.67 19.39 2.49
N HIS B 242 -19.68 18.62 2.94
CA HIS B 242 -19.87 17.19 3.14
C HIS B 242 -20.79 16.93 4.33
N LEU B 243 -21.77 16.05 4.13
CA LEU B 243 -22.63 15.63 5.22
C LEU B 243 -22.00 14.44 5.95
N GLY B 244 -21.88 14.56 7.26
CA GLY B 244 -21.20 13.54 8.04
C GLY B 244 -21.93 13.26 9.35
N ASP B 245 -21.60 12.11 9.92
CA ASP B 245 -22.18 11.70 11.21
C ASP B 245 -21.19 10.75 11.87
N ALA B 246 -20.53 11.21 12.92
CA ALA B 246 -19.54 10.42 13.63
C ALA B 246 -20.18 9.76 14.86
N PHE B 247 -19.69 8.57 15.18
CA PHE B 247 -20.23 7.81 16.29
C PHE B 247 -19.13 6.91 16.87
N LYS B 248 -19.35 6.46 18.10
CA LYS B 248 -18.45 5.55 18.79
C LYS B 248 -19.05 4.16 18.83
N PRO B 249 -18.30 3.12 18.45
CA PRO B 249 -18.85 1.76 18.46
C PRO B 249 -19.41 1.36 19.82
N ASP B 250 -20.53 0.66 19.80
CA ASP B 250 -21.18 0.20 21.02
C ASP B 250 -20.35 -0.93 21.63
N PRO B 251 -19.93 -0.82 22.89
CA PRO B 251 -19.06 -1.84 23.48
C PRO B 251 -19.68 -3.23 23.57
N ASN B 252 -21.01 -3.33 23.52
CA ASN B 252 -21.67 -4.63 23.71
C ASN B 252 -22.67 -4.94 22.61
N SER B 253 -22.28 -4.69 21.36
CA SER B 253 -23.12 -5.01 20.21
C SER B 253 -22.46 -6.11 19.38
N SER B 254 -23.29 -6.93 18.74
CA SER B 254 -22.78 -8.01 17.91
C SER B 254 -22.04 -7.48 16.68
N SER B 255 -22.25 -6.21 16.34
CA SER B 255 -21.59 -5.61 15.19
C SER B 255 -20.09 -5.43 15.41
N PHE B 256 -19.65 -5.18 16.65
CA PHE B 256 -18.27 -4.87 16.94
C PHE B 256 -17.57 -5.97 17.72
N LYS B 257 -18.15 -7.16 17.83
CA LYS B 257 -17.49 -8.27 18.49
C LYS B 257 -16.50 -8.93 17.54
N LYS B 258 -15.84 -9.97 18.02
CA LYS B 258 -14.95 -10.75 17.16
C LYS B 258 -15.81 -11.51 16.15
N PRO B 259 -15.59 -11.33 14.85
CA PRO B 259 -16.45 -11.98 13.86
C PRO B 259 -16.37 -13.49 13.94
N THR B 260 -17.51 -14.15 13.72
CA THR B 260 -17.59 -15.59 13.62
C THR B 260 -17.96 -16.06 12.22
N GLY B 261 -18.81 -15.31 11.51
CA GLY B 261 -19.13 -15.58 10.14
C GLY B 261 -18.36 -14.70 9.18
N GLU B 262 -18.84 -14.63 7.95
CA GLU B 262 -18.17 -13.79 6.94
C GLU B 262 -18.26 -12.32 7.32
N MET B 263 -19.46 -11.86 7.69
CA MET B 263 -19.66 -10.48 8.10
C MET B 263 -20.55 -10.46 9.34
N ASN B 264 -20.42 -9.38 10.11
CA ASN B 264 -21.25 -9.18 11.29
C ASN B 264 -22.51 -8.39 10.91
N ILE B 265 -23.32 -8.06 11.92
CA ILE B 265 -24.54 -7.30 11.69
C ILE B 265 -24.17 -5.86 11.35
N ALA B 266 -24.76 -5.35 10.27
CA ALA B 266 -24.49 -3.97 9.87
C ALA B 266 -25.02 -2.99 10.91
N SER B 267 -24.26 -1.93 11.15
CA SER B 267 -24.63 -0.91 12.11
C SER B 267 -24.32 0.47 11.54
N GLY B 268 -25.21 1.42 11.78
CA GLY B 268 -25.02 2.77 11.27
C GLY B 268 -26.19 3.69 11.54
N CYS B 269 -26.42 4.63 10.63
CA CYS B 269 -27.50 5.62 10.78
C CYS B 269 -28.54 5.42 9.69
N PRO B 270 -29.68 4.81 10.00
CA PRO B 270 -30.74 4.67 8.99
C PRO B 270 -31.31 5.99 8.51
N VAL B 271 -31.12 7.07 9.27
CA VAL B 271 -31.67 8.38 8.92
C VAL B 271 -30.51 9.34 8.66
N PHE B 272 -29.42 8.82 8.11
CA PHE B 272 -28.21 9.60 7.83
C PHE B 272 -28.51 10.87 7.07
N VAL B 273 -29.06 10.75 5.87
CA VAL B 273 -29.41 11.90 5.03
C VAL B 273 -30.80 11.69 4.44
N ALA B 274 -31.59 12.75 4.44
CA ALA B 274 -32.92 12.71 3.85
C ALA B 274 -32.82 12.55 2.33
N GLN B 275 -33.75 11.81 1.74
CA GLN B 275 -33.73 11.59 0.30
C GLN B 275 -33.90 12.91 -0.47
N THR B 276 -34.80 13.77 -0.01
CA THR B 276 -35.00 15.06 -0.65
C THR B 276 -33.74 15.92 -0.55
N VAL B 277 -33.10 15.92 0.61
CA VAL B 277 -31.87 16.70 0.80
C VAL B 277 -30.79 16.20 -0.14
N LEU B 278 -30.66 14.87 -0.25
CA LEU B 278 -29.68 14.28 -1.16
C LEU B 278 -29.94 14.69 -2.60
N GLU B 279 -31.21 14.78 -3.00
CA GLU B 279 -31.58 15.06 -4.39
C GLU B 279 -31.77 16.55 -4.64
N ASN B 280 -31.03 17.41 -3.95
CA ASN B 280 -31.07 18.85 -4.15
C ASN B 280 -29.77 19.34 -4.81
N GLY B 281 -29.15 18.48 -5.61
CA GLY B 281 -27.96 18.86 -6.35
C GLY B 281 -26.69 18.78 -5.53
N THR B 282 -25.56 18.95 -6.23
CA THR B 282 -24.22 18.99 -5.65
C THR B 282 -23.82 17.64 -5.04
N TYR B 283 -24.70 16.65 -5.09
CA TYR B 283 -24.42 15.34 -4.54
C TYR B 283 -24.49 14.22 -5.57
N ILE B 284 -25.21 14.41 -6.67
CA ILE B 284 -25.29 13.41 -7.73
C ILE B 284 -24.80 14.04 -9.03
N LYS B 285 -23.51 13.86 -9.33
CA LYS B 285 -22.95 14.33 -10.59
C LYS B 285 -22.63 13.14 -11.47
N ASP B 286 -23.08 13.19 -12.72
CA ASP B 286 -22.92 12.09 -13.68
C ASP B 286 -23.53 10.80 -13.13
N ASP B 287 -24.65 10.94 -12.41
CA ASP B 287 -25.36 9.83 -11.81
C ASP B 287 -24.44 9.00 -10.91
N THR B 288 -23.61 9.67 -10.13
CA THR B 288 -22.63 9.00 -9.28
C THR B 288 -22.56 9.71 -7.93
N ILE B 289 -22.47 8.92 -6.86
CA ILE B 289 -22.37 9.44 -5.50
C ILE B 289 -21.07 8.94 -4.89
N PHE B 290 -20.53 9.72 -3.96
CA PHE B 290 -19.28 9.40 -3.28
C PHE B 290 -19.54 9.30 -1.79
N ILE B 291 -19.09 8.20 -1.18
CA ILE B 291 -19.27 7.94 0.24
C ILE B 291 -17.91 7.76 0.88
N LYS B 292 -17.65 8.52 1.95
CA LYS B 292 -16.37 8.49 2.65
C LYS B 292 -16.59 7.95 4.07
N VAL B 293 -15.77 6.96 4.44
CA VAL B 293 -15.78 6.39 5.79
C VAL B 293 -14.39 6.58 6.38
N ILE B 294 -14.33 7.17 7.57
CA ILE B 294 -13.07 7.46 8.24
C ILE B 294 -13.04 6.68 9.55
N VAL B 295 -12.00 5.87 9.73
CA VAL B 295 -11.79 5.08 10.94
C VAL B 295 -10.49 5.55 11.58
N ASP B 296 -10.57 5.93 12.85
CA ASP B 296 -9.40 6.42 13.56
C ASP B 296 -8.45 5.26 13.87
N THR B 297 -7.18 5.44 13.53
CA THR B 297 -6.16 4.42 13.76
C THR B 297 -5.03 4.92 14.66
N SER B 298 -5.27 5.99 15.42
CA SER B 298 -4.24 6.56 16.26
C SER B 298 -3.91 5.71 17.47
N ASP B 299 -4.75 4.75 17.83
CA ASP B 299 -4.54 3.88 18.98
C ASP B 299 -4.34 2.43 18.58
N LEU B 300 -3.86 2.20 17.36
CA LEU B 300 -3.63 0.86 16.85
C LEU B 300 -2.18 0.70 16.41
N PRO B 301 -1.46 -0.31 16.90
CA PRO B 301 -0.06 -0.57 16.54
C PRO B 301 0.14 -0.77 15.04
N HIS C 123 -17.00 -24.40 -29.57
CA HIS C 123 -16.00 -24.57 -28.53
C HIS C 123 -14.71 -23.82 -28.88
N ASP C 124 -14.37 -23.82 -30.17
CA ASP C 124 -13.17 -23.14 -30.61
C ASP C 124 -13.27 -21.63 -30.40
N GLN C 125 -14.46 -21.06 -30.66
CA GLN C 125 -14.66 -19.62 -30.47
C GLN C 125 -14.50 -19.24 -29.01
N MET C 126 -15.05 -20.05 -28.10
CA MET C 126 -14.92 -19.76 -26.68
C MET C 126 -13.47 -19.89 -26.22
N LEU C 127 -12.73 -20.86 -26.78
CA LEU C 127 -11.33 -21.01 -26.44
C LEU C 127 -10.52 -19.78 -26.86
N SER C 128 -10.82 -19.23 -28.04
CA SER C 128 -10.13 -18.02 -28.49
C SER C 128 -10.44 -16.85 -27.56
N VAL C 129 -11.69 -16.73 -27.12
CA VAL C 129 -12.05 -15.68 -26.18
C VAL C 129 -11.31 -15.87 -24.86
N HIS C 130 -11.22 -17.13 -24.40
CA HIS C 130 -10.51 -17.40 -23.15
C HIS C 130 -9.04 -17.01 -23.25
N ASP C 131 -8.41 -17.31 -24.38
CA ASP C 131 -7.00 -16.94 -24.56
C ASP C 131 -6.81 -15.43 -24.51
N ILE C 132 -7.72 -14.68 -25.12
CA ILE C 132 -7.63 -13.23 -25.08
C ILE C 132 -7.82 -12.73 -23.65
N ARG C 133 -8.81 -13.28 -22.94
CA ARG C 133 -9.06 -12.86 -21.57
C ARG C 133 -7.88 -13.23 -20.66
N LEU C 134 -7.31 -14.43 -20.85
CA LEU C 134 -6.16 -14.83 -20.05
C LEU C 134 -4.97 -13.91 -20.28
N ALA C 135 -4.72 -13.53 -21.54
CA ALA C 135 -3.64 -12.61 -21.83
C ALA C 135 -3.90 -11.24 -21.21
N ASP C 136 -5.15 -10.76 -21.26
CA ASP C 136 -5.47 -9.48 -20.66
C ASP C 136 -5.26 -9.50 -19.16
N MET C 137 -5.61 -10.61 -18.49
CA MET C 137 -5.41 -10.72 -17.05
C MET C 137 -3.93 -10.70 -16.70
N ASP C 138 -3.09 -11.30 -17.54
CA ASP C 138 -1.66 -11.34 -17.27
C ASP C 138 -1.07 -9.93 -17.20
N LEU C 139 -1.48 -9.05 -18.12
CA LEU C 139 -1.06 -7.66 -18.03
C LEU C 139 -1.64 -6.98 -16.81
N ARG C 140 -2.83 -7.40 -16.38
CA ARG C 140 -3.45 -6.80 -15.20
C ARG C 140 -2.66 -7.13 -13.93
N PHE C 141 -2.12 -8.35 -13.84
CA PHE C 141 -1.32 -8.72 -12.68
C PHE C 141 -0.08 -7.83 -12.57
N GLN C 142 0.60 -7.61 -13.69
CA GLN C 142 1.85 -6.87 -13.65
C GLN C 142 1.63 -5.41 -13.23
N VAL C 143 0.54 -4.79 -13.70
CA VAL C 143 0.26 -3.42 -13.34
C VAL C 143 0.02 -3.30 -11.84
N LEU C 144 -0.76 -4.22 -11.27
CA LEU C 144 -1.00 -4.21 -9.83
C LEU C 144 0.26 -4.56 -9.05
N GLU C 145 1.11 -5.44 -9.60
CA GLU C 145 2.33 -5.83 -8.92
C GLU C 145 3.27 -4.63 -8.75
N THR C 146 3.39 -3.81 -9.78
CA THR C 146 4.29 -2.65 -9.77
C THR C 146 3.58 -1.35 -9.44
N ALA C 147 2.32 -1.41 -9.04
CA ALA C 147 1.58 -0.20 -8.68
C ALA C 147 2.16 0.42 -7.42
N SER C 148 2.17 1.75 -7.38
CA SER C 148 2.68 2.51 -6.25
C SER C 148 1.67 3.55 -5.82
N TYR C 149 1.67 3.87 -4.52
CA TYR C 149 0.71 4.83 -3.98
C TYR C 149 1.37 5.85 -3.07
N ASN C 150 2.68 6.06 -3.19
CA ASN C 150 3.41 7.01 -2.37
C ASN C 150 3.81 8.26 -3.12
N GLY C 151 3.36 8.42 -4.36
CA GLY C 151 3.71 9.58 -5.16
C GLY C 151 5.08 9.52 -5.83
N VAL C 152 5.82 8.43 -5.67
CA VAL C 152 7.14 8.26 -6.27
C VAL C 152 7.09 7.02 -7.15
N LEU C 153 7.51 7.17 -8.40
CA LEU C 153 7.48 6.09 -9.38
C LEU C 153 8.90 5.72 -9.77
N ILE C 154 9.21 4.43 -9.68
CA ILE C 154 10.48 3.87 -10.16
C ILE C 154 10.17 2.97 -11.35
N TRP C 155 10.72 3.32 -12.51
CA TRP C 155 10.41 2.63 -13.76
C TRP C 155 11.65 1.86 -14.21
N LYS C 156 11.46 0.57 -14.46
CA LYS C 156 12.53 -0.30 -14.94
C LYS C 156 12.25 -0.68 -16.39
N ILE C 157 13.16 -0.36 -17.28
CA ILE C 157 13.02 -0.65 -18.71
C ILE C 157 14.16 -1.58 -19.09
N ARG C 158 13.86 -2.87 -19.20
CA ARG C 158 14.85 -3.86 -19.59
C ARG C 158 14.96 -3.93 -21.12
N ASP C 159 16.03 -4.58 -21.58
CA ASP C 159 16.30 -4.75 -23.01
C ASP C 159 16.32 -3.40 -23.73
N TYR C 160 17.17 -2.50 -23.22
CA TYR C 160 17.26 -1.16 -23.79
C TYR C 160 17.82 -1.16 -25.20
N LYS C 161 18.74 -2.09 -25.50
CA LYS C 161 19.41 -2.08 -26.79
C LYS C 161 18.43 -2.33 -27.93
N ARG C 162 17.59 -3.37 -27.79
CA ARG C 162 16.67 -3.69 -28.88
C ARG C 162 15.55 -2.66 -29.00
N ARG C 163 15.12 -2.08 -27.89
CA ARG C 163 14.05 -1.09 -27.95
C ARG C 163 14.53 0.25 -28.46
N LYS C 164 15.79 0.62 -28.17
CA LYS C 164 16.35 1.83 -28.75
C LYS C 164 16.44 1.71 -30.28
N GLN C 165 16.83 0.54 -30.77
CA GLN C 165 16.85 0.31 -32.21
C GLN C 165 15.45 0.40 -32.81
N GLU C 166 14.45 -0.13 -32.09
CA GLU C 166 13.07 -0.05 -32.57
C GLU C 166 12.61 1.40 -32.66
N ALA C 167 13.00 2.23 -31.69
CA ALA C 167 12.66 3.65 -31.75
C ALA C 167 13.31 4.32 -32.96
N VAL C 168 14.56 3.95 -33.26
CA VAL C 168 15.23 4.50 -34.43
C VAL C 168 14.51 4.05 -35.71
N MET C 169 14.15 2.77 -35.78
CA MET C 169 13.43 2.24 -36.93
C MET C 169 11.98 2.69 -36.98
N GLY C 170 11.47 3.32 -35.91
CA GLY C 170 10.10 3.78 -35.88
C GLY C 170 9.08 2.74 -35.49
N LYS C 171 9.52 1.53 -35.09
CA LYS C 171 8.58 0.50 -34.69
C LYS C 171 7.80 0.92 -33.44
N THR C 172 8.50 1.50 -32.47
CA THR C 172 7.88 1.97 -31.23
C THR C 172 8.56 3.29 -30.84
N LEU C 173 7.87 4.41 -31.08
CA LEU C 173 8.47 5.71 -30.83
C LEU C 173 8.59 6.00 -29.34
N SER C 174 7.55 5.68 -28.57
CA SER C 174 7.52 6.01 -27.15
C SER C 174 7.03 4.82 -26.35
N LEU C 175 7.37 4.83 -25.06
CA LEU C 175 6.97 3.78 -24.13
C LEU C 175 6.21 4.39 -22.96
N TYR C 176 5.20 3.67 -22.48
CA TYR C 176 4.37 4.13 -21.38
C TYR C 176 4.66 3.31 -20.12
N SER C 177 4.80 4.01 -19.00
CA SER C 177 5.06 3.35 -17.73
C SER C 177 3.76 2.86 -17.09
N GLN C 178 3.90 2.02 -16.07
CA GLN C 178 2.74 1.59 -15.32
C GLN C 178 2.16 2.76 -14.52
N PRO C 179 0.84 2.77 -14.31
CA PRO C 179 0.23 3.87 -13.56
C PRO C 179 0.73 3.92 -12.12
N PHE C 180 0.89 5.15 -11.62
CA PHE C 180 1.27 5.37 -10.23
C PHE C 180 0.42 6.51 -9.67
N TYR C 181 0.24 6.51 -8.36
CA TYR C 181 -0.68 7.42 -7.70
C TYR C 181 0.01 8.11 -6.53
N THR C 182 -0.47 9.32 -6.22
CA THR C 182 -0.02 10.00 -5.01
C THR C 182 -0.54 9.34 -3.75
N GLY C 183 -1.65 8.60 -3.84
CA GLY C 183 -2.22 7.94 -2.69
C GLY C 183 -3.23 6.91 -3.13
N TYR C 184 -3.93 6.35 -2.13
CA TYR C 184 -4.94 5.35 -2.42
C TYR C 184 -6.10 5.93 -3.22
N PHE C 185 -6.36 7.22 -3.06
CA PHE C 185 -7.43 7.91 -3.76
C PHE C 185 -6.93 9.23 -4.34
N GLY C 186 -5.76 9.21 -4.97
CA GLY C 186 -5.16 10.38 -5.55
C GLY C 186 -5.22 10.39 -7.06
N TYR C 187 -4.34 11.19 -7.66
CA TYR C 187 -4.28 11.31 -9.10
C TYR C 187 -3.76 10.02 -9.73
N LYS C 188 -4.28 9.69 -10.92
CA LYS C 188 -3.78 8.55 -11.69
C LYS C 188 -2.82 9.08 -12.73
N MET C 189 -1.55 8.68 -12.62
CA MET C 189 -0.48 9.29 -13.40
C MET C 189 0.42 8.21 -13.98
N CYS C 190 1.19 8.59 -14.99
CA CYS C 190 2.15 7.68 -15.60
C CYS C 190 3.25 8.50 -16.25
N ALA C 191 4.26 7.80 -16.78
CA ALA C 191 5.42 8.42 -17.40
C ALA C 191 5.58 7.92 -18.83
N ARG C 192 5.98 8.83 -19.72
CA ARG C 192 6.20 8.51 -21.12
C ARG C 192 7.63 8.90 -21.50
N VAL C 193 8.32 8.01 -22.21
CA VAL C 193 9.72 8.22 -22.58
C VAL C 193 9.89 7.97 -24.07
N TYR C 194 10.75 8.77 -24.69
CA TYR C 194 11.18 8.56 -26.08
C TYR C 194 12.65 8.19 -26.07
N LEU C 195 12.95 6.95 -26.45
CA LEU C 195 14.34 6.49 -26.46
C LEU C 195 15.17 7.23 -27.50
N ASN C 196 14.59 7.49 -28.67
CA ASN C 196 15.27 8.20 -29.75
C ASN C 196 15.00 9.69 -29.75
N GLY C 197 14.21 10.17 -28.79
CA GLY C 197 13.89 11.59 -28.71
C GLY C 197 12.59 11.94 -29.43
N ASP C 198 12.04 13.09 -29.06
CA ASP C 198 10.80 13.58 -29.62
C ASP C 198 10.89 15.08 -29.86
N GLY C 199 10.23 15.53 -30.92
CA GLY C 199 10.24 16.95 -31.24
C GLY C 199 11.63 17.45 -31.58
N MET C 200 12.04 18.51 -30.89
CA MET C 200 13.35 19.10 -31.13
C MET C 200 14.50 18.21 -30.66
N GLY C 201 14.23 17.21 -29.83
CA GLY C 201 15.27 16.32 -29.36
C GLY C 201 15.31 15.00 -30.10
N LYS C 202 14.65 14.93 -31.26
CA LYS C 202 14.61 13.69 -32.02
C LYS C 202 15.98 13.39 -32.61
N GLY C 203 16.48 12.18 -32.36
CA GLY C 203 17.72 11.71 -32.92
C GLY C 203 18.97 12.16 -32.19
N THR C 204 18.86 13.10 -31.25
CA THR C 204 20.03 13.60 -30.52
C THR C 204 19.90 13.50 -29.01
N HIS C 205 18.69 13.43 -28.46
CA HIS C 205 18.49 13.40 -27.03
C HIS C 205 17.47 12.32 -26.67
N LEU C 206 17.27 12.13 -25.38
CA LEU C 206 16.22 11.27 -24.86
C LEU C 206 15.12 12.15 -24.27
N SER C 207 13.88 11.89 -24.65
CA SER C 207 12.74 12.69 -24.24
C SER C 207 11.93 11.95 -23.18
N LEU C 208 11.65 12.65 -22.08
CA LEU C 208 10.84 12.11 -21.00
C LEU C 208 9.64 13.02 -20.79
N PHE C 209 8.44 12.44 -20.76
CA PHE C 209 7.22 13.21 -20.63
C PHE C 209 6.38 12.68 -19.49
N PHE C 210 5.66 13.60 -18.85
CA PHE C 210 4.85 13.32 -17.67
C PHE C 210 3.39 13.43 -18.06
N VAL C 211 2.61 12.39 -17.76
CA VAL C 211 1.26 12.23 -18.29
C VAL C 211 0.28 12.14 -17.12
N ILE C 212 -0.85 12.84 -17.25
CA ILE C 212 -1.94 12.76 -16.29
C ILE C 212 -3.03 11.88 -16.88
N MET C 213 -3.42 10.83 -16.16
CA MET C 213 -4.45 9.92 -16.58
C MET C 213 -5.74 10.17 -15.81
N ARG C 214 -6.85 9.69 -16.36
CA ARG C 214 -8.14 9.86 -15.73
C ARG C 214 -8.28 8.92 -14.53
N GLY C 215 -8.36 9.49 -13.33
CA GLY C 215 -8.54 8.70 -12.14
C GLY C 215 -10.00 8.54 -11.77
N GLU C 216 -10.27 7.46 -11.03
CA GLU C 216 -11.65 7.18 -10.62
C GLU C 216 -12.16 8.17 -9.58
N TYR C 217 -11.26 8.92 -8.93
CA TYR C 217 -11.64 9.89 -7.91
C TYR C 217 -11.25 11.30 -8.34
N ASP C 218 -11.25 11.56 -9.65
CA ASP C 218 -10.87 12.88 -10.15
C ASP C 218 -11.86 13.95 -9.72
N ALA C 219 -13.12 13.58 -9.49
CA ALA C 219 -14.13 14.56 -9.10
C ALA C 219 -13.86 15.17 -7.74
N LEU C 220 -13.18 14.45 -6.84
CA LEU C 220 -12.88 14.95 -5.51
C LEU C 220 -11.50 15.58 -5.41
N LEU C 221 -10.75 15.64 -6.51
CA LEU C 221 -9.41 16.20 -6.44
C LEU C 221 -9.38 17.61 -7.02
N PRO C 222 -8.57 18.50 -6.44
CA PRO C 222 -8.47 19.86 -6.96
C PRO C 222 -7.88 19.88 -8.37
N TRP C 223 -8.34 20.84 -9.16
CA TRP C 223 -7.85 21.06 -10.51
C TRP C 223 -7.67 22.56 -10.73
N PRO C 224 -6.72 22.95 -11.59
CA PRO C 224 -5.78 22.12 -12.37
C PRO C 224 -4.68 21.50 -11.52
N PHE C 225 -3.99 20.50 -12.05
CA PHE C 225 -2.89 19.87 -11.33
C PHE C 225 -1.78 20.87 -11.08
N LYS C 226 -1.29 20.91 -9.84
CA LYS C 226 -0.28 21.87 -9.45
C LYS C 226 0.82 21.29 -8.57
N GLN C 227 0.81 19.98 -8.29
CA GLN C 227 1.87 19.39 -7.48
C GLN C 227 3.19 19.40 -8.24
N LYS C 228 4.27 19.75 -7.53
CA LYS C 228 5.59 19.81 -8.15
C LYS C 228 5.99 18.43 -8.65
N VAL C 229 6.50 18.39 -9.89
CA VAL C 229 6.89 17.14 -10.54
C VAL C 229 8.38 17.23 -10.87
N THR C 230 9.14 16.23 -10.43
CA THR C 230 10.57 16.16 -10.70
C THR C 230 10.86 14.89 -11.49
N LEU C 231 11.48 15.06 -12.65
CA LEU C 231 11.88 13.94 -13.49
C LEU C 231 13.36 13.66 -13.27
N MET C 232 13.68 12.43 -12.89
CA MET C 232 15.05 12.04 -12.56
C MET C 232 15.42 10.76 -13.29
N LEU C 233 16.69 10.69 -13.70
CA LEU C 233 17.26 9.49 -14.32
C LEU C 233 18.25 8.89 -13.34
N MET C 234 17.95 7.68 -12.87
CA MET C 234 18.76 7.06 -11.83
C MET C 234 20.15 6.68 -12.36
N ASP C 235 21.16 6.91 -11.54
CA ASP C 235 22.54 6.56 -11.87
C ASP C 235 22.85 5.21 -11.22
N GLN C 236 23.02 4.18 -12.05
CA GLN C 236 23.24 2.84 -11.54
C GLN C 236 24.68 2.62 -11.06
N GLY C 237 25.58 3.56 -11.31
CA GLY C 237 26.96 3.43 -10.88
C GLY C 237 27.15 3.79 -9.43
N SER C 238 28.39 3.60 -8.96
CA SER C 238 28.72 3.92 -7.57
C SER C 238 28.70 5.41 -7.30
N SER C 239 28.87 6.24 -8.34
CA SER C 239 28.82 7.69 -8.14
C SER C 239 27.43 8.16 -7.75
N ARG C 240 26.39 7.48 -8.24
CA ARG C 240 25.00 7.83 -7.94
C ARG C 240 24.69 9.28 -8.34
N ARG C 241 25.27 9.71 -9.45
CA ARG C 241 25.05 11.07 -9.97
C ARG C 241 23.81 11.05 -10.84
N HIS C 242 22.65 11.10 -10.18
CA HIS C 242 21.38 11.04 -10.89
C HIS C 242 21.14 12.33 -11.66
N LEU C 243 20.74 12.19 -12.92
CA LEU C 243 20.37 13.35 -13.72
C LEU C 243 18.88 13.65 -13.51
N GLY C 244 18.58 14.90 -13.17
CA GLY C 244 17.22 15.28 -12.85
C GLY C 244 16.87 16.63 -13.43
N ASP C 245 15.56 16.87 -13.51
CA ASP C 245 15.04 18.14 -14.01
C ASP C 245 13.66 18.36 -13.40
N ALA C 246 13.56 19.30 -12.47
CA ALA C 246 12.32 19.59 -11.79
C ALA C 246 11.61 20.77 -12.44
N PHE C 247 10.27 20.72 -12.43
CA PHE C 247 9.48 21.76 -13.06
C PHE C 247 8.14 21.87 -12.33
N LYS C 248 7.47 23.00 -12.54
CA LYS C 248 6.16 23.26 -11.98
C LYS C 248 5.10 23.15 -13.07
N PRO C 249 4.01 22.42 -12.83
CA PRO C 249 2.98 22.28 -13.88
C PRO C 249 2.44 23.63 -14.35
N ASP C 250 2.21 23.72 -15.65
CA ASP C 250 1.68 24.94 -16.24
C ASP C 250 0.21 25.10 -15.85
N PRO C 251 -0.17 26.23 -15.25
CA PRO C 251 -1.56 26.38 -14.77
C PRO C 251 -2.61 26.34 -15.87
N ASN C 252 -2.23 26.57 -17.13
CA ASN C 252 -3.22 26.65 -18.21
C ASN C 252 -2.85 25.76 -19.39
N SER C 253 -2.42 24.54 -19.12
CA SER C 253 -2.10 23.57 -20.16
C SER C 253 -3.09 22.41 -20.11
N SER C 254 -3.37 21.83 -21.28
CA SER C 254 -4.29 20.70 -21.35
C SER C 254 -3.73 19.47 -20.65
N SER C 255 -2.43 19.45 -20.38
CA SER C 255 -1.80 18.33 -19.70
C SER C 255 -2.21 18.21 -18.24
N PHE C 256 -2.48 19.35 -17.58
CA PHE C 256 -2.76 19.36 -16.15
C PHE C 256 -4.21 19.73 -15.82
N LYS C 257 -5.09 19.73 -16.82
CA LYS C 257 -6.50 19.98 -16.57
C LYS C 257 -7.17 18.71 -16.05
N LYS C 258 -8.47 18.81 -15.79
CA LYS C 258 -9.24 17.63 -15.41
C LYS C 258 -9.36 16.70 -16.62
N PRO C 259 -8.91 15.46 -16.53
CA PRO C 259 -8.92 14.58 -17.70
C PRO C 259 -10.33 14.33 -18.21
N THR C 260 -10.46 14.26 -19.54
CA THR C 260 -11.71 13.89 -20.19
C THR C 260 -11.62 12.55 -20.91
N GLY C 261 -10.47 12.23 -21.48
CA GLY C 261 -10.22 10.93 -22.08
C GLY C 261 -9.43 10.03 -21.15
N GLU C 262 -8.86 8.98 -21.74
CA GLU C 262 -8.07 8.04 -20.95
C GLU C 262 -6.81 8.70 -20.40
N MET C 263 -6.09 9.43 -21.25
CA MET C 263 -4.90 10.15 -20.84
C MET C 263 -4.91 11.54 -21.47
N ASN C 264 -4.20 12.46 -20.82
CA ASN C 264 -4.04 13.82 -21.33
C ASN C 264 -2.81 13.90 -22.22
N ILE C 265 -2.52 15.12 -22.69
CA ILE C 265 -1.35 15.33 -23.53
C ILE C 265 -0.09 15.22 -22.68
N ALA C 266 0.87 14.43 -23.16
CA ALA C 266 2.13 14.26 -22.44
C ALA C 266 2.91 15.57 -22.40
N SER C 267 3.54 15.83 -21.25
CA SER C 267 4.31 17.04 -21.05
C SER C 267 5.59 16.70 -20.31
N GLY C 268 6.70 17.32 -20.72
CA GLY C 268 7.98 17.07 -20.09
C GLY C 268 9.14 17.78 -20.75
N CYS C 269 10.31 17.16 -20.73
CA CYS C 269 11.52 17.75 -21.29
C CYS C 269 12.00 16.91 -22.47
N PRO C 270 11.77 17.35 -23.71
CA PRO C 270 12.28 16.60 -24.87
C PRO C 270 13.80 16.55 -24.93
N VAL C 271 14.49 17.44 -24.23
CA VAL C 271 15.95 17.51 -24.26
C VAL C 271 16.49 17.19 -22.88
N PHE C 272 15.79 16.30 -22.16
CA PHE C 272 16.15 15.92 -20.79
C PHE C 272 17.62 15.51 -20.68
N VAL C 273 18.02 14.46 -21.39
CA VAL C 273 19.40 13.98 -21.37
C VAL C 273 19.85 13.71 -22.80
N ALA C 274 21.08 14.09 -23.11
CA ALA C 274 21.65 13.83 -24.43
C ALA C 274 21.90 12.34 -24.60
N GLN C 275 21.71 11.84 -25.81
CA GLN C 275 21.91 10.42 -26.09
C GLN C 275 23.35 10.00 -25.83
N THR C 276 24.31 10.82 -26.24
CA THR C 276 25.72 10.51 -26.00
C THR C 276 26.03 10.48 -24.51
N VAL C 277 25.49 11.44 -23.76
CA VAL C 277 25.71 11.49 -22.32
C VAL C 277 25.14 10.24 -21.66
N LEU C 278 23.94 9.84 -22.09
CA LEU C 278 23.33 8.63 -21.55
C LEU C 278 24.18 7.40 -21.82
N GLU C 279 24.81 7.33 -22.99
CA GLU C 279 25.56 6.16 -23.41
C GLU C 279 27.05 6.27 -23.05
N ASN C 280 27.36 6.93 -21.94
CA ASN C 280 28.72 7.02 -21.43
C ASN C 280 28.90 6.20 -20.16
N GLY C 281 28.13 5.12 -20.04
CA GLY C 281 28.27 4.21 -18.91
C GLY C 281 27.53 4.69 -17.67
N THR C 282 27.48 3.80 -16.68
CA THR C 282 26.89 4.04 -15.35
C THR C 282 25.38 4.26 -15.43
N TYR C 283 24.81 4.21 -16.63
CA TYR C 283 23.39 4.41 -16.82
C TYR C 283 22.69 3.23 -17.47
N ILE C 284 23.41 2.38 -18.20
CA ILE C 284 22.82 1.19 -18.80
C ILE C 284 23.58 -0.03 -18.29
N LYS C 285 23.06 -0.65 -17.23
CA LYS C 285 23.63 -1.88 -16.71
C LYS C 285 22.69 -3.04 -17.01
N ASP C 286 23.24 -4.12 -17.57
CA ASP C 286 22.45 -5.28 -17.99
C ASP C 286 21.35 -4.88 -18.97
N ASP C 287 21.68 -3.91 -19.84
CA ASP C 287 20.75 -3.39 -20.84
C ASP C 287 19.44 -2.93 -20.20
N THR C 288 19.55 -2.23 -19.07
CA THR C 288 18.37 -1.78 -18.33
C THR C 288 18.62 -0.38 -17.79
N ILE C 289 17.59 0.46 -17.88
CA ILE C 289 17.65 1.84 -17.39
C ILE C 289 16.58 2.02 -16.32
N PHE C 290 16.85 2.93 -15.40
CA PHE C 290 15.94 3.23 -14.30
C PHE C 290 15.52 4.69 -14.36
N ILE C 291 14.22 4.95 -14.30
CA ILE C 291 13.66 6.29 -14.37
C ILE C 291 12.86 6.54 -13.10
N LYS C 292 13.16 7.64 -12.43
CA LYS C 292 12.49 8.03 -11.18
C LYS C 292 11.70 9.31 -11.39
N VAL C 293 10.43 9.27 -10.99
CA VAL C 293 9.55 10.44 -11.02
C VAL C 293 9.07 10.72 -9.61
N ILE C 294 9.26 11.96 -9.16
CA ILE C 294 8.90 12.37 -7.80
C ILE C 294 7.84 13.44 -7.90
N VAL C 295 6.70 13.21 -7.24
CA VAL C 295 5.60 14.16 -7.20
C VAL C 295 5.38 14.56 -5.75
N ASP C 296 5.41 15.86 -5.49
CA ASP C 296 5.25 16.36 -4.13
C ASP C 296 3.80 16.21 -3.69
N THR C 297 3.61 15.63 -2.50
CA THR C 297 2.28 15.40 -1.94
C THR C 297 2.10 16.09 -0.60
N SER C 298 2.93 17.09 -0.30
CA SER C 298 2.86 17.77 1.00
C SER C 298 1.65 18.68 1.13
N ASP C 299 0.98 19.02 0.04
CA ASP C 299 -0.19 19.89 0.05
C ASP C 299 -1.45 19.17 -0.40
N LEU C 300 -1.49 17.85 -0.21
CA LEU C 300 -2.64 17.05 -0.60
C LEU C 300 -3.15 16.26 0.59
N PRO C 301 -4.45 16.35 0.92
CA PRO C 301 -5.06 15.63 2.04
C PRO C 301 -4.90 14.11 1.93
N SER D 160 23.14 -14.21 18.61
CA SER D 160 22.80 -13.18 17.63
C SER D 160 23.51 -13.44 16.31
N VAL D 161 24.43 -14.41 16.31
CA VAL D 161 25.17 -14.76 15.12
C VAL D 161 24.25 -15.51 14.16
N PRO D 162 24.10 -15.05 12.92
CA PRO D 162 23.26 -15.78 11.96
C PRO D 162 23.80 -17.18 11.70
N VAL D 163 22.88 -18.12 11.49
CA VAL D 163 23.22 -19.51 11.23
C VAL D 163 22.67 -19.88 9.85
N PRO D 164 23.50 -20.40 8.95
CA PRO D 164 23.00 -20.78 7.62
C PRO D 164 22.01 -21.93 7.68
N ALA D 165 21.36 -22.23 6.55
CA ALA D 165 20.38 -23.29 6.46
C ALA D 165 21.04 -24.58 5.98
N THR D 166 20.22 -25.62 5.87
CA THR D 166 20.64 -26.94 5.44
C THR D 166 19.75 -27.42 4.29
N GLU D 167 19.62 -26.56 3.27
CA GLU D 167 18.75 -26.79 2.12
C GLU D 167 18.89 -28.20 1.56
N LEU D 168 17.81 -28.99 1.66
CA LEU D 168 17.76 -30.33 1.11
C LEU D 168 16.70 -30.47 0.03
N GLY D 169 15.47 -30.07 0.32
CA GLY D 169 14.39 -30.16 -0.64
C GLY D 169 13.05 -30.17 0.05
N SER D 170 12.03 -30.58 -0.71
CA SER D 170 10.65 -30.65 -0.22
C SER D 170 10.19 -29.31 0.35
N THR D 171 10.19 -28.31 -0.53
CA THR D 171 9.81 -26.95 -0.18
C THR D 171 8.50 -26.60 -0.86
N GLU D 172 7.51 -26.19 -0.07
CA GLU D 172 6.20 -25.80 -0.60
C GLU D 172 5.81 -24.47 0.03
N LEU D 173 5.64 -23.45 -0.81
CA LEU D 173 5.19 -22.16 -0.31
C LEU D 173 3.75 -22.27 0.17
N VAL D 174 3.49 -21.77 1.37
CA VAL D 174 2.16 -21.81 1.96
C VAL D 174 1.76 -20.40 2.40
N THR D 175 0.59 -19.95 1.94
CA THR D 175 0.04 -18.66 2.36
C THR D 175 -1.44 -18.68 2.01
N THR D 176 -2.30 -18.53 3.01
CA THR D 176 -3.74 -18.49 2.78
C THR D 176 -4.47 -17.90 3.97
N SER E 160 -25.66 9.41 18.38
CA SER E 160 -24.35 8.76 18.34
C SER E 160 -24.48 7.27 18.68
N VAL E 161 -25.66 6.87 19.13
CA VAL E 161 -25.93 5.48 19.49
C VAL E 161 -26.02 4.65 18.22
N PRO E 162 -25.23 3.59 18.08
CA PRO E 162 -25.34 2.75 16.89
C PRO E 162 -26.71 2.09 16.79
N VAL E 163 -27.18 1.94 15.56
CA VAL E 163 -28.48 1.35 15.26
C VAL E 163 -28.25 0.10 14.42
N PRO E 164 -28.77 -1.07 14.83
CA PRO E 164 -28.58 -2.28 14.03
C PRO E 164 -29.28 -2.21 12.68
N ALA E 165 -29.02 -3.19 11.82
CA ALA E 165 -29.61 -3.24 10.49
C ALA E 165 -30.87 -4.10 10.51
N THR E 166 -31.50 -4.20 9.33
CA THR E 166 -32.71 -4.97 9.13
C THR E 166 -32.53 -5.94 7.97
N GLU E 167 -31.45 -6.72 8.04
CA GLU E 167 -31.04 -7.65 6.99
C GLU E 167 -32.20 -8.49 6.47
N LEU E 168 -32.56 -8.28 5.20
CA LEU E 168 -33.60 -9.05 4.54
C LEU E 168 -33.06 -9.85 3.37
N GLY E 169 -32.35 -9.20 2.46
CA GLY E 169 -31.81 -9.89 1.30
C GLY E 169 -31.53 -8.90 0.18
N SER E 170 -31.34 -9.45 -1.02
CA SER E 170 -31.06 -8.68 -2.23
C SER E 170 -29.84 -7.78 -2.03
N THR E 171 -28.70 -8.43 -1.76
CA THR E 171 -27.45 -7.74 -1.51
C THR E 171 -26.49 -8.02 -2.66
N GLU E 172 -25.99 -6.95 -3.28
CA GLU E 172 -25.04 -7.06 -4.39
C GLU E 172 -23.88 -6.12 -4.12
N LEU E 173 -22.68 -6.69 -3.99
CA LEU E 173 -21.49 -5.86 -3.83
C LEU E 173 -21.21 -5.08 -5.10
N VAL E 174 -21.00 -3.78 -4.96
CA VAL E 174 -20.72 -2.91 -6.11
C VAL E 174 -19.44 -2.13 -5.83
N THR E 175 -18.50 -2.20 -6.78
CA THR E 175 -17.27 -1.42 -6.72
C THR E 175 -16.66 -1.42 -8.11
N THR E 176 -16.50 -0.23 -8.69
CA THR E 176 -15.90 -0.10 -10.01
C THR E 176 -15.43 1.33 -10.25
N SER F 160 12.53 25.25 -17.08
CA SER F 160 11.51 24.78 -16.16
C SER F 160 10.13 24.84 -16.78
N VAL F 161 10.05 25.48 -17.95
CA VAL F 161 8.78 25.61 -18.66
C VAL F 161 8.41 24.26 -19.26
N PRO F 162 7.22 23.73 -18.96
CA PRO F 162 6.81 22.46 -19.56
C PRO F 162 6.71 22.57 -21.08
N VAL F 163 7.06 21.48 -21.75
CA VAL F 163 7.03 21.40 -23.20
C VAL F 163 6.06 20.30 -23.60
N PRO F 164 5.07 20.58 -24.45
CA PRO F 164 4.12 19.53 -24.87
C PRO F 164 4.78 18.44 -25.69
N ALA F 165 4.05 17.37 -25.95
CA ALA F 165 4.55 16.24 -26.70
C ALA F 165 4.20 16.37 -28.18
N THR F 166 4.62 15.39 -28.97
CA THR F 166 4.39 15.33 -30.41
C THR F 166 3.76 13.99 -30.77
N GLU F 167 2.67 13.66 -30.08
CA GLU F 167 1.98 12.38 -30.22
C GLU F 167 1.75 12.00 -31.68
N LEU F 168 2.39 10.91 -32.12
CA LEU F 168 2.22 10.39 -33.46
C LEU F 168 1.64 8.99 -33.46
N GLY F 169 2.24 8.07 -32.69
CA GLY F 169 1.74 6.71 -32.64
C GLY F 169 2.83 5.77 -32.17
N SER F 170 2.60 4.48 -32.39
CA SER F 170 3.52 3.41 -32.01
C SER F 170 3.87 3.49 -30.53
N THR F 171 2.84 3.35 -29.69
CA THR F 171 2.97 3.41 -28.25
C THR F 171 2.71 2.04 -27.66
N GLU F 172 3.67 1.54 -26.89
CA GLU F 172 3.55 0.24 -26.23
C GLU F 172 3.94 0.40 -24.77
N LEU F 173 2.99 0.12 -23.88
CA LEU F 173 3.30 0.16 -22.45
C LEU F 173 4.25 -0.97 -22.09
N VAL F 174 5.32 -0.64 -21.37
CA VAL F 174 6.32 -1.62 -20.96
C VAL F 174 6.52 -1.51 -19.46
N THR F 175 6.41 -2.65 -18.77
CA THR F 175 6.67 -2.73 -17.34
C THR F 175 6.85 -4.20 -17.00
N THR F 176 8.02 -4.56 -16.48
CA THR F 176 8.29 -5.94 -16.08
C THR F 176 9.48 -6.00 -15.14
N HIS G 123 62.37 -61.24 -20.05
CA HIS G 123 61.43 -60.57 -19.15
C HIS G 123 61.69 -60.93 -17.71
N ASP G 124 62.05 -62.19 -17.47
CA ASP G 124 62.33 -62.64 -16.11
C ASP G 124 63.55 -61.92 -15.52
N GLN G 125 64.58 -61.72 -16.34
CA GLN G 125 65.78 -61.03 -15.87
C GLN G 125 65.47 -59.60 -15.47
N MET G 126 64.67 -58.90 -16.28
CA MET G 126 64.28 -57.53 -15.94
C MET G 126 63.45 -57.48 -14.67
N LEU G 127 62.57 -58.48 -14.48
CA LEU G 127 61.75 -58.53 -13.27
C LEU G 127 62.63 -58.69 -12.03
N SER G 128 63.66 -59.53 -12.12
CA SER G 128 64.57 -59.70 -10.99
C SER G 128 65.31 -58.40 -10.68
N VAL G 129 65.73 -57.68 -11.73
CA VAL G 129 66.38 -56.38 -11.52
C VAL G 129 65.41 -55.40 -10.87
N HIS G 130 64.15 -55.41 -11.32
CA HIS G 130 63.15 -54.51 -10.75
C HIS G 130 62.94 -54.80 -9.27
N ASP G 131 62.89 -56.08 -8.89
CA ASP G 131 62.72 -56.45 -7.49
C ASP G 131 63.88 -55.94 -6.64
N ILE G 132 65.10 -56.06 -7.15
CA ILE G 132 66.27 -55.56 -6.42
C ILE G 132 66.19 -54.04 -6.29
N ARG G 133 65.85 -53.35 -7.38
CA ARG G 133 65.74 -51.90 -7.33
C ARG G 133 64.63 -51.45 -6.39
N LEU G 134 63.49 -52.15 -6.42
CA LEU G 134 62.38 -51.79 -5.53
C LEU G 134 62.78 -51.97 -4.07
N ALA G 135 63.49 -53.06 -3.76
CA ALA G 135 63.96 -53.27 -2.39
C ALA G 135 64.95 -52.20 -1.96
N ASP G 136 65.84 -51.81 -2.88
CA ASP G 136 66.81 -50.76 -2.56
C ASP G 136 66.12 -49.44 -2.29
N MET G 137 65.09 -49.11 -3.06
CA MET G 137 64.35 -47.87 -2.85
C MET G 137 63.65 -47.88 -1.49
N ASP G 138 63.15 -49.04 -1.06
CA ASP G 138 62.45 -49.11 0.22
C ASP G 138 63.36 -48.73 1.37
N LEU G 139 64.61 -49.19 1.34
CA LEU G 139 65.58 -48.75 2.34
C LEU G 139 65.89 -47.27 2.21
N ARG G 140 65.84 -46.74 0.98
CA ARG G 140 66.12 -45.32 0.76
C ARG G 140 65.04 -44.45 1.39
N PHE G 141 63.78 -44.88 1.33
CA PHE G 141 62.70 -44.12 1.95
C PHE G 141 62.91 -44.01 3.46
N GLN G 142 63.27 -45.11 4.10
CA GLN G 142 63.39 -45.12 5.56
C GLN G 142 64.52 -44.21 6.03
N VAL G 143 65.64 -44.20 5.31
CA VAL G 143 66.77 -43.34 5.69
C VAL G 143 66.37 -41.87 5.62
N LEU G 144 65.68 -41.48 4.54
CA LEU G 144 65.22 -40.10 4.42
C LEU G 144 64.13 -39.78 5.44
N GLU G 145 63.29 -40.76 5.77
CA GLU G 145 62.22 -40.53 6.74
C GLU G 145 62.78 -40.21 8.11
N THR G 146 63.83 -40.90 8.53
CA THR G 146 64.43 -40.73 9.84
C THR G 146 65.66 -39.83 9.80
N ALA G 147 65.95 -39.20 8.68
CA ALA G 147 67.10 -38.31 8.58
C ALA G 147 66.90 -37.08 9.45
N SER G 148 67.99 -36.61 10.05
CA SER G 148 67.97 -35.44 10.91
C SER G 148 69.08 -34.48 10.51
N TYR G 149 68.84 -33.18 10.72
CA TYR G 149 69.79 -32.16 10.32
C TYR G 149 70.03 -31.13 11.43
N ASN G 150 69.74 -31.48 12.68
CA ASN G 150 69.93 -30.57 13.81
C ASN G 150 71.12 -30.94 14.69
N GLY G 151 71.90 -31.94 14.28
CA GLY G 151 73.04 -32.37 15.05
C GLY G 151 72.72 -33.30 16.20
N VAL G 152 71.46 -33.67 16.39
CA VAL G 152 71.04 -34.57 17.45
C VAL G 152 70.38 -35.78 16.81
N LEU G 153 70.83 -36.98 17.18
CA LEU G 153 70.32 -38.22 16.61
C LEU G 153 69.61 -39.02 17.69
N ILE G 154 68.38 -39.43 17.40
CA ILE G 154 67.61 -40.33 18.26
C ILE G 154 67.45 -41.65 17.51
N TRP G 155 67.98 -42.72 18.09
CA TRP G 155 68.01 -44.02 17.44
C TRP G 155 67.07 -44.98 18.16
N LYS G 156 66.15 -45.59 17.41
CA LYS G 156 65.21 -46.54 17.95
C LYS G 156 65.57 -47.93 17.44
N ILE G 157 65.83 -48.86 18.35
CA ILE G 157 66.20 -50.23 18.01
C ILE G 157 65.13 -51.14 18.59
N ARG G 158 64.21 -51.60 17.74
CA ARG G 158 63.16 -52.50 18.16
C ARG G 158 63.65 -53.94 18.13
N ASP G 159 62.88 -54.83 18.78
CA ASP G 159 63.19 -56.25 18.86
C ASP G 159 64.59 -56.48 19.43
N TYR G 160 64.81 -55.91 20.61
CA TYR G 160 66.11 -56.00 21.26
C TYR G 160 66.44 -57.43 21.69
N LYS G 161 65.43 -58.21 22.08
CA LYS G 161 65.68 -59.55 22.59
C LYS G 161 66.29 -60.46 21.54
N ARG G 162 65.71 -60.48 20.34
CA ARG G 162 66.22 -61.37 19.30
C ARG G 162 67.56 -60.91 18.76
N ARG G 163 67.78 -59.59 18.70
CA ARG G 163 69.04 -59.08 18.18
C ARG G 163 70.18 -59.22 19.18
N LYS G 164 69.88 -59.12 20.48
CA LYS G 164 70.89 -59.39 21.49
C LYS G 164 71.36 -60.84 21.43
N GLN G 165 70.42 -61.77 21.22
CA GLN G 165 70.78 -63.18 21.05
C GLN G 165 71.65 -63.37 19.80
N GLU G 166 71.31 -62.66 18.72
CA GLU G 166 72.11 -62.77 17.51
C GLU G 166 73.53 -62.28 17.73
N ALA G 167 73.69 -61.20 18.50
CA ALA G 167 75.02 -60.72 18.84
C ALA G 167 75.80 -61.75 19.64
N VAL G 168 75.13 -62.43 20.57
CA VAL G 168 75.79 -63.49 21.34
C VAL G 168 76.19 -64.63 20.42
N MET G 169 75.29 -65.04 19.52
CA MET G 169 75.59 -66.11 18.58
C MET G 169 76.55 -65.67 17.48
N GLY G 170 76.85 -64.38 17.37
CA GLY G 170 77.75 -63.90 16.35
C GLY G 170 77.13 -63.65 15.00
N LYS G 171 75.80 -63.77 14.88
CA LYS G 171 75.15 -63.53 13.60
C LYS G 171 75.31 -62.08 13.17
N THR G 172 75.14 -61.15 14.11
CA THR G 172 75.29 -59.72 13.84
C THR G 172 75.97 -59.09 15.05
N LEU G 173 77.27 -58.78 14.92
CA LEU G 173 78.02 -58.26 16.06
C LEU G 173 77.62 -56.82 16.38
N SER G 174 77.47 -55.99 15.36
CA SER G 174 77.20 -54.57 15.56
C SER G 174 76.09 -54.11 14.64
N LEU G 175 75.46 -53.00 15.02
CA LEU G 175 74.37 -52.40 14.26
C LEU G 175 74.72 -50.96 13.92
N TYR G 176 74.33 -50.53 12.73
CA TYR G 176 74.60 -49.18 12.25
C TYR G 176 73.31 -48.36 12.22
N SER G 177 73.39 -47.13 12.73
CA SER G 177 72.24 -46.24 12.74
C SER G 177 72.11 -45.53 11.39
N GLN G 178 70.95 -44.89 11.20
CA GLN G 178 70.74 -44.08 10.02
C GLN G 178 71.63 -42.84 10.07
N PRO G 179 72.07 -42.35 8.92
CA PRO G 179 72.94 -41.16 8.90
C PRO G 179 72.22 -39.94 9.46
N PHE G 180 72.98 -39.11 10.18
CA PHE G 180 72.47 -37.84 10.69
C PHE G 180 73.54 -36.77 10.48
N TYR G 181 73.09 -35.52 10.40
CA TYR G 181 73.96 -34.41 10.01
C TYR G 181 73.81 -33.28 11.01
N THR G 182 74.88 -32.48 11.14
CA THR G 182 74.80 -31.25 11.92
C THR G 182 73.95 -30.19 11.24
N GLY G 183 73.80 -30.27 9.92
CA GLY G 183 73.03 -29.30 9.18
C GLY G 183 72.74 -29.81 7.79
N TYR G 184 72.15 -28.93 6.97
CA TYR G 184 71.82 -29.29 5.60
C TYR G 184 73.06 -29.58 4.78
N PHE G 185 74.19 -28.95 5.13
CA PHE G 185 75.45 -29.13 4.44
C PHE G 185 76.58 -29.34 5.44
N GLY G 186 76.36 -30.20 6.44
CA GLY G 186 77.33 -30.47 7.46
C GLY G 186 77.95 -31.84 7.33
N TYR G 187 78.51 -32.33 8.44
CA TYR G 187 79.15 -33.63 8.45
C TYR G 187 78.11 -34.74 8.31
N LYS G 188 78.50 -35.81 7.63
CA LYS G 188 77.67 -37.01 7.51
C LYS G 188 78.15 -38.01 8.55
N MET G 189 77.28 -38.32 9.51
CA MET G 189 77.67 -39.08 10.69
C MET G 189 76.64 -40.17 10.98
N CYS G 190 77.05 -41.15 11.78
CA CYS G 190 76.16 -42.22 12.20
C CYS G 190 76.67 -42.79 13.51
N ALA G 191 75.91 -43.74 14.06
CA ALA G 191 76.21 -44.36 15.34
C ALA G 191 76.29 -45.87 15.17
N ARG G 192 77.24 -46.49 15.88
CA ARG G 192 77.44 -47.94 15.86
C ARG G 192 77.36 -48.46 17.28
N VAL G 193 76.63 -49.57 17.47
CA VAL G 193 76.39 -50.14 18.78
C VAL G 193 76.70 -51.63 18.74
N TYR G 194 77.28 -52.15 19.82
CA TYR G 194 77.47 -53.57 20.03
C TYR G 194 76.59 -54.03 21.18
N LEU G 195 75.59 -54.84 20.87
CA LEU G 195 74.67 -55.31 21.90
C LEU G 195 75.38 -56.22 22.91
N ASN G 196 76.27 -57.08 22.44
CA ASN G 196 77.01 -57.98 23.31
C ASN G 196 78.36 -57.43 23.73
N GLY G 197 78.70 -56.22 23.30
CA GLY G 197 79.97 -55.61 23.65
C GLY G 197 81.05 -55.86 22.60
N ASP G 198 82.08 -55.02 22.65
CA ASP G 198 83.20 -55.10 21.72
C ASP G 198 84.50 -54.86 22.46
N GLY G 199 85.55 -55.54 22.00
CA GLY G 199 86.86 -55.36 22.62
C GLY G 199 86.86 -55.82 24.06
N MET G 200 87.32 -54.94 24.95
CA MET G 200 87.39 -55.26 26.37
C MET G 200 86.02 -55.37 27.03
N GLY G 201 84.97 -54.89 26.39
CA GLY G 201 83.63 -54.97 26.95
C GLY G 201 82.81 -56.08 26.36
N LYS G 202 83.46 -57.02 25.67
CA LYS G 202 82.74 -58.12 25.03
C LYS G 202 82.19 -59.08 26.08
N GLY G 203 80.89 -59.34 26.00
CA GLY G 203 80.24 -60.29 26.88
C GLY G 203 79.83 -59.75 28.24
N THR G 204 80.29 -58.56 28.61
CA THR G 204 79.97 -57.99 29.92
C THR G 204 79.34 -56.60 29.85
N HIS G 205 79.54 -55.85 28.78
CA HIS G 205 79.03 -54.49 28.67
C HIS G 205 78.40 -54.30 27.30
N LEU G 206 77.80 -53.12 27.10
CA LEU G 206 77.30 -52.70 25.81
C LEU G 206 78.23 -51.62 25.26
N SER G 207 78.64 -51.78 24.01
CA SER G 207 79.60 -50.89 23.38
C SER G 207 78.88 -49.98 22.40
N LEU G 208 79.13 -48.68 22.51
CA LEU G 208 78.58 -47.67 21.62
C LEU G 208 79.73 -46.92 20.96
N PHE G 209 79.69 -46.81 19.64
CA PHE G 209 80.76 -46.17 18.89
C PHE G 209 80.20 -45.09 17.97
N PHE G 210 81.00 -44.05 17.78
CA PHE G 210 80.62 -42.88 17.00
C PHE G 210 81.44 -42.88 15.71
N VAL G 211 80.75 -42.76 14.57
CA VAL G 211 81.34 -43.00 13.26
C VAL G 211 81.20 -41.74 12.42
N ILE G 212 82.27 -41.38 11.72
CA ILE G 212 82.27 -40.28 10.76
C ILE G 212 82.18 -40.86 9.36
N MET G 213 81.18 -40.45 8.61
CA MET G 213 80.99 -40.91 7.24
C MET G 213 81.40 -39.83 6.25
N ARG G 214 81.64 -40.25 5.01
CA ARG G 214 82.05 -39.31 3.96
C ARG G 214 80.84 -38.50 3.50
N GLY G 215 80.88 -37.19 3.75
CA GLY G 215 79.83 -36.31 3.32
C GLY G 215 80.11 -35.70 1.95
N GLU G 216 79.03 -35.31 1.27
CA GLU G 216 79.17 -34.72 -0.07
C GLU G 216 79.80 -33.33 -0.01
N TYR G 217 79.81 -32.69 1.15
CA TYR G 217 80.37 -31.35 1.32
C TYR G 217 81.57 -31.36 2.27
N ASP G 218 82.29 -32.48 2.32
CA ASP G 218 83.43 -32.59 3.21
C ASP G 218 84.55 -31.63 2.83
N ALA G 219 84.64 -31.26 1.55
CA ALA G 219 85.70 -30.35 1.10
C ALA G 219 85.56 -28.96 1.70
N LEU G 220 84.35 -28.53 2.04
CA LEU G 220 84.13 -27.21 2.61
C LEU G 220 84.07 -27.23 4.13
N LEU G 221 84.27 -28.38 4.76
CA LEU G 221 84.18 -28.44 6.21
C LEU G 221 85.57 -28.51 6.83
N PRO G 222 85.76 -27.88 7.99
CA PRO G 222 87.07 -27.93 8.65
C PRO G 222 87.40 -29.34 9.11
N TRP G 223 88.69 -29.65 9.08
CA TRP G 223 89.23 -30.93 9.53
C TRP G 223 90.47 -30.68 10.35
N PRO G 224 90.78 -31.55 11.33
CA PRO G 224 90.03 -32.76 11.74
C PRO G 224 88.74 -32.42 12.50
N PHE G 225 87.85 -33.40 12.63
CA PHE G 225 86.62 -33.19 13.38
C PHE G 225 86.91 -32.87 14.83
N LYS G 226 86.26 -31.83 15.36
CA LYS G 226 86.52 -31.39 16.72
C LYS G 226 85.26 -31.02 17.49
N GLN G 227 84.07 -31.19 16.92
CA GLN G 227 82.85 -30.88 17.65
C GLN G 227 82.64 -31.87 18.79
N LYS G 228 82.23 -31.34 19.95
CA LYS G 228 82.01 -32.18 21.11
C LYS G 228 80.90 -33.20 20.84
N VAL G 229 81.15 -34.45 21.18
CA VAL G 229 80.22 -35.54 20.96
C VAL G 229 79.84 -36.15 22.30
N THR G 230 78.54 -36.24 22.55
CA THR G 230 78.02 -36.83 23.79
C THR G 230 77.17 -38.04 23.44
N LEU G 231 77.51 -39.19 23.99
CA LEU G 231 76.76 -40.42 23.80
C LEU G 231 75.86 -40.65 25.01
N MET G 232 74.55 -40.77 24.77
CA MET G 232 73.58 -40.90 25.84
C MET G 232 72.65 -42.06 25.56
N LEU G 233 72.25 -42.75 26.63
CA LEU G 233 71.27 -43.84 26.57
C LEU G 233 70.00 -43.36 27.25
N MET G 234 68.93 -43.25 26.47
CA MET G 234 67.68 -42.69 26.99
C MET G 234 67.04 -43.61 28.01
N ASP G 235 66.52 -43.01 29.08
CA ASP G 235 65.82 -43.72 30.13
C ASP G 235 64.31 -43.64 29.84
N GLN G 236 63.72 -44.77 29.48
CA GLN G 236 62.31 -44.80 29.12
C GLN G 236 61.38 -44.75 30.33
N GLY G 237 61.91 -44.87 31.55
CA GLY G 237 61.10 -44.83 32.74
C GLY G 237 60.76 -43.42 33.15
N SER G 238 59.92 -43.34 34.20
CA SER G 238 59.52 -42.03 34.72
C SER G 238 60.67 -41.29 35.40
N SER G 239 61.70 -42.01 35.85
CA SER G 239 62.84 -41.35 36.46
C SER G 239 63.63 -40.51 35.45
N ARG G 240 63.66 -40.95 34.19
CA ARG G 240 64.38 -40.25 33.12
C ARG G 240 65.86 -40.08 33.47
N ARG G 241 66.42 -41.09 34.12
CA ARG G 241 67.84 -41.08 34.50
C ARG G 241 68.66 -41.60 33.32
N HIS G 242 68.89 -40.72 32.35
CA HIS G 242 69.61 -41.10 31.15
C HIS G 242 71.09 -41.34 31.46
N LEU G 243 71.63 -42.44 30.97
CA LEU G 243 73.05 -42.73 31.10
C LEU G 243 73.80 -42.10 29.93
N GLY G 244 74.82 -41.31 30.23
CA GLY G 244 75.54 -40.58 29.21
C GLY G 244 77.03 -40.60 29.46
N ASP G 245 77.77 -40.30 28.40
CA ASP G 245 79.23 -40.24 28.46
C ASP G 245 79.70 -39.29 27.36
N ALA G 246 80.17 -38.11 27.75
CA ALA G 246 80.62 -37.10 26.81
C ALA G 246 82.14 -37.16 26.66
N PHE G 247 82.62 -36.87 25.45
CA PHE G 247 84.04 -36.93 25.16
C PHE G 247 84.37 -35.93 24.06
N LYS G 248 85.65 -35.61 23.96
CA LYS G 248 86.17 -34.70 22.93
C LYS G 248 86.92 -35.50 21.88
N PRO G 249 86.64 -35.28 20.59
CA PRO G 249 87.33 -36.05 19.55
C PRO G 249 88.85 -35.92 19.63
N ASP G 250 89.53 -37.04 19.40
CA ASP G 250 90.98 -37.07 19.43
C ASP G 250 91.53 -36.32 18.22
N PRO G 251 92.39 -35.32 18.41
CA PRO G 251 92.87 -34.52 17.27
C PRO G 251 93.68 -35.30 16.25
N ASN G 252 94.22 -36.47 16.61
CA ASN G 252 95.09 -37.21 15.70
C ASN G 252 94.67 -38.67 15.57
N SER G 253 93.38 -38.92 15.41
CA SER G 253 92.86 -40.26 15.21
C SER G 253 92.25 -40.37 13.82
N SER G 254 92.33 -41.57 13.23
CA SER G 254 91.77 -41.80 11.91
C SER G 254 90.25 -41.68 11.89
N SER G 255 89.63 -41.74 13.07
CA SER G 255 88.18 -41.62 13.17
C SER G 255 87.68 -40.22 12.84
N PHE G 256 88.47 -39.19 13.14
CA PHE G 256 88.03 -37.80 12.98
C PHE G 256 88.77 -37.07 11.87
N LYS G 257 89.50 -37.78 11.03
CA LYS G 257 90.16 -37.16 9.89
C LYS G 257 89.16 -36.93 8.76
N LYS G 258 89.65 -36.38 7.66
CA LYS G 258 88.81 -36.24 6.47
C LYS G 258 88.56 -37.63 5.88
N PRO G 259 87.32 -38.06 5.73
CA PRO G 259 87.06 -39.42 5.26
C PRO G 259 87.60 -39.65 3.85
N THR G 260 88.11 -40.86 3.63
CA THR G 260 88.54 -41.30 2.32
C THR G 260 87.67 -42.42 1.75
N GLY G 261 87.17 -43.31 2.61
CA GLY G 261 86.24 -44.33 2.21
C GLY G 261 84.81 -43.95 2.57
N GLU G 262 83.94 -44.96 2.57
CA GLU G 262 82.54 -44.72 2.91
C GLU G 262 82.39 -44.28 4.36
N MET G 263 83.05 -44.99 5.28
CA MET G 263 83.02 -44.64 6.69
C MET G 263 84.43 -44.76 7.27
N ASN G 264 84.66 -44.03 8.35
CA ASN G 264 85.93 -44.09 9.06
C ASN G 264 85.87 -45.16 10.15
N ILE G 265 86.95 -45.25 10.92
CA ILE G 265 87.01 -46.22 12.02
C ILE G 265 86.09 -45.76 13.14
N ALA G 266 85.25 -46.67 13.61
CA ALA G 266 84.33 -46.35 14.71
C ALA G 266 85.10 -46.05 15.99
N SER G 267 84.63 -45.06 16.73
CA SER G 267 85.26 -44.65 17.98
C SER G 267 84.18 -44.37 19.02
N GLY G 268 84.43 -44.79 20.25
CA GLY G 268 83.47 -44.57 21.32
C GLY G 268 83.88 -45.21 22.64
N CYS G 269 82.89 -45.66 23.41
CA CYS G 269 83.13 -46.26 24.72
C CYS G 269 82.70 -47.72 24.70
N PRO G 270 83.65 -48.65 24.62
CA PRO G 270 83.28 -50.08 24.67
C PRO G 270 82.66 -50.50 26.00
N VAL G 271 82.86 -49.72 27.06
CA VAL G 271 82.36 -50.05 28.39
C VAL G 271 81.34 -49.01 28.81
N PHE G 272 80.60 -48.48 27.83
CA PHE G 272 79.60 -47.43 28.06
C PHE G 272 78.64 -47.79 29.19
N VAL G 273 77.90 -48.87 29.05
CA VAL G 273 76.95 -49.32 30.07
C VAL G 273 77.11 -50.82 30.26
N ALA G 274 77.06 -51.26 31.52
CA ALA G 274 77.14 -52.68 31.84
C ALA G 274 75.86 -53.38 31.38
N GLN G 275 76.00 -54.62 30.92
CA GLN G 275 74.84 -55.38 30.45
C GLN G 275 73.82 -55.60 31.56
N THR G 276 74.30 -55.92 32.76
CA THR G 276 73.40 -56.13 33.88
C THR G 276 72.67 -54.84 34.25
N VAL G 277 73.39 -53.71 34.24
CA VAL G 277 72.77 -52.42 34.55
C VAL G 277 71.71 -52.09 33.51
N LEU G 278 72.01 -52.34 32.24
CA LEU G 278 71.02 -52.12 31.18
C LEU G 278 69.77 -52.96 31.38
N GLU G 279 69.94 -54.20 31.83
CA GLU G 279 68.82 -55.13 31.97
C GLU G 279 68.19 -55.10 33.35
N ASN G 280 68.18 -53.93 33.99
CA ASN G 280 67.53 -53.74 35.29
C ASN G 280 66.28 -52.88 35.15
N GLY G 281 65.63 -52.95 34.00
CA GLY G 281 64.39 -52.23 33.78
C GLY G 281 64.58 -50.78 33.41
N THR G 282 63.47 -50.15 33.03
CA THR G 282 63.39 -48.73 32.68
C THR G 282 64.19 -48.39 31.43
N TYR G 283 64.83 -49.37 30.83
CA TYR G 283 65.63 -49.16 29.63
C TYR G 283 65.17 -49.98 28.44
N ILE G 284 64.47 -51.10 28.67
CA ILE G 284 63.94 -51.91 27.58
C ILE G 284 62.43 -52.01 27.74
N LYS G 285 61.70 -51.13 27.06
CA LYS G 285 60.24 -51.17 27.05
C LYS G 285 59.76 -51.62 25.67
N ASP G 286 58.87 -52.61 25.65
CA ASP G 286 58.37 -53.19 24.41
C ASP G 286 59.52 -53.72 23.55
N ASP G 287 60.55 -54.27 24.22
CA ASP G 287 61.73 -54.81 23.57
C ASP G 287 62.38 -53.78 22.64
N THR G 288 62.48 -52.54 23.11
CA THR G 288 63.02 -51.45 22.30
C THR G 288 63.89 -50.55 23.18
N ILE G 289 65.02 -50.13 22.64
CA ILE G 289 65.94 -49.24 23.32
C ILE G 289 66.10 -47.96 22.52
N PHE G 290 66.40 -46.87 23.22
CA PHE G 290 66.56 -45.56 22.60
C PHE G 290 67.97 -45.05 22.88
N ILE G 291 68.65 -44.62 21.83
CA ILE G 291 70.02 -44.12 21.93
C ILE G 291 70.05 -42.69 21.40
N LYS G 292 70.59 -41.78 22.19
CA LYS G 292 70.68 -40.36 21.85
C LYS G 292 72.14 -39.96 21.70
N VAL G 293 72.46 -39.32 20.57
CA VAL G 293 73.78 -38.78 20.31
C VAL G 293 73.65 -37.27 20.09
N ILE G 294 74.43 -36.50 20.84
CA ILE G 294 74.38 -35.04 20.78
C ILE G 294 75.73 -34.53 20.30
N VAL G 295 75.72 -33.76 19.23
CA VAL G 295 76.92 -33.16 18.66
C VAL G 295 76.78 -31.65 18.74
N ASP G 296 77.75 -30.99 19.36
CA ASP G 296 77.70 -29.55 19.51
C ASP G 296 77.96 -28.86 18.18
N THR G 297 77.08 -27.92 17.82
CA THR G 297 77.19 -27.19 16.56
C THR G 297 77.31 -25.68 16.79
N SER G 298 77.71 -25.26 17.99
CA SER G 298 77.79 -23.83 18.31
C SER G 298 78.97 -23.15 17.64
N ASP G 299 79.95 -23.90 17.13
CA ASP G 299 81.12 -23.34 16.47
C ASP G 299 81.18 -23.70 15.00
N LEU G 300 80.03 -23.95 14.38
CA LEU G 300 79.95 -24.32 12.99
C LEU G 300 79.03 -23.36 12.24
N PRO G 301 79.49 -22.74 11.15
CA PRO G 301 78.68 -21.81 10.34
C PRO G 301 77.41 -22.44 9.81
N HIS H 123 54.82 -64.43 -14.09
CA HIS H 123 55.34 -63.11 -14.41
C HIS H 123 54.26 -62.04 -14.24
N ASP H 124 53.02 -62.40 -14.62
CA ASP H 124 51.91 -61.46 -14.48
C ASP H 124 51.64 -61.13 -13.03
N GLN H 125 51.71 -62.12 -12.14
CA GLN H 125 51.48 -61.87 -10.72
C GLN H 125 52.52 -60.91 -10.15
N MET H 126 53.79 -61.11 -10.52
CA MET H 126 54.84 -60.21 -10.03
C MET H 126 54.65 -58.80 -10.58
N LEU H 127 54.20 -58.69 -11.83
CA LEU H 127 53.95 -57.36 -12.41
C LEU H 127 52.84 -56.63 -11.66
N SER H 128 51.79 -57.35 -11.27
CA SER H 128 50.72 -56.74 -10.49
C SER H 128 51.23 -56.26 -9.13
N VAL H 129 52.09 -57.07 -8.49
CA VAL H 129 52.69 -56.66 -7.22
C VAL H 129 53.55 -55.42 -7.41
N HIS H 130 54.32 -55.38 -8.51
CA HIS H 130 55.18 -54.23 -8.78
C HIS H 130 54.34 -52.97 -8.97
N ASP H 131 53.22 -53.07 -9.67
CA ASP H 131 52.36 -51.91 -9.88
C ASP H 131 51.82 -51.39 -8.55
N ILE H 132 51.42 -52.29 -7.64
CA ILE H 132 50.93 -51.88 -6.34
C ILE H 132 52.05 -51.20 -5.55
N ARG H 133 53.25 -51.80 -5.56
CA ARG H 133 54.38 -51.22 -4.85
C ARG H 133 54.78 -49.86 -5.43
N LEU H 134 54.77 -49.74 -6.76
CA LEU H 134 55.11 -48.47 -7.37
C LEU H 134 54.10 -47.38 -7.00
N ALA H 135 52.82 -47.73 -6.98
CA ALA H 135 51.80 -46.77 -6.57
C ALA H 135 51.97 -46.37 -5.12
N ASP H 136 52.30 -47.34 -4.25
CA ASP H 136 52.51 -47.01 -2.84
C ASP H 136 53.69 -46.09 -2.66
N MET H 137 54.77 -46.30 -3.42
CA MET H 137 55.94 -45.43 -3.32
C MET H 137 55.60 -44.01 -3.76
N ASP H 138 54.74 -43.86 -4.78
CA ASP H 138 54.39 -42.53 -5.26
C ASP H 138 53.73 -41.70 -4.18
N LEU H 139 52.83 -42.31 -3.40
CA LEU H 139 52.26 -41.62 -2.25
C LEU H 139 53.31 -41.33 -1.19
N ARG H 140 54.32 -42.20 -1.07
CA ARG H 140 55.38 -41.98 -0.08
C ARG H 140 56.22 -40.76 -0.43
N PHE H 141 56.48 -40.55 -1.72
CA PHE H 141 57.24 -39.37 -2.12
C PHE H 141 56.52 -38.09 -1.73
N GLN H 142 55.21 -38.02 -1.97
CA GLN H 142 54.46 -36.80 -1.74
C GLN H 142 54.43 -36.45 -0.24
N VAL H 143 54.28 -37.46 0.61
CA VAL H 143 54.25 -37.22 2.06
C VAL H 143 55.57 -36.63 2.52
N LEU H 144 56.68 -37.20 2.07
CA LEU H 144 57.99 -36.68 2.43
C LEU H 144 58.25 -35.31 1.81
N GLU H 145 57.72 -35.07 0.60
CA GLU H 145 57.92 -33.79 -0.05
C GLU H 145 57.26 -32.66 0.73
N THR H 146 56.06 -32.90 1.25
CA THR H 146 55.32 -31.88 1.99
C THR H 146 55.46 -32.02 3.50
N ALA H 147 56.34 -32.89 3.97
CA ALA H 147 56.55 -33.06 5.41
C ALA H 147 57.16 -31.79 6.00
N SER H 148 56.75 -31.49 7.23
CA SER H 148 57.23 -30.31 7.95
C SER H 148 57.66 -30.72 9.35
N TYR H 149 58.65 -30.00 9.88
CA TYR H 149 59.19 -30.31 11.20
C TYR H 149 59.34 -29.07 12.08
N ASN H 150 58.61 -28.00 11.78
CA ASN H 150 58.69 -26.76 12.56
C ASN H 150 57.46 -26.53 13.41
N GLY H 151 56.54 -27.49 13.47
CA GLY H 151 55.34 -27.34 14.26
C GLY H 151 54.22 -26.56 13.60
N VAL H 152 54.42 -26.09 12.37
CA VAL H 152 53.42 -25.34 11.63
C VAL H 152 53.11 -26.09 10.35
N LEU H 153 51.82 -26.34 10.10
CA LEU H 153 51.37 -27.09 8.94
C LEU H 153 50.57 -26.19 8.02
N ILE H 154 50.95 -26.16 6.74
CA ILE H 154 50.20 -25.46 5.70
C ILE H 154 49.63 -26.52 4.77
N TRP H 155 48.30 -26.57 4.67
CA TRP H 155 47.61 -27.60 3.92
C TRP H 155 46.97 -26.97 2.69
N LYS H 156 47.27 -27.53 1.52
CA LYS H 156 46.70 -27.07 0.26
C LYS H 156 45.74 -28.13 -0.26
N ILE H 157 44.48 -27.74 -0.47
CA ILE H 157 43.43 -28.64 -0.95
C ILE H 157 42.94 -28.08 -2.28
N ARG H 158 43.41 -28.68 -3.37
CA ARG H 158 43.00 -28.27 -4.70
C ARG H 158 41.70 -28.95 -5.10
N ASP H 159 41.06 -28.44 -6.15
CA ASP H 159 39.81 -28.96 -6.68
C ASP H 159 38.73 -29.01 -5.59
N TYR H 160 38.51 -27.85 -4.97
CA TYR H 160 37.55 -27.76 -3.87
C TYR H 160 36.12 -28.00 -4.34
N LYS H 161 35.80 -27.59 -5.57
CA LYS H 161 34.42 -27.68 -6.05
C LYS H 161 33.96 -29.12 -6.14
N ARG H 162 34.76 -29.99 -6.77
CA ARG H 162 34.35 -31.38 -6.94
C ARG H 162 34.36 -32.14 -5.63
N ARG H 163 35.30 -31.82 -4.73
CA ARG H 163 35.36 -32.53 -3.46
C ARG H 163 34.27 -32.07 -2.49
N LYS H 164 33.87 -30.80 -2.55
CA LYS H 164 32.73 -30.36 -1.76
C LYS H 164 31.45 -31.08 -2.18
N GLN H 165 31.27 -31.26 -3.49
CA GLN H 165 30.12 -32.02 -3.97
C GLN H 165 30.18 -33.47 -3.50
N GLU H 166 31.37 -34.06 -3.50
CA GLU H 166 31.53 -35.42 -3.02
C GLU H 166 31.16 -35.54 -1.54
N ALA H 167 31.53 -34.54 -0.74
CA ALA H 167 31.14 -34.54 0.67
C ALA H 167 29.63 -34.46 0.82
N VAL H 168 28.97 -33.65 -0.01
CA VAL H 168 27.52 -33.57 0.02
C VAL H 168 26.90 -34.91 -0.37
N MET H 169 27.41 -35.52 -1.44
CA MET H 169 26.93 -36.82 -1.87
C MET H 169 27.34 -37.96 -0.95
N GLY H 170 28.24 -37.71 0.00
CA GLY H 170 28.69 -38.74 0.92
C GLY H 170 29.80 -39.62 0.39
N LYS H 171 30.34 -39.33 -0.79
CA LYS H 171 31.43 -40.14 -1.32
C LYS H 171 32.66 -40.06 -0.43
N THR H 172 33.00 -38.86 0.04
CA THR H 172 34.15 -38.66 0.93
C THR H 172 33.75 -37.60 1.95
N LEU H 173 33.47 -38.05 3.18
CA LEU H 173 32.99 -37.13 4.21
C LEU H 173 34.10 -36.22 4.72
N SER H 174 35.28 -36.77 4.94
CA SER H 174 36.39 -36.00 5.51
C SER H 174 37.67 -36.28 4.75
N LEU H 175 38.62 -35.35 4.88
CA LEU H 175 39.92 -35.44 4.24
C LEU H 175 41.01 -35.36 5.29
N TYR H 176 42.09 -36.11 5.08
CA TYR H 176 43.22 -36.15 6.00
C TYR H 176 44.42 -35.46 5.38
N SER H 177 45.08 -34.62 6.17
CA SER H 177 46.26 -33.91 5.72
C SER H 177 47.50 -34.79 5.86
N GLN H 178 48.59 -34.35 5.24
CA GLN H 178 49.85 -35.03 5.38
C GLN H 178 50.38 -34.86 6.81
N PRO H 179 51.11 -35.85 7.33
CA PRO H 179 51.62 -35.74 8.70
C PRO H 179 52.61 -34.59 8.83
N PHE H 180 52.56 -33.93 9.99
CA PHE H 180 53.50 -32.87 10.32
C PHE H 180 53.93 -33.04 11.78
N TYR H 181 55.13 -32.53 12.08
CA TYR H 181 55.77 -32.77 13.37
C TYR H 181 56.22 -31.46 13.98
N THR H 182 56.29 -31.43 15.32
CA THR H 182 56.89 -30.30 16.01
C THR H 182 58.39 -30.24 15.82
N GLY H 183 59.03 -31.37 15.52
CA GLY H 183 60.45 -31.43 15.34
C GLY H 183 60.86 -32.71 14.67
N TYR H 184 62.18 -32.91 14.59
CA TYR H 184 62.69 -34.14 13.98
C TYR H 184 62.31 -35.37 14.77
N PHE H 185 62.12 -35.23 16.08
CA PHE H 185 61.75 -36.33 16.96
C PHE H 185 60.60 -35.91 17.88
N GLY H 186 59.59 -35.25 17.32
CA GLY H 186 58.46 -34.78 18.08
C GLY H 186 57.21 -35.59 17.81
N TYR H 187 56.06 -34.97 18.13
CA TYR H 187 54.78 -35.63 17.95
C TYR H 187 54.47 -35.79 16.46
N LYS H 188 53.80 -36.89 16.12
CA LYS H 188 53.32 -37.12 14.76
C LYS H 188 51.85 -36.72 14.71
N MET H 189 51.55 -35.69 13.92
CA MET H 189 50.24 -35.06 13.95
C MET H 189 49.75 -34.84 12.53
N CYS H 190 48.44 -34.61 12.40
CA CYS H 190 47.82 -34.32 11.11
C CYS H 190 46.54 -33.54 11.36
N ALA H 191 45.90 -33.13 10.26
CA ALA H 191 44.68 -32.34 10.30
C ALA H 191 43.58 -33.03 9.52
N ARG H 192 42.35 -32.94 10.04
CA ARG H 192 41.18 -33.52 9.40
C ARG H 192 40.13 -32.44 9.19
N VAL H 193 39.54 -32.42 8.00
CA VAL H 193 38.59 -31.38 7.62
C VAL H 193 37.34 -32.04 7.04
N TYR H 194 36.17 -31.47 7.36
CA TYR H 194 34.91 -31.85 6.75
C TYR H 194 34.42 -30.70 5.90
N LEU H 195 34.39 -30.92 4.58
CA LEU H 195 33.95 -29.85 3.66
C LEU H 195 32.47 -29.53 3.86
N ASN H 196 31.64 -30.55 4.07
CA ASN H 196 30.21 -30.36 4.28
C ASN H 196 29.84 -30.25 5.74
N GLY H 197 30.80 -30.33 6.64
CA GLY H 197 30.53 -30.24 8.07
C GLY H 197 30.35 -31.61 8.71
N ASP H 198 30.50 -31.62 10.03
CA ASP H 198 30.39 -32.84 10.82
C ASP H 198 29.64 -32.55 12.11
N GLY H 199 28.87 -33.54 12.56
CA GLY H 199 28.13 -33.39 13.80
C GLY H 199 27.10 -32.29 13.69
N MET H 200 27.14 -31.35 14.65
CA MET H 200 26.20 -30.25 14.68
C MET H 200 26.40 -29.25 13.56
N GLY H 201 27.56 -29.29 12.89
CA GLY H 201 27.81 -28.37 11.79
C GLY H 201 27.62 -29.00 10.43
N LYS H 202 26.94 -30.14 10.39
CA LYS H 202 26.73 -30.83 9.12
C LYS H 202 25.75 -30.06 8.25
N GLY H 203 26.18 -29.78 7.01
CA GLY H 203 25.33 -29.13 6.03
C GLY H 203 25.28 -27.62 6.14
N THR H 204 25.79 -27.02 7.21
CA THR H 204 25.76 -25.58 7.39
C THR H 204 27.12 -24.94 7.64
N HIS H 205 28.11 -25.69 8.10
CA HIS H 205 29.42 -25.15 8.42
C HIS H 205 30.50 -26.06 7.87
N LEU H 206 31.75 -25.62 8.00
CA LEU H 206 32.91 -26.43 7.68
C LEU H 206 33.57 -26.85 8.99
N SER H 207 33.85 -28.14 9.11
CA SER H 207 34.41 -28.71 10.34
C SER H 207 35.89 -29.02 10.14
N LEU H 208 36.70 -28.54 11.08
CA LEU H 208 38.14 -28.80 11.09
C LEU H 208 38.51 -29.49 12.38
N PHE H 209 39.24 -30.60 12.28
CA PHE H 209 39.59 -31.39 13.43
C PHE H 209 41.10 -31.64 13.47
N PHE H 210 41.63 -31.71 14.69
CA PHE H 210 43.05 -31.86 14.94
C PHE H 210 43.30 -33.27 15.49
N VAL H 211 44.24 -33.98 14.87
CA VAL H 211 44.40 -35.42 15.10
C VAL H 211 45.83 -35.67 15.58
N ILE H 212 45.96 -36.52 16.59
CA ILE H 212 47.24 -36.97 17.10
C ILE H 212 47.50 -38.37 16.56
N MET H 213 48.62 -38.55 15.88
CA MET H 213 49.00 -39.84 15.33
C MET H 213 50.12 -40.48 16.17
N ARG H 214 50.28 -41.79 16.00
CA ARG H 214 51.30 -42.51 16.74
C ARG H 214 52.67 -42.23 16.15
N GLY H 215 53.53 -41.56 16.93
CA GLY H 215 54.87 -41.28 16.50
C GLY H 215 55.86 -42.35 16.93
N GLU H 216 56.96 -42.46 16.18
CA GLU H 216 57.97 -43.46 16.49
C GLU H 216 58.73 -43.14 17.78
N TYR H 217 58.66 -41.91 18.26
CA TYR H 217 59.34 -41.50 19.48
C TYR H 217 58.35 -41.08 20.56
N ASP H 218 57.15 -41.67 20.55
CA ASP H 218 56.14 -41.31 21.52
C ASP H 218 56.54 -41.69 22.94
N ALA H 219 57.40 -42.71 23.10
CA ALA H 219 57.82 -43.15 24.42
C ALA H 219 58.65 -42.09 25.14
N LEU H 220 59.36 -41.23 24.40
CA LEU H 220 60.20 -40.20 25.00
C LEU H 220 59.49 -38.86 25.11
N LEU H 221 58.22 -38.78 24.70
CA LEU H 221 57.53 -37.50 24.74
C LEU H 221 56.56 -37.45 25.92
N PRO H 222 56.41 -36.28 26.54
CA PRO H 222 55.47 -36.17 27.66
C PRO H 222 54.03 -36.38 27.21
N TRP H 223 53.24 -36.94 28.11
CA TRP H 223 51.82 -37.17 27.89
C TRP H 223 51.06 -36.79 29.14
N PRO H 224 49.80 -36.34 29.01
CA PRO H 224 49.03 -36.14 27.77
C PRO H 224 49.50 -34.93 26.97
N PHE H 225 49.08 -34.84 25.71
CA PHE H 225 49.45 -33.70 24.87
C PHE H 225 48.87 -32.42 25.46
N LYS H 226 49.70 -31.38 25.54
CA LYS H 226 49.26 -30.12 26.12
C LYS H 226 49.74 -28.89 25.38
N GLN H 227 50.42 -29.05 24.24
CA GLN H 227 50.86 -27.89 23.47
C GLN H 227 49.66 -27.17 22.87
N LYS H 228 49.70 -25.83 22.94
CA LYS H 228 48.60 -25.04 22.41
C LYS H 228 48.46 -25.24 20.90
N VAL H 229 47.24 -25.46 20.45
CA VAL H 229 46.93 -25.72 19.05
C VAL H 229 46.00 -24.63 18.54
N THR H 230 46.37 -24.00 17.45
CA THR H 230 45.59 -22.94 16.83
C THR H 230 45.22 -23.38 15.41
N LEU H 231 43.92 -23.40 15.12
CA LEU H 231 43.42 -23.74 13.79
C LEU H 231 43.07 -22.46 13.05
N MET H 232 43.68 -22.28 11.88
CA MET H 232 43.52 -21.06 11.11
C MET H 232 43.17 -21.39 9.67
N LEU H 233 42.32 -20.54 9.07
CA LEU H 233 41.96 -20.65 7.66
C LEU H 233 42.57 -19.46 6.94
N MET H 234 43.50 -19.74 6.02
CA MET H 234 44.24 -18.67 5.36
C MET H 234 43.34 -17.87 4.43
N ASP H 235 43.53 -16.56 4.44
CA ASP H 235 42.80 -15.65 3.57
C ASP H 235 43.67 -15.36 2.34
N GLN H 236 43.25 -15.87 1.18
CA GLN H 236 44.03 -15.71 -0.04
C GLN H 236 43.91 -14.33 -0.66
N GLY H 237 43.00 -13.49 -0.16
CA GLY H 237 42.83 -12.15 -0.68
C GLY H 237 43.87 -11.18 -0.15
N SER H 238 43.80 -9.96 -0.68
CA SER H 238 44.72 -8.91 -0.24
C SER H 238 44.45 -8.46 1.18
N SER H 239 43.23 -8.66 1.69
CA SER H 239 42.93 -8.29 3.06
C SER H 239 43.69 -9.14 4.06
N ARG H 240 43.94 -10.41 3.72
CA ARG H 240 44.66 -11.34 4.59
C ARG H 240 43.97 -11.48 5.95
N ARG H 241 42.63 -11.46 5.93
CA ARG H 241 41.84 -11.60 7.15
C ARG H 241 41.63 -13.08 7.42
N HIS H 242 42.65 -13.71 7.99
CA HIS H 242 42.61 -15.14 8.26
C HIS H 242 41.63 -15.44 9.38
N LEU H 243 40.78 -16.44 9.17
CA LEU H 243 39.87 -16.91 10.20
C LEU H 243 40.56 -17.96 11.04
N GLY H 244 40.56 -17.78 12.36
CA GLY H 244 41.27 -18.67 13.25
C GLY H 244 40.48 -18.95 14.51
N ASP H 245 40.88 -20.04 15.17
CA ASP H 245 40.24 -20.44 16.43
C ASP H 245 41.27 -21.25 17.22
N ALA H 246 41.78 -20.65 18.30
CA ALA H 246 42.78 -21.28 19.14
C ALA H 246 42.13 -21.95 20.34
N PHE H 247 42.72 -23.06 20.78
CA PHE H 247 42.17 -23.82 21.89
C PHE H 247 43.31 -24.54 22.60
N LYS H 248 43.03 -24.96 23.84
CA LYS H 248 43.97 -25.71 24.65
C LYS H 248 43.52 -27.17 24.72
N PRO H 249 44.42 -28.13 24.48
CA PRO H 249 44.03 -29.54 24.52
C PRO H 249 43.41 -29.93 25.85
N ASP H 250 42.38 -30.76 25.79
CA ASP H 250 41.67 -31.23 26.97
C ASP H 250 42.58 -32.22 27.71
N PRO H 251 42.87 -31.99 29.00
CA PRO H 251 43.79 -32.88 29.72
C PRO H 251 43.32 -34.32 29.85
N ASN H 252 42.03 -34.59 29.69
CA ASN H 252 41.51 -35.93 29.91
C ASN H 252 40.65 -36.41 28.75
N SER H 253 41.11 -36.20 27.52
CA SER H 253 40.43 -36.67 26.33
C SER H 253 41.27 -37.72 25.63
N SER H 254 40.60 -38.67 24.98
CA SER H 254 41.30 -39.72 24.24
C SER H 254 42.07 -39.17 23.06
N SER H 255 41.75 -37.95 22.63
CA SER H 255 42.45 -37.34 21.50
C SER H 255 43.89 -36.97 21.82
N PHE H 256 44.18 -36.61 23.07
CA PHE H 256 45.49 -36.13 23.46
C PHE H 256 46.25 -37.09 24.37
N LYS H 257 45.79 -38.33 24.49
CA LYS H 257 46.51 -39.33 25.27
C LYS H 257 47.65 -39.90 24.45
N LYS H 258 48.38 -40.84 25.04
CA LYS H 258 49.42 -41.55 24.30
C LYS H 258 48.76 -42.45 23.28
N PRO H 259 49.06 -42.31 21.98
CA PRO H 259 48.37 -43.11 20.97
C PRO H 259 48.61 -44.60 21.15
N THR H 260 47.58 -45.39 20.88
CA THR H 260 47.68 -46.85 20.86
C THR H 260 47.47 -47.43 19.47
N GLY H 261 46.62 -46.82 18.66
CA GLY H 261 46.45 -47.20 17.27
C GLY H 261 47.21 -46.27 16.34
N GLU H 262 46.83 -46.32 15.06
CA GLU H 262 47.47 -45.47 14.06
C GLU H 262 47.18 -44.00 14.33
N MET H 263 45.92 -43.67 14.58
CA MET H 263 45.52 -42.30 14.90
C MET H 263 44.53 -42.31 16.06
N ASN H 264 44.47 -41.20 16.77
CA ASN H 264 43.52 -41.02 17.86
C ASN H 264 42.23 -40.42 17.34
N ILE H 265 41.30 -40.15 18.24
CA ILE H 265 40.02 -39.54 17.88
C ILE H 265 40.25 -38.09 17.48
N ALA H 266 39.71 -37.70 16.34
CA ALA H 266 39.85 -36.33 15.86
C ALA H 266 39.12 -35.37 16.80
N SER H 267 39.74 -34.21 17.03
CA SER H 267 39.17 -33.19 17.90
C SER H 267 39.37 -31.82 17.27
N GLY H 268 38.36 -30.97 17.37
CA GLY H 268 38.45 -29.64 16.81
C GLY H 268 37.16 -28.84 16.92
N CYS H 269 36.89 -27.99 15.94
CA CYS H 269 35.71 -27.12 15.94
C CYS H 269 34.79 -27.51 14.78
N PRO H 270 33.71 -28.23 15.04
CA PRO H 270 32.76 -28.55 13.96
C PRO H 270 32.09 -27.32 13.36
N VAL H 271 32.10 -26.19 14.06
CA VAL H 271 31.44 -24.97 13.59
C VAL H 271 32.49 -23.90 13.37
N PHE H 272 33.68 -24.31 12.94
CA PHE H 272 34.81 -23.42 12.72
C PHE H 272 34.43 -22.22 11.84
N VAL H 273 34.01 -22.48 10.62
CA VAL H 273 33.61 -21.42 9.69
C VAL H 273 32.31 -21.82 9.02
N ALA H 274 31.41 -20.86 8.87
CA ALA H 274 30.14 -21.10 8.17
C ALA H 274 30.40 -21.31 6.68
N GLN H 275 29.61 -22.19 6.07
CA GLN H 275 29.77 -22.47 4.65
C GLN H 275 29.54 -21.24 3.80
N THR H 276 28.51 -20.46 4.13
CA THR H 276 28.22 -19.24 3.39
C THR H 276 29.35 -18.23 3.53
N VAL H 277 29.88 -18.09 4.75
CA VAL H 277 31.00 -17.16 4.98
C VAL H 277 32.22 -17.58 4.17
N LEU H 278 32.49 -18.89 4.15
CA LEU H 278 33.60 -19.40 3.36
C LEU H 278 33.44 -19.10 1.88
N GLU H 279 32.20 -19.19 1.37
CA GLU H 279 31.93 -19.01 -0.05
C GLU H 279 31.58 -17.57 -0.41
N ASN H 280 32.16 -16.60 0.29
CA ASN H 280 31.99 -15.19 -0.01
C ASN H 280 33.27 -14.59 -0.58
N GLY H 281 34.05 -15.41 -1.28
CA GLY H 281 35.25 -14.93 -1.94
C GLY H 281 36.44 -14.81 -1.01
N THR H 282 37.60 -14.55 -1.62
CA THR H 282 38.88 -14.32 -0.95
C THR H 282 39.37 -15.57 -0.22
N TYR H 283 38.61 -16.66 -0.29
CA TYR H 283 39.00 -17.91 0.36
C TYR H 283 39.15 -19.08 -0.60
N ILE H 284 38.49 -19.03 -1.76
CA ILE H 284 38.64 -20.08 -2.76
C ILE H 284 39.16 -19.46 -4.05
N LYS H 285 40.47 -19.50 -4.24
CA LYS H 285 41.09 -19.03 -5.47
C LYS H 285 41.62 -20.23 -6.25
N ASP H 286 41.28 -20.29 -7.54
CA ASP H 286 41.64 -21.41 -8.41
C ASP H 286 41.14 -22.73 -7.83
N ASP H 287 39.95 -22.69 -7.23
CA ASP H 287 39.33 -23.85 -6.60
C ASP H 287 40.25 -24.52 -5.60
N THR H 288 40.93 -23.71 -4.78
CA THR H 288 41.90 -24.22 -3.82
C THR H 288 41.77 -23.45 -2.51
N ILE H 289 41.85 -24.16 -1.39
CA ILE H 289 41.78 -23.56 -0.07
C ILE H 289 43.07 -23.88 0.68
N PHE H 290 43.42 -22.98 1.60
CA PHE H 290 44.64 -23.12 2.40
C PHE H 290 44.27 -23.18 3.87
N ILE H 291 44.79 -24.18 4.57
CA ILE H 291 44.51 -24.40 5.99
C ILE H 291 45.83 -24.37 6.75
N LYS H 292 45.90 -23.53 7.78
CA LYS H 292 47.10 -23.38 8.60
C LYS H 292 46.83 -23.87 10.01
N VAL H 293 47.71 -24.73 10.51
CA VAL H 293 47.65 -25.23 11.88
C VAL H 293 48.96 -24.85 12.57
N ILE H 294 48.84 -24.19 13.73
CA ILE H 294 50.00 -23.72 14.48
C ILE H 294 50.01 -24.42 15.83
N VAL H 295 51.11 -25.09 16.14
CA VAL H 295 51.29 -25.79 17.41
C VAL H 295 52.47 -25.14 18.13
N ASP H 296 52.24 -24.70 19.36
CA ASP H 296 53.29 -24.05 20.13
C ASP H 296 54.33 -25.07 20.59
N THR H 297 55.60 -24.76 20.34
CA THR H 297 56.70 -25.64 20.72
C THR H 297 57.68 -24.97 21.67
N SER H 298 57.25 -23.90 22.35
CA SER H 298 58.14 -23.16 23.23
C SER H 298 58.46 -23.91 24.52
N ASP H 299 57.70 -24.94 24.86
CA ASP H 299 57.91 -25.71 26.07
C ASP H 299 58.30 -27.15 25.78
N LEU H 300 58.92 -27.39 24.62
CA LEU H 300 59.33 -28.71 24.21
C LEU H 300 60.82 -28.72 23.90
N PRO H 301 61.61 -29.61 24.51
CA PRO H 301 63.06 -29.73 24.28
C PRO H 301 63.41 -29.98 22.80
N HIS I 123 53.04 -57.70 -21.53
CA HIS I 123 53.96 -57.71 -20.40
C HIS I 123 55.17 -56.83 -20.68
N ASP I 124 55.64 -56.86 -21.94
CA ASP I 124 56.79 -56.05 -22.32
C ASP I 124 56.48 -54.56 -22.21
N GLN I 125 55.28 -54.15 -22.61
CA GLN I 125 54.90 -52.74 -22.52
C GLN I 125 54.88 -52.27 -21.07
N MET I 126 54.33 -53.08 -20.17
CA MET I 126 54.32 -52.72 -18.75
C MET I 126 55.73 -52.64 -18.18
N LEU I 127 56.61 -53.55 -18.62
CA LEU I 127 58.00 -53.51 -18.15
C LEU I 127 58.69 -52.23 -18.58
N SER I 128 58.45 -51.78 -19.82
CA SER I 128 59.02 -50.52 -20.28
C SER I 128 58.50 -49.34 -19.45
N VAL I 129 57.21 -49.35 -19.12
CA VAL I 129 56.65 -48.30 -18.28
C VAL I 129 57.29 -48.34 -16.89
N HIS I 130 57.49 -49.54 -16.35
CA HIS I 130 58.11 -49.67 -15.03
C HIS I 130 59.52 -49.12 -15.04
N ASP I 131 60.29 -49.40 -16.10
CA ASP I 131 61.65 -48.88 -16.18
C ASP I 131 61.67 -47.36 -16.19
N ILE I 132 60.74 -46.75 -16.94
CA ILE I 132 60.65 -45.29 -16.97
C ILE I 132 60.28 -44.75 -15.59
N ARG I 133 59.31 -45.38 -14.94
CA ARG I 133 58.89 -44.92 -13.61
C ARG I 133 60.01 -45.11 -12.60
N LEU I 134 60.74 -46.23 -12.67
CA LEU I 134 61.85 -46.45 -11.75
C LEU I 134 62.94 -45.40 -11.94
N ALA I 135 63.25 -45.06 -13.20
CA ALA I 135 64.24 -44.04 -13.46
C ALA I 135 63.78 -42.68 -12.94
N ASP I 136 62.50 -42.36 -13.12
CA ASP I 136 61.98 -41.09 -12.62
C ASP I 136 62.06 -41.01 -11.11
N MET I 137 61.78 -42.12 -10.42
CA MET I 137 61.86 -42.13 -8.97
C MET I 137 63.30 -41.92 -8.49
N ASP I 138 64.27 -42.47 -9.22
CA ASP I 138 65.67 -42.31 -8.83
C ASP I 138 66.08 -40.85 -8.80
N LEU I 139 65.65 -40.07 -9.80
CA LEU I 139 65.90 -38.64 -9.77
C LEU I 139 65.15 -37.97 -8.63
N ARG I 140 63.97 -38.50 -8.28
CA ARG I 140 63.19 -37.91 -7.18
C ARG I 140 63.89 -38.09 -5.84
N PHE I 141 64.56 -39.24 -5.64
CA PHE I 141 65.30 -39.44 -4.39
C PHE I 141 66.41 -38.42 -4.24
N GLN I 142 67.17 -38.17 -5.31
CA GLN I 142 68.31 -37.28 -5.22
C GLN I 142 67.89 -35.84 -4.91
N VAL I 143 66.79 -35.39 -5.50
CA VAL I 143 66.31 -34.03 -5.25
C VAL I 143 65.94 -33.86 -3.79
N LEU I 144 65.22 -34.85 -3.23
CA LEU I 144 64.86 -34.79 -1.81
C LEU I 144 66.07 -34.94 -0.92
N GLU I 145 67.05 -35.75 -1.34
CA GLU I 145 68.25 -35.95 -0.53
C GLU I 145 69.04 -34.66 -0.36
N THR I 146 69.14 -33.86 -1.43
CA THR I 146 69.91 -32.62 -1.41
C THR I 146 69.03 -31.39 -1.22
N ALA I 147 67.75 -31.58 -0.92
CA ALA I 147 66.85 -30.45 -0.70
C ALA I 147 67.25 -29.70 0.57
N SER I 148 67.09 -28.38 0.52
CA SER I 148 67.42 -27.51 1.64
C SER I 148 66.26 -26.57 1.91
N TYR I 149 66.10 -26.19 3.19
CA TYR I 149 65.01 -25.33 3.59
C TYR I 149 65.47 -24.19 4.50
N ASN I 150 66.75 -23.83 4.47
CA ASN I 150 67.29 -22.76 5.29
C ASN I 150 67.61 -21.50 4.49
N GLY I 151 67.26 -21.47 3.21
CA GLY I 151 67.55 -20.31 2.38
C GLY I 151 68.96 -20.25 1.83
N VAL I 152 69.80 -21.23 2.12
CA VAL I 152 71.17 -21.28 1.63
C VAL I 152 71.34 -22.56 0.83
N LEU I 153 71.85 -22.42 -0.39
CA LEU I 153 72.04 -23.55 -1.30
C LEU I 153 73.52 -23.77 -1.56
N ILE I 154 73.97 -25.01 -1.36
CA ILE I 154 75.32 -25.43 -1.70
C ILE I 154 75.21 -26.42 -2.85
N TRP I 155 75.83 -26.07 -3.98
CA TRP I 155 75.72 -26.85 -5.20
C TRP I 155 77.06 -27.49 -5.52
N LYS I 156 77.05 -28.81 -5.70
CA LYS I 156 78.25 -29.57 -6.03
C LYS I 156 78.13 -30.05 -7.47
N ILE I 157 79.09 -29.67 -8.31
CA ILE I 157 79.10 -30.05 -9.72
C ILE I 157 80.38 -30.86 -9.95
N ARG I 158 80.23 -32.17 -10.01
CA ARG I 158 81.35 -33.07 -10.26
C ARG I 158 81.61 -33.20 -11.76
N ASP I 159 82.78 -33.73 -12.10
CA ASP I 159 83.19 -33.94 -13.49
C ASP I 159 83.12 -32.64 -14.29
N TYR I 160 83.81 -31.63 -13.76
CA TYR I 160 83.79 -30.31 -14.40
C TYR I 160 84.48 -30.32 -15.75
N LYS I 161 85.52 -31.14 -15.92
CA LYS I 161 86.30 -31.12 -17.16
C LYS I 161 85.46 -31.55 -18.35
N ARG I 162 84.73 -32.67 -18.23
CA ARG I 162 83.95 -33.16 -19.36
C ARG I 162 82.74 -32.27 -19.64
N ARG I 163 82.14 -31.69 -18.60
CA ARG I 163 80.98 -30.84 -18.80
C ARG I 163 81.35 -29.47 -19.36
N LYS I 164 82.52 -28.95 -18.99
CA LYS I 164 83.01 -27.71 -19.59
C LYS I 164 83.24 -27.89 -21.09
N GLN I 165 83.79 -29.04 -21.48
CA GLN I 165 83.97 -29.34 -22.90
C GLN I 165 82.63 -29.44 -23.61
N GLU I 166 81.63 -30.05 -22.95
CA GLU I 166 80.30 -30.14 -23.54
C GLU I 166 79.68 -28.77 -23.75
N ALA I 167 79.90 -27.86 -22.81
CA ALA I 167 79.40 -26.50 -22.98
C ALA I 167 80.07 -25.81 -24.17
N VAL I 168 81.38 -26.04 -24.35
CA VAL I 168 82.08 -25.49 -25.51
C VAL I 168 81.53 -26.08 -26.80
N MET I 169 81.33 -27.40 -26.82
CA MET I 169 80.77 -28.06 -28.00
C MET I 169 79.28 -27.79 -28.18
N GLY I 170 78.62 -27.17 -27.20
CA GLY I 170 77.21 -26.88 -27.31
C GLY I 170 76.29 -28.02 -26.95
N LYS I 171 76.83 -29.13 -26.45
CA LYS I 171 75.98 -30.25 -26.06
C LYS I 171 75.05 -29.87 -24.90
N THR I 172 75.59 -29.15 -23.91
CA THR I 172 74.81 -28.70 -22.76
C THR I 172 75.30 -27.30 -22.40
N LEU I 173 74.51 -26.28 -22.75
CA LEU I 173 74.94 -24.90 -22.54
C LEU I 173 74.89 -24.53 -21.06
N SER I 174 73.83 -24.92 -20.36
CA SER I 174 73.65 -24.53 -18.97
C SER I 174 73.22 -25.73 -18.14
N LEU I 175 73.44 -25.61 -16.83
CA LEU I 175 73.09 -26.65 -15.87
C LEU I 175 72.15 -26.06 -14.81
N TYR I 176 71.20 -26.88 -14.37
CA TYR I 176 70.23 -26.47 -13.37
C TYR I 176 70.51 -27.19 -12.05
N SER I 177 70.47 -26.42 -10.96
CA SER I 177 70.68 -26.98 -9.63
C SER I 177 69.39 -27.59 -9.09
N GLN I 178 69.54 -28.34 -8.00
CA GLN I 178 68.37 -28.87 -7.32
C GLN I 178 67.60 -27.74 -6.65
N PRO I 179 66.28 -27.88 -6.54
CA PRO I 179 65.48 -26.82 -5.91
C PRO I 179 65.84 -26.63 -4.45
N PHE I 180 65.82 -25.37 -4.01
CA PHE I 180 66.04 -25.04 -2.61
C PHE I 180 65.03 -23.98 -2.19
N TYR I 181 64.74 -23.94 -0.89
CA TYR I 181 63.66 -23.11 -0.37
C TYR I 181 64.16 -22.28 0.80
N THR I 182 63.53 -21.12 1.01
CA THR I 182 63.78 -20.33 2.20
C THR I 182 63.24 -21.00 3.46
N GLY I 183 62.23 -21.85 3.32
CA GLY I 183 61.64 -22.52 4.45
C GLY I 183 60.80 -23.68 4.01
N TYR I 184 60.08 -24.26 4.97
CA TYR I 184 59.22 -25.40 4.66
C TYR I 184 58.07 -25.00 3.74
N PHE I 185 57.65 -23.74 3.79
CA PHE I 185 56.58 -23.22 2.96
C PHE I 185 56.97 -21.88 2.36
N GLY I 186 58.19 -21.79 1.82
CA GLY I 186 58.71 -20.60 1.23
C GLY I 186 58.78 -20.67 -0.29
N TYR I 187 59.60 -19.80 -0.86
CA TYR I 187 59.77 -19.75 -2.30
C TYR I 187 60.50 -21.00 -2.79
N LYS I 188 60.13 -21.45 -3.99
CA LYS I 188 60.81 -22.55 -4.66
C LYS I 188 61.79 -21.97 -5.65
N MET I 189 63.09 -22.21 -5.42
CA MET I 189 64.14 -21.52 -6.14
C MET I 189 65.20 -22.52 -6.57
N CYS I 190 66.02 -22.11 -7.55
CA CYS I 190 67.13 -22.92 -8.02
C CYS I 190 68.18 -22.01 -8.62
N ALA I 191 69.30 -22.61 -9.03
CA ALA I 191 70.43 -21.89 -9.59
C ALA I 191 70.77 -22.44 -10.97
N ARG I 192 71.14 -21.53 -11.87
CA ARG I 192 71.53 -21.90 -13.23
C ARG I 192 72.93 -21.36 -13.52
N VAL I 193 73.77 -22.19 -14.12
CA VAL I 193 75.17 -21.84 -14.37
C VAL I 193 75.50 -22.15 -15.83
N TYR I 194 76.31 -21.29 -16.45
CA TYR I 194 76.88 -21.51 -17.76
C TYR I 194 78.38 -21.71 -17.61
N LEU I 195 78.85 -22.92 -17.90
CA LEU I 195 80.28 -23.21 -17.77
C LEU I 195 81.09 -22.43 -18.78
N ASN I 196 80.60 -22.31 -20.01
CA ASN I 196 81.29 -21.58 -21.06
C ASN I 196 80.86 -20.12 -21.16
N GLY I 197 79.93 -19.69 -20.32
CA GLY I 197 79.45 -18.32 -20.35
C GLY I 197 78.19 -18.17 -21.19
N ASP I 198 77.49 -17.07 -20.93
CA ASP I 198 76.24 -16.76 -21.62
C ASP I 198 76.20 -15.28 -21.95
N GLY I 199 75.58 -14.96 -23.08
CA GLY I 199 75.45 -13.57 -23.49
C GLY I 199 76.80 -12.92 -23.74
N MET I 200 77.03 -11.79 -23.09
CA MET I 200 78.28 -11.06 -23.25
C MET I 200 79.47 -11.77 -22.64
N GLY I 201 79.25 -12.77 -21.78
CA GLY I 201 80.34 -13.50 -21.17
C GLY I 201 80.59 -14.84 -21.82
N LYS I 202 80.05 -15.04 -23.01
CA LYS I 202 80.22 -16.31 -23.71
C LYS I 202 81.66 -16.49 -24.18
N GLY I 203 82.26 -17.61 -23.80
CA GLY I 203 83.60 -17.95 -24.23
C GLY I 203 84.72 -17.33 -23.43
N THR I 204 84.43 -16.36 -22.56
CA THR I 204 85.45 -15.69 -21.77
C THR I 204 85.21 -15.72 -20.27
N HIS I 205 83.98 -15.91 -19.81
CA HIS I 205 83.65 -15.89 -18.40
C HIS I 205 82.73 -17.06 -18.08
N LEU I 206 82.44 -17.22 -16.79
CA LEU I 206 81.44 -18.16 -16.30
C LEU I 206 80.22 -17.39 -15.86
N SER I 207 79.05 -17.82 -16.33
CA SER I 207 77.80 -17.13 -16.06
C SER I 207 76.98 -17.90 -15.03
N LEU I 208 76.53 -17.21 -14.00
CA LEU I 208 75.70 -17.77 -12.95
C LEU I 208 74.38 -17.00 -12.89
N PHE I 209 73.27 -17.72 -12.93
CA PHE I 209 71.96 -17.09 -12.94
C PHE I 209 71.08 -17.66 -11.84
N PHE I 210 70.21 -16.79 -11.32
CA PHE I 210 69.34 -17.11 -10.20
C PHE I 210 67.90 -17.20 -10.72
N VAL I 211 67.23 -18.30 -10.41
CA VAL I 211 65.96 -18.65 -11.03
C VAL I 211 64.89 -18.80 -9.96
N ILE I 212 63.72 -18.25 -10.22
CA ILE I 212 62.56 -18.39 -9.35
C ILE I 212 61.63 -19.44 -9.97
N MET I 213 61.31 -20.48 -9.21
CA MET I 213 60.42 -21.53 -9.67
C MET I 213 59.05 -21.39 -9.02
N ARG I 214 58.06 -22.03 -9.63
CA ARG I 214 56.69 -21.98 -9.11
C ARG I 214 56.58 -22.87 -7.89
N GLY I 215 56.33 -22.25 -6.73
CA GLY I 215 56.14 -23.00 -5.50
C GLY I 215 54.67 -23.31 -5.24
N GLU I 216 54.44 -24.38 -4.47
CA GLU I 216 53.09 -24.80 -4.15
C GLU I 216 52.38 -23.82 -3.23
N TYR I 217 53.13 -22.94 -2.55
CA TYR I 217 52.56 -21.97 -1.63
C TYR I 217 52.81 -20.54 -2.10
N ASP I 218 52.91 -20.35 -3.42
CA ASP I 218 53.17 -19.03 -3.96
C ASP I 218 52.04 -18.05 -3.68
N ALA I 219 50.80 -18.56 -3.53
CA ALA I 219 49.66 -17.69 -3.29
C ALA I 219 49.74 -16.98 -1.95
N LEU I 220 50.42 -17.57 -0.96
CA LEU I 220 50.54 -16.98 0.36
C LEU I 220 51.83 -16.17 0.53
N LEU I 221 52.66 -16.09 -0.50
CA LEU I 221 53.92 -15.37 -0.37
C LEU I 221 53.84 -14.00 -1.02
N PRO I 222 54.50 -13.00 -0.43
CA PRO I 222 54.48 -11.66 -1.03
C PRO I 222 55.18 -11.64 -2.38
N TRP I 223 54.68 -10.78 -3.26
CA TRP I 223 55.26 -10.57 -4.58
C TRP I 223 55.30 -9.08 -4.86
N PRO I 224 56.27 -8.62 -5.68
CA PRO I 224 57.35 -9.37 -6.33
C PRO I 224 58.44 -9.81 -5.35
N PHE I 225 59.28 -10.76 -5.77
CA PHE I 225 60.38 -11.21 -4.92
C PHE I 225 61.34 -10.07 -4.64
N LYS I 226 61.70 -9.92 -3.36
CA LYS I 226 62.58 -8.83 -2.96
C LYS I 226 63.65 -9.22 -1.95
N GLN I 227 63.77 -10.50 -1.61
CA GLN I 227 64.81 -10.93 -0.68
C GLN I 227 66.18 -10.79 -1.32
N LYS I 228 67.14 -10.29 -0.55
CA LYS I 228 68.50 -10.11 -1.06
C LYS I 228 69.11 -11.45 -1.44
N VAL I 229 69.71 -11.49 -2.63
CA VAL I 229 70.30 -12.71 -3.18
C VAL I 229 71.79 -12.47 -3.39
N THR I 230 72.62 -13.34 -2.83
CA THR I 230 74.07 -13.26 -2.97
C THR I 230 74.56 -14.52 -3.66
N LEU I 231 75.27 -14.35 -4.78
CA LEU I 231 75.86 -15.45 -5.51
C LEU I 231 77.34 -15.55 -5.16
N MET I 232 77.76 -16.71 -4.67
CA MET I 232 79.13 -16.90 -4.21
C MET I 232 79.71 -18.17 -4.83
N LEU I 233 81.01 -18.12 -5.13
CA LEU I 233 81.76 -19.27 -5.63
C LEU I 233 82.73 -19.71 -4.54
N MET I 234 82.53 -20.91 -4.02
CA MET I 234 83.31 -21.38 -2.89
C MET I 234 84.76 -21.62 -3.28
N ASP I 235 85.67 -21.22 -2.39
CA ASP I 235 87.11 -21.43 -2.58
C ASP I 235 87.50 -22.69 -1.83
N GLN I 236 87.86 -23.74 -2.58
CA GLN I 236 88.20 -25.02 -1.98
C GLN I 236 89.59 -25.04 -1.36
N GLY I 237 90.41 -24.01 -1.61
CA GLY I 237 91.74 -23.96 -1.05
C GLY I 237 91.76 -23.50 0.39
N SER I 238 92.97 -23.53 0.97
CA SER I 238 93.15 -23.09 2.35
C SER I 238 92.94 -21.60 2.53
N SER I 239 93.10 -20.81 1.46
CA SER I 239 92.86 -19.38 1.56
C SER I 239 91.41 -19.06 1.82
N ARG I 240 90.49 -19.87 1.29
CA ARG I 240 89.05 -19.68 1.45
C ARG I 240 88.62 -18.30 0.95
N ARG I 241 89.24 -17.86 -0.15
CA ARG I 241 88.91 -16.57 -0.76
C ARG I 241 87.76 -16.77 -1.73
N HIS I 242 86.55 -16.83 -1.17
CA HIS I 242 85.36 -17.07 -1.98
C HIS I 242 85.04 -15.86 -2.84
N LEU I 243 84.78 -16.11 -4.12
CA LEU I 243 84.34 -15.04 -5.02
C LEU I 243 82.83 -14.90 -4.95
N GLY I 244 82.36 -13.69 -4.71
CA GLY I 244 80.94 -13.45 -4.52
C GLY I 244 80.49 -12.18 -5.21
N ASP I 245 79.16 -12.11 -5.41
CA ASP I 245 78.55 -10.94 -6.03
C ASP I 245 77.11 -10.86 -5.55
N ALA I 246 76.83 -9.89 -4.69
CA ALA I 246 75.50 -9.72 -4.12
C ALA I 246 74.72 -8.66 -4.91
N PHE I 247 73.41 -8.87 -5.00
CA PHE I 247 72.55 -7.97 -5.75
C PHE I 247 71.15 -7.97 -5.14
N LYS I 248 70.38 -6.95 -5.48
CA LYS I 248 69.01 -6.81 -5.03
C LYS I 248 68.07 -7.10 -6.20
N PRO I 249 67.05 -7.94 -6.02
CA PRO I 249 66.14 -8.25 -7.12
C PRO I 249 65.49 -7.01 -7.72
N ASP I 250 65.37 -7.00 -9.04
CA ASP I 250 64.76 -5.89 -9.75
C ASP I 250 63.25 -5.88 -9.48
N PRO I 251 62.69 -4.78 -8.99
CA PRO I 251 61.27 -4.77 -8.64
C PRO I 251 60.32 -4.99 -9.81
N ASN I 252 60.78 -4.78 -11.05
CA ASN I 252 59.88 -4.87 -12.20
C ASN I 252 60.46 -5.76 -13.29
N SER I 253 60.99 -6.92 -12.92
CA SER I 253 61.51 -7.90 -13.87
C SER I 253 60.67 -9.16 -13.83
N SER I 254 60.55 -9.83 -14.97
CA SER I 254 59.78 -11.06 -15.06
C SER I 254 60.41 -12.18 -14.23
N SER I 255 61.68 -12.04 -13.86
CA SER I 255 62.37 -13.04 -13.06
C SER I 255 61.84 -13.12 -11.64
N PHE I 256 61.39 -12.00 -11.08
CA PHE I 256 60.99 -11.95 -9.67
C PHE I 256 59.49 -11.73 -9.49
N LYS I 257 58.70 -11.89 -10.55
CA LYS I 257 57.25 -11.79 -10.43
C LYS I 257 56.68 -13.11 -9.89
N LYS I 258 55.37 -13.15 -9.74
CA LYS I 258 54.71 -14.39 -9.36
C LYS I 258 54.80 -15.38 -10.51
N PRO I 259 55.38 -16.57 -10.32
CA PRO I 259 55.57 -17.49 -11.43
C PRO I 259 54.24 -17.93 -12.04
N THR I 260 54.24 -18.08 -13.35
CA THR I 260 53.11 -18.64 -14.08
C THR I 260 53.41 -19.98 -14.72
N GLY I 261 54.64 -20.20 -15.17
CA GLY I 261 55.08 -21.48 -15.66
C GLY I 261 55.88 -22.24 -14.62
N GLU I 262 56.62 -23.24 -15.10
CA GLU I 262 57.44 -24.05 -14.19
C GLU I 262 58.56 -23.20 -13.58
N MET I 263 59.27 -22.45 -14.41
CA MET I 263 60.34 -21.57 -13.96
C MET I 263 60.22 -20.22 -14.66
N ASN I 264 60.76 -19.20 -14.01
CA ASN I 264 60.80 -17.86 -14.59
C ASN I 264 62.09 -17.68 -15.38
N ILE I 265 62.28 -16.46 -15.90
CA ILE I 265 63.50 -16.15 -16.66
C ILE I 265 64.68 -16.07 -15.71
N ALA I 266 65.76 -16.76 -16.05
CA ALA I 266 66.96 -16.74 -15.23
C ALA I 266 67.57 -15.35 -15.20
N SER I 267 68.07 -14.96 -14.03
CA SER I 267 68.69 -13.66 -13.84
C SER I 267 69.92 -13.80 -12.97
N GLY I 268 70.98 -13.08 -13.33
CA GLY I 268 72.23 -13.14 -12.58
C GLY I 268 73.35 -12.33 -13.19
N CYS I 269 74.58 -12.81 -13.03
CA CYS I 269 75.76 -12.12 -13.53
C CYS I 269 76.43 -12.95 -14.62
N PRO I 270 76.26 -12.60 -15.89
CA PRO I 270 76.95 -13.35 -16.95
C PRO I 270 78.47 -13.22 -16.89
N VAL I 271 78.99 -12.21 -16.20
CA VAL I 271 80.43 -11.98 -16.11
C VAL I 271 80.88 -12.17 -14.67
N PHE I 272 80.22 -13.09 -13.96
CA PHE I 272 80.50 -13.36 -12.55
C PHE I 272 81.99 -13.58 -12.29
N VAL I 273 82.57 -14.61 -12.91
CA VAL I 273 83.98 -14.92 -12.75
C VAL I 273 84.58 -15.21 -14.11
N ALA I 274 85.80 -14.70 -14.34
CA ALA I 274 86.50 -14.96 -15.58
C ALA I 274 86.93 -16.42 -15.65
N GLN I 275 86.91 -16.99 -16.84
CA GLN I 275 87.29 -18.39 -17.02
C GLN I 275 88.74 -18.64 -16.61
N THR I 276 89.64 -17.73 -17.00
CA THR I 276 91.04 -17.86 -16.63
C THR I 276 91.23 -17.77 -15.12
N VAL I 277 90.52 -16.84 -14.48
CA VAL I 277 90.60 -16.69 -13.02
C VAL I 277 90.12 -17.97 -12.33
N LEU I 278 89.01 -18.52 -12.84
CA LEU I 278 88.50 -19.77 -12.28
C LEU I 278 89.50 -20.90 -12.41
N GLU I 279 90.23 -20.96 -13.51
CA GLU I 279 91.15 -22.05 -13.80
C GLU I 279 92.57 -21.76 -13.31
N ASN I 280 92.72 -21.00 -12.23
CA ASN I 280 94.01 -20.72 -11.62
C ASN I 280 94.16 -21.45 -10.29
N GLY I 281 93.51 -22.61 -10.17
CA GLY I 281 93.65 -23.44 -8.98
C GLY I 281 92.77 -22.98 -7.84
N THR I 282 92.73 -23.83 -6.80
CA THR I 282 92.00 -23.59 -5.55
C THR I 282 90.49 -23.55 -5.76
N TYR I 283 90.04 -23.73 -6.99
CA TYR I 283 88.62 -23.72 -7.30
C TYR I 283 88.12 -25.00 -7.94
N ILE I 284 89.00 -25.79 -8.55
CA ILE I 284 88.61 -27.07 -9.12
C ILE I 284 89.45 -28.17 -8.49
N LYS I 285 88.91 -28.79 -7.44
CA LYS I 285 89.56 -29.92 -6.79
C LYS I 285 88.79 -31.20 -7.10
N ASP I 286 89.51 -32.23 -7.54
CA ASP I 286 88.90 -33.49 -7.96
C ASP I 286 87.86 -33.27 -9.05
N ASP I 287 88.14 -32.32 -9.95
CA ASP I 287 87.25 -31.96 -11.05
C ASP I 287 85.85 -31.63 -10.55
N THR I 288 85.77 -30.86 -9.45
CA THR I 288 84.50 -30.53 -8.84
C THR I 288 84.53 -29.07 -8.38
N ILE I 289 83.43 -28.36 -8.60
CA ILE I 289 83.28 -26.97 -8.19
C ILE I 289 82.12 -26.86 -7.22
N PHE I 290 82.19 -25.88 -6.33
CA PHE I 290 81.16 -25.63 -5.32
C PHE I 290 80.60 -24.24 -5.52
N ILE I 291 79.26 -24.14 -5.58
CA ILE I 291 78.57 -22.88 -5.77
C ILE I 291 77.63 -22.65 -4.60
N LYS I 292 77.74 -21.48 -3.96
CA LYS I 292 76.94 -21.13 -2.80
C LYS I 292 76.02 -19.97 -3.15
N VAL I 293 74.73 -20.12 -2.85
CA VAL I 293 73.73 -19.07 -3.04
C VAL I 293 73.10 -18.78 -1.68
N ILE I 294 73.11 -17.51 -1.29
CA ILE I 294 72.60 -17.07 0.00
C ILE I 294 71.43 -16.14 -0.24
N VAL I 295 70.27 -16.47 0.33
CA VAL I 295 69.06 -15.66 0.22
C VAL I 295 68.67 -15.21 1.63
N ASP I 296 68.53 -13.90 1.81
CA ASP I 296 68.20 -13.35 3.12
C ASP I 296 66.75 -13.66 3.45
N THR I 297 66.52 -14.19 4.65
CA THR I 297 65.18 -14.55 5.12
C THR I 297 64.81 -13.81 6.40
N SER I 298 65.49 -12.71 6.71
CA SER I 298 65.23 -11.99 7.94
C SER I 298 63.91 -11.22 7.92
N ASP I 299 63.30 -11.02 6.75
CA ASP I 299 62.06 -10.29 6.62
C ASP I 299 60.92 -11.18 6.11
N LEU I 300 61.02 -12.48 6.37
CA LEU I 300 60.01 -13.44 5.94
C LEU I 300 59.49 -14.21 7.14
N PRO I 301 58.16 -14.26 7.36
CA PRO I 301 57.54 -14.99 8.46
C PRO I 301 57.88 -16.48 8.46
N SER J 160 87.38 -40.40 29.06
CA SER J 160 87.03 -39.47 27.99
C SER J 160 87.86 -39.72 26.74
N VAL J 161 88.88 -40.55 26.88
CA VAL J 161 89.77 -40.88 25.77
C VAL J 161 89.02 -41.79 24.79
N PRO J 162 88.93 -41.41 23.51
CA PRO J 162 88.27 -42.28 22.53
C PRO J 162 88.98 -43.61 22.41
N VAL J 163 88.20 -44.67 22.19
CA VAL J 163 88.72 -46.03 22.04
C VAL J 163 88.33 -46.52 20.65
N PRO J 164 89.30 -46.99 19.84
CA PRO J 164 88.95 -47.49 18.51
C PRO J 164 88.10 -48.75 18.55
N ALA J 165 87.60 -49.18 17.39
CA ALA J 165 86.75 -50.34 17.29
C ALA J 165 87.59 -51.58 16.94
N THR J 166 86.91 -52.71 16.83
CA THR J 166 87.51 -54.01 16.51
C THR J 166 86.78 -54.62 15.33
N GLU J 167 86.65 -53.85 14.26
CA GLU J 167 85.92 -54.23 13.05
C GLU J 167 86.25 -55.65 12.59
N LEU J 168 85.27 -56.55 12.65
CA LEU J 168 85.43 -57.91 12.18
C LEU J 168 84.48 -58.23 11.02
N GLY J 169 83.20 -57.96 11.19
CA GLY J 169 82.23 -58.24 10.15
C GLY J 169 80.84 -58.37 10.74
N SER J 170 79.94 -58.92 9.93
CA SER J 170 78.55 -59.15 10.31
C SER J 170 77.89 -57.84 10.75
N THR J 171 77.85 -56.88 9.81
CA THR J 171 77.29 -55.56 10.05
C THR J 171 76.01 -55.41 9.24
N GLU J 172 74.91 -55.09 9.92
CA GLU J 172 73.63 -54.88 9.27
C GLU J 172 73.03 -53.57 9.78
N LEU J 173 72.82 -52.62 8.88
CA LEU J 173 72.18 -51.37 9.25
C LEU J 173 70.72 -51.62 9.61
N VAL J 174 70.30 -51.10 10.76
CA VAL J 174 68.94 -51.27 11.25
C VAL J 174 68.35 -49.90 11.56
N THR J 175 67.18 -49.61 10.99
CA THR J 175 66.46 -48.38 11.29
C THR J 175 65.03 -48.58 10.81
N THR J 176 64.07 -48.48 11.72
CA THR J 176 62.66 -48.64 11.38
C THR J 176 61.76 -48.06 12.47
N SER K 160 36.44 -22.76 23.43
CA SER K 160 37.80 -23.27 23.53
C SER K 160 37.81 -24.73 23.95
N VAL K 161 36.65 -25.24 24.32
CA VAL K 161 36.52 -26.64 24.75
C VAL K 161 36.62 -27.53 23.52
N PRO K 162 37.54 -28.50 23.52
CA PRO K 162 37.63 -29.42 22.37
C PRO K 162 36.36 -30.22 22.20
N VAL K 163 36.02 -30.49 20.94
CA VAL K 163 34.83 -31.25 20.59
C VAL K 163 35.27 -32.51 19.85
N PRO K 164 34.85 -33.70 20.28
CA PRO K 164 35.25 -34.92 19.57
C PRO K 164 34.67 -35.01 18.17
N ALA K 165 35.11 -35.99 17.39
CA ALA K 165 34.65 -36.17 16.03
C ALA K 165 33.49 -37.17 15.99
N THR K 166 32.99 -37.42 14.78
CA THR K 166 31.89 -38.33 14.53
C THR K 166 32.29 -39.34 13.44
N GLU K 167 33.45 -39.97 13.65
CA GLU K 167 34.04 -40.90 12.69
C GLU K 167 33.04 -41.89 12.14
N LEU K 168 32.77 -41.80 10.83
CA LEU K 168 31.87 -42.72 10.14
C LEU K 168 32.61 -43.51 9.06
N GLY K 169 33.32 -42.82 8.17
CA GLY K 169 34.03 -43.50 7.10
C GLY K 169 34.30 -42.55 5.95
N SER K 170 34.65 -43.13 4.81
CA SER K 170 34.95 -42.39 3.58
C SER K 170 36.04 -41.35 3.83
N THR K 171 37.21 -41.84 4.22
CA THR K 171 38.35 -40.99 4.53
C THR K 171 39.44 -41.21 3.48
N GLU K 172 39.87 -40.13 2.84
CA GLU K 172 40.91 -40.18 1.83
C GLU K 172 41.93 -39.10 2.12
N LEU K 173 43.17 -39.51 2.39
CA LEU K 173 44.24 -38.55 2.61
C LEU K 173 44.54 -37.81 1.31
N VAL K 174 44.60 -36.48 1.38
CA VAL K 174 44.86 -35.64 0.22
C VAL K 174 46.02 -34.70 0.54
N THR K 175 47.03 -34.71 -0.32
CA THR K 175 48.16 -33.79 -0.20
C THR K 175 48.88 -33.78 -1.54
N THR K 176 48.97 -32.62 -2.18
CA THR K 176 49.65 -32.48 -3.45
C THR K 176 49.99 -31.03 -3.74
N SER L 160 75.54 -4.34 -9.72
CA SER L 160 74.50 -4.88 -8.85
C SER L 160 73.18 -5.02 -9.59
N VAL L 161 73.13 -4.45 -10.79
CA VAL L 161 71.92 -4.51 -11.62
C VAL L 161 71.76 -5.92 -12.16
N PRO L 162 70.62 -6.56 -11.92
CA PRO L 162 70.40 -7.91 -12.48
C PRO L 162 70.43 -7.90 -14.00
N VAL L 163 70.95 -8.97 -14.58
CA VAL L 163 71.07 -9.13 -16.02
C VAL L 163 70.26 -10.35 -16.43
N PRO L 164 69.33 -10.23 -17.38
CA PRO L 164 68.54 -11.40 -17.80
C PRO L 164 69.39 -12.46 -18.48
N ALA L 165 68.81 -13.62 -18.75
CA ALA L 165 69.51 -14.71 -19.39
C ALA L 165 69.27 -14.69 -20.90
N THR L 166 69.86 -15.66 -21.59
CA THR L 166 69.77 -15.82 -23.03
C THR L 166 69.33 -17.24 -23.36
N GLU L 167 68.24 -17.67 -22.73
CA GLU L 167 67.71 -19.03 -22.86
C GLU L 167 67.65 -19.50 -24.31
N LEU L 168 68.45 -20.52 -24.62
CA LEU L 168 68.46 -21.13 -25.95
C LEU L 168 68.04 -22.59 -25.90
N GLY L 169 68.66 -23.38 -25.04
CA GLY L 169 68.32 -24.80 -24.93
C GLY L 169 69.48 -25.58 -24.32
N SER L 170 69.40 -26.89 -24.49
CA SER L 170 70.41 -27.82 -23.97
C SER L 170 70.62 -27.64 -22.47
N THR L 171 69.54 -27.85 -21.73
CA THR L 171 69.53 -27.69 -20.27
C THR L 171 69.39 -29.06 -19.62
N GLU L 172 70.33 -29.41 -18.75
CA GLU L 172 70.29 -30.67 -18.03
C GLU L 172 70.53 -30.40 -16.55
N LEU L 173 69.55 -30.73 -15.72
CA LEU L 173 69.72 -30.58 -14.28
C LEU L 173 70.75 -31.58 -13.77
N VAL L 174 71.71 -31.09 -13.00
CA VAL L 174 72.78 -31.91 -12.45
C VAL L 174 72.83 -31.71 -10.94
N THR L 175 72.79 -32.82 -10.20
CA THR L 175 72.93 -32.80 -8.75
C THR L 175 73.25 -34.21 -8.30
N THR L 176 74.40 -34.40 -7.66
CA THR L 176 74.80 -35.72 -7.17
C THR L 176 75.90 -35.60 -6.13
N HIS M 123 4.57 -80.67 27.76
CA HIS M 123 3.76 -79.86 28.68
C HIS M 123 4.15 -80.12 30.13
N ASP M 124 4.45 -81.38 30.43
CA ASP M 124 4.84 -81.73 31.80
C ASP M 124 6.15 -81.06 32.19
N GLN M 125 7.11 -81.01 31.26
CA GLN M 125 8.39 -80.38 31.56
C GLN M 125 8.21 -78.90 31.85
N MET M 126 7.38 -78.21 31.07
CA MET M 126 7.13 -76.79 31.32
C MET M 126 6.42 -76.57 32.65
N LEU M 127 5.51 -77.47 33.01
CA LEU M 127 4.82 -77.36 34.29
C LEU M 127 5.81 -77.49 35.45
N SER M 128 6.76 -78.41 35.34
CA SER M 128 7.77 -78.55 36.38
C SER M 128 8.62 -77.29 36.49
N VAL M 129 8.99 -76.69 35.36
CA VAL M 129 9.73 -75.44 35.38
C VAL M 129 8.91 -74.33 36.02
N HIS M 130 7.61 -74.28 35.71
CA HIS M 130 6.74 -73.26 36.30
C HIS M 130 6.66 -73.41 37.81
N ASP M 131 6.57 -74.65 38.30
CA ASP M 131 6.51 -74.88 39.74
C ASP M 131 7.79 -74.39 40.42
N ILE M 132 8.94 -74.65 39.81
CA ILE M 132 10.20 -74.17 40.37
C ILE M 132 10.25 -72.65 40.38
N ARG M 133 9.83 -72.03 39.26
CA ARG M 133 9.83 -70.58 39.20
C ARG M 133 8.85 -69.97 40.19
N LEU M 134 7.67 -70.57 40.33
CA LEU M 134 6.69 -70.07 41.29
C LEU M 134 7.22 -70.16 42.71
N ALA M 135 7.89 -71.25 43.06
CA ALA M 135 8.47 -71.39 44.38
C ALA M 135 9.58 -70.36 44.61
N ASP M 136 10.40 -70.12 43.58
CA ASP M 136 11.46 -69.12 43.71
C ASP M 136 10.88 -67.73 43.93
N MET M 137 9.80 -67.40 43.23
CA MET M 137 9.18 -66.09 43.40
C MET M 137 8.62 -65.92 44.81
N ASP M 138 8.09 -67.00 45.39
CA ASP M 138 7.52 -66.92 46.73
C ASP M 138 8.57 -66.50 47.76
N LEU M 139 9.78 -67.06 47.65
CA LEU M 139 10.87 -66.62 48.51
C LEU M 139 11.26 -65.18 48.20
N ARG M 140 11.12 -64.75 46.95
CA ARG M 140 11.47 -63.38 46.58
C ARG M 140 10.53 -62.38 47.22
N PHE M 141 9.23 -62.72 47.32
CA PHE M 141 8.28 -61.83 47.97
C PHE M 141 8.66 -61.61 49.43
N GLN M 142 9.01 -62.67 50.14
CA GLN M 142 9.27 -62.57 51.57
C GLN M 142 10.50 -61.71 51.85
N VAL M 143 11.54 -61.85 51.02
CA VAL M 143 12.75 -61.06 51.21
C VAL M 143 12.45 -59.57 51.05
N LEU M 144 11.69 -59.22 50.01
CA LEU M 144 11.31 -57.82 49.81
C LEU M 144 10.35 -57.33 50.89
N GLU M 145 9.48 -58.22 51.38
CA GLU M 145 8.53 -57.83 52.42
C GLU M 145 9.25 -57.42 53.71
N THR M 146 10.29 -58.17 54.08
CA THR M 146 11.03 -57.92 55.31
C THR M 146 12.31 -57.13 55.08
N ALA M 147 12.53 -56.62 53.87
CA ALA M 147 13.72 -55.84 53.59
C ALA M 147 13.69 -54.52 54.35
N SER M 148 14.87 -54.09 54.80
CA SER M 148 15.02 -52.85 55.55
C SER M 148 16.14 -52.02 54.95
N TYR M 149 16.00 -50.70 55.06
CA TYR M 149 16.98 -49.79 54.49
C TYR M 149 17.40 -48.69 55.46
N ASN M 150 17.22 -48.90 56.77
CA ASN M 150 17.58 -47.91 57.78
C ASN M 150 18.82 -48.31 58.57
N GLY M 151 19.49 -49.38 58.19
CA GLY M 151 20.68 -49.84 58.90
C GLY M 151 20.42 -50.64 60.14
N VAL M 152 19.15 -50.89 60.49
CA VAL M 152 18.78 -51.68 61.66
C VAL M 152 17.97 -52.87 61.20
N LEU M 153 18.38 -54.07 61.62
CA LEU M 153 17.74 -55.32 61.23
C LEU M 153 17.08 -55.96 62.45
N ILE M 154 15.81 -56.30 62.32
CA ILE M 154 15.08 -57.07 63.32
C ILE M 154 14.75 -58.42 62.70
N TRP M 155 15.26 -59.48 63.32
CA TRP M 155 15.14 -60.83 62.79
C TRP M 155 14.22 -61.64 63.70
N LYS M 156 13.19 -62.25 63.10
CA LYS M 156 12.23 -63.09 63.81
C LYS M 156 12.44 -64.53 63.39
N ILE M 157 12.73 -65.39 64.36
CA ILE M 157 12.98 -66.81 64.11
C ILE M 157 11.91 -67.58 64.87
N ARG M 158 10.89 -68.04 64.16
CA ARG M 158 9.82 -68.83 64.75
C ARG M 158 10.21 -70.30 64.81
N ASP M 159 9.45 -71.06 65.61
CA ASP M 159 9.67 -72.50 65.79
C ASP M 159 11.10 -72.78 66.25
N TYR M 160 11.47 -72.13 67.35
CA TYR M 160 12.83 -72.27 67.87
C TYR M 160 13.10 -73.67 68.40
N LYS M 161 12.09 -74.34 68.95
CA LYS M 161 12.30 -75.65 69.56
C LYS M 161 12.75 -76.68 68.54
N ARG M 162 12.04 -76.77 67.41
CA ARG M 162 12.38 -77.78 66.41
C ARG M 162 13.69 -77.46 65.70
N ARG M 163 13.99 -76.18 65.50
CA ARG M 163 15.23 -75.81 64.82
C ARG M 163 16.44 -75.95 65.72
N LYS M 164 16.29 -75.72 67.03
CA LYS M 164 17.38 -75.98 67.95
C LYS M 164 17.73 -77.46 67.98
N GLN M 165 16.72 -78.32 67.95
CA GLN M 165 16.97 -79.76 67.88
C GLN M 165 17.68 -80.13 66.58
N GLU M 166 17.29 -79.50 65.47
CA GLU M 166 17.95 -79.76 64.19
C GLU M 166 19.42 -79.36 64.23
N ALA M 167 19.72 -78.23 64.89
CA ALA M 167 21.11 -77.83 65.05
C ALA M 167 21.90 -78.85 65.87
N VAL M 168 21.28 -79.40 66.92
CA VAL M 168 21.94 -80.42 67.71
C VAL M 168 22.17 -81.68 66.87
N MET M 169 21.15 -82.09 66.11
CA MET M 169 21.29 -83.25 65.24
C MET M 169 22.15 -82.99 64.01
N GLY M 170 22.53 -81.73 63.76
CA GLY M 170 23.35 -81.41 62.62
C GLY M 170 22.61 -81.23 61.31
N LYS M 171 21.28 -81.26 61.34
CA LYS M 171 20.51 -81.08 60.11
C LYS M 171 20.72 -79.69 59.53
N THR M 172 20.73 -78.67 60.39
CA THR M 172 20.95 -77.29 59.98
C THR M 172 21.78 -76.61 61.07
N LEU M 173 23.07 -76.41 60.78
CA LEU M 173 23.97 -75.86 61.78
C LEU M 173 23.71 -74.37 62.01
N SER M 174 23.50 -73.61 60.94
CA SER M 174 23.36 -72.17 61.03
C SER M 174 22.18 -71.70 60.18
N LEU M 175 21.67 -70.53 60.52
CA LEU M 175 20.56 -69.91 59.81
C LEU M 175 20.98 -68.53 59.31
N TYR M 176 20.49 -68.17 58.12
CA TYR M 176 20.80 -66.89 57.51
C TYR M 176 19.58 -65.99 57.52
N SER M 177 19.79 -64.73 57.90
CA SER M 177 18.72 -63.76 57.94
C SER M 177 18.48 -63.15 56.56
N GLN M 178 17.37 -62.45 56.42
CA GLN M 178 17.08 -61.73 55.20
C GLN M 178 18.06 -60.55 55.04
N PRO M 179 18.41 -60.20 53.81
CA PRO M 179 19.35 -59.08 53.61
C PRO M 179 18.78 -57.77 54.12
N PHE M 180 19.66 -56.94 54.69
CA PHE M 180 19.30 -55.60 55.11
C PHE M 180 20.40 -54.64 54.71
N TYR M 181 20.04 -53.37 54.55
CA TYR M 181 20.93 -52.36 53.99
C TYR M 181 20.96 -51.13 54.89
N THR M 182 22.09 -50.42 54.85
CA THR M 182 22.17 -49.13 55.51
C THR M 182 21.33 -48.07 54.82
N GLY M 183 21.05 -48.24 53.53
CA GLY M 183 20.27 -47.29 52.78
C GLY M 183 19.80 -47.88 51.48
N TYR M 184 19.20 -47.04 50.65
CA TYR M 184 18.71 -47.49 49.36
C TYR M 184 19.85 -47.93 48.44
N PHE M 185 21.03 -47.37 48.63
CA PHE M 185 22.21 -47.71 47.84
C PHE M 185 23.42 -47.91 48.75
N GLY M 186 23.24 -48.66 49.84
CA GLY M 186 24.28 -48.92 50.78
C GLY M 186 24.79 -50.34 50.72
N TYR M 187 25.43 -50.77 51.80
CA TYR M 187 25.98 -52.11 51.88
C TYR M 187 24.85 -53.15 51.93
N LYS M 188 25.11 -54.31 51.32
CA LYS M 188 24.19 -55.44 51.40
C LYS M 188 24.70 -56.39 52.48
N MET M 189 23.92 -56.55 53.54
CA MET M 189 24.37 -57.22 54.74
C MET M 189 23.31 -58.21 55.22
N CYS M 190 23.73 -59.15 56.07
CA CYS M 190 22.81 -60.10 56.67
C CYS M 190 23.41 -60.60 57.97
N ALA M 191 22.65 -61.43 58.68
CA ALA M 191 23.04 -61.97 59.96
C ALA M 191 23.00 -63.49 59.94
N ARG M 192 23.97 -64.12 60.60
CA ARG M 192 24.07 -65.56 60.69
C ARG M 192 24.10 -65.97 62.17
N VAL M 193 23.32 -66.98 62.51
CA VAL M 193 23.18 -67.43 63.89
C VAL M 193 23.37 -68.95 63.96
N TYR M 194 24.04 -69.40 65.02
CA TYR M 194 24.15 -70.83 65.34
C TYR M 194 23.35 -71.10 66.61
N LEU M 195 22.27 -71.87 66.48
CA LEU M 195 21.44 -72.17 67.63
C LEU M 195 22.19 -73.03 68.64
N ASN M 196 22.96 -74.00 68.16
CA ASN M 196 23.73 -74.88 69.04
C ASN M 196 25.15 -74.40 69.28
N GLY M 197 25.53 -73.26 68.71
CA GLY M 197 26.86 -72.73 68.88
C GLY M 197 27.81 -73.15 67.76
N ASP M 198 28.89 -72.39 67.64
CA ASP M 198 29.90 -72.63 66.62
C ASP M 198 31.28 -72.43 67.20
N GLY M 199 32.23 -73.22 66.71
CA GLY M 199 33.61 -73.09 67.18
C GLY M 199 33.73 -73.43 68.65
N MET M 200 34.32 -72.51 69.41
CA MET M 200 34.52 -72.71 70.83
C MET M 200 33.23 -72.67 71.63
N GLY M 201 32.15 -72.16 71.05
CA GLY M 201 30.87 -72.09 71.75
C GLY M 201 29.91 -73.19 71.34
N LYS M 202 30.44 -74.22 70.68
CA LYS M 202 29.58 -75.32 70.22
C LYS M 202 29.07 -76.13 71.40
N GLY M 203 27.76 -76.30 71.47
CA GLY M 203 27.14 -77.12 72.48
C GLY M 203 26.90 -76.45 73.82
N THR M 204 27.48 -75.26 74.04
CA THR M 204 27.34 -74.56 75.32
C THR M 204 26.80 -73.14 75.18
N HIS M 205 26.93 -72.50 74.03
CA HIS M 205 26.52 -71.13 73.84
C HIS M 205 25.76 -71.00 72.52
N LEU M 206 25.23 -69.80 72.28
CA LEU M 206 24.62 -69.45 71.01
C LEU M 206 25.57 -68.49 70.28
N SER M 207 25.82 -68.80 69.01
CA SER M 207 26.78 -68.03 68.21
C SER M 207 26.03 -67.16 67.22
N LEU M 208 26.38 -65.87 67.19
CA LEU M 208 25.80 -64.91 66.27
C LEU M 208 26.92 -64.30 65.44
N PHE M 209 26.77 -64.30 64.13
CA PHE M 209 27.80 -63.81 63.22
C PHE M 209 27.21 -62.78 62.26
N PHE M 210 28.06 -61.82 61.91
CA PHE M 210 27.69 -60.70 61.06
C PHE M 210 28.37 -60.86 59.70
N VAL M 211 27.58 -60.79 58.63
CA VAL M 211 28.02 -61.18 57.30
C VAL M 211 27.87 -60.00 56.35
N ILE M 212 28.88 -59.78 55.53
CA ILE M 212 28.86 -58.75 54.48
C ILE M 212 28.59 -59.45 53.15
N MET M 213 27.54 -59.03 52.45
CA MET M 213 27.19 -59.59 51.17
C MET M 213 27.57 -58.63 50.05
N ARG M 214 27.65 -59.17 48.83
CA ARG M 214 28.01 -58.36 47.67
C ARG M 214 26.82 -57.50 47.25
N GLY M 215 26.97 -56.19 47.38
CA GLY M 215 25.94 -55.26 46.96
C GLY M 215 26.12 -54.79 45.54
N GLU M 216 25.02 -54.38 44.92
CA GLU M 216 25.06 -53.92 43.54
C GLU M 216 25.77 -52.58 43.40
N TYR M 217 25.95 -51.84 44.50
CA TYR M 217 26.61 -50.55 44.48
C TYR M 217 27.90 -50.57 45.31
N ASP M 218 28.55 -51.73 45.39
CA ASP M 218 29.77 -51.85 46.18
C ASP M 218 30.90 -51.02 45.60
N ALA M 219 30.88 -50.75 44.29
CA ALA M 219 31.94 -49.98 43.67
C ALA M 219 31.98 -48.53 44.15
N LEU M 220 30.83 -47.98 44.56
CA LEU M 220 30.75 -46.61 45.02
C LEU M 220 30.86 -46.49 46.54
N LEU M 221 31.04 -47.60 47.25
CA LEU M 221 31.10 -47.54 48.71
C LEU M 221 32.54 -47.65 49.19
N PRO M 222 32.88 -46.94 50.25
CA PRO M 222 34.24 -47.04 50.80
C PRO M 222 34.53 -48.43 51.35
N TRP M 223 35.79 -48.83 51.22
CA TRP M 223 36.27 -50.10 51.73
C TRP M 223 37.61 -49.88 52.41
N PRO M 224 37.95 -50.69 53.43
CA PRO M 224 37.17 -51.79 54.02
C PRO M 224 36.00 -51.30 54.86
N PHE M 225 35.06 -52.20 55.17
CA PHE M 225 33.91 -51.83 56.00
C PHE M 225 34.39 -51.41 57.39
N LYS M 226 33.87 -50.28 57.88
CA LYS M 226 34.29 -49.75 59.16
C LYS M 226 33.14 -49.22 60.02
N GLN M 227 31.89 -49.34 59.58
CA GLN M 227 30.77 -48.88 60.38
C GLN M 227 30.61 -49.75 61.63
N LYS M 228 30.36 -49.11 62.77
CA LYS M 228 30.20 -49.82 64.01
C LYS M 228 29.00 -50.76 63.94
N VAL M 229 29.21 -52.00 64.38
CA VAL M 229 28.18 -53.04 64.34
C VAL M 229 27.91 -53.50 65.76
N THR M 230 26.63 -53.47 66.16
CA THR M 230 26.21 -53.91 67.48
C THR M 230 25.24 -55.07 67.33
N LEU M 231 25.56 -56.20 67.95
CA LEU M 231 24.70 -57.38 67.94
C LEU M 231 23.92 -57.43 69.25
N MET M 232 22.60 -57.47 69.15
CA MET M 232 21.73 -57.43 70.31
C MET M 232 20.70 -58.55 70.23
N LEU M 233 20.37 -59.11 71.39
CA LEU M 233 19.32 -60.12 71.53
C LEU M 233 18.16 -59.49 72.27
N MET M 234 17.01 -59.37 71.60
CA MET M 234 15.87 -58.67 72.17
C MET M 234 15.28 -59.45 73.34
N ASP M 235 14.90 -58.72 74.39
CA ASP M 235 14.27 -59.29 75.56
C ASP M 235 12.76 -59.12 75.41
N GLN M 236 12.05 -60.23 75.21
CA GLN M 236 10.62 -60.18 75.00
C GLN M 236 9.82 -59.96 76.28
N GLY M 237 10.46 -60.02 77.45
CA GLY M 237 9.78 -59.82 78.70
C GLY M 237 9.57 -58.35 79.02
N SER M 238 8.87 -58.11 80.13
CA SER M 238 8.60 -56.74 80.56
C SER M 238 9.86 -56.04 81.05
N SER M 239 10.89 -56.79 81.47
CA SER M 239 12.13 -56.18 81.91
C SER M 239 12.85 -55.49 80.75
N ARG M 240 12.73 -56.03 79.54
CA ARG M 240 13.38 -55.48 78.35
C ARG M 240 14.89 -55.39 78.53
N ARG M 241 15.46 -56.39 79.22
CA ARG M 241 16.90 -56.44 79.46
C ARG M 241 17.56 -57.13 78.26
N HIS M 242 17.75 -56.35 77.20
CA HIS M 242 18.32 -56.89 75.96
C HIS M 242 19.80 -57.21 76.16
N LEU M 243 20.21 -58.39 75.72
CA LEU M 243 21.61 -58.77 75.74
C LEU M 243 22.28 -58.31 74.45
N GLY M 244 23.38 -57.57 74.58
CA GLY M 244 24.04 -56.99 73.43
C GLY M 244 25.55 -57.10 73.54
N ASP M 245 26.19 -56.95 72.39
CA ASP M 245 27.66 -56.99 72.31
C ASP M 245 28.07 -56.18 71.09
N ALA M 246 28.65 -55.01 71.32
CA ALA M 246 29.08 -54.12 70.25
C ALA M 246 30.56 -54.32 69.97
N PHE M 247 30.93 -54.16 68.70
CA PHE M 247 32.31 -54.35 68.28
C PHE M 247 32.59 -53.47 67.06
N LYS M 248 33.88 -53.26 66.81
CA LYS M 248 34.35 -52.49 65.66
C LYS M 248 34.93 -53.43 64.62
N PRO M 249 34.54 -53.30 63.35
CA PRO M 249 35.07 -54.21 62.32
C PRO M 249 36.58 -54.19 62.25
N ASP M 250 37.16 -55.37 62.05
CA ASP M 250 38.61 -55.50 61.94
C ASP M 250 39.08 -54.91 60.63
N PRO M 251 40.02 -53.96 60.65
CA PRO M 251 40.43 -53.29 59.40
C PRO M 251 41.08 -54.23 58.37
N ASN M 252 41.57 -55.39 58.79
CA ASN M 252 42.29 -56.27 57.87
C ASN M 252 41.76 -57.70 57.92
N SER M 253 40.45 -57.86 57.91
CA SER M 253 39.82 -59.18 57.87
C SER M 253 39.07 -59.36 56.57
N SER M 254 39.01 -60.60 56.09
CA SER M 254 38.30 -60.90 54.85
C SER M 254 36.81 -60.66 54.97
N SER M 255 36.30 -60.58 56.21
CA SER M 255 34.88 -60.35 56.42
C SER M 255 34.44 -58.94 56.02
N PHE M 256 35.32 -57.95 56.15
CA PHE M 256 34.97 -56.56 55.91
C PHE M 256 35.64 -55.97 54.68
N LYS M 257 36.24 -56.80 53.82
CA LYS M 257 36.82 -56.33 52.58
C LYS M 257 35.72 -56.13 51.53
N LYS M 258 36.13 -55.71 50.34
CA LYS M 258 35.19 -55.62 49.22
C LYS M 258 34.79 -57.02 48.80
N PRO M 259 33.50 -57.36 48.80
CA PRO M 259 33.11 -58.74 48.49
C PRO M 259 33.49 -59.12 47.07
N THR M 260 33.89 -60.38 46.90
CA THR M 260 34.15 -60.97 45.60
C THR M 260 33.16 -62.06 45.23
N GLY M 261 32.70 -62.83 46.21
CA GLY M 261 31.66 -63.82 46.00
C GLY M 261 30.30 -63.30 46.45
N GLU M 262 29.37 -64.23 46.63
CA GLU M 262 28.03 -63.86 47.08
C GLU M 262 28.06 -63.28 48.49
N MET M 263 28.76 -63.97 49.40
CA MET M 263 28.90 -63.51 50.77
C MET M 263 30.34 -63.68 51.22
N ASN M 264 30.74 -62.88 52.20
CA ASN M 264 32.06 -62.97 52.79
C ASN M 264 32.05 -63.94 53.98
N ILE M 265 33.19 -64.05 54.65
CA ILE M 265 33.29 -64.92 55.82
C ILE M 265 32.53 -64.30 56.97
N ALA M 266 31.68 -65.10 57.62
CA ALA M 266 30.90 -64.62 58.74
C ALA M 266 31.81 -64.27 59.91
N SER M 267 31.48 -63.18 60.61
CA SER M 267 32.27 -62.73 61.75
C SER M 267 31.33 -62.27 62.86
N GLY M 268 31.67 -62.60 64.09
CA GLY M 268 30.84 -62.23 65.23
C GLY M 268 31.33 -62.78 66.55
N CYS M 269 30.40 -63.09 67.45
CA CYS M 269 30.73 -63.58 68.79
C CYS M 269 30.21 -65.00 68.94
N PRO M 270 31.07 -66.02 68.86
CA PRO M 270 30.62 -67.40 69.07
C PRO M 270 30.12 -67.65 70.48
N VAL M 271 30.48 -66.80 71.44
CA VAL M 271 30.09 -66.98 72.84
C VAL M 271 29.18 -65.83 73.26
N PHE M 272 28.38 -65.33 72.31
CA PHE M 272 27.49 -64.20 72.55
C PHE M 272 26.64 -64.38 73.79
N VAL M 273 25.81 -65.42 73.82
CA VAL M 273 24.93 -65.70 74.95
C VAL M 273 25.01 -67.19 75.27
N ALA M 274 25.07 -67.51 76.56
CA ALA M 274 25.08 -68.90 77.00
C ALA M 274 23.72 -69.54 76.74
N GLN M 275 23.72 -70.83 76.37
CA GLN M 275 22.48 -71.53 76.09
C GLN M 275 21.57 -71.58 77.30
N THR M 276 22.14 -71.84 78.48
CA THR M 276 21.34 -71.87 79.71
C THR M 276 20.75 -70.51 80.01
N VAL M 277 21.53 -69.45 79.82
CA VAL M 277 21.04 -68.09 80.07
C VAL M 277 19.89 -67.77 79.13
N LEU M 278 20.05 -68.15 77.85
CA LEU M 278 18.99 -67.93 76.88
C LEU M 278 17.70 -68.66 77.27
N GLU M 279 17.83 -69.87 77.82
CA GLU M 279 16.68 -70.70 78.14
C GLU M 279 16.19 -70.49 79.58
N ASN M 280 16.32 -69.29 80.10
CA ASN M 280 15.83 -68.94 81.44
C ASN M 280 14.63 -67.99 81.34
N GLY M 281 13.86 -68.12 80.26
CA GLY M 281 12.65 -67.34 80.09
C GLY M 281 12.90 -65.94 79.58
N THR M 282 11.80 -65.25 79.25
CA THR M 282 11.78 -63.86 78.79
C THR M 282 12.47 -63.69 77.44
N TYR M 283 12.99 -64.77 76.87
CA TYR M 283 13.67 -64.73 75.59
C TYR M 283 13.03 -65.60 74.52
N ILE M 284 12.30 -66.64 74.92
CA ILE M 284 11.60 -67.49 73.96
C ILE M 284 10.10 -67.46 74.28
N LYS M 285 9.37 -66.59 73.59
CA LYS M 285 7.93 -66.52 73.72
C LYS M 285 7.28 -67.05 72.44
N ASP M 286 6.32 -67.96 72.61
CA ASP M 286 5.67 -68.62 71.48
C ASP M 286 6.68 -69.30 70.56
N ASP M 287 7.72 -69.87 71.18
CA ASP M 287 8.80 -70.55 70.46
C ASP M 287 9.42 -69.65 69.40
N THR M 288 9.65 -68.39 69.73
CA THR M 288 10.17 -67.41 68.79
C THR M 288 11.18 -66.52 69.48
N ILE M 289 12.29 -66.23 68.79
CA ILE M 289 13.33 -65.37 69.32
C ILE M 289 13.49 -64.17 68.38
N PHE M 290 13.93 -63.04 68.94
CA PHE M 290 14.12 -61.81 68.20
C PHE M 290 15.58 -61.38 68.30
N ILE M 291 16.18 -61.10 67.15
CA ILE M 291 17.59 -60.70 67.06
C ILE M 291 17.66 -59.33 66.41
N LYS M 292 18.34 -58.39 67.07
CA LYS M 292 18.48 -57.03 66.58
C LYS M 292 19.94 -56.75 66.26
N VAL M 293 20.18 -56.22 65.06
CA VAL M 293 21.51 -55.81 64.61
C VAL M 293 21.46 -54.33 64.27
N ILE M 294 22.37 -53.56 64.87
CA ILE M 294 22.41 -52.11 64.68
C ILE M 294 23.73 -51.75 64.03
N VAL M 295 23.66 -51.07 62.89
CA VAL M 295 24.84 -50.61 62.16
C VAL M 295 24.80 -49.09 62.12
N ASP M 296 25.88 -48.46 62.58
CA ASP M 296 25.94 -47.01 62.60
C ASP M 296 26.10 -46.46 61.19
N THR M 297 25.26 -45.48 60.83
CA THR M 297 25.29 -44.87 59.51
C THR M 297 25.54 -43.37 59.59
N SER M 298 26.08 -42.88 60.71
CA SER M 298 26.29 -41.45 60.88
C SER M 298 27.44 -40.91 60.04
N ASP M 299 28.30 -41.78 59.51
CA ASP M 299 29.44 -41.36 58.70
C ASP M 299 29.33 -41.85 57.27
N LEU M 300 28.11 -42.07 56.79
CA LEU M 300 27.87 -42.54 55.44
C LEU M 300 26.94 -41.58 54.71
N PRO M 301 27.33 -41.10 53.52
CA PRO M 301 26.51 -40.17 52.72
C PRO M 301 25.14 -40.75 52.36
N HIS N 123 -2.53 -82.77 34.69
CA HIS N 123 -1.97 -81.52 34.20
C HIS N 123 -2.96 -80.36 34.36
N ASP N 124 -4.24 -80.66 34.15
CA ASP N 124 -5.27 -79.63 34.30
C ASP N 124 -5.36 -79.15 35.74
N GLN N 125 -5.27 -80.07 36.70
CA GLN N 125 -5.34 -79.68 38.11
C GLN N 125 -4.19 -78.76 38.49
N MET N 126 -2.98 -79.08 38.02
CA MET N 126 -1.83 -78.23 38.31
C MET N 126 -1.97 -76.86 37.66
N LEU N 127 -2.53 -76.81 36.45
CA LEU N 127 -2.75 -75.53 35.78
C LEU N 127 -3.72 -74.67 36.57
N SER N 128 -4.79 -75.27 37.11
CA SER N 128 -5.73 -74.51 37.94
C SER N 128 -5.04 -73.97 39.19
N VAL N 129 -4.19 -74.77 39.82
CA VAL N 129 -3.44 -74.31 40.98
C VAL N 129 -2.51 -73.16 40.59
N HIS N 130 -1.86 -73.27 39.43
CA HIS N 130 -0.97 -72.21 38.98
C HIS N 130 -1.71 -70.91 38.75
N ASP N 131 -2.91 -70.99 38.17
CA ASP N 131 -3.70 -69.78 37.95
C ASP N 131 -4.07 -69.11 39.26
N ILE N 132 -4.43 -69.90 40.28
CA ILE N 132 -4.75 -69.34 41.59
C ILE N 132 -3.52 -68.69 42.20
N ARG N 133 -2.38 -69.38 42.12
CA ARG N 133 -1.15 -68.83 42.68
C ARG N 133 -0.72 -67.56 41.94
N LEU N 134 -0.86 -67.55 40.61
CA LEU N 134 -0.50 -66.36 39.84
C LEU N 134 -1.38 -65.18 40.21
N ALA N 135 -2.69 -65.42 40.39
CA ALA N 135 -3.59 -64.36 40.80
C ALA N 135 -3.24 -63.84 42.19
N ASP N 136 -2.89 -64.76 43.11
CA ASP N 136 -2.52 -64.34 44.46
C ASP N 136 -1.26 -63.49 44.44
N MET N 137 -0.28 -63.85 43.60
CA MET N 137 0.94 -63.06 43.51
C MET N 137 0.67 -61.66 42.98
N ASP N 138 -0.28 -61.54 42.04
CA ASP N 138 -0.59 -60.23 41.46
C ASP N 138 -1.08 -59.27 42.53
N LEU N 139 -1.93 -59.74 43.45
CA LEU N 139 -2.34 -58.90 44.57
C LEU N 139 -1.17 -58.60 45.49
N ARG N 140 -0.22 -59.54 45.60
CA ARG N 140 0.94 -59.33 46.46
C ARG N 140 1.84 -58.20 45.92
N PHE N 141 1.97 -58.12 44.60
CA PHE N 141 2.77 -57.05 44.02
C PHE N 141 2.19 -55.68 44.36
N GLN N 142 0.86 -55.54 44.23
CA GLN N 142 0.23 -54.24 44.44
C GLN N 142 0.37 -53.77 45.88
N VAL N 143 0.24 -54.69 46.84
CA VAL N 143 0.37 -54.33 48.24
C VAL N 143 1.77 -53.81 48.53
N LEU N 144 2.79 -54.49 48.02
CA LEU N 144 4.16 -54.04 48.21
C LEU N 144 4.44 -52.74 47.44
N GLU N 145 3.81 -52.58 46.28
CA GLU N 145 4.03 -51.37 45.49
C GLU N 145 3.53 -50.13 46.22
N THR N 146 2.38 -50.23 46.88
CA THR N 146 1.78 -49.11 47.59
C THR N 146 2.06 -49.13 49.09
N ALA N 147 2.93 -50.02 49.55
CA ALA N 147 3.27 -50.08 50.96
C ALA N 147 4.03 -48.82 51.39
N SER N 148 3.76 -48.38 52.60
CA SER N 148 4.39 -47.20 53.17
C SER N 148 4.93 -47.51 54.56
N TYR N 149 6.02 -46.82 54.92
CA TYR N 149 6.66 -47.07 56.21
C TYR N 149 6.99 -45.77 56.95
N ASN N 150 6.31 -44.67 56.62
CA ASN N 150 6.55 -43.38 57.26
C ASN N 150 5.43 -42.98 58.22
N GLY N 151 4.47 -43.87 58.45
CA GLY N 151 3.36 -43.56 59.33
C GLY N 151 2.24 -42.76 58.71
N VAL N 152 2.34 -42.41 57.44
CA VAL N 152 1.32 -41.64 56.73
C VAL N 152 0.82 -42.48 55.55
N LEU N 153 -0.49 -42.65 55.46
CA LEU N 153 -1.10 -43.46 54.41
C LEU N 153 -1.93 -42.57 53.50
N ILE N 154 -1.68 -42.69 52.20
CA ILE N 154 -2.49 -42.03 51.17
C ILE N 154 -3.22 -43.11 50.40
N TRP N 155 -4.54 -43.07 50.43
CA TRP N 155 -5.38 -44.11 49.84
C TRP N 155 -6.11 -43.54 48.63
N LYS N 156 -5.97 -44.21 47.49
CA LYS N 156 -6.62 -43.82 46.25
C LYS N 156 -7.70 -44.84 45.92
N ILE N 157 -8.94 -44.38 45.81
CA ILE N 157 -10.09 -45.23 45.51
C ILE N 157 -10.67 -44.75 44.19
N ARG N 158 -10.36 -45.47 43.11
CA ARG N 158 -10.88 -45.14 41.79
C ARG N 158 -12.27 -45.76 41.60
N ASP N 159 -12.96 -45.28 40.56
CA ASP N 159 -14.29 -45.76 40.21
C ASP N 159 -15.25 -45.63 41.39
N TYR N 160 -15.33 -44.41 41.92
CA TYR N 160 -16.17 -44.16 43.10
C TYR N 160 -17.65 -44.32 42.79
N LYS N 161 -18.07 -43.99 41.56
CA LYS N 161 -19.49 -44.02 41.23
C LYS N 161 -20.06 -45.44 41.31
N ARG N 162 -19.37 -46.40 40.69
CA ARG N 162 -19.90 -47.77 40.69
C ARG N 162 -19.81 -48.42 42.06
N ARG N 163 -18.77 -48.09 42.84
CA ARG N 163 -18.62 -48.69 44.16
C ARG N 163 -19.57 -48.08 45.17
N LYS N 164 -19.89 -46.79 45.03
CA LYS N 164 -20.91 -46.19 45.89
C LYS N 164 -22.27 -46.84 45.66
N GLN N 165 -22.60 -47.12 44.40
CA GLN N 165 -23.84 -47.83 44.10
C GLN N 165 -23.83 -49.23 44.68
N GLU N 166 -22.69 -49.91 44.63
CA GLU N 166 -22.58 -51.25 45.22
C GLU N 166 -22.80 -51.20 46.73
N ALA N 167 -22.29 -50.17 47.40
CA ALA N 167 -22.52 -50.02 48.82
C ALA N 167 -24.00 -49.81 49.11
N VAL N 168 -24.68 -49.03 48.28
CA VAL N 168 -26.12 -48.83 48.45
C VAL N 168 -26.87 -50.15 48.24
N MET N 169 -26.50 -50.89 47.20
CA MET N 169 -27.13 -52.18 46.93
C MET N 169 -26.69 -53.27 47.91
N GLY N 170 -25.69 -53.00 48.74
CA GLY N 170 -25.22 -53.98 49.69
C GLY N 170 -24.23 -54.99 49.15
N LYS N 171 -23.78 -54.84 47.90
CA LYS N 171 -22.81 -55.77 47.34
C LYS N 171 -21.50 -55.71 48.09
N THR N 172 -21.03 -54.51 48.42
CA THR N 172 -19.79 -54.31 49.18
C THR N 172 -20.02 -53.15 50.14
N LEU N 173 -20.20 -53.48 51.42
CA LEU N 173 -20.51 -52.44 52.39
C LEU N 173 -19.29 -51.58 52.71
N SER N 174 -18.13 -52.19 52.87
CA SER N 174 -16.93 -51.46 53.27
C SER N 174 -15.74 -51.90 52.42
N LEU N 175 -14.73 -51.04 52.36
CA LEU N 175 -13.51 -51.28 51.61
C LEU N 175 -12.32 -51.19 52.54
N TYR N 176 -11.32 -52.05 52.30
CA TYR N 176 -10.11 -52.09 53.10
C TYR N 176 -8.93 -51.55 52.31
N SER N 177 -8.14 -50.70 52.96
CA SER N 177 -6.96 -50.12 52.33
C SER N 177 -5.78 -51.07 52.43
N GLN N 178 -4.73 -50.77 51.67
CA GLN N 178 -3.50 -51.54 51.76
C GLN N 178 -2.82 -51.28 53.12
N PRO N 179 -2.12 -52.28 53.64
CA PRO N 179 -1.46 -52.09 54.94
C PRO N 179 -0.39 -51.00 54.88
N PHE N 180 -0.28 -50.26 55.97
CA PHE N 180 0.77 -49.24 56.12
C PHE N 180 1.33 -49.34 57.52
N TYR N 181 2.58 -48.89 57.68
CA TYR N 181 3.33 -49.07 58.90
C TYR N 181 3.93 -47.74 59.35
N THR N 182 4.13 -47.61 60.66
CA THR N 182 4.87 -46.47 61.19
C THR N 182 6.36 -46.54 60.85
N GLY N 183 6.88 -47.74 60.61
CA GLY N 183 8.27 -47.91 60.29
C GLY N 183 8.52 -49.29 59.71
N TYR N 184 9.80 -49.60 59.52
CA TYR N 184 10.17 -50.90 58.97
C TYR N 184 9.80 -52.03 59.91
N PHE N 185 9.75 -51.76 61.21
CA PHE N 185 9.39 -52.75 62.22
C PHE N 185 8.38 -52.17 63.21
N GLY N 186 7.36 -51.49 62.68
CA GLY N 186 6.34 -50.87 63.50
C GLY N 186 5.01 -51.59 63.44
N TYR N 187 3.96 -50.87 63.80
CA TYR N 187 2.62 -51.44 63.80
C TYR N 187 2.16 -51.70 62.37
N LYS N 188 1.38 -52.78 62.20
CA LYS N 188 0.75 -53.09 60.92
C LYS N 188 -0.69 -52.58 60.97
N MET N 189 -1.00 -51.60 60.12
CA MET N 189 -2.25 -50.87 60.22
C MET N 189 -2.88 -50.73 58.83
N CYS N 190 -4.16 -50.42 58.82
CA CYS N 190 -4.89 -50.19 57.57
C CYS N 190 -6.09 -49.30 57.87
N ALA N 191 -6.80 -48.92 56.80
CA ALA N 191 -7.96 -48.05 56.88
C ALA N 191 -9.17 -48.72 56.28
N ARG N 192 -10.34 -48.49 56.90
CA ARG N 192 -11.60 -49.04 56.44
C ARG N 192 -12.59 -47.90 56.22
N VAL N 193 -13.29 -47.93 55.10
CA VAL N 193 -14.22 -46.87 54.72
C VAL N 193 -15.56 -47.47 54.33
N TYR N 194 -16.64 -46.79 54.71
CA TYR N 194 -17.99 -47.12 54.26
C TYR N 194 -18.48 -46.01 53.34
N LEU N 195 -18.66 -46.33 52.06
CA LEU N 195 -19.12 -45.33 51.10
C LEU N 195 -20.54 -44.88 51.41
N ASN N 196 -21.41 -45.81 51.79
CA ASN N 196 -22.80 -45.49 52.11
C ASN N 196 -23.02 -45.23 53.59
N GLY N 197 -21.97 -45.30 54.41
CA GLY N 197 -22.09 -45.07 55.83
C GLY N 197 -22.29 -46.37 56.61
N ASP N 198 -22.00 -46.28 57.91
CA ASP N 198 -22.12 -47.41 58.81
C ASP N 198 -22.72 -46.96 60.13
N GLY N 199 -23.50 -47.85 60.74
CA GLY N 199 -24.10 -47.53 62.03
C GLY N 199 -25.06 -46.37 61.92
N MET N 200 -24.86 -45.36 62.78
CA MET N 200 -25.72 -44.20 62.80
C MET N 200 -25.56 -43.31 61.57
N GLY N 201 -24.49 -43.49 60.80
CA GLY N 201 -24.28 -42.70 59.61
C GLY N 201 -24.65 -43.42 58.33
N LYS N 202 -25.41 -44.51 58.46
CA LYS N 202 -25.79 -45.29 57.29
C LYS N 202 -26.80 -44.52 56.45
N GLY N 203 -26.49 -44.37 55.15
CA GLY N 203 -27.38 -43.74 54.21
C GLY N 203 -27.32 -42.23 54.18
N THR N 204 -26.66 -41.59 55.14
CA THR N 204 -26.58 -40.14 55.19
C THR N 204 -25.16 -39.58 55.23
N HIS N 205 -24.18 -40.37 55.68
CA HIS N 205 -22.81 -39.90 55.82
C HIS N 205 -21.86 -40.94 55.24
N LEU N 206 -20.58 -40.58 55.21
CA LEU N 206 -19.51 -41.50 54.86
C LEU N 206 -18.75 -41.86 56.14
N SER N 207 -18.53 -43.15 56.35
CA SER N 207 -17.91 -43.66 57.56
C SER N 207 -16.47 -44.09 57.26
N LEU N 208 -15.54 -43.61 58.07
CA LEU N 208 -14.13 -43.96 57.95
C LEU N 208 -13.68 -44.57 59.27
N PHE N 209 -13.04 -45.74 59.20
CA PHE N 209 -12.62 -46.45 60.39
C PHE N 209 -11.15 -46.81 60.30
N PHE N 210 -10.50 -46.83 61.46
CA PHE N 210 -9.07 -47.06 61.60
C PHE N 210 -8.86 -48.42 62.25
N VAL N 211 -8.05 -49.27 61.61
CA VAL N 211 -7.95 -50.67 61.95
C VAL N 211 -6.51 -51.00 62.31
N ILE N 212 -6.33 -51.77 63.38
CA ILE N 212 -5.03 -52.27 63.80
C ILE N 212 -4.93 -53.73 63.37
N MET N 213 -3.89 -54.05 62.60
CA MET N 213 -3.66 -55.41 62.14
C MET N 213 -2.52 -56.05 62.92
N ARG N 214 -2.46 -57.37 62.87
CA ARG N 214 -1.41 -58.11 63.57
C ARG N 214 -0.09 -57.98 62.83
N GLY N 215 0.87 -57.33 63.45
CA GLY N 215 2.20 -57.19 62.88
C GLY N 215 3.14 -58.29 63.30
N GLU N 216 4.15 -58.55 62.47
CA GLU N 216 5.12 -59.59 62.77
C GLU N 216 6.02 -59.23 63.94
N TYR N 217 6.08 -57.95 64.32
CA TYR N 217 6.92 -57.49 65.42
C TYR N 217 6.07 -56.90 66.55
N ASP N 218 4.84 -57.40 66.70
CA ASP N 218 3.95 -56.89 67.74
C ASP N 218 4.48 -57.17 69.14
N ALA N 219 5.27 -58.23 69.30
CA ALA N 219 5.79 -58.59 70.62
C ALA N 219 6.77 -57.55 71.16
N LEU N 220 7.45 -56.82 70.28
CA LEU N 220 8.41 -55.80 70.69
C LEU N 220 7.81 -54.40 70.75
N LEU N 221 6.52 -54.26 70.44
CA LEU N 221 5.92 -52.93 70.44
C LEU N 221 5.08 -52.71 71.70
N PRO N 222 5.08 -51.49 72.23
CA PRO N 222 4.26 -51.20 73.41
C PRO N 222 2.78 -51.34 73.13
N TRP N 223 2.04 -51.77 74.14
CA TRP N 223 0.60 -51.91 74.08
C TRP N 223 -0.01 -51.36 75.35
N PRO N 224 -1.24 -50.83 75.31
CA PRO N 224 -2.12 -50.68 74.13
C PRO N 224 -1.66 -49.58 73.19
N PHE N 225 -2.19 -49.57 71.95
CA PHE N 225 -1.83 -48.53 71.00
C PHE N 225 -2.27 -47.17 71.51
N LYS N 226 -1.37 -46.19 71.42
CA LYS N 226 -1.65 -44.86 71.93
C LYS N 226 -1.17 -43.73 71.03
N GLN N 227 -0.62 -44.03 69.85
CA GLN N 227 -0.19 -42.98 68.94
C GLN N 227 -1.38 -42.22 68.39
N LYS N 228 -1.26 -40.90 68.33
CA LYS N 228 -2.34 -40.06 67.84
C LYS N 228 -2.64 -40.39 66.39
N VAL N 229 -3.93 -40.54 66.07
CA VAL N 229 -4.38 -40.91 64.74
C VAL N 229 -5.30 -39.80 64.23
N THR N 230 -4.98 -39.28 63.04
CA THR N 230 -5.75 -38.23 62.40
C THR N 230 -6.30 -38.76 61.08
N LEU N 231 -7.62 -38.71 60.91
CA LEU N 231 -8.27 -39.12 59.68
C LEU N 231 -8.60 -37.88 58.85
N MET N 232 -8.11 -37.84 57.62
CA MET N 232 -8.27 -36.68 56.77
C MET N 232 -8.78 -37.10 55.40
N LEU N 233 -9.63 -36.26 54.81
CA LEU N 233 -10.13 -36.45 53.45
C LEU N 233 -9.52 -35.38 52.57
N MET N 234 -8.71 -35.81 51.60
CA MET N 234 -7.98 -34.86 50.78
C MET N 234 -8.91 -34.07 49.86
N ASP N 235 -8.62 -32.78 49.73
CA ASP N 235 -9.39 -31.89 48.85
C ASP N 235 -8.63 -31.77 47.53
N GLN N 236 -9.19 -32.35 46.47
CA GLN N 236 -8.54 -32.36 45.17
C GLN N 236 -8.62 -31.03 44.44
N GLY N 237 -9.42 -30.08 44.95
CA GLY N 237 -9.55 -28.79 44.32
C GLY N 237 -8.40 -27.85 44.67
N SER N 238 -8.44 -26.67 44.03
CA SER N 238 -7.41 -25.67 44.27
C SER N 238 -7.50 -25.08 45.68
N SER N 239 -8.68 -25.14 46.31
CA SER N 239 -8.82 -24.63 47.67
C SER N 239 -8.01 -25.45 48.66
N ARG N 240 -7.88 -26.76 48.42
CA ARG N 240 -7.14 -27.67 49.30
C ARG N 240 -7.70 -27.63 50.72
N ARG N 241 -9.03 -27.52 50.83
CA ARG N 241 -9.70 -27.49 52.13
C ARG N 241 -9.98 -28.94 52.55
N HIS N 242 -8.94 -29.57 53.08
CA HIS N 242 -9.06 -30.97 53.47
C HIS N 242 -9.94 -31.11 54.71
N LEU N 243 -10.88 -32.06 54.67
CA LEU N 243 -11.70 -32.36 55.83
C LEU N 243 -11.00 -33.39 56.70
N GLY N 244 -10.85 -33.09 57.98
CA GLY N 244 -10.11 -33.96 58.87
C GLY N 244 -10.79 -34.08 60.23
N ASP N 245 -10.41 -35.13 60.95
CA ASP N 245 -10.93 -35.38 62.28
C ASP N 245 -9.89 -36.18 63.05
N ALA N 246 -9.24 -35.54 64.02
CA ALA N 246 -8.19 -36.17 64.80
C ALA N 246 -8.77 -36.68 66.13
N PHE N 247 -8.22 -37.79 66.60
CA PHE N 247 -8.70 -38.41 67.83
C PHE N 247 -7.55 -39.16 68.50
N LYS N 248 -7.72 -39.45 69.78
CA LYS N 248 -6.76 -40.20 70.56
C LYS N 248 -7.28 -41.61 70.81
N PRO N 249 -6.49 -42.65 70.58
CA PRO N 249 -6.97 -44.02 70.78
C PRO N 249 -7.47 -44.25 72.20
N ASP N 250 -8.56 -44.99 72.30
CA ASP N 250 -9.16 -45.31 73.59
C ASP N 250 -8.27 -46.30 74.33
N PRO N 251 -7.84 -45.99 75.56
CA PRO N 251 -6.90 -46.87 76.27
C PRO N 251 -7.44 -48.27 76.57
N ASN N 252 -8.77 -48.44 76.56
CA ASN N 252 -9.35 -49.73 76.95
C ASN N 252 -10.35 -50.23 75.92
N SER N 253 -10.00 -50.15 74.64
CA SER N 253 -10.84 -50.67 73.57
C SER N 253 -10.14 -51.83 72.89
N SER N 254 -10.94 -52.79 72.39
CA SER N 254 -10.39 -53.95 71.70
C SER N 254 -9.71 -53.57 70.40
N SER N 255 -9.98 -52.36 69.89
CA SER N 255 -9.38 -51.90 68.66
C SER N 255 -7.89 -51.61 68.80
N PHE N 256 -7.45 -51.17 69.99
CA PHE N 256 -6.06 -50.76 70.19
C PHE N 256 -5.29 -51.70 71.11
N LYS N 257 -5.82 -52.88 71.40
CA LYS N 257 -5.09 -53.87 72.19
C LYS N 257 -4.08 -54.59 71.32
N LYS N 258 -3.35 -55.53 71.92
CA LYS N 258 -2.45 -56.38 71.15
C LYS N 258 -3.27 -57.31 70.28
N PRO N 259 -3.08 -57.31 68.96
CA PRO N 259 -3.93 -58.13 68.09
C PRO N 259 -3.78 -59.61 68.38
N THR N 260 -4.89 -60.34 68.29
CA THR N 260 -4.89 -61.79 68.39
C THR N 260 -5.26 -62.47 67.09
N GLY N 261 -6.15 -61.88 66.31
CA GLY N 261 -6.49 -62.36 64.99
C GLY N 261 -5.78 -61.57 63.90
N GLU N 262 -6.28 -61.70 62.68
CA GLU N 262 -5.68 -60.99 61.55
C GLU N 262 -5.85 -59.48 61.71
N MET N 263 -7.05 -59.03 62.05
CA MET N 263 -7.33 -57.62 62.27
C MET N 263 -8.19 -57.46 63.52
N ASN N 264 -8.11 -56.28 64.12
CA ASN N 264 -8.92 -55.95 65.28
C ASN N 264 -10.23 -55.30 64.83
N ILE N 265 -11.03 -54.88 65.80
CA ILE N 265 -12.29 -54.21 65.50
C ILE N 265 -12.01 -52.82 64.95
N ALA N 266 -12.64 -52.48 63.83
CA ALA N 266 -12.46 -51.17 63.22
C ALA N 266 -13.02 -50.09 64.13
N SER N 267 -12.30 -48.96 64.20
CA SER N 267 -12.71 -47.83 65.02
C SER N 267 -12.48 -46.54 64.25
N GLY N 268 -13.42 -45.61 64.37
CA GLY N 268 -13.31 -44.34 63.68
C GLY N 268 -14.51 -43.45 63.85
N CYS N 269 -14.82 -42.65 62.82
CA CYS N 269 -15.94 -41.70 62.86
C CYS N 269 -16.98 -42.11 61.83
N PRO N 270 -18.09 -42.72 62.25
CA PRO N 270 -19.16 -43.07 61.29
C PRO N 270 -19.80 -41.85 60.66
N VAL N 271 -19.65 -40.67 61.24
CA VAL N 271 -20.27 -39.45 60.73
C VAL N 271 -19.18 -38.47 60.32
N PHE N 272 -18.07 -39.02 59.82
CA PHE N 272 -16.91 -38.23 59.40
C PHE N 272 -17.29 -37.08 58.47
N VAL N 273 -17.85 -37.42 57.31
CA VAL N 273 -18.27 -36.42 56.33
C VAL N 273 -19.66 -36.77 55.82
N ALA N 274 -20.51 -35.75 55.67
CA ALA N 274 -21.84 -35.95 55.14
C ALA N 274 -21.76 -36.30 53.65
N GLN N 275 -22.67 -37.17 53.20
CA GLN N 275 -22.66 -37.59 51.80
C GLN N 275 -22.91 -36.41 50.87
N THR N 276 -23.85 -35.54 51.23
CA THR N 276 -24.12 -34.36 50.40
C THR N 276 -22.91 -33.43 50.34
N VAL N 277 -22.25 -33.23 51.49
CA VAL N 277 -21.06 -32.38 51.53
C VAL N 277 -19.96 -32.96 50.65
N LEU N 278 -19.78 -34.28 50.72
CA LEU N 278 -18.78 -34.94 49.87
C LEU N 278 -19.08 -34.75 48.40
N GLU N 279 -20.36 -34.79 48.02
CA GLU N 279 -20.77 -34.72 46.62
C GLU N 279 -21.05 -33.29 46.16
N ASN N 280 -20.34 -32.31 46.71
CA ASN N 280 -20.45 -30.92 46.31
C ASN N 280 -19.19 -30.47 45.56
N GLY N 281 -18.55 -31.40 44.87
CA GLY N 281 -17.39 -31.07 44.05
C GLY N 281 -16.10 -30.97 44.85
N THR N 282 -15.00 -30.85 44.11
CA THR N 282 -13.65 -30.66 44.64
C THR N 282 -13.17 -31.88 45.42
N TYR N 283 -14.00 -32.91 45.52
CA TYR N 283 -13.64 -34.13 46.25
C TYR N 283 -13.67 -35.38 45.39
N ILE N 284 -14.42 -35.38 44.30
CA ILE N 284 -14.46 -36.52 43.39
C ILE N 284 -14.03 -36.05 42.00
N LYS N 285 -12.74 -36.21 41.69
CA LYS N 285 -12.22 -35.89 40.37
C LYS N 285 -11.86 -37.19 39.66
N ASP N 286 -12.33 -37.33 38.42
CA ASP N 286 -12.13 -38.55 37.63
C ASP N 286 -12.67 -39.77 38.38
N ASP N 287 -13.78 -39.58 39.08
CA ASP N 287 -14.42 -40.64 39.85
C ASP N 287 -13.45 -41.29 40.83
N THR N 288 -12.64 -40.47 41.50
CA THR N 288 -11.61 -40.97 42.41
C THR N 288 -11.55 -40.07 43.64
N ILE N 289 -11.41 -40.69 44.81
CA ILE N 289 -11.30 -39.98 46.08
C ILE N 289 -9.97 -40.33 46.72
N PHE N 290 -9.45 -39.40 47.52
CA PHE N 290 -8.18 -39.55 48.20
C PHE N 290 -8.40 -39.46 49.70
N ILE N 291 -7.89 -40.44 50.45
CA ILE N 291 -8.03 -40.51 51.90
C ILE N 291 -6.65 -40.52 52.52
N LYS N 292 -6.41 -39.61 53.46
CA LYS N 292 -5.13 -39.47 54.14
C LYS N 292 -5.28 -39.82 55.62
N VAL N 293 -4.41 -40.70 56.11
CA VAL N 293 -4.36 -41.07 57.51
C VAL N 293 -2.98 -40.74 58.04
N ILE N 294 -2.92 -39.98 59.13
CA ILE N 294 -1.68 -39.53 59.72
C ILE N 294 -1.57 -40.13 61.12
N VAL N 295 -0.50 -40.85 61.39
CA VAL N 295 -0.23 -41.44 62.69
C VAL N 295 1.06 -40.83 63.24
N ASP N 296 0.98 -40.28 64.44
CA ASP N 296 2.15 -39.64 65.04
C ASP N 296 3.15 -40.69 65.49
N THR N 297 4.41 -40.50 65.10
CA THR N 297 5.49 -41.43 65.44
C THR N 297 6.60 -40.75 66.23
N SER N 298 6.32 -39.60 66.85
CA SER N 298 7.34 -38.85 67.57
C SER N 298 7.73 -39.52 68.88
N ASP N 299 6.94 -40.46 69.39
CA ASP N 299 7.22 -41.13 70.65
C ASP N 299 7.48 -42.62 70.44
N LEU N 300 7.96 -43.00 69.26
CA LEU N 300 8.25 -44.39 68.94
C LEU N 300 9.69 -44.53 68.49
N PRO N 301 10.47 -45.44 69.10
CA PRO N 301 11.88 -45.67 68.74
C PRO N 301 12.07 -46.08 67.28
N HIS O 123 -4.61 -76.57 26.87
CA HIS O 123 -3.58 -76.55 27.89
C HIS O 123 -2.35 -75.80 27.41
N ASP O 124 -2.02 -75.96 26.13
CA ASP O 124 -0.86 -75.28 25.56
C ASP O 124 -1.05 -73.77 25.57
N GLN O 125 -2.26 -73.31 25.25
CA GLN O 125 -2.53 -71.87 25.25
C GLN O 125 -2.37 -71.27 26.64
N MET O 126 -2.87 -71.97 27.67
CA MET O 126 -2.72 -71.49 29.03
C MET O 126 -1.26 -71.48 29.46
N LEU O 127 -0.49 -72.47 29.03
CA LEU O 127 0.93 -72.50 29.35
C LEU O 127 1.67 -71.32 28.74
N SER O 128 1.33 -70.96 27.51
CA SER O 128 1.94 -69.78 26.88
C SER O 128 1.59 -68.51 27.63
N VAL O 129 0.34 -68.39 28.08
CA VAL O 129 -0.06 -67.24 28.88
C VAL O 129 0.71 -67.21 30.19
N HIS O 130 0.88 -68.37 30.82
CA HIS O 130 1.62 -68.43 32.08
C HIS O 130 3.06 -68.00 31.89
N ASP O 131 3.70 -68.42 30.79
CA ASP O 131 5.08 -68.01 30.53
C ASP O 131 5.19 -66.51 30.37
N ILE O 132 4.23 -65.89 29.68
CA ILE O 132 4.24 -64.44 29.52
C ILE O 132 4.06 -63.75 30.86
N ARG O 133 3.11 -64.25 31.66
CA ARG O 133 2.86 -63.66 32.97
C ARG O 133 4.06 -63.84 33.89
N LEU O 134 4.70 -65.01 33.85
CA LEU O 134 5.88 -65.24 34.68
C LEU O 134 7.01 -64.30 34.29
N ALA O 135 7.22 -64.10 32.99
CA ALA O 135 8.25 -63.17 32.53
C ALA O 135 7.94 -61.74 32.97
N ASP O 136 6.66 -61.34 32.89
CA ASP O 136 6.27 -60.00 33.31
C ASP O 136 6.53 -59.80 34.80
N MET O 137 6.24 -60.82 35.61
CA MET O 137 6.48 -60.71 37.05
C MET O 137 7.95 -60.57 37.36
N ASP O 138 8.81 -61.26 36.59
CA ASP O 138 10.25 -61.17 36.83
C ASP O 138 10.76 -59.75 36.69
N LEU O 139 10.29 -59.03 35.67
CA LEU O 139 10.64 -57.62 35.53
C LEU O 139 10.05 -56.80 36.68
N ARG O 140 8.88 -57.21 37.20
CA ARG O 140 8.26 -56.48 38.29
C ARG O 140 9.08 -56.59 39.58
N PHE O 141 9.69 -57.76 39.81
CA PHE O 141 10.53 -57.92 41.00
C PHE O 141 11.72 -56.97 40.96
N GLN O 142 12.37 -56.87 39.80
CA GLN O 142 13.59 -56.07 39.69
C GLN O 142 13.30 -54.59 39.91
N VAL O 143 12.17 -54.10 39.39
CA VAL O 143 11.81 -52.69 39.56
C VAL O 143 11.60 -52.37 41.03
N LEU O 144 10.88 -53.25 41.75
CA LEU O 144 10.67 -53.03 43.17
C LEU O 144 11.96 -53.21 43.96
N GLU O 145 12.83 -54.12 43.52
CA GLU O 145 14.09 -54.34 44.23
C GLU O 145 14.98 -53.10 44.20
N THR O 146 15.03 -52.42 43.06
CA THR O 146 15.87 -51.24 42.88
C THR O 146 15.09 -49.94 43.05
N ALA O 147 13.84 -50.00 43.49
CA ALA O 147 13.05 -48.80 43.69
C ALA O 147 13.62 -47.97 44.84
N SER O 148 13.55 -46.65 44.70
CA SER O 148 14.05 -45.72 45.69
C SER O 148 12.99 -44.67 45.99
N TYR O 149 12.99 -44.18 47.23
CA TYR O 149 12.00 -43.19 47.65
C TYR O 149 12.63 -42.02 48.40
N ASN O 150 13.92 -41.78 48.21
CA ASN O 150 14.61 -40.68 48.88
C ASN O 150 14.94 -39.52 47.95
N GLY O 151 14.47 -39.57 46.70
CA GLY O 151 14.74 -38.52 45.74
C GLY O 151 16.09 -38.60 45.06
N VAL O 152 16.88 -39.62 45.36
CA VAL O 152 18.20 -39.81 44.75
C VAL O 152 18.20 -41.16 44.05
N LEU O 153 18.59 -41.18 42.78
CA LEU O 153 18.60 -42.38 41.97
C LEU O 153 20.03 -42.74 41.59
N ILE O 154 20.41 -43.99 41.85
CA ILE O 154 21.70 -44.53 41.43
C ILE O 154 21.42 -45.60 40.38
N TRP O 155 21.92 -45.40 39.18
CA TRP O 155 21.64 -46.27 38.04
C TRP O 155 22.89 -47.04 37.67
N LYS O 156 22.78 -48.36 37.61
CA LYS O 156 23.88 -49.23 37.23
C LYS O 156 23.58 -49.83 35.86
N ILE O 157 24.48 -49.60 34.90
CA ILE O 157 24.32 -50.08 33.54
C ILE O 157 25.50 -51.00 33.26
N ARG O 158 25.27 -52.31 33.33
CA ARG O 158 26.30 -53.30 33.07
C ARG O 158 26.38 -53.58 31.57
N ASP O 159 27.48 -54.23 31.17
CA ASP O 159 27.73 -54.59 29.78
C ASP O 159 27.67 -53.36 28.87
N TYR O 160 28.48 -52.35 29.23
CA TYR O 160 28.48 -51.10 28.49
C TYR O 160 29.03 -51.28 27.06
N LYS O 161 30.00 -52.19 26.88
CA LYS O 161 30.63 -52.33 25.58
C LYS O 161 29.65 -52.79 24.51
N ARG O 162 28.87 -53.84 24.81
CA ARG O 162 27.94 -54.36 23.81
C ARG O 162 26.77 -53.42 23.57
N ARG O 163 26.32 -52.70 24.60
CA ARG O 163 25.21 -51.79 24.43
C ARG O 163 25.61 -50.51 23.73
N LYS O 164 26.85 -50.04 23.92
CA LYS O 164 27.34 -48.90 23.16
C LYS O 164 27.41 -49.23 21.68
N GLN O 165 27.85 -50.45 21.34
CA GLN O 165 27.86 -50.87 19.94
C GLN O 165 26.44 -50.93 19.38
N GLU O 166 25.49 -51.40 20.19
CA GLU O 166 24.09 -51.45 19.74
C GLU O 166 23.55 -50.05 19.45
N ALA O 167 23.93 -49.08 20.29
CA ALA O 167 23.52 -47.70 20.04
C ALA O 167 24.10 -47.17 18.74
N VAL O 168 25.37 -47.52 18.45
CA VAL O 168 25.98 -47.12 17.19
C VAL O 168 25.26 -47.78 16.02
N MET O 169 24.97 -49.07 16.14
CA MET O 169 24.25 -49.78 15.08
C MET O 169 22.78 -49.42 15.02
N GLY O 170 22.27 -48.67 15.99
CA GLY O 170 20.87 -48.28 16.00
C GLY O 170 19.91 -49.31 16.55
N LYS O 171 20.42 -50.42 17.10
CA LYS O 171 19.54 -51.43 17.67
C LYS O 171 18.77 -50.88 18.87
N THR O 172 19.45 -50.13 19.73
CA THR O 172 18.83 -49.52 20.90
C THR O 172 19.45 -48.13 21.08
N LEU O 173 18.70 -47.10 20.71
CA LEU O 173 19.23 -45.74 20.76
C LEU O 173 19.36 -45.24 22.19
N SER O 174 18.36 -45.50 23.03
CA SER O 174 18.33 -44.97 24.39
C SER O 174 17.92 -46.05 25.36
N LEU O 175 18.28 -45.85 26.62
CA LEU O 175 17.96 -46.77 27.71
C LEU O 175 17.18 -46.03 28.79
N TYR O 176 16.22 -46.73 29.40
CA TYR O 176 15.38 -46.17 30.45
C TYR O 176 15.74 -46.78 31.79
N SER O 177 15.87 -45.94 32.80
CA SER O 177 16.18 -46.39 34.14
C SER O 177 14.92 -46.84 34.87
N GLN O 178 15.12 -47.52 36.00
CA GLN O 178 13.99 -47.91 36.84
C GLN O 178 13.37 -46.67 37.47
N PRO O 179 12.06 -46.69 37.72
CA PRO O 179 11.41 -45.52 38.32
C PRO O 179 11.93 -45.24 39.72
N PHE O 180 12.04 -43.95 40.05
CA PHE O 180 12.42 -43.52 41.38
C PHE O 180 11.53 -42.35 41.80
N TYR O 181 11.37 -42.17 43.10
CA TYR O 181 10.42 -41.23 43.66
C TYR O 181 11.09 -40.34 44.69
N THR O 182 10.56 -39.13 44.84
CA THR O 182 10.98 -38.26 45.93
C THR O 182 10.53 -38.77 47.28
N GLY O 183 9.46 -39.56 47.33
CA GLY O 183 8.94 -40.07 48.56
C GLY O 183 7.98 -41.21 48.30
N TYR O 184 7.33 -41.65 49.38
CA TYR O 184 6.36 -42.74 49.26
C TYR O 184 5.16 -42.34 48.42
N PHE O 185 4.84 -41.04 48.41
CA PHE O 185 3.71 -40.51 47.64
C PHE O 185 4.15 -39.26 46.87
N GLY O 186 5.30 -39.32 46.22
CA GLY O 186 5.83 -38.21 45.47
C GLY O 186 5.74 -38.42 43.97
N TYR O 187 6.57 -37.67 43.25
CA TYR O 187 6.59 -37.76 41.80
C TYR O 187 7.17 -39.10 41.35
N LYS O 188 6.65 -39.62 40.24
CA LYS O 188 7.19 -40.82 39.61
C LYS O 188 8.10 -40.40 38.48
N MET O 189 9.39 -40.72 38.62
CA MET O 189 10.42 -40.17 37.74
C MET O 189 11.35 -41.28 37.29
N CYS O 190 12.10 -41.01 36.22
CA CYS O 190 13.10 -41.95 35.71
C CYS O 190 14.14 -41.17 34.94
N ALA O 191 15.17 -41.89 34.48
CA ALA O 191 16.28 -41.31 33.75
C ALA O 191 16.44 -42.00 32.40
N ARG O 192 16.78 -41.21 31.39
CA ARG O 192 17.00 -41.71 30.03
C ARG O 192 18.39 -41.30 29.57
N VAL O 193 19.12 -42.25 28.97
CA VAL O 193 20.50 -42.03 28.55
C VAL O 193 20.66 -42.48 27.10
N TYR O 194 21.46 -41.74 26.34
CA TYR O 194 21.87 -42.12 25.00
C TYR O 194 23.36 -42.41 25.02
N LEU O 195 23.72 -43.68 24.80
CA LEU O 195 25.13 -44.06 24.84
C LEU O 195 25.90 -43.44 23.68
N ASN O 196 25.29 -43.39 22.49
CA ASN O 196 25.92 -42.80 21.32
C ASN O 196 25.56 -41.33 21.12
N GLY O 197 24.77 -40.76 22.01
CA GLY O 197 24.38 -39.37 21.90
C GLY O 197 23.05 -39.18 21.18
N ASP O 198 22.45 -38.01 21.39
CA ASP O 198 21.17 -37.67 20.80
C ASP O 198 21.19 -36.22 20.35
N GLY O 199 20.48 -35.95 19.25
CA GLY O 199 20.40 -34.59 18.74
C GLY O 199 21.76 -34.09 18.30
N MET O 200 22.13 -32.92 18.82
CA MET O 200 23.41 -32.30 18.47
C MET O 200 24.60 -33.05 19.03
N GLY O 201 24.40 -33.95 19.99
CA GLY O 201 25.49 -34.70 20.56
C GLY O 201 25.60 -36.12 20.01
N LYS O 202 24.92 -36.38 18.90
CA LYS O 202 24.93 -37.71 18.31
C LYS O 202 26.29 -38.03 17.73
N GLY O 203 26.86 -39.16 18.15
CA GLY O 203 28.13 -39.64 17.63
C GLY O 203 29.36 -39.04 18.25
N THR O 204 29.22 -37.98 19.05
CA THR O 204 30.37 -37.33 19.68
C THR O 204 30.27 -37.22 21.19
N HIS O 205 29.08 -37.27 21.78
CA HIS O 205 28.90 -37.10 23.21
C HIS O 205 27.94 -38.17 23.72
N LEU O 206 27.78 -38.19 25.04
CA LEU O 206 26.78 -39.02 25.70
C LEU O 206 25.66 -38.12 26.19
N SER O 207 24.42 -38.49 25.88
CA SER O 207 23.25 -37.68 26.20
C SER O 207 22.50 -38.31 27.36
N LEU O 208 22.20 -37.49 28.37
CA LEU O 208 21.45 -37.90 29.54
C LEU O 208 20.20 -37.03 29.65
N PHE O 209 19.03 -37.66 29.79
CA PHE O 209 17.77 -36.94 29.84
C PHE O 209 16.98 -37.35 31.07
N PHE O 210 16.23 -36.38 31.59
CA PHE O 210 15.45 -36.53 32.81
C PHE O 210 13.98 -36.55 32.45
N VAL O 211 13.26 -37.57 32.91
CA VAL O 211 11.92 -37.88 32.45
C VAL O 211 10.96 -37.85 33.63
N ILE O 212 9.80 -37.23 33.43
CA ILE O 212 8.73 -37.22 34.42
C ILE O 212 7.67 -38.23 33.99
N MET O 213 7.37 -39.18 34.86
CA MET O 213 6.36 -40.20 34.59
C MET O 213 5.08 -39.90 35.35
N ARG O 214 3.99 -40.51 34.91
CA ARG O 214 2.69 -40.32 35.54
C ARG O 214 2.63 -41.08 36.86
N GLY O 215 2.54 -40.36 37.97
CA GLY O 215 2.43 -40.97 39.27
C GLY O 215 0.99 -41.16 39.69
N GLU O 216 0.77 -42.13 40.59
CA GLU O 216 -0.57 -42.41 41.06
C GLU O 216 -1.12 -41.32 41.96
N TYR O 217 -0.25 -40.44 42.48
CA TYR O 217 -0.66 -39.35 43.36
C TYR O 217 -0.36 -38.00 42.73
N ASP O 218 -0.38 -37.92 41.40
CA ASP O 218 -0.08 -36.68 40.72
C ASP O 218 -1.12 -35.60 41.01
N ALA O 219 -2.36 -36.00 41.32
CA ALA O 219 -3.40 -35.03 41.59
C ALA O 219 -3.15 -34.21 42.85
N LEU O 220 -2.42 -34.77 43.81
CA LEU O 220 -2.11 -34.08 45.07
C LEU O 220 -0.76 -33.37 45.03
N LEU O 221 -0.05 -33.42 43.92
CA LEU O 221 1.27 -32.80 43.87
C LEU O 221 1.21 -31.48 43.11
N PRO O 222 1.99 -30.49 43.54
CA PRO O 222 2.01 -29.20 42.82
C PRO O 222 2.57 -29.36 41.42
N TRP O 223 2.04 -28.54 40.51
CA TRP O 223 2.49 -28.48 39.13
C TRP O 223 2.60 -27.03 38.70
N PRO O 224 3.51 -26.71 37.77
CA PRO O 224 4.47 -27.60 37.08
C PRO O 224 5.62 -28.04 37.99
N PHE O 225 6.35 -29.08 37.58
CA PHE O 225 7.50 -29.54 38.36
C PHE O 225 8.56 -28.46 38.45
N LYS O 226 9.06 -28.22 39.66
CA LYS O 226 10.04 -27.17 39.88
C LYS O 226 11.19 -27.56 40.80
N GLN O 227 11.24 -28.81 41.26
CA GLN O 227 12.35 -29.24 42.12
C GLN O 227 13.65 -29.26 41.33
N LYS O 228 14.72 -28.78 41.96
CA LYS O 228 16.01 -28.74 41.30
C LYS O 228 16.50 -30.15 40.98
N VAL O 229 16.98 -30.34 39.77
CA VAL O 229 17.42 -31.64 39.29
C VAL O 229 18.89 -31.53 38.90
N THR O 230 19.72 -32.41 39.46
CA THR O 230 21.14 -32.45 39.17
C THR O 230 21.49 -33.80 38.56
N LEU O 231 22.08 -33.78 37.37
CA LEU O 231 22.52 -34.98 36.68
C LEU O 231 24.02 -35.16 36.91
N MET O 232 24.40 -36.31 37.45
CA MET O 232 25.79 -36.57 37.79
C MET O 232 26.23 -37.92 37.25
N LEU O 233 27.49 -37.99 36.81
CA LEU O 233 28.10 -39.23 36.35
C LEU O 233 29.14 -39.65 37.38
N MET O 234 28.92 -40.79 38.03
CA MET O 234 29.78 -41.22 39.12
C MET O 234 31.16 -41.59 38.61
N ASP O 235 32.19 -41.20 39.37
CA ASP O 235 33.58 -41.53 39.06
C ASP O 235 33.97 -42.75 39.89
N GLN O 236 34.16 -43.88 39.21
CA GLN O 236 34.48 -45.13 39.89
C GLN O 236 35.93 -45.20 40.36
N GLY O 237 36.78 -44.26 39.95
CA GLY O 237 38.17 -44.27 40.37
C GLY O 237 38.37 -43.70 41.75
N SER O 238 39.61 -43.76 42.21
CA SER O 238 39.96 -43.23 43.53
C SER O 238 39.87 -41.71 43.58
N SER O 239 39.97 -41.03 42.44
CA SER O 239 39.86 -39.58 42.43
C SER O 239 38.45 -39.13 42.79
N ARG O 240 37.43 -39.91 42.43
CA ARG O 240 36.04 -39.59 42.71
C ARG O 240 35.64 -38.24 42.12
N ARG O 241 36.18 -37.93 40.94
CA ARG O 241 35.88 -36.68 40.25
C ARG O 241 34.62 -36.88 39.42
N HIS O 242 33.48 -36.80 40.09
CA HIS O 242 32.20 -37.02 39.43
C HIS O 242 31.88 -35.86 38.50
N LEU O 243 31.46 -36.19 37.28
CA LEU O 243 31.01 -35.18 36.33
C LEU O 243 29.52 -34.93 36.53
N GLY O 244 29.16 -33.66 36.70
CA GLY O 244 27.80 -33.30 37.00
C GLY O 244 27.35 -32.07 36.25
N ASP O 245 26.04 -31.90 36.16
CA ASP O 245 25.44 -30.75 35.49
C ASP O 245 24.07 -30.52 36.11
N ALA O 246 23.94 -29.46 36.90
CA ALA O 246 22.69 -29.14 37.57
C ALA O 246 21.91 -28.10 36.77
N PHE O 247 20.58 -28.21 36.83
CA PHE O 247 19.71 -27.31 36.07
C PHE O 247 18.39 -27.17 36.81
N LYS O 248 17.66 -26.11 36.46
CA LYS O 248 16.34 -25.83 37.02
C LYS O 248 15.28 -26.15 35.98
N PRO O 249 14.23 -26.90 36.34
CA PRO O 249 13.19 -27.23 35.35
C PRO O 249 12.57 -25.99 34.72
N ASP O 250 12.32 -26.09 33.41
CA ASP O 250 11.71 -25.00 32.66
C ASP O 250 10.25 -24.86 33.07
N PRO O 251 9.81 -23.67 33.52
CA PRO O 251 8.43 -23.52 34.00
C PRO O 251 7.36 -23.77 32.95
N ASN O 252 7.70 -23.70 31.66
CA ASN O 252 6.69 -23.82 30.61
C ASN O 252 7.09 -24.85 29.55
N SER O 253 7.58 -26.00 29.98
CA SER O 253 7.93 -27.09 29.08
C SER O 253 7.01 -28.27 29.32
N SER O 254 6.74 -29.03 28.26
CA SER O 254 5.88 -30.21 28.37
C SER O 254 6.52 -31.29 29.22
N SER O 255 7.82 -31.21 29.45
CA SER O 255 8.52 -32.20 30.26
C SER O 255 8.14 -32.12 31.74
N PHE O 256 7.83 -30.92 32.24
CA PHE O 256 7.57 -30.72 33.66
C PHE O 256 6.12 -30.38 33.96
N LYS O 257 5.21 -30.56 33.00
CA LYS O 257 3.79 -30.35 33.25
C LYS O 257 3.20 -31.56 33.96
N LYS O 258 1.91 -31.50 34.24
CA LYS O 258 1.21 -32.65 34.79
C LYS O 258 1.12 -33.74 33.73
N PRO O 259 1.63 -34.94 33.99
CA PRO O 259 1.64 -35.96 32.94
C PRO O 259 0.23 -36.35 32.50
N THR O 260 0.09 -36.61 31.21
CA THR O 260 -1.15 -37.14 30.64
C THR O 260 -1.01 -38.56 30.12
N GLY O 261 0.14 -38.90 29.57
CA GLY O 261 0.45 -40.25 29.16
C GLY O 261 1.30 -40.98 30.18
N GLU O 262 1.91 -42.07 29.74
CA GLU O 262 2.77 -42.85 30.64
C GLU O 262 4.00 -42.05 31.04
N MET O 263 4.67 -41.42 30.08
CA MET O 263 5.84 -40.59 30.36
C MET O 263 5.73 -39.31 29.54
N ASN O 264 6.41 -38.27 30.03
CA ASN O 264 6.49 -37.00 29.34
C ASN O 264 7.70 -36.98 28.41
N ILE O 265 7.92 -35.83 27.78
CA ILE O 265 9.06 -35.68 26.88
C ILE O 265 10.34 -35.61 27.71
N ALA O 266 11.33 -36.40 27.31
CA ALA O 266 12.60 -36.41 28.02
C ALA O 266 13.31 -35.08 27.87
N SER O 267 13.94 -34.62 28.94
CA SER O 267 14.67 -33.36 28.96
C SER O 267 15.98 -33.52 29.70
N GLY O 268 17.04 -32.91 29.18
CA GLY O 268 18.34 -33.02 29.81
C GLY O 268 19.45 -32.34 29.02
N CYS O 269 20.66 -32.89 29.11
CA CYS O 269 21.83 -32.34 28.43
C CYS O 269 22.33 -33.31 27.38
N PRO O 270 22.04 -33.06 26.10
CA PRO O 270 22.58 -33.94 25.04
C PRO O 270 24.09 -33.93 24.95
N VAL O 271 24.75 -32.91 25.50
CA VAL O 271 26.20 -32.78 25.42
C VAL O 271 26.78 -32.88 26.83
N PHE O 272 26.15 -33.69 27.67
CA PHE O 272 26.55 -33.86 29.07
C PHE O 272 28.04 -34.17 29.21
N VAL O 273 28.48 -35.28 28.64
CA VAL O 273 29.88 -35.69 28.69
C VAL O 273 30.32 -36.13 27.31
N ALA O 274 31.53 -35.74 26.92
CA ALA O 274 32.09 -36.16 25.64
C ALA O 274 32.41 -37.65 25.68
N GLN O 275 32.23 -38.32 24.54
CA GLN O 275 32.49 -39.76 24.46
C GLN O 275 33.96 -40.07 24.75
N THR O 276 34.86 -39.26 24.19
CA THR O 276 36.29 -39.47 24.44
C THR O 276 36.64 -39.27 25.91
N VAL O 277 36.06 -38.23 26.53
CA VAL O 277 36.30 -37.97 27.95
C VAL O 277 35.81 -39.14 28.79
N LEU O 278 34.62 -39.65 28.46
CA LEU O 278 34.08 -40.81 29.17
C LEU O 278 34.99 -42.02 29.05
N GLU O 279 35.60 -42.23 27.88
CA GLU O 279 36.41 -43.41 27.62
C GLU O 279 37.89 -43.18 27.93
N ASN O 280 38.18 -42.36 28.93
CA ASN O 280 39.55 -42.12 29.38
C ASN O 280 39.79 -42.74 30.75
N GLY O 281 39.08 -43.84 31.04
CA GLY O 281 39.29 -44.56 32.28
C GLY O 281 38.55 -43.95 33.46
N THR O 282 38.56 -44.69 34.57
CA THR O 282 37.99 -44.30 35.85
C THR O 282 36.47 -44.16 35.79
N TYR O 283 35.88 -44.42 34.62
CA TYR O 283 34.44 -44.32 34.45
C TYR O 283 33.79 -45.61 33.98
N ILE O 284 34.54 -46.52 33.36
CA ILE O 284 34.02 -47.80 32.95
C ILE O 284 34.84 -48.90 33.61
N LYS O 285 34.37 -49.39 34.75
CA LYS O 285 35.02 -50.51 35.43
C LYS O 285 34.13 -51.74 35.32
N ASP O 286 34.73 -52.86 34.90
CA ASP O 286 34.00 -54.10 34.66
C ASP O 286 32.87 -53.90 33.66
N ASP O 287 33.12 -53.05 32.66
CA ASP O 287 32.15 -52.72 31.63
C ASP O 287 30.84 -52.24 32.23
N THR O 288 30.91 -51.39 33.24
CA THR O 288 29.73 -50.89 33.94
C THR O 288 29.91 -49.42 34.27
N ILE O 289 28.84 -48.65 34.08
CA ILE O 289 28.84 -47.22 34.38
C ILE O 289 27.78 -46.94 35.44
N PHE O 290 28.01 -45.89 36.21
CA PHE O 290 27.12 -45.49 37.29
C PHE O 290 26.62 -44.07 37.04
N ILE O 291 25.30 -43.88 37.09
CA ILE O 291 24.67 -42.59 36.85
C ILE O 291 23.88 -42.20 38.08
N LYS O 292 24.14 -40.99 38.59
CA LYS O 292 23.48 -40.48 39.79
C LYS O 292 22.62 -39.28 39.42
N VAL O 293 21.35 -39.31 39.86
CA VAL O 293 20.42 -38.21 39.67
C VAL O 293 19.95 -37.75 41.05
N ILE O 294 20.09 -36.46 41.32
CA ILE O 294 19.73 -35.88 42.61
C ILE O 294 18.61 -34.88 42.40
N VAL O 295 17.50 -35.08 43.10
CA VAL O 295 16.34 -34.19 43.04
C VAL O 295 16.13 -33.60 44.42
N ASP O 296 16.10 -32.26 44.49
CA ASP O 296 15.93 -31.59 45.77
C ASP O 296 14.51 -31.75 46.28
N THR O 297 14.37 -32.17 47.54
CA THR O 297 13.06 -32.38 48.15
C THR O 297 12.87 -31.51 49.39
N SER O 298 13.65 -30.44 49.53
CA SER O 298 13.57 -29.59 50.72
C SER O 298 12.31 -28.73 50.75
N ASP O 299 11.61 -28.58 49.63
CA ASP O 299 10.39 -27.78 49.55
C ASP O 299 9.17 -28.62 49.24
N LEU O 300 9.20 -29.89 49.61
CA LEU O 300 8.09 -30.81 49.37
C LEU O 300 7.64 -31.44 50.67
N PRO O 301 6.34 -31.37 51.01
CA PRO O 301 5.79 -31.95 52.24
C PRO O 301 6.02 -33.45 52.34
N SER P 160 35.79 -57.72 72.14
CA SER P 160 35.39 -56.86 71.03
C SER P 160 36.08 -57.28 69.74
N VAL P 161 37.05 -58.18 69.86
CA VAL P 161 37.80 -58.66 68.69
C VAL P 161 36.89 -59.59 67.87
N PRO P 162 36.69 -59.32 66.59
CA PRO P 162 35.88 -60.21 65.76
C PRO P 162 36.48 -61.60 65.68
N VAL P 163 35.62 -62.61 65.64
CA VAL P 163 36.02 -64.00 65.57
C VAL P 163 35.46 -64.59 64.27
N PRO P 164 36.30 -65.19 63.43
CA PRO P 164 35.80 -65.78 62.17
C PRO P 164 34.86 -66.96 62.41
N ALA P 165 34.22 -67.44 61.36
CA ALA P 165 33.29 -68.55 61.44
C ALA P 165 34.01 -69.86 61.13
N THR P 166 33.24 -70.95 61.20
CA THR P 166 33.73 -72.31 60.94
C THR P 166 32.85 -72.98 59.89
N GLU P 167 32.65 -72.28 58.77
CA GLU P 167 31.77 -72.71 57.68
C GLU P 167 31.96 -74.18 57.32
N LEU P 168 30.95 -75.00 57.56
CA LEU P 168 30.96 -76.41 57.20
C LEU P 168 29.88 -76.74 56.18
N GLY P 169 28.63 -76.37 56.44
CA GLY P 169 27.55 -76.65 55.52
C GLY P 169 26.22 -76.62 56.25
N SER P 170 25.21 -77.18 55.58
CA SER P 170 23.84 -77.26 56.11
C SER P 170 23.33 -75.88 56.49
N THR P 171 23.26 -75.00 55.49
CA THR P 171 22.82 -73.63 55.65
C THR P 171 21.48 -73.44 54.96
N GLU P 172 20.47 -72.98 55.70
CA GLU P 172 19.14 -72.73 55.17
C GLU P 172 18.70 -71.35 55.61
N LEU P 173 18.47 -70.46 54.64
CA LEU P 173 17.95 -69.13 54.96
C LEU P 173 16.52 -69.24 55.48
N VAL P 174 16.26 -68.60 56.61
CA VAL P 174 14.95 -68.62 57.24
C VAL P 174 14.48 -67.19 57.48
N THR P 175 13.29 -66.87 57.00
CA THR P 175 12.67 -65.56 57.25
C THR P 175 11.19 -65.69 56.94
N THR P 176 10.34 -65.44 57.93
CA THR P 176 8.90 -65.52 57.72
C THR P 176 8.16 -64.79 58.84
N SER Q 160 -14.15 -36.80 69.80
CA SER Q 160 -12.83 -37.39 69.82
C SER Q 160 -12.88 -38.81 70.36
N VAL Q 161 -14.03 -39.20 70.91
CA VAL Q 161 -14.21 -40.54 71.47
C VAL Q 161 -14.28 -41.54 70.32
N PRO Q 162 -13.44 -42.58 70.31
CA PRO Q 162 -13.52 -43.59 69.25
C PRO Q 162 -14.86 -44.31 69.28
N VAL Q 163 -15.34 -44.66 68.09
CA VAL Q 163 -16.62 -45.34 67.91
C VAL Q 163 -16.34 -46.69 67.26
N PRO Q 164 -16.79 -47.81 67.84
CA PRO Q 164 -16.55 -49.11 67.20
C PRO Q 164 -17.28 -49.27 65.88
N ALA Q 165 -16.98 -50.34 65.16
CA ALA Q 165 -17.59 -50.61 63.87
C ALA Q 165 -18.80 -51.52 64.03
N THR Q 166 -19.44 -51.82 62.90
CA THR Q 166 -20.63 -52.67 62.84
C THR Q 166 -20.40 -53.78 61.82
N GLU Q 167 -19.29 -54.49 61.98
CA GLU Q 167 -18.84 -55.54 61.06
C GLU Q 167 -19.97 -56.50 60.68
N LEU Q 168 -20.36 -56.50 59.41
CA LEU Q 168 -21.38 -57.40 58.90
C LEU Q 168 -20.83 -58.33 57.83
N GLY Q 169 -20.16 -57.78 56.81
CA GLY Q 169 -19.60 -58.60 55.75
C GLY Q 169 -19.39 -57.77 54.50
N SER Q 170 -19.19 -58.48 53.38
CA SER Q 170 -18.98 -57.86 52.08
C SER Q 170 -17.81 -56.89 52.12
N THR Q 171 -16.63 -57.43 52.45
CA THR Q 171 -15.41 -56.65 52.56
C THR Q 171 -14.46 -57.04 51.44
N GLU Q 172 -14.02 -56.05 50.66
CA GLU Q 172 -13.09 -56.28 49.56
C GLU Q 172 -11.97 -55.25 49.66
N LEU Q 173 -10.75 -55.72 49.84
CA LEU Q 173 -9.59 -54.83 49.86
C LEU Q 173 -9.38 -54.23 48.48
N VAL Q 174 -9.23 -52.91 48.43
CA VAL Q 174 -9.03 -52.20 47.17
C VAL Q 174 -7.78 -51.33 47.29
N THR Q 175 -6.86 -51.48 46.34
CA THR Q 175 -5.66 -50.64 46.28
C THR Q 175 -5.09 -50.80 44.87
N THR Q 176 -5.00 -49.71 44.14
CA THR Q 176 -4.43 -49.74 42.79
C THR Q 176 -4.04 -48.33 42.34
N SER R 160 22.53 -24.27 31.53
CA SER R 160 21.54 -24.66 32.54
C SER R 160 20.15 -24.76 31.94
N VAL R 161 20.01 -24.30 30.70
CA VAL R 161 18.73 -24.33 30.00
C VAL R 161 18.41 -25.76 29.61
N PRO R 162 17.26 -26.30 30.02
CA PRO R 162 16.90 -27.67 29.61
C PRO R 162 16.77 -27.78 28.09
N VAL R 163 17.16 -28.94 27.58
CA VAL R 163 17.12 -29.22 26.15
C VAL R 163 16.19 -30.42 25.93
N PRO R 164 15.18 -30.30 25.07
CA PRO R 164 14.27 -31.44 24.83
C PRO R 164 14.98 -32.62 24.16
N ALA R 165 14.29 -33.74 24.06
CA ALA R 165 14.85 -34.94 23.47
C ALA R 165 14.46 -35.03 21.99
N THR R 166 14.92 -36.10 21.35
CA THR R 166 14.67 -36.37 19.93
C THR R 166 14.09 -37.77 19.77
N GLU R 167 13.04 -38.06 20.54
CA GLU R 167 12.42 -39.38 20.60
C GLU R 167 12.19 -39.98 19.21
N LEU R 168 12.88 -41.07 18.91
CA LEU R 168 12.71 -41.79 17.66
C LEU R 168 12.20 -43.21 17.88
N GLY R 169 12.85 -43.98 18.74
CA GLY R 169 12.42 -45.33 19.01
C GLY R 169 13.58 -46.14 19.57
N SER R 170 13.40 -47.46 19.54
CA SER R 170 14.39 -48.42 20.04
C SER R 170 14.76 -48.12 21.49
N THR R 171 13.76 -48.19 22.36
CA THR R 171 13.91 -47.91 23.78
C THR R 171 13.73 -49.21 24.56
N GLU R 172 14.73 -49.55 25.37
CA GLU R 172 14.69 -50.74 26.20
C GLU R 172 15.09 -50.36 27.62
N LEU R 173 14.18 -50.55 28.58
CA LEU R 173 14.51 -50.29 29.97
C LEU R 173 15.52 -51.32 30.46
N VAL R 174 16.58 -50.83 31.10
CA VAL R 174 17.64 -51.69 31.61
C VAL R 174 17.87 -51.38 33.08
N THR R 175 17.82 -52.40 33.92
CA THR R 175 18.12 -52.27 35.34
C THR R 175 18.38 -53.67 35.89
N THR R 176 19.57 -53.88 36.43
CA THR R 176 19.92 -55.18 36.99
C THR R 176 21.13 -55.05 37.91
N HIS S 123 51.60 -5.49 -73.20
CA HIS S 123 50.68 -4.91 -72.23
C HIS S 123 50.90 -5.49 -70.84
N ASP S 124 51.21 -6.80 -70.79
CA ASP S 124 51.46 -7.45 -69.52
C ASP S 124 52.69 -6.89 -68.83
N GLN S 125 53.75 -6.62 -69.59
CA GLN S 125 54.96 -6.05 -69.01
C GLN S 125 54.70 -4.68 -68.40
N MET S 126 53.94 -3.83 -69.11
CA MET S 126 53.62 -2.51 -68.58
C MET S 126 52.76 -2.62 -67.32
N LEU S 127 51.84 -3.59 -67.28
CA LEU S 127 51.01 -3.78 -66.10
C LEU S 127 51.85 -4.17 -64.89
N SER S 128 52.85 -5.04 -65.10
CA SER S 128 53.74 -5.40 -64.01
C SER S 128 54.53 -4.20 -63.51
N VAL S 129 55.00 -3.35 -64.42
CA VAL S 129 55.70 -2.13 -64.02
C VAL S 129 54.76 -1.22 -63.24
N HIS S 130 53.51 -1.10 -63.69
CA HIS S 130 52.54 -0.25 -63.00
C HIS S 130 52.29 -0.76 -61.58
N ASP S 131 52.19 -2.08 -61.40
CA ASP S 131 51.97 -2.63 -60.07
C ASP S 131 53.15 -2.31 -59.14
N ILE S 132 54.37 -2.41 -59.66
CA ILE S 132 55.55 -2.08 -58.86
C ILE S 132 55.53 -0.59 -58.49
N ARG S 133 55.23 0.27 -59.47
CA ARG S 133 55.20 1.70 -59.21
C ARG S 133 54.09 2.06 -58.22
N LEU S 134 52.92 1.43 -58.36
CA LEU S 134 51.82 1.70 -57.44
C LEU S 134 52.18 1.28 -56.02
N ALA S 135 52.84 0.12 -55.87
CA ALA S 135 53.28 -0.31 -54.54
C ALA S 135 54.31 0.65 -53.96
N ASP S 136 55.24 1.12 -54.79
CA ASP S 136 56.24 2.07 -54.31
C ASP S 136 55.60 3.38 -53.85
N MET S 137 54.60 3.85 -54.58
CA MET S 137 53.91 5.08 -54.18
C MET S 137 53.19 4.91 -52.84
N ASP S 138 52.63 3.72 -52.60
CA ASP S 138 51.91 3.48 -51.36
C ASP S 138 52.83 3.66 -50.15
N LEU S 139 54.06 3.15 -50.24
CA LEU S 139 55.03 3.39 -49.18
C LEU S 139 55.41 4.86 -49.09
N ARG S 140 55.39 5.57 -50.22
CA ARG S 140 55.73 6.99 -50.22
C ARG S 140 54.69 7.81 -49.47
N PHE S 141 53.40 7.44 -49.61
CA PHE S 141 52.36 8.15 -48.88
C PHE S 141 52.55 8.03 -47.39
N GLN S 142 52.86 6.82 -46.90
CA GLN S 142 52.95 6.59 -45.47
C GLN S 142 54.12 7.37 -44.86
N VAL S 143 55.25 7.44 -45.57
CA VAL S 143 56.39 8.17 -45.05
C VAL S 143 56.06 9.65 -44.91
N LEU S 144 55.42 10.23 -45.92
CA LEU S 144 55.01 11.64 -45.83
C LEU S 144 53.92 11.85 -44.79
N GLU S 145 53.03 10.87 -44.61
CA GLU S 145 51.95 11.00 -43.64
C GLU S 145 52.51 11.10 -42.22
N THR S 146 53.52 10.30 -41.90
CA THR S 146 54.11 10.26 -40.58
C THR S 146 55.38 11.08 -40.47
N ALA S 147 55.72 11.86 -41.50
CA ALA S 147 56.90 12.71 -41.44
C ALA S 147 56.74 13.80 -40.39
N SER S 148 57.85 14.12 -39.73
CA SER S 148 57.87 15.16 -38.70
C SER S 148 59.02 16.11 -38.95
N TYR S 149 58.83 17.37 -38.55
CA TYR S 149 59.84 18.40 -38.78
C TYR S 149 60.10 19.25 -37.54
N ASN S 150 59.78 18.73 -36.35
CA ASN S 150 59.99 19.45 -35.09
C ASN S 150 61.14 18.90 -34.28
N GLY S 151 61.89 17.94 -34.82
CA GLY S 151 63.00 17.35 -34.11
C GLY S 151 62.63 16.27 -33.11
N VAL S 152 61.35 15.93 -32.98
CA VAL S 152 60.87 14.90 -32.08
C VAL S 152 60.16 13.83 -32.91
N LEU S 153 60.56 12.57 -32.71
CA LEU S 153 60.01 11.46 -33.46
C LEU S 153 59.24 10.53 -32.51
N ILE S 154 58.00 10.23 -32.87
CA ILE S 154 57.19 9.25 -32.16
C ILE S 154 56.98 8.07 -33.10
N TRP S 155 57.45 6.90 -32.69
CA TRP S 155 57.44 5.70 -33.53
C TRP S 155 56.45 4.70 -32.96
N LYS S 156 55.52 4.25 -33.80
CA LYS S 156 54.52 3.26 -33.42
C LYS S 156 54.82 1.95 -34.13
N ILE S 157 55.03 0.89 -33.36
CA ILE S 157 55.35 -0.43 -33.90
C ILE S 157 54.23 -1.37 -33.47
N ARG S 158 53.32 -1.66 -34.39
CA ARG S 158 52.21 -2.56 -34.11
C ARG S 158 52.64 -4.01 -34.35
N ASP S 159 51.82 -4.93 -33.85
CA ASP S 159 52.07 -6.37 -33.98
C ASP S 159 53.45 -6.75 -33.43
N TYR S 160 53.67 -6.37 -32.18
CA TYR S 160 54.97 -6.61 -31.54
C TYR S 160 55.22 -8.10 -31.34
N LYS S 161 54.17 -8.89 -31.08
CA LYS S 161 54.36 -10.30 -30.76
C LYS S 161 54.95 -11.06 -31.94
N ARG S 162 54.39 -10.89 -33.13
CA ARG S 162 54.87 -11.64 -34.28
C ARG S 162 56.24 -11.15 -34.74
N ARG S 163 56.52 -9.86 -34.60
CA ARG S 163 57.81 -9.33 -35.03
C ARG S 163 58.92 -9.67 -34.05
N LYS S 164 58.60 -9.75 -32.75
CA LYS S 164 59.59 -10.21 -31.78
C LYS S 164 59.99 -11.66 -32.06
N GLN S 165 59.02 -12.50 -32.41
CA GLN S 165 59.33 -13.88 -32.79
C GLN S 165 60.19 -13.93 -34.04
N GLU S 166 59.91 -13.05 -35.00
CA GLU S 166 60.71 -13.01 -36.22
C GLU S 166 62.16 -12.62 -35.91
N ALA S 167 62.35 -11.68 -34.98
CA ALA S 167 63.70 -11.31 -34.58
C ALA S 167 64.42 -12.48 -33.93
N VAL S 168 63.71 -13.27 -33.11
CA VAL S 168 64.30 -14.46 -32.51
C VAL S 168 64.67 -15.47 -33.58
N MET S 169 63.77 -15.70 -34.53
CA MET S 169 64.03 -16.63 -35.63
C MET S 169 65.02 -16.07 -36.64
N GLY S 170 65.38 -14.80 -36.55
CA GLY S 170 66.32 -14.21 -37.48
C GLY S 170 65.73 -13.74 -38.78
N LYS S 171 64.41 -13.78 -38.93
CA LYS S 171 63.78 -13.32 -40.18
C LYS S 171 64.01 -11.83 -40.37
N THR S 172 63.87 -11.04 -39.31
CA THR S 172 64.09 -9.59 -39.37
C THR S 172 64.77 -9.19 -38.06
N LEU S 173 66.07 -8.92 -38.13
CA LEU S 173 66.84 -8.61 -36.93
C LEU S 173 66.51 -7.22 -36.40
N SER S 174 66.39 -6.23 -37.29
CA SER S 174 66.19 -4.85 -36.87
C SER S 174 65.11 -4.21 -37.74
N LEU S 175 64.52 -3.14 -37.20
CA LEU S 175 63.47 -2.39 -37.87
C LEU S 175 63.90 -0.93 -37.99
N TYR S 176 63.54 -0.31 -39.10
CA TYR S 176 63.87 1.09 -39.37
C TYR S 176 62.63 1.95 -39.29
N SER S 177 62.74 3.09 -38.61
CA SER S 177 61.64 4.02 -38.47
C SER S 177 61.55 4.93 -39.69
N GLN S 178 60.43 5.64 -39.80
CA GLN S 178 60.27 6.63 -40.84
C GLN S 178 61.21 7.81 -40.60
N PRO S 179 61.69 8.45 -41.68
CA PRO S 179 62.61 9.58 -41.50
C PRO S 179 61.94 10.74 -40.77
N PHE S 180 62.71 11.41 -39.94
CA PHE S 180 62.27 12.61 -39.24
C PHE S 180 63.38 13.65 -39.28
N TYR S 181 62.98 14.92 -39.18
CA TYR S 181 63.90 16.03 -39.38
C TYR S 181 63.79 17.02 -38.23
N THR S 182 64.89 17.73 -37.98
CA THR S 182 64.85 18.84 -37.02
C THR S 182 64.05 20.02 -37.55
N GLY S 183 63.93 20.15 -38.87
CA GLY S 183 63.22 21.24 -39.46
C GLY S 183 62.91 20.96 -40.92
N TYR S 184 62.38 21.99 -41.59
CA TYR S 184 62.05 21.84 -43.00
C TYR S 184 63.30 21.64 -43.85
N PHE S 185 64.44 22.15 -43.39
CA PHE S 185 65.71 22.01 -44.09
C PHE S 185 66.81 21.61 -43.12
N GLY S 186 66.53 20.62 -42.27
CA GLY S 186 67.47 20.15 -41.29
C GLY S 186 68.04 18.79 -41.63
N TYR S 187 68.57 18.12 -40.60
CA TYR S 187 69.15 16.80 -40.77
C TYR S 187 68.06 15.78 -41.09
N LYS S 188 68.41 14.79 -41.92
CA LYS S 188 67.53 13.67 -42.22
C LYS S 188 67.95 12.50 -41.33
N MET S 189 67.06 12.09 -40.43
CA MET S 189 67.40 11.16 -39.38
C MET S 189 66.32 10.08 -39.28
N CYS S 190 66.67 8.98 -38.62
CA CYS S 190 65.73 7.89 -38.38
C CYS S 190 66.19 7.11 -37.16
N ALA S 191 65.39 6.14 -36.76
CA ALA S 191 65.65 5.31 -35.58
C ALA S 191 65.67 3.84 -35.98
N ARG S 192 66.57 3.08 -35.36
CA ARG S 192 66.70 1.65 -35.59
C ARG S 192 66.58 0.92 -34.27
N VAL S 193 65.80 -0.16 -34.26
CA VAL S 193 65.52 -0.92 -33.04
C VAL S 193 65.77 -2.40 -33.30
N TYR S 194 66.31 -3.09 -32.31
CA TYR S 194 66.44 -4.54 -32.31
C TYR S 194 65.52 -5.12 -31.25
N LEU S 195 64.49 -5.84 -31.68
CA LEU S 195 63.54 -6.41 -30.73
C LEU S 195 64.19 -7.48 -29.87
N ASN S 196 65.05 -8.30 -30.46
CA ASN S 196 65.74 -9.37 -29.74
C ASN S 196 67.11 -8.93 -29.22
N GLY S 197 67.51 -7.69 -29.46
CA GLY S 197 68.79 -7.21 -29.01
C GLY S 197 69.87 -7.35 -30.07
N ASP S 198 70.94 -6.57 -29.89
CA ASP S 198 72.07 -6.56 -30.82
C ASP S 198 73.36 -6.49 -30.04
N GLY S 199 74.39 -7.14 -30.58
CA GLY S 199 75.69 -7.12 -29.94
C GLY S 199 75.65 -7.78 -28.57
N MET S 200 76.14 -7.06 -27.57
CA MET S 200 76.18 -7.60 -26.21
C MET S 200 74.80 -7.74 -25.59
N GLY S 201 73.78 -7.11 -26.15
CA GLY S 201 72.43 -7.23 -25.62
C GLY S 201 71.56 -8.21 -26.39
N LYS S 202 72.19 -9.06 -27.20
CA LYS S 202 71.43 -10.02 -27.99
C LYS S 202 70.82 -11.08 -27.11
N GLY S 203 69.51 -11.28 -27.23
CA GLY S 203 68.80 -12.31 -26.52
C GLY S 203 68.40 -11.97 -25.10
N THR S 204 68.91 -10.87 -24.54
CA THR S 204 68.59 -10.48 -23.17
C THR S 204 68.03 -9.07 -23.03
N HIS S 205 68.28 -8.18 -23.99
CA HIS S 205 67.83 -6.80 -23.90
C HIS S 205 67.23 -6.38 -25.23
N LEU S 206 66.68 -5.17 -25.25
CA LEU S 206 66.21 -4.53 -26.47
C LEU S 206 67.20 -3.42 -26.84
N SER S 207 67.62 -3.41 -28.10
CA SER S 207 68.63 -2.48 -28.58
C SER S 207 67.97 -1.40 -29.42
N LEU S 208 68.28 -0.14 -29.12
CA LEU S 208 67.77 1.01 -29.86
C LEU S 208 68.97 1.80 -30.37
N PHE S 209 68.95 2.09 -31.67
CA PHE S 209 70.06 2.80 -32.30
C PHE S 209 69.56 4.02 -33.06
N PHE S 210 70.40 5.04 -33.08
CA PHE S 210 70.09 6.33 -33.69
C PHE S 210 70.92 6.49 -34.95
N VAL S 211 70.26 6.81 -36.06
CA VAL S 211 70.87 6.74 -37.39
C VAL S 211 70.79 8.11 -38.05
N ILE S 212 71.88 8.52 -38.67
CA ILE S 212 71.94 9.75 -39.45
C ILE S 212 71.85 9.39 -40.93
N MET S 213 70.87 9.95 -41.63
CA MET S 213 70.68 9.71 -43.05
C MET S 213 71.15 10.91 -43.86
N ARG S 214 71.40 10.67 -45.14
CA ARG S 214 71.85 11.73 -46.03
C ARG S 214 70.70 12.65 -46.38
N GLY S 215 70.79 13.90 -45.94
CA GLY S 215 69.77 14.89 -46.25
C GLY S 215 70.10 15.68 -47.50
N GLU S 216 69.06 16.22 -48.13
CA GLU S 216 69.25 16.99 -49.35
C GLU S 216 69.93 18.33 -49.08
N TYR S 217 69.95 18.79 -47.83
CA TYR S 217 70.57 20.06 -47.48
C TYR S 217 71.75 19.85 -46.53
N ASP S 218 72.43 18.71 -46.65
CA ASP S 218 73.55 18.41 -45.76
C ASP S 218 74.71 19.37 -45.99
N ALA S 219 74.83 19.93 -47.20
CA ALA S 219 75.93 20.84 -47.50
C ALA S 219 75.85 22.13 -46.71
N LEU S 220 74.66 22.56 -46.31
CA LEU S 220 74.47 23.79 -45.55
C LEU S 220 74.41 23.56 -44.05
N LEU S 221 74.54 22.30 -43.60
CA LEU S 221 74.43 22.04 -42.18
C LEU S 221 75.80 21.82 -41.56
N PRO S 222 76.01 22.26 -40.32
CA PRO S 222 77.30 22.05 -39.66
C PRO S 222 77.57 20.57 -39.42
N TRP S 223 78.85 20.21 -39.48
CA TRP S 223 79.31 18.86 -39.22
C TRP S 223 80.56 18.92 -38.36
N PRO S 224 80.81 17.91 -37.53
CA PRO S 224 80.00 16.69 -37.30
C PRO S 224 78.73 16.97 -36.52
N PHE S 225 77.79 16.02 -36.53
CA PHE S 225 76.54 16.17 -35.78
C PHE S 225 76.84 16.26 -34.29
N LYS S 226 76.23 17.23 -33.62
CA LYS S 226 76.48 17.45 -32.20
C LYS S 226 75.23 17.77 -31.39
N GLN S 227 74.04 17.73 -31.99
CA GLN S 227 72.83 17.99 -31.24
C GLN S 227 72.56 16.86 -30.26
N LYS S 228 72.15 17.22 -29.04
CA LYS S 228 71.88 16.23 -28.02
C LYS S 228 70.73 15.32 -28.45
N VAL S 229 70.93 14.01 -28.29
CA VAL S 229 69.94 13.01 -28.69
C VAL S 229 69.53 12.23 -27.45
N THR S 230 68.22 12.16 -27.21
CA THR S 230 67.65 11.41 -26.10
C THR S 230 66.76 10.32 -26.63
N LEU S 231 67.04 9.07 -26.24
CA LEU S 231 66.23 7.93 -26.63
C LEU S 231 65.31 7.56 -25.47
N MET S 232 64.01 7.54 -25.74
CA MET S 232 63.01 7.30 -24.70
C MET S 232 62.03 6.23 -25.16
N LEU S 233 61.60 5.41 -24.21
CA LEU S 233 60.58 4.39 -24.44
C LEU S 233 59.31 4.81 -23.71
N MET S 234 58.25 5.08 -24.47
CA MET S 234 57.03 5.62 -23.89
C MET S 234 56.33 4.59 -23.01
N ASP S 235 55.82 5.05 -21.87
CA ASP S 235 55.06 4.22 -20.95
C ASP S 235 53.58 4.41 -21.23
N GLN S 236 52.94 3.37 -21.76
CA GLN S 236 51.53 3.45 -22.13
C GLN S 236 50.59 3.36 -20.94
N GLY S 237 51.10 3.04 -19.75
CA GLY S 237 50.27 2.94 -18.58
C GLY S 237 49.98 4.30 -17.96
N SER S 238 49.14 4.27 -16.91
CA SER S 238 48.79 5.49 -16.21
C SER S 238 49.96 6.07 -15.42
N SER S 239 50.94 5.24 -15.07
CA SER S 239 52.11 5.75 -14.35
C SER S 239 52.94 6.69 -15.23
N ARG S 240 52.98 6.45 -16.54
CA ARG S 240 53.74 7.27 -17.48
C ARG S 240 55.22 7.31 -17.10
N ARG S 241 55.74 6.20 -16.61
CA ARG S 241 57.15 6.10 -16.22
C ARG S 241 57.95 5.71 -17.45
N HIS S 242 58.24 6.71 -18.28
CA HIS S 242 58.96 6.49 -19.52
C HIS S 242 60.42 6.14 -19.23
N LEU S 243 60.92 5.09 -19.89
CA LEU S 243 62.33 4.73 -19.78
C LEU S 243 63.11 5.49 -20.85
N GLY S 244 64.17 6.18 -20.41
CA GLY S 244 64.93 7.01 -21.31
C GLY S 244 66.43 6.90 -21.06
N ASP S 245 67.19 7.31 -22.06
CA ASP S 245 68.65 7.30 -21.96
C ASP S 245 69.17 8.38 -22.91
N ALA S 246 69.69 9.47 -22.35
CA ALA S 246 70.21 10.58 -23.13
C ALA S 246 71.72 10.47 -23.27
N PHE S 247 72.22 10.92 -24.42
CA PHE S 247 73.64 10.85 -24.69
C PHE S 247 74.03 11.98 -25.63
N LYS S 248 75.33 12.26 -25.68
CA LYS S 248 75.89 13.28 -26.55
C LYS S 248 76.62 12.62 -27.71
N PRO S 249 76.38 13.03 -28.96
CA PRO S 249 77.05 12.39 -30.09
C PRO S 249 78.57 12.44 -29.98
N ASP S 250 79.20 11.35 -30.37
CA ASP S 250 80.65 11.24 -30.34
C ASP S 250 81.25 12.13 -31.42
N PRO S 251 82.15 13.06 -31.07
CA PRO S 251 82.68 13.99 -32.07
C PRO S 251 83.47 13.34 -33.20
N ASN S 252 83.95 12.11 -33.01
CA ASN S 252 84.81 11.47 -34.01
C ASN S 252 84.32 10.07 -34.36
N SER S 253 83.02 9.90 -34.56
CA SER S 253 82.45 8.63 -34.97
C SER S 253 81.86 8.76 -36.36
N SER S 254 81.89 7.65 -37.12
CA SER S 254 81.35 7.65 -38.47
C SER S 254 79.85 7.84 -38.47
N SER S 255 79.19 7.63 -37.33
CA SER S 255 77.74 7.80 -37.23
C SER S 255 77.32 9.25 -37.34
N PHE S 256 78.14 10.19 -36.89
CA PHE S 256 77.76 11.60 -36.85
C PHE S 256 78.56 12.46 -37.82
N LYS S 257 79.28 11.86 -38.76
CA LYS S 257 79.97 12.61 -39.78
C LYS S 257 79.00 13.05 -40.89
N LYS S 258 79.53 13.73 -41.89
CA LYS S 258 78.71 14.08 -43.04
C LYS S 258 78.41 12.81 -43.83
N PRO S 259 77.15 12.48 -44.06
CA PRO S 259 76.83 11.20 -44.73
C PRO S 259 77.39 11.15 -46.15
N THR S 260 77.85 9.97 -46.54
CA THR S 260 78.28 9.71 -47.91
C THR S 260 77.37 8.73 -48.64
N GLY S 261 76.83 7.75 -47.94
CA GLY S 261 75.85 6.84 -48.48
C GLY S 261 74.44 7.23 -48.09
N GLU S 262 73.52 6.27 -48.23
CA GLU S 262 72.13 6.52 -47.88
C GLU S 262 71.98 6.75 -46.38
N MET S 263 72.59 5.88 -45.57
CA MET S 263 72.56 6.00 -44.12
C MET S 263 73.95 5.74 -43.56
N ASN S 264 74.20 6.29 -42.38
CA ASN S 264 75.46 6.08 -41.68
C ASN S 264 75.33 4.87 -40.75
N ILE S 265 76.40 4.61 -40.00
CA ILE S 265 76.40 3.49 -39.06
C ILE S 265 75.48 3.81 -37.89
N ALA S 266 74.60 2.88 -37.55
CA ALA S 266 73.68 3.07 -36.44
C ALA S 266 74.44 3.14 -35.13
N SER S 267 74.00 4.04 -34.25
CA SER S 267 74.62 4.22 -32.94
C SER S 267 73.55 4.40 -31.89
N GLY S 268 73.77 3.79 -30.73
CA GLY S 268 72.80 3.88 -29.64
C GLY S 268 73.16 3.04 -28.43
N CYS S 269 72.14 2.53 -27.74
CA CYS S 269 72.33 1.73 -26.53
C CYS S 269 71.84 0.31 -26.77
N PRO S 270 72.75 -0.64 -26.99
CA PRO S 270 72.32 -2.04 -27.16
C PRO S 270 71.67 -2.62 -25.91
N VAL S 271 71.89 -2.02 -24.74
CA VAL S 271 71.35 -2.52 -23.48
C VAL S 271 70.37 -1.51 -22.92
N PHE S 272 69.66 -0.81 -23.81
CA PHE S 272 68.71 0.23 -23.43
C PHE S 272 67.72 -0.24 -22.37
N VAL S 273 66.93 -1.26 -22.68
CA VAL S 273 65.95 -1.81 -21.76
C VAL S 273 66.04 -3.33 -21.79
N ALA S 274 65.95 -3.95 -20.61
CA ALA S 274 65.97 -5.39 -20.51
C ALA S 274 64.67 -5.96 -21.07
N GLN S 275 64.76 -7.13 -21.71
CA GLN S 275 63.58 -7.75 -22.30
C GLN S 275 62.54 -8.09 -21.24
N THR S 276 62.98 -8.61 -20.10
CA THR S 276 62.06 -8.94 -19.02
C THR S 276 61.37 -7.69 -18.48
N VAL S 277 62.14 -6.61 -18.31
CA VAL S 277 61.58 -5.35 -17.82
C VAL S 277 60.54 -4.83 -18.80
N LEU S 278 60.85 -4.89 -20.10
CA LEU S 278 59.89 -4.46 -21.11
C LEU S 278 58.61 -5.27 -21.05
N GLU S 279 58.70 -6.57 -20.79
CA GLU S 279 57.56 -7.47 -20.81
C GLU S 279 56.90 -7.61 -19.44
N ASN S 280 56.93 -6.55 -18.63
CA ASN S 280 56.27 -6.52 -17.32
C ASN S 280 55.07 -5.59 -17.34
N GLY S 281 54.43 -5.47 -18.51
CA GLY S 281 53.22 -4.68 -18.63
C GLY S 281 53.49 -3.19 -18.77
N THR S 282 52.41 -2.46 -19.06
CA THR S 282 52.39 -1.00 -19.19
C THR S 282 53.22 -0.51 -20.37
N TYR S 283 53.83 -1.43 -21.11
CA TYR S 283 54.66 -1.07 -22.26
C TYR S 283 54.18 -1.69 -23.56
N ILE S 284 53.43 -2.80 -23.51
CA ILE S 284 52.88 -3.41 -24.71
C ILE S 284 51.37 -3.46 -24.57
N LYS S 285 50.68 -2.45 -25.12
CA LYS S 285 49.22 -2.43 -25.15
C LYS S 285 48.75 -2.65 -26.58
N ASP S 286 47.81 -3.58 -26.75
CA ASP S 286 47.31 -3.96 -28.08
C ASP S 286 48.45 -4.40 -28.99
N ASP S 287 49.43 -5.09 -28.41
CA ASP S 287 50.60 -5.58 -29.13
C ASP S 287 51.31 -4.45 -29.87
N THR S 288 51.45 -3.30 -29.22
CA THR S 288 52.05 -2.13 -29.86
C THR S 288 52.94 -1.42 -28.86
N ILE S 289 54.11 -0.97 -29.33
CA ILE S 289 55.06 -0.24 -28.50
C ILE S 289 55.28 1.14 -29.10
N PHE S 290 55.61 2.10 -28.25
CA PHE S 290 55.85 3.48 -28.66
C PHE S 290 57.27 3.88 -28.29
N ILE S 291 57.99 4.44 -29.26
CA ILE S 291 59.38 4.85 -29.09
C ILE S 291 59.48 6.34 -29.39
N LYS S 292 60.05 7.10 -28.46
CA LYS S 292 60.20 8.54 -28.60
C LYS S 292 61.67 8.90 -28.68
N VAL S 293 62.03 9.69 -29.69
CA VAL S 293 63.38 10.20 -29.86
C VAL S 293 63.32 11.72 -29.85
N ILE S 294 64.12 12.34 -28.99
CA ILE S 294 64.14 13.79 -28.83
C ILE S 294 65.52 14.30 -29.22
N VAL S 295 65.56 15.23 -30.17
CA VAL S 295 66.79 15.85 -30.63
C VAL S 295 66.71 17.34 -30.32
N ASP S 296 67.70 17.86 -29.61
CA ASP S 296 67.71 19.27 -29.24
C ASP S 296 68.01 20.12 -30.46
N THR S 297 67.19 21.15 -30.68
CA THR S 297 67.35 22.06 -31.80
C THR S 297 67.53 23.50 -31.35
N SER S 298 67.92 23.72 -30.10
CA SER S 298 68.07 25.07 -29.58
C SER S 298 69.28 25.80 -30.13
N ASP S 299 70.23 25.09 -30.74
CA ASP S 299 71.44 25.69 -31.29
C ASP S 299 71.51 25.54 -32.81
N LEU S 300 70.36 25.44 -33.46
CA LEU S 300 70.29 25.29 -34.89
C LEU S 300 69.42 26.39 -35.49
N PRO S 301 69.92 27.15 -36.48
CA PRO S 301 69.17 28.22 -37.14
C PRO S 301 67.87 27.73 -37.78
N HIS T 123 43.84 -9.18 -67.84
CA HIS T 123 44.41 -7.85 -67.96
C HIS T 123 43.38 -6.77 -67.64
N ASP T 124 42.14 -7.01 -68.08
CA ASP T 124 41.07 -6.06 -67.82
C ASP T 124 40.79 -5.92 -66.33
N GLN T 125 40.81 -7.05 -65.60
CA GLN T 125 40.56 -7.00 -64.17
C GLN T 125 41.63 -6.18 -63.44
N MET T 126 42.90 -6.37 -63.82
CA MET T 126 43.98 -5.61 -63.21
C MET T 126 43.87 -4.13 -63.54
N LEU T 127 43.44 -3.81 -64.76
CA LEU T 127 43.25 -2.41 -65.14
C LEU T 127 42.17 -1.75 -64.30
N SER T 128 41.08 -2.47 -64.02
CA SER T 128 40.02 -1.94 -63.17
C SER T 128 40.54 -1.69 -61.76
N VAL T 129 41.34 -2.61 -61.24
CA VAL T 129 41.94 -2.43 -59.92
C VAL T 129 42.86 -1.22 -59.91
N HIS T 130 43.64 -1.05 -60.98
CA HIS T 130 44.55 0.09 -61.07
C HIS T 130 43.79 1.41 -61.07
N ASP T 131 42.66 1.46 -61.79
CA ASP T 131 41.86 2.67 -61.83
C ASP T 131 41.33 3.02 -60.45
N ILE T 132 40.88 2.01 -59.69
CA ILE T 132 40.39 2.25 -58.34
C ILE T 132 41.52 2.74 -57.45
N ARG T 133 42.69 2.10 -57.55
CA ARG T 133 43.83 2.52 -56.75
C ARG T 133 44.30 3.92 -57.12
N LEU T 134 44.32 4.24 -58.41
CA LEU T 134 44.72 5.58 -58.84
C LEU T 134 43.75 6.63 -58.31
N ALA T 135 42.45 6.35 -58.34
CA ALA T 135 41.47 7.29 -57.81
C ALA T 135 41.63 7.46 -56.30
N ASP T 136 41.91 6.36 -55.60
CA ASP T 136 42.11 6.45 -54.15
C ASP T 136 43.34 7.29 -53.82
N MET T 137 44.42 7.15 -54.59
CA MET T 137 45.61 7.94 -54.35
C MET T 137 45.36 9.42 -54.59
N ASP T 138 44.52 9.76 -55.58
CA ASP T 138 44.23 11.16 -55.86
C ASP T 138 43.59 11.85 -54.66
N LEU T 139 42.66 11.17 -53.99
CA LEU T 139 42.09 11.71 -52.76
C LEU T 139 43.15 11.80 -51.66
N ARG T 140 44.11 10.88 -51.66
CA ARG T 140 45.15 10.89 -50.65
C ARG T 140 46.07 12.10 -50.80
N PHE T 141 46.35 12.50 -52.04
CA PHE T 141 47.17 13.70 -52.26
C PHE T 141 46.50 14.94 -51.69
N GLN T 142 45.19 15.09 -51.93
CA GLN T 142 44.51 16.30 -51.51
C GLN T 142 44.45 16.42 -49.99
N VAL T 143 44.26 15.30 -49.29
CA VAL T 143 44.21 15.33 -47.84
C VAL T 143 45.55 15.78 -47.26
N LEU T 144 46.65 15.23 -47.80
CA LEU T 144 47.96 15.64 -47.35
C LEU T 144 48.29 17.08 -47.76
N GLU T 145 47.79 17.52 -48.92
CA GLU T 145 48.06 18.87 -49.38
C GLU T 145 47.44 19.90 -48.44
N THR T 146 46.22 19.64 -47.96
CA THR T 146 45.51 20.56 -47.09
C THR T 146 45.62 20.20 -45.62
N ALA T 147 46.46 19.23 -45.27
CA ALA T 147 46.64 18.84 -43.88
C ALA T 147 47.30 19.97 -43.09
N SER T 148 46.88 20.11 -41.84
CA SER T 148 47.40 21.14 -40.95
C SER T 148 47.79 20.51 -39.62
N TYR T 149 48.80 21.10 -38.98
CA TYR T 149 49.31 20.57 -37.72
C TYR T 149 49.49 21.66 -36.67
N ASN T 150 48.82 22.80 -36.81
CA ASN T 150 48.95 23.90 -35.86
C ASN T 150 47.71 24.06 -34.99
N GLY T 151 46.75 23.14 -35.07
CA GLY T 151 45.54 23.22 -34.28
C GLY T 151 44.48 24.14 -34.83
N VAL T 152 44.71 24.78 -35.97
CA VAL T 152 43.75 25.68 -36.60
C VAL T 152 43.43 25.14 -37.98
N LEU T 153 42.13 24.99 -38.27
CA LEU T 153 41.67 24.44 -39.54
C LEU T 153 40.92 25.52 -40.32
N ILE T 154 41.32 25.70 -41.57
CA ILE T 154 40.62 26.59 -42.50
C ILE T 154 40.01 25.71 -43.59
N TRP T 155 38.69 25.73 -43.71
CA TRP T 155 37.96 24.85 -44.61
C TRP T 155 37.37 25.68 -45.74
N LYS T 156 37.66 25.29 -46.98
CA LYS T 156 37.13 25.96 -48.17
C LYS T 156 36.13 25.04 -48.85
N ILE T 157 34.90 25.51 -49.00
CA ILE T 157 33.82 24.74 -49.61
C ILE T 157 33.38 25.51 -50.84
N ARG T 158 33.83 25.07 -52.02
CA ARG T 158 33.46 25.69 -53.27
C ARG T 158 32.13 25.13 -53.77
N ASP T 159 31.54 25.83 -54.75
CA ASP T 159 30.26 25.43 -55.35
C ASP T 159 29.18 25.27 -54.29
N TYR T 160 29.00 26.33 -53.51
CA TYR T 160 28.02 26.30 -52.42
C TYR T 160 26.59 26.21 -52.93
N LYS T 161 26.31 26.81 -54.08
CA LYS T 161 24.93 26.85 -54.58
C LYS T 161 24.41 25.46 -54.90
N ARG T 162 25.19 24.66 -55.64
CA ARG T 162 24.72 23.34 -56.02
C ARG T 162 24.68 22.38 -54.84
N ARG T 163 25.61 22.53 -53.89
CA ARG T 163 25.62 21.64 -52.73
C ARG T 163 24.55 21.99 -51.72
N LYS T 164 24.20 23.26 -51.60
CA LYS T 164 23.07 23.64 -50.74
C LYS T 164 21.77 23.05 -51.28
N GLN T 165 21.59 23.07 -52.61
CA GLN T 165 20.42 22.45 -53.21
C GLN T 165 20.41 20.95 -52.96
N GLU T 166 21.58 20.31 -53.03
CA GLU T 166 21.66 18.88 -52.77
C GLU T 166 21.26 18.56 -51.33
N ALA T 167 21.67 19.41 -50.39
CA ALA T 167 21.26 19.22 -48.99
C ALA T 167 19.75 19.34 -48.85
N VAL T 168 19.14 20.30 -49.55
CA VAL T 168 17.69 20.44 -49.51
C VAL T 168 17.02 19.21 -50.10
N MET T 169 17.53 18.73 -51.25
CA MET T 169 16.98 17.53 -51.88
C MET T 169 17.34 16.25 -51.13
N GLY T 170 18.24 16.32 -50.15
CA GLY T 170 18.63 15.15 -49.39
C GLY T 170 19.70 14.30 -50.03
N LYS T 171 20.28 14.75 -51.15
CA LYS T 171 21.34 13.98 -51.79
C LYS T 171 22.57 13.86 -50.90
N THR T 172 22.95 14.96 -50.24
CA THR T 172 24.08 14.99 -49.33
C THR T 172 23.71 15.89 -48.16
N LEU T 173 23.40 15.27 -47.02
CA LEU T 173 22.94 16.05 -45.86
C LEU T 173 24.09 16.83 -45.22
N SER T 174 25.25 16.20 -45.07
CA SER T 174 26.37 16.82 -44.38
C SER T 174 27.65 16.60 -45.16
N LEU T 175 28.63 17.47 -44.89
CA LEU T 175 29.94 17.41 -45.52
C LEU T 175 31.02 17.29 -44.47
N TYR T 176 32.06 16.52 -44.77
CA TYR T 176 33.18 16.29 -43.86
C TYR T 176 34.42 17.01 -44.36
N SER T 177 35.10 17.69 -43.45
CA SER T 177 36.32 18.41 -43.79
C SER T 177 37.52 17.47 -43.77
N GLN T 178 38.64 17.95 -44.31
CA GLN T 178 39.87 17.20 -44.25
C GLN T 178 40.38 17.13 -42.81
N PRO T 179 41.05 16.04 -42.44
CA PRO T 179 41.56 15.92 -41.07
C PRO T 179 42.58 17.00 -40.75
N PHE T 180 42.55 17.48 -39.51
CA PHE T 180 43.53 18.43 -39.01
C PHE T 180 43.94 18.03 -37.60
N TYR T 181 45.14 18.43 -37.21
CA TYR T 181 45.76 17.98 -35.97
C TYR T 181 46.25 19.16 -35.16
N THR T 182 46.30 18.99 -33.84
CA THR T 182 46.94 19.98 -32.99
C THR T 182 48.45 19.99 -33.15
N GLY T 183 49.03 18.89 -33.61
CA GLY T 183 50.46 18.80 -33.78
C GLY T 183 50.83 17.61 -34.64
N TYR T 184 52.13 17.35 -34.73
CA TYR T 184 52.61 16.23 -35.52
C TYR T 184 52.16 14.90 -34.92
N PHE T 185 51.95 14.86 -33.61
CA PHE T 185 51.52 13.66 -32.90
C PHE T 185 50.39 13.99 -31.93
N GLY T 186 49.41 14.77 -32.40
CA GLY T 186 48.28 15.17 -31.60
C GLY T 186 47.00 14.47 -31.98
N TYR T 187 45.88 15.08 -31.58
CA TYR T 187 44.57 14.51 -31.88
C TYR T 187 44.28 14.59 -33.37
N LYS T 188 43.57 13.59 -33.88
CA LYS T 188 43.10 13.58 -35.26
C LYS T 188 41.65 14.05 -35.26
N MET T 189 41.40 15.19 -35.89
CA MET T 189 40.13 15.88 -35.78
C MET T 189 39.66 16.32 -37.16
N CYS T 190 38.36 16.62 -37.26
CA CYS T 190 37.78 17.13 -38.49
C CYS T 190 36.52 17.93 -38.15
N ALA T 191 35.93 18.53 -39.17
CA ALA T 191 34.75 19.36 -39.02
C ALA T 191 33.62 18.84 -39.91
N ARG T 192 32.39 18.91 -39.40
CA ARG T 192 31.21 18.48 -40.12
C ARG T 192 30.21 19.62 -40.19
N VAL T 193 29.64 19.85 -41.36
CA VAL T 193 28.74 20.97 -41.59
C VAL T 193 27.47 20.46 -42.26
N TYR T 194 26.32 21.03 -41.88
CA TYR T 194 25.04 20.81 -42.55
C TYR T 194 24.62 22.09 -43.23
N LEU T 195 24.60 22.08 -44.56
CA LEU T 195 24.23 23.27 -45.31
C LEU T 195 22.77 23.64 -45.08
N ASN T 196 21.89 22.64 -45.03
CA ASN T 196 20.46 22.86 -44.81
C ASN T 196 20.07 22.77 -43.34
N GLY T 197 21.02 22.51 -42.45
CA GLY T 197 20.72 22.40 -41.04
C GLY T 197 20.48 20.97 -40.60
N ASP T 198 20.62 20.74 -39.30
CA ASP T 198 20.44 19.43 -38.71
C ASP T 198 19.68 19.56 -37.39
N GLY T 199 18.87 18.54 -37.10
CA GLY T 199 18.11 18.54 -35.86
C GLY T 199 17.13 19.70 -35.80
N MET T 200 17.20 20.47 -34.72
CA MET T 200 16.30 21.61 -34.53
C MET T 200 16.56 22.75 -35.50
N GLY T 201 17.73 22.76 -36.15
CA GLY T 201 18.04 23.82 -37.09
C GLY T 201 17.84 23.41 -38.54
N LYS T 202 17.12 22.31 -38.76
CA LYS T 202 16.89 21.82 -40.11
C LYS T 202 15.97 22.76 -40.88
N GLY T 203 16.41 23.21 -42.05
CA GLY T 203 15.61 24.04 -42.92
C GLY T 203 15.62 25.51 -42.60
N THR T 204 16.15 25.91 -41.44
CA THR T 204 16.17 27.32 -41.04
C THR T 204 17.55 27.85 -40.71
N HIS T 205 18.51 26.99 -40.35
CA HIS T 205 19.83 27.43 -39.95
C HIS T 205 20.88 26.55 -40.62
N LEU T 206 22.15 26.92 -40.41
CA LEU T 206 23.28 26.11 -40.83
C LEU T 206 23.90 25.48 -39.60
N SER T 207 24.13 24.16 -39.67
CA SER T 207 24.63 23.40 -38.54
C SER T 207 26.11 23.06 -38.76
N LEU T 208 26.93 23.34 -37.75
CA LEU T 208 28.35 23.04 -37.79
C LEU T 208 28.67 22.14 -36.60
N PHE T 209 29.34 21.03 -36.86
CA PHE T 209 29.66 20.05 -35.83
C PHE T 209 31.14 19.74 -35.82
N PHE T 210 31.65 19.46 -34.62
CA PHE T 210 33.07 19.21 -34.38
C PHE T 210 33.24 17.74 -34.05
N VAL T 211 34.16 17.08 -34.76
CA VAL T 211 34.27 15.62 -34.75
C VAL T 211 35.67 15.24 -34.30
N ILE T 212 35.74 14.23 -33.42
CA ILE T 212 37.01 13.66 -32.97
C ILE T 212 37.21 12.34 -33.72
N MET T 213 38.33 12.21 -34.41
CA MET T 213 38.67 11.01 -35.14
C MET T 213 39.73 10.20 -34.40
N ARG T 214 39.84 8.93 -34.76
CA ARG T 214 40.82 8.05 -34.12
C ARG T 214 42.22 8.36 -34.65
N GLY T 215 43.08 8.86 -33.78
CA GLY T 215 44.45 9.14 -34.15
C GLY T 215 45.38 7.97 -33.87
N GLU T 216 46.48 7.93 -34.62
CA GLU T 216 47.45 6.85 -34.46
C GLU T 216 48.20 6.94 -33.13
N TYR T 217 48.18 8.09 -32.47
CA TYR T 217 48.86 8.29 -31.20
C TYR T 217 47.87 8.59 -30.07
N ASP T 218 46.65 8.06 -30.18
CA ASP T 218 45.63 8.31 -29.17
C ASP T 218 46.01 7.71 -27.83
N ALA T 219 46.81 6.65 -27.82
CA ALA T 219 47.19 5.99 -26.57
C ALA T 219 48.07 6.89 -25.70
N LEU T 220 48.82 7.81 -26.28
CA LEU T 220 49.68 8.71 -25.54
C LEU T 220 49.03 10.04 -25.24
N LEU T 221 47.78 10.25 -25.64
CA LEU T 221 47.14 11.54 -25.42
C LEU T 221 46.16 11.46 -24.25
N PRO T 222 46.05 12.52 -23.46
CA PRO T 222 45.10 12.51 -22.35
C PRO T 222 43.66 12.44 -22.83
N TRP T 223 42.83 11.77 -22.04
CA TRP T 223 41.41 11.65 -22.31
C TRP T 223 40.64 11.87 -21.01
N PRO T 224 39.41 12.39 -21.08
CA PRO T 224 38.66 12.80 -22.29
C PRO T 224 39.19 14.10 -22.90
N PHE T 225 38.81 14.39 -24.13
CA PHE T 225 39.23 15.63 -24.79
C PHE T 225 38.69 16.84 -24.04
N LYS T 226 39.57 17.82 -23.78
CA LYS T 226 39.19 18.98 -23.01
C LYS T 226 39.72 20.30 -23.56
N GLN T 227 40.41 20.28 -24.72
CA GLN T 227 40.91 21.51 -25.29
C GLN T 227 39.75 22.38 -25.78
N LYS T 228 39.85 23.68 -25.52
CA LYS T 228 38.80 24.61 -25.94
C LYS T 228 38.67 24.62 -27.45
N VAL T 229 37.44 24.53 -27.94
CA VAL T 229 37.15 24.49 -29.37
C VAL T 229 36.27 25.68 -29.72
N THR T 230 36.69 26.46 -30.71
CA THR T 230 35.96 27.63 -31.17
C THR T 230 35.59 27.42 -32.64
N LEU T 231 34.30 27.50 -32.94
CA LEU T 231 33.81 27.39 -34.30
C LEU T 231 33.52 28.77 -34.85
N MET T 232 34.16 29.11 -35.98
CA MET T 232 34.06 30.44 -36.55
C MET T 232 33.72 30.34 -38.03
N LEU T 233 32.92 31.29 -38.51
CA LEU T 233 32.57 31.42 -39.92
C LEU T 233 33.24 32.68 -40.45
N MET T 234 34.17 32.49 -41.40
CA MET T 234 34.97 33.61 -41.88
C MET T 234 34.12 34.58 -42.69
N ASP T 235 34.36 35.86 -42.49
CA ASP T 235 33.68 36.93 -43.22
C ASP T 235 34.58 37.36 -44.38
N GLN T 236 34.16 37.05 -45.60
CA GLN T 236 34.96 37.34 -46.79
C GLN T 236 34.91 38.81 -47.18
N GLY T 237 34.03 39.61 -46.58
CA GLY T 237 33.93 41.01 -46.90
C GLY T 237 34.99 41.84 -46.22
N SER T 238 34.99 43.14 -46.56
CA SER T 238 35.95 44.07 -45.96
C SER T 238 35.68 44.31 -44.49
N SER T 239 34.44 44.10 -44.03
CA SER T 239 34.13 44.28 -42.62
C SER T 239 34.84 43.25 -41.75
N ARG T 240 35.05 42.04 -42.27
CA ARG T 240 35.71 40.95 -41.55
C ARG T 240 34.99 40.64 -40.23
N ARG T 241 33.66 40.73 -40.25
CA ARG T 241 32.85 40.44 -39.07
C ARG T 241 32.57 38.94 -39.03
N HIS T 242 33.55 38.20 -38.56
CA HIS T 242 33.45 36.75 -38.50
C HIS T 242 32.43 36.32 -37.44
N LEU T 243 31.55 35.40 -37.82
CA LEU T 243 30.61 34.83 -36.86
C LEU T 243 31.24 33.63 -36.18
N GLY T 244 31.22 33.62 -34.85
CA GLY T 244 31.88 32.58 -34.10
C GLY T 244 31.06 32.14 -32.91
N ASP T 245 31.41 30.96 -32.41
CA ASP T 245 30.73 30.40 -31.23
C ASP T 245 31.72 29.45 -30.56
N ALA T 246 32.24 29.84 -29.41
CA ALA T 246 33.19 29.05 -28.66
C ALA T 246 32.49 28.25 -27.57
N PHE T 247 33.03 27.05 -27.31
CA PHE T 247 32.44 26.17 -26.32
C PHE T 247 33.52 25.29 -25.71
N LYS T 248 33.22 24.71 -24.56
CA LYS T 248 34.10 23.80 -23.86
C LYS T 248 33.61 22.38 -24.00
N PRO T 249 34.46 21.43 -24.39
CA PRO T 249 34.00 20.04 -24.55
C PRO T 249 33.34 19.48 -23.30
N ASP T 250 32.28 18.73 -23.50
CA ASP T 250 31.54 18.11 -22.41
C ASP T 250 32.39 16.98 -21.81
N PRO T 251 32.67 17.00 -20.51
CA PRO T 251 33.54 15.98 -19.92
C PRO T 251 33.02 14.56 -20.00
N ASN T 252 31.70 14.38 -20.22
CA ASN T 252 31.14 13.03 -20.20
C ASN T 252 30.26 12.77 -21.44
N SER T 253 30.76 13.14 -22.61
CA SER T 253 30.06 12.89 -23.86
C SER T 253 30.88 11.92 -24.71
N SER T 254 30.18 11.11 -25.50
CA SER T 254 30.84 10.14 -26.36
C SER T 254 31.66 10.83 -27.46
N SER T 255 31.39 12.11 -27.70
CA SER T 255 32.13 12.85 -28.73
C SER T 255 33.57 13.11 -28.33
N PHE T 256 33.86 13.26 -27.04
CA PHE T 256 35.19 13.62 -26.58
C PHE T 256 35.89 12.50 -25.82
N LYS T 257 35.38 11.28 -25.88
CA LYS T 257 36.05 10.15 -25.25
C LYS T 257 37.18 9.65 -26.14
N LYS T 258 37.85 8.60 -25.69
CA LYS T 258 38.87 7.96 -26.52
C LYS T 258 38.18 7.25 -27.67
N PRO T 259 38.52 7.57 -28.92
CA PRO T 259 37.80 6.96 -30.06
C PRO T 259 37.98 5.46 -30.10
N THR T 260 36.92 4.76 -30.48
CA THR T 260 36.95 3.33 -30.72
C THR T 260 36.75 2.97 -32.19
N GLY T 261 35.93 3.72 -32.91
CA GLY T 261 35.76 3.56 -34.33
C GLY T 261 36.57 4.58 -35.12
N GLU T 262 36.21 4.73 -36.40
CA GLU T 262 36.92 5.70 -37.24
C GLU T 262 36.69 7.12 -36.75
N MET T 263 35.42 7.48 -36.47
CA MET T 263 35.08 8.80 -35.96
C MET T 263 34.08 8.65 -34.83
N ASN T 264 34.05 9.66 -33.96
CA ASN T 264 33.10 9.70 -32.86
C ASN T 264 31.83 10.43 -33.30
N ILE T 265 30.91 10.62 -32.36
CA ILE T 265 29.67 11.32 -32.65
C ILE T 265 29.96 12.81 -32.82
N ALA T 266 29.45 13.39 -33.90
CA ALA T 266 29.66 14.81 -34.16
C ALA T 266 28.96 15.65 -33.10
N SER T 267 29.62 16.73 -32.69
CA SER T 267 29.09 17.64 -31.69
C SER T 267 29.36 19.07 -32.10
N GLY T 268 28.38 19.95 -31.88
CA GLY T 268 28.52 21.34 -32.25
C GLY T 268 27.28 22.17 -32.02
N CYS T 269 27.07 23.18 -32.86
CA CYS T 269 25.93 24.07 -32.75
C CYS T 269 25.02 23.91 -33.95
N PRO T 270 23.89 23.21 -33.82
CA PRO T 270 22.95 23.10 -34.95
C PRO T 270 22.34 24.42 -35.36
N VAL T 271 22.37 25.43 -34.49
CA VAL T 271 21.78 26.74 -34.78
C VAL T 271 22.88 27.79 -34.84
N PHE T 272 24.06 27.39 -35.32
CA PHE T 272 25.23 28.25 -35.39
C PHE T 272 24.92 29.58 -36.08
N VAL T 273 24.51 29.53 -37.34
CA VAL T 273 24.17 30.73 -38.10
C VAL T 273 22.85 30.50 -38.84
N ALA T 274 22.00 31.51 -38.85
CA ALA T 274 20.73 31.44 -39.57
C ALA T 274 21.00 31.44 -41.07
N GLN T 275 20.18 30.69 -41.82
CA GLN T 275 20.36 30.61 -43.27
C GLN T 275 20.19 31.97 -43.93
N THR T 276 19.19 32.74 -43.49
CA THR T 276 18.96 34.07 -44.04
C THR T 276 20.14 34.99 -43.74
N VAL T 277 20.66 34.92 -42.52
CA VAL T 277 21.81 35.75 -42.13
C VAL T 277 23.02 35.40 -43.00
N LEU T 278 23.24 34.11 -43.21
CA LEU T 278 24.34 33.66 -44.05
C LEU T 278 24.20 34.19 -45.47
N GLU T 279 22.98 34.24 -46.00
CA GLU T 279 22.73 34.63 -47.38
C GLU T 279 22.45 36.12 -47.53
N ASN T 280 23.07 36.95 -46.68
CA ASN T 280 22.96 38.40 -46.77
C ASN T 280 24.27 39.02 -47.24
N GLY T 281 25.03 38.28 -48.04
CA GLY T 281 26.25 38.80 -48.62
C GLY T 281 27.44 38.72 -47.67
N THR T 282 28.62 39.02 -48.23
CA THR T 282 29.89 39.08 -47.51
C THR T 282 30.32 37.73 -46.98
N TYR T 283 29.52 36.68 -47.22
CA TYR T 283 29.83 35.35 -46.75
C TYR T 283 29.94 34.32 -47.87
N ILE T 284 29.32 34.57 -49.03
CA ILE T 284 29.43 33.68 -50.16
C ILE T 284 30.00 34.45 -51.35
N LYS T 285 31.31 34.38 -51.53
CA LYS T 285 31.97 35.00 -52.67
C LYS T 285 32.46 33.92 -53.62
N ASP T 286 32.13 34.07 -54.90
CA ASP T 286 32.46 33.07 -55.93
C ASP T 286 31.89 31.69 -55.56
N ASP T 287 30.70 31.71 -54.96
CA ASP T 287 30.00 30.50 -54.52
C ASP T 287 30.89 29.65 -53.62
N THR T 288 31.59 30.29 -52.69
CA THR T 288 32.52 29.60 -51.80
C THR T 288 32.41 30.18 -50.40
N ILE T 289 32.43 29.31 -49.40
CA ILE T 289 32.37 29.71 -48.00
C ILE T 289 33.64 29.22 -47.29
N PHE T 290 34.02 29.95 -46.26
CA PHE T 290 35.22 29.64 -45.47
C PHE T 290 34.82 29.38 -44.02
N ILE T 291 35.28 28.26 -43.47
CA ILE T 291 34.98 27.85 -42.11
C ILE T 291 36.29 27.71 -41.34
N LYS T 292 36.38 28.37 -40.20
CA LYS T 292 37.57 28.36 -39.37
C LYS T 292 37.26 27.68 -38.04
N VAL T 293 38.09 26.71 -37.67
CA VAL T 293 38.00 26.01 -36.38
C VAL T 293 39.30 26.23 -35.63
N ILE T 294 39.21 26.71 -34.39
CA ILE T 294 40.36 27.02 -33.57
C ILE T 294 40.32 26.12 -32.34
N VAL T 295 41.39 25.35 -32.12
CA VAL T 295 41.53 24.47 -30.97
C VAL T 295 42.72 24.95 -30.15
N ASP T 296 42.49 25.21 -28.88
CA ASP T 296 43.56 25.70 -28.01
C ASP T 296 44.54 24.58 -27.70
N THR T 297 45.84 24.86 -27.88
CA THR T 297 46.89 23.89 -27.64
C THR T 297 47.88 24.37 -26.59
N SER T 298 47.49 25.35 -25.76
CA SER T 298 48.40 25.91 -24.77
C SER T 298 48.66 24.96 -23.61
N ASP T 299 47.85 23.92 -23.42
CA ASP T 299 48.01 22.97 -22.34
C ASP T 299 48.34 21.57 -22.85
N LEU T 300 48.97 21.48 -24.02
CA LEU T 300 49.33 20.21 -24.61
C LEU T 300 50.83 20.19 -24.91
N PRO T 301 51.57 19.17 -24.44
CA PRO T 301 53.01 19.05 -24.67
C PRO T 301 53.36 18.99 -26.16
N HIS U 123 42.46 -1.35 -74.21
CA HIS U 123 43.37 -1.56 -73.09
C HIS U 123 44.62 -0.71 -73.24
N ASP U 124 45.09 -0.57 -74.47
CA ASP U 124 46.29 0.24 -74.72
C ASP U 124 46.04 1.70 -74.39
N GLN U 125 44.87 2.22 -74.74
CA GLN U 125 44.55 3.61 -74.44
C GLN U 125 44.53 3.87 -72.94
N MET U 126 43.94 2.95 -72.17
CA MET U 126 43.92 3.11 -70.72
C MET U 126 45.32 3.04 -70.13
N LEU U 127 46.17 2.16 -70.69
CA LEU U 127 47.55 2.07 -70.22
C LEU U 127 48.30 3.37 -70.44
N SER U 128 48.09 4.01 -71.59
CA SER U 128 48.73 5.29 -71.86
C SER U 128 48.26 6.35 -70.87
N VAL U 129 46.96 6.36 -70.56
CA VAL U 129 46.43 7.29 -69.57
C VAL U 129 47.04 7.02 -68.21
N HIS U 130 47.19 5.74 -67.84
CA HIS U 130 47.77 5.39 -66.55
C HIS U 130 49.22 5.87 -66.46
N ASP U 131 49.98 5.72 -67.54
CA ASP U 131 51.37 6.19 -67.54
C ASP U 131 51.45 7.69 -67.33
N ILE U 132 50.56 8.45 -67.97
CA ILE U 132 50.54 9.90 -67.80
C ILE U 132 50.18 10.24 -66.36
N ARG U 133 49.16 9.57 -65.82
CA ARG U 133 48.74 9.84 -64.44
C ARG U 133 49.84 9.46 -63.45
N LEU U 134 50.52 8.33 -63.68
CA LEU U 134 51.60 7.92 -62.79
C LEU U 134 52.74 8.93 -62.83
N ALA U 135 53.08 9.43 -64.01
CA ALA U 135 54.13 10.44 -64.11
C ALA U 135 53.72 11.74 -63.40
N ASP U 136 52.45 12.12 -63.53
CA ASP U 136 51.97 13.33 -62.86
C ASP U 136 52.04 13.18 -61.35
N MET U 137 51.70 12.00 -60.84
CA MET U 137 51.76 11.78 -59.40
C MET U 137 53.20 11.85 -58.89
N ASP U 138 54.15 11.37 -59.68
CA ASP U 138 55.55 11.40 -59.26
C ASP U 138 56.03 12.82 -59.01
N LEU U 139 55.66 13.76 -59.89
CA LEU U 139 55.96 15.17 -59.65
C LEU U 139 55.22 15.70 -58.42
N ARG U 140 54.02 15.16 -58.15
CA ARG U 140 53.26 15.61 -57.01
C ARG U 140 53.93 15.21 -55.70
N PHE U 141 54.53 14.01 -55.66
CA PHE U 141 55.25 13.59 -54.45
C PHE U 141 56.40 14.54 -54.13
N GLN U 142 57.18 14.91 -55.15
CA GLN U 142 58.37 15.72 -54.93
C GLN U 142 58.00 17.11 -54.41
N VAL U 143 56.92 17.69 -54.93
CA VAL U 143 56.50 19.02 -54.49
C VAL U 143 56.11 18.99 -53.01
N LEU U 144 55.34 17.97 -52.61
CA LEU U 144 54.97 17.83 -51.21
C LEU U 144 56.17 17.48 -50.33
N GLU U 145 57.11 16.71 -50.87
CA GLU U 145 58.29 16.34 -50.09
C GLU U 145 59.12 17.56 -49.72
N THR U 146 59.28 18.49 -50.66
CA THR U 146 60.10 19.68 -50.46
C THR U 146 59.27 20.91 -50.09
N ALA U 147 57.97 20.73 -49.83
CA ALA U 147 57.13 21.86 -49.44
C ALA U 147 57.54 22.40 -48.08
N SER U 148 57.45 23.71 -47.93
CA SER U 148 57.80 24.39 -46.68
C SER U 148 56.67 25.33 -46.28
N TYR U 149 56.52 25.52 -44.97
CA TYR U 149 55.45 26.36 -44.45
C TYR U 149 55.94 27.34 -43.38
N ASN U 150 57.25 27.64 -43.35
CA ASN U 150 57.81 28.55 -42.37
C ASN U 150 58.21 29.89 -42.97
N GLY U 151 57.88 30.13 -44.24
CA GLY U 151 58.22 31.38 -44.89
C GLY U 151 59.64 31.46 -45.41
N VAL U 152 60.43 30.42 -45.26
CA VAL U 152 61.81 30.38 -45.74
C VAL U 152 61.95 29.22 -46.72
N LEU U 153 62.48 29.52 -47.91
CA LEU U 153 62.62 28.54 -48.97
C LEU U 153 64.09 28.29 -49.24
N ILE U 154 64.49 27.01 -49.23
CA ILE U 154 65.83 26.59 -49.61
C ILE U 154 65.70 25.79 -50.90
N TRP U 155 66.34 26.27 -51.96
CA TRP U 155 66.21 25.69 -53.29
C TRP U 155 67.52 25.04 -53.68
N LYS U 156 67.47 23.76 -54.07
CA LYS U 156 68.63 23.01 -54.50
C LYS U 156 68.51 22.75 -56.00
N ILE U 157 69.50 23.20 -56.76
CA ILE U 157 69.52 23.04 -58.21
C ILE U 157 70.76 22.23 -58.55
N ARG U 158 70.56 20.93 -58.81
CA ARG U 158 71.64 20.04 -59.18
C ARG U 158 71.92 20.13 -60.67
N ASP U 159 73.07 19.59 -61.08
CA ASP U 159 73.49 19.57 -62.48
C ASP U 159 73.49 20.98 -63.08
N TYR U 160 74.22 21.87 -62.41
CA TYR U 160 74.26 23.27 -62.84
C TYR U 160 74.98 23.43 -64.17
N LYS U 161 75.98 22.60 -64.45
CA LYS U 161 76.77 22.77 -65.67
C LYS U 161 75.93 22.56 -66.92
N ARG U 162 75.15 21.47 -66.96
CA ARG U 162 74.37 21.19 -68.17
C ARG U 162 73.21 22.15 -68.32
N ARG U 163 72.62 22.60 -67.20
CA ARG U 163 71.49 23.53 -67.29
C ARG U 163 71.93 24.95 -67.63
N LYS U 164 73.13 25.36 -67.18
CA LYS U 164 73.67 26.64 -67.59
C LYS U 164 73.91 26.68 -69.10
N GLN U 165 74.43 25.57 -69.65
CA GLN U 165 74.60 25.49 -71.11
C GLN U 165 73.27 25.55 -71.82
N GLU U 166 72.24 24.89 -71.27
CA GLU U 166 70.92 24.95 -71.88
C GLU U 166 70.36 26.36 -71.89
N ALA U 167 70.60 27.11 -70.82
CA ALA U 167 70.17 28.51 -70.79
C ALA U 167 70.89 29.33 -71.86
N VAL U 168 72.18 29.08 -72.05
CA VAL U 168 72.92 29.76 -73.11
C VAL U 168 72.37 29.39 -74.49
N MET U 169 72.10 28.10 -74.70
CA MET U 169 71.54 27.65 -75.97
C MET U 169 70.08 28.01 -76.13
N GLY U 170 69.43 28.50 -75.06
CA GLY U 170 68.03 28.87 -75.14
C GLY U 170 67.05 27.73 -74.96
N LYS U 171 67.53 26.53 -74.63
CA LYS U 171 66.63 25.41 -74.41
C LYS U 171 65.71 25.66 -73.22
N THR U 172 66.26 26.19 -72.13
CA THR U 172 65.48 26.51 -70.94
C THR U 172 66.04 27.82 -70.37
N LEU U 173 65.29 28.91 -70.57
CA LEU U 173 65.77 30.22 -70.14
C LEU U 173 65.72 30.37 -68.63
N SER U 174 64.63 29.93 -68.00
CA SER U 174 64.44 30.12 -66.58
C SER U 174 63.95 28.83 -65.93
N LEU U 175 64.16 28.74 -64.62
CA LEU U 175 63.74 27.59 -63.83
C LEU U 175 62.83 28.04 -62.71
N TYR U 176 61.84 27.22 -62.40
CA TYR U 176 60.86 27.52 -61.35
C TYR U 176 61.09 26.60 -60.15
N SER U 177 61.08 27.20 -58.96
CA SER U 177 61.25 26.44 -57.73
C SER U 177 59.92 25.83 -57.29
N GLN U 178 60.02 24.91 -56.33
CA GLN U 178 58.82 24.33 -55.75
C GLN U 178 58.08 25.38 -54.92
N PRO U 179 56.75 25.29 -54.84
CA PRO U 179 55.99 26.29 -54.07
C PRO U 179 56.34 26.23 -52.59
N PHE U 180 56.37 27.40 -51.97
CA PHE U 180 56.59 27.53 -50.53
C PHE U 180 55.61 28.55 -49.97
N TYR U 181 55.31 28.42 -48.69
CA TYR U 181 54.25 29.20 -48.05
C TYR U 181 54.77 29.83 -46.76
N THR U 182 54.19 30.97 -46.40
CA THR U 182 54.46 31.56 -45.10
C THR U 182 53.87 30.75 -43.96
N GLY U 183 52.84 29.97 -44.23
CA GLY U 183 52.20 29.17 -43.21
C GLY U 183 51.30 28.11 -43.84
N TYR U 184 50.56 27.43 -42.98
CA TYR U 184 49.65 26.39 -43.46
C TYR U 184 48.54 26.98 -44.32
N PHE U 185 48.17 28.23 -44.07
CA PHE U 185 47.13 28.92 -44.83
C PHE U 185 47.60 30.32 -45.22
N GLY U 186 48.82 30.42 -45.74
CA GLY U 186 49.39 31.67 -46.14
C GLY U 186 49.48 31.82 -47.65
N TYR U 187 50.36 32.73 -48.07
CA TYR U 187 50.56 32.98 -49.49
C TYR U 187 51.22 31.79 -50.16
N LYS U 188 50.86 31.54 -51.42
CA LYS U 188 51.50 30.52 -52.23
C LYS U 188 52.53 31.20 -53.12
N MET U 189 53.80 30.87 -52.91
CA MET U 189 54.89 31.61 -53.51
C MET U 189 55.91 30.64 -54.09
N CYS U 190 56.77 31.16 -54.98
CA CYS U 190 57.85 30.37 -55.55
C CYS U 190 58.95 31.32 -56.00
N ALA U 191 60.04 30.73 -56.48
CA ALA U 191 61.21 31.48 -56.93
C ALA U 191 61.55 31.13 -58.37
N ARG U 192 61.97 32.13 -59.14
CA ARG U 192 62.36 31.96 -60.53
C ARG U 192 63.78 32.48 -60.72
N VAL U 193 64.60 31.69 -61.43
CA VAL U 193 66.01 32.02 -61.62
C VAL U 193 66.35 31.92 -63.10
N TYR U 194 67.21 32.82 -63.57
CA TYR U 194 67.78 32.77 -64.91
C TYR U 194 69.28 32.49 -64.77
N LEU U 195 69.70 31.31 -65.23
CA LEU U 195 71.11 30.94 -65.13
C LEU U 195 71.97 31.83 -66.01
N ASN U 196 71.51 32.15 -67.21
CA ASN U 196 72.25 33.00 -68.14
C ASN U 196 71.87 34.47 -68.03
N GLY U 197 70.96 34.82 -67.13
CA GLY U 197 70.54 36.19 -66.96
C GLY U 197 69.29 36.53 -67.77
N ASP U 198 68.63 37.61 -67.37
CA ASP U 198 67.42 38.07 -68.02
C ASP U 198 67.43 39.58 -68.12
N GLY U 199 66.84 40.10 -69.21
CA GLY U 199 66.78 41.53 -69.39
C GLY U 199 68.16 42.14 -69.54
N MET U 200 68.43 43.16 -68.72
CA MET U 200 69.72 43.85 -68.76
C MET U 200 70.87 42.99 -68.25
N GLY U 201 70.59 41.91 -67.56
CA GLY U 201 71.64 41.04 -67.05
C GLY U 201 71.85 39.80 -67.89
N LYS U 202 71.31 39.81 -69.11
CA LYS U 202 71.43 38.65 -69.98
C LYS U 202 72.87 38.47 -70.45
N GLY U 203 73.42 37.28 -70.24
CA GLY U 203 74.76 36.95 -70.71
C GLY U 203 75.88 37.39 -69.82
N THR U 204 75.62 38.24 -68.82
CA THR U 204 76.66 38.73 -67.93
C THR U 204 76.40 38.48 -66.46
N HIS U 205 75.14 38.29 -66.05
CA HIS U 205 74.80 38.11 -64.64
C HIS U 205 73.83 36.96 -64.50
N LEU U 206 73.52 36.62 -63.26
CA LEU U 206 72.48 35.66 -62.93
C LEU U 206 71.27 36.41 -62.38
N SER U 207 70.09 36.11 -62.92
CA SER U 207 68.87 36.80 -62.56
C SER U 207 68.01 35.93 -61.66
N LEU U 208 67.57 36.49 -60.55
CA LEU U 208 66.70 35.81 -59.60
C LEU U 208 65.43 36.62 -59.44
N PHE U 209 64.28 35.96 -59.59
CA PHE U 209 62.99 36.64 -59.52
C PHE U 209 62.08 35.96 -58.52
N PHE U 210 61.24 36.77 -57.88
CA PHE U 210 60.33 36.33 -56.84
C PHE U 210 58.90 36.40 -57.37
N VAL U 211 58.18 35.29 -57.23
CA VAL U 211 56.90 35.09 -57.91
C VAL U 211 55.82 34.84 -56.88
N ILE U 212 54.67 35.47 -57.07
CA ILE U 212 53.49 35.25 -56.23
C ILE U 212 52.53 34.36 -57.01
N MET U 213 52.16 33.23 -56.42
CA MET U 213 51.23 32.29 -57.04
C MET U 213 49.85 32.40 -56.38
N ARG U 214 48.85 31.90 -57.09
CA ARG U 214 47.48 31.93 -56.58
C ARG U 214 47.30 30.88 -55.50
N GLY U 215 47.06 31.33 -54.27
CA GLY U 215 46.82 30.42 -53.17
C GLY U 215 45.34 30.13 -52.97
N GLU U 216 45.06 28.97 -52.37
CA GLU U 216 43.68 28.58 -52.13
C GLU U 216 43.01 29.43 -51.07
N TYR U 217 43.77 30.17 -50.27
CA TYR U 217 43.23 31.02 -49.21
C TYR U 217 43.55 32.49 -49.47
N ASP U 218 43.68 32.87 -50.74
CA ASP U 218 44.02 34.25 -51.09
C ASP U 218 42.91 35.22 -50.67
N ALA U 219 41.66 34.75 -50.61
CA ALA U 219 40.55 35.62 -50.25
C ALA U 219 40.64 36.11 -48.81
N LEU U 220 41.27 35.36 -47.92
CA LEU U 220 41.41 35.74 -46.52
C LEU U 220 42.73 36.45 -46.23
N LEU U 221 43.57 36.65 -47.23
CA LEU U 221 44.87 37.28 -46.97
C LEU U 221 44.85 38.75 -47.41
N PRO U 222 45.54 39.62 -46.68
CA PRO U 222 45.59 41.02 -47.07
C PRO U 222 46.31 41.22 -48.40
N TRP U 223 45.87 42.22 -49.14
CA TRP U 223 46.46 42.60 -50.41
C TRP U 223 46.57 44.11 -50.48
N PRO U 224 47.58 44.64 -51.19
CA PRO U 224 48.64 43.95 -51.95
C PRO U 224 49.69 43.32 -51.03
N PHE U 225 50.50 42.41 -51.58
CA PHE U 225 51.55 41.77 -50.81
C PHE U 225 52.56 42.83 -50.34
N LYS U 226 52.93 42.77 -49.06
CA LYS U 226 53.84 43.76 -48.49
C LYS U 226 54.87 43.16 -47.55
N GLN U 227 54.93 41.84 -47.39
CA GLN U 227 55.94 41.23 -46.52
C GLN U 227 57.32 41.40 -47.14
N LYS U 228 58.29 41.73 -46.29
CA LYS U 228 59.65 41.93 -46.76
C LYS U 228 60.22 40.64 -47.33
N VAL U 229 60.84 40.74 -48.52
CA VAL U 229 61.38 39.59 -49.22
C VAL U 229 62.88 39.80 -49.39
N THR U 230 63.67 38.81 -48.96
CA THR U 230 65.12 38.85 -49.07
C THR U 230 65.57 37.69 -49.94
N LEU U 231 66.30 37.99 -51.01
CA LEU U 231 66.85 36.98 -51.89
C LEU U 231 68.32 36.77 -51.55
N MET U 232 68.69 35.53 -51.25
CA MET U 232 70.03 35.20 -50.80
C MET U 232 70.57 34.02 -51.59
N LEU U 233 71.87 34.06 -51.87
CA LEU U 233 72.58 32.97 -52.53
C LEU U 233 73.52 32.33 -51.51
N MET U 234 73.25 31.07 -51.18
CA MET U 234 74.00 30.40 -50.12
C MET U 234 75.45 30.16 -50.54
N ASP U 235 76.36 30.39 -49.59
CA ASP U 235 77.78 30.14 -49.80
C ASP U 235 78.12 28.77 -49.24
N GLN U 236 78.44 27.83 -50.13
CA GLN U 236 78.72 26.45 -49.73
C GLN U 236 80.10 26.28 -49.12
N GLY U 237 80.96 27.29 -49.19
CA GLY U 237 82.29 27.20 -48.63
C GLY U 237 82.30 27.44 -47.13
N SER U 238 83.50 27.28 -46.55
CA SER U 238 83.67 27.49 -45.12
C SER U 238 83.52 28.95 -44.73
N SER U 239 83.74 29.88 -45.66
CA SER U 239 83.57 31.29 -45.36
C SER U 239 82.11 31.64 -45.06
N ARG U 240 81.18 30.95 -45.71
CA ARG U 240 79.74 31.18 -45.54
C ARG U 240 79.38 32.64 -45.84
N ARG U 241 80.03 33.22 -46.85
CA ARG U 241 79.78 34.59 -47.26
C ARG U 241 78.62 34.58 -48.27
N HIS U 242 77.41 34.51 -47.72
CA HIS U 242 76.23 34.44 -48.56
C HIS U 242 75.97 35.77 -49.24
N LEU U 243 75.70 35.73 -50.55
CA LEU U 243 75.33 36.93 -51.28
C LEU U 243 73.83 37.12 -51.20
N GLY U 244 73.40 38.32 -50.79
CA GLY U 244 72.00 38.58 -50.57
C GLY U 244 71.61 39.96 -51.07
N ASP U 245 70.30 40.12 -51.27
CA ASP U 245 69.74 41.40 -51.72
C ASP U 245 68.30 41.47 -51.23
N ALA U 246 68.04 42.32 -50.25
CA ALA U 246 66.71 42.47 -49.66
C ALA U 246 66.00 43.66 -50.30
N PHE U 247 64.68 43.53 -50.43
CA PHE U 247 63.88 44.57 -51.04
C PHE U 247 62.47 44.54 -50.46
N LYS U 248 61.75 45.63 -50.63
CA LYS U 248 60.37 45.76 -50.19
C LYS U 248 59.44 45.70 -51.40
N PRO U 249 58.39 44.88 -51.35
CA PRO U 249 57.47 44.77 -52.49
C PRO U 249 56.89 46.12 -52.90
N ASP U 250 56.79 46.32 -54.21
CA ASP U 250 56.24 47.55 -54.75
C ASP U 250 54.73 47.59 -54.50
N PRO U 251 54.21 48.63 -53.85
CA PRO U 251 52.78 48.65 -53.51
C PRO U 251 51.85 48.65 -54.72
N ASN U 252 52.33 49.03 -55.90
CA ASN U 252 51.45 49.15 -57.06
C ASN U 252 52.00 48.40 -58.27
N SER U 253 52.48 47.18 -58.07
CA SER U 253 52.97 46.33 -59.15
C SER U 253 52.07 45.12 -59.30
N SER U 254 51.95 44.63 -60.54
CA SER U 254 51.12 43.46 -60.81
C SER U 254 51.69 42.21 -60.15
N SER U 255 52.96 42.24 -59.76
CA SER U 255 53.59 41.09 -59.12
C SER U 255 53.04 40.83 -57.72
N PHE U 256 52.63 41.87 -57.00
CA PHE U 256 52.21 41.74 -55.61
C PHE U 256 50.72 41.99 -55.41
N LYS U 257 49.93 42.03 -56.49
CA LYS U 257 48.49 42.17 -56.36
C LYS U 257 47.86 40.82 -56.02
N LYS U 258 46.54 40.81 -55.90
CA LYS U 258 45.83 39.55 -55.71
C LYS U 258 45.90 38.75 -57.00
N PRO U 259 46.41 37.51 -56.97
CA PRO U 259 46.59 36.76 -58.22
C PRO U 259 45.25 36.48 -58.90
N THR U 260 45.26 36.53 -60.22
CA THR U 260 44.11 36.14 -61.03
C THR U 260 44.37 34.88 -61.85
N GLY U 261 45.59 34.68 -62.33
CA GLY U 261 45.98 33.47 -63.00
C GLY U 261 46.74 32.53 -62.08
N GLU U 262 47.43 31.57 -62.69
CA GLU U 262 48.21 30.61 -61.90
C GLU U 262 49.35 31.30 -61.17
N MET U 263 50.10 32.14 -61.88
CA MET U 263 51.20 32.90 -61.28
C MET U 263 51.16 34.33 -61.78
N ASN U 264 51.73 35.22 -60.99
CA ASN U 264 51.84 36.62 -61.36
C ASN U 264 53.15 36.88 -62.10
N ILE U 265 53.40 38.14 -62.42
CA ILE U 265 54.63 38.51 -63.12
C ILE U 265 55.80 38.39 -62.16
N ALA U 266 56.86 37.71 -62.60
CA ALA U 266 58.05 37.55 -61.77
C ALA U 266 58.72 38.89 -61.53
N SER U 267 59.21 39.09 -60.31
CA SER U 267 59.88 40.32 -59.92
C SER U 267 61.11 39.99 -59.08
N GLY U 268 62.20 40.71 -59.32
CA GLY U 268 63.42 40.47 -58.57
C GLY U 268 64.59 41.32 -59.04
N CYS U 269 65.80 40.77 -58.95
CA CYS U 269 67.02 41.48 -59.33
C CYS U 269 67.67 40.79 -60.52
N PRO U 270 67.52 41.33 -61.74
CA PRO U 270 68.20 40.72 -62.89
C PRO U 270 69.72 40.76 -62.80
N VAL U 271 70.28 41.63 -61.95
CA VAL U 271 71.72 41.78 -61.82
C VAL U 271 72.14 41.36 -60.42
N PHE U 272 71.43 40.37 -59.86
CA PHE U 272 71.69 39.88 -58.51
C PHE U 272 73.15 39.56 -58.27
N VAL U 273 73.70 38.62 -59.03
CA VAL U 273 75.10 38.22 -58.90
C VAL U 273 75.71 38.10 -60.30
N ALA U 274 76.93 38.59 -60.43
CA ALA U 274 77.66 38.49 -61.70
C ALA U 274 78.03 37.04 -61.97
N GLN U 275 77.99 36.64 -63.24
CA GLN U 275 78.31 35.28 -63.62
C GLN U 275 79.74 34.91 -63.24
N THR U 276 80.69 35.83 -63.48
CA THR U 276 82.08 35.57 -63.13
C THR U 276 82.24 35.43 -61.61
N VAL U 277 81.56 36.29 -60.84
CA VAL U 277 81.64 36.21 -59.39
C VAL U 277 81.09 34.88 -58.90
N LEU U 278 79.97 34.45 -59.49
CA LEU U 278 79.39 33.15 -59.13
C LEU U 278 80.34 32.01 -59.41
N GLU U 279 81.09 32.09 -60.51
CA GLU U 279 81.97 31.01 -60.95
C GLU U 279 83.39 31.16 -60.42
N ASN U 280 83.55 31.73 -59.23
CA ASN U 280 84.85 31.87 -58.58
C ASN U 280 84.95 30.94 -57.37
N GLY U 281 84.25 29.81 -57.43
CA GLY U 281 84.33 28.82 -56.38
C GLY U 281 83.44 29.12 -55.18
N THR U 282 83.36 28.15 -54.28
CA THR U 282 82.63 28.22 -53.01
C THR U 282 81.13 28.36 -53.22
N TYR U 283 80.68 28.38 -54.48
CA TYR U 283 79.26 28.51 -54.80
C TYR U 283 78.72 27.36 -55.62
N ILE U 284 79.57 26.63 -56.34
CA ILE U 284 79.13 25.47 -57.10
C ILE U 284 79.92 24.26 -56.62
N LYS U 285 79.34 23.50 -55.68
CA LYS U 285 79.94 22.26 -55.21
C LYS U 285 79.11 21.08 -55.71
N ASP U 286 79.79 20.10 -56.30
CA ASP U 286 79.14 18.94 -56.90
C ASP U 286 78.12 19.37 -57.96
N ASP U 287 78.46 20.42 -58.69
CA ASP U 287 77.60 20.98 -59.74
C ASP U 287 76.21 21.30 -59.20
N THR U 288 76.15 21.90 -58.01
CA THR U 288 74.87 22.20 -57.36
C THR U 288 74.97 23.56 -56.69
N ILE U 289 73.90 24.34 -56.81
CA ILE U 289 73.81 25.67 -56.20
C ILE U 289 72.63 25.68 -55.24
N PHE U 290 72.74 26.52 -54.22
CA PHE U 290 71.70 26.66 -53.19
C PHE U 290 71.20 28.10 -53.17
N ILE U 291 69.88 28.26 -53.22
CA ILE U 291 69.24 29.56 -53.24
C ILE U 291 68.30 29.65 -52.04
N LYS U 292 68.45 30.71 -51.25
CA LYS U 292 67.64 30.92 -50.06
C LYS U 292 66.78 32.17 -50.23
N VAL U 293 65.49 32.03 -49.97
CA VAL U 293 64.54 33.13 -50.01
C VAL U 293 63.91 33.26 -48.63
N ILE U 294 63.95 34.45 -48.05
CA ILE U 294 63.44 34.71 -46.71
C ILE U 294 62.31 35.73 -46.83
N VAL U 295 61.14 35.36 -46.32
CA VAL U 295 59.97 36.23 -46.31
C VAL U 295 59.59 36.48 -44.86
N ASP U 296 59.50 37.76 -44.48
CA ASP U 296 59.16 38.12 -43.12
C ASP U 296 57.69 37.84 -42.84
N THR U 297 57.42 37.13 -41.74
CA THR U 297 56.07 36.78 -41.34
C THR U 297 55.70 37.33 -39.97
N SER U 298 56.43 38.34 -39.49
CA SER U 298 56.18 38.90 -38.16
C SER U 298 54.90 39.70 -38.08
N ASP U 299 54.32 40.11 -39.21
CA ASP U 299 53.11 40.90 -39.24
C ASP U 299 51.95 40.15 -39.89
N LEU U 300 51.97 38.82 -39.82
CA LEU U 300 50.94 37.99 -40.40
C LEU U 300 50.37 37.06 -39.33
N PRO U 301 49.04 37.04 -39.14
CA PRO U 301 48.37 36.19 -38.16
C PRO U 301 48.64 34.70 -38.38
N SER V 160 76.77 6.68 -21.34
CA SER V 160 76.47 7.78 -22.26
C SER V 160 77.32 7.68 -23.52
N VAL V 161 78.30 6.79 -23.50
CA VAL V 161 79.19 6.59 -24.64
C VAL V 161 78.42 5.88 -25.75
N PRO V 162 78.36 6.45 -26.96
CA PRO V 162 77.67 5.76 -28.05
C PRO V 162 78.33 4.43 -28.38
N VAL V 163 77.51 3.45 -28.76
CA VAL V 163 77.96 2.11 -29.11
C VAL V 163 77.59 1.84 -30.56
N PRO V 164 78.53 1.46 -31.42
CA PRO V 164 78.19 1.18 -32.82
C PRO V 164 77.28 -0.03 -32.97
N ALA V 165 76.79 -0.25 -34.18
CA ALA V 165 75.89 -1.36 -34.46
C ALA V 165 76.67 -2.56 -34.98
N THR V 166 75.95 -3.64 -35.27
CA THR V 166 76.50 -4.90 -35.77
C THR V 166 75.77 -5.30 -37.04
N GLU V 167 75.68 -4.36 -37.99
CA GLU V 167 74.95 -4.54 -39.23
C GLU V 167 75.23 -5.88 -39.90
N LEU V 168 74.21 -6.73 -39.98
CA LEU V 168 74.32 -8.03 -40.66
C LEU V 168 73.38 -8.13 -41.85
N GLY V 169 72.09 -7.83 -41.65
CA GLY V 169 71.13 -7.90 -42.73
C GLY V 169 69.73 -8.04 -42.18
N SER V 170 68.82 -8.45 -43.08
CA SER V 170 67.41 -8.65 -42.74
C SER V 170 66.80 -7.39 -42.12
N THR V 171 66.82 -6.32 -42.90
CA THR V 171 66.31 -5.02 -42.47
C THR V 171 65.06 -4.69 -43.26
N GLU V 172 63.96 -4.42 -42.55
CA GLU V 172 62.69 -4.05 -43.18
C GLU V 172 62.15 -2.82 -42.48
N LEU V 173 62.00 -1.73 -43.23
CA LEU V 173 61.41 -0.52 -42.69
C LEU V 173 59.93 -0.76 -42.38
N VAL V 174 59.52 -0.40 -41.16
CA VAL V 174 58.14 -0.57 -40.73
C VAL V 174 57.62 0.76 -40.20
N THR V 175 56.47 1.17 -40.74
CA THR V 175 55.78 2.38 -40.27
C THR V 175 54.35 2.32 -40.79
N THR V 176 53.39 2.33 -39.87
CA THR V 176 51.98 2.29 -40.25
C THR V 176 51.09 2.73 -39.09
N SER W 160 26.72 27.24 -24.69
CA SER W 160 28.07 26.67 -24.65
C SER W 160 28.01 25.16 -24.46
N VAL W 161 26.82 24.64 -24.17
CA VAL W 161 26.62 23.21 -23.96
C VAL W 161 26.71 22.50 -25.31
N PRO W 162 27.58 21.51 -25.45
CA PRO W 162 27.66 20.77 -26.71
C PRO W 162 26.35 20.06 -27.02
N VAL W 163 26.01 19.99 -28.30
CA VAL W 163 24.79 19.34 -28.77
C VAL W 163 25.19 18.20 -29.69
N PRO W 164 24.72 16.98 -29.44
CA PRO W 164 25.07 15.85 -30.32
C PRO W 164 24.50 16.00 -31.73
N ALA W 165 24.92 15.12 -32.64
CA ALA W 165 24.47 15.17 -34.01
C ALA W 165 23.28 14.24 -34.22
N THR W 166 22.78 14.20 -35.45
CA THR W 166 21.64 13.38 -35.85
C THR W 166 22.01 12.54 -37.06
N GLU W 167 23.14 11.82 -36.95
CA GLU W 167 23.71 11.03 -38.02
C GLU W 167 22.67 10.17 -38.74
N LEU W 168 22.42 10.47 -40.01
CA LEU W 168 21.51 9.70 -40.83
C LEU W 168 22.21 9.05 -42.02
N GLY W 169 22.96 9.83 -42.79
CA GLY W 169 23.67 9.28 -43.94
C GLY W 169 23.99 10.38 -44.93
N SER W 170 24.34 9.96 -46.14
CA SER W 170 24.69 10.86 -47.25
C SER W 170 25.81 11.81 -46.84
N THR W 171 26.96 11.21 -46.51
CA THR W 171 28.13 11.95 -46.07
C THR W 171 29.22 11.84 -47.14
N GLU W 172 29.70 12.98 -47.61
CA GLU W 172 30.77 13.03 -48.61
C GLU W 172 31.82 14.01 -48.15
N LEU W 173 33.04 13.52 -47.93
CA LEU W 173 34.15 14.39 -47.57
C LEU W 173 34.49 15.30 -48.74
N VAL W 174 34.61 16.60 -48.47
CA VAL W 174 34.93 17.58 -49.49
C VAL W 174 36.12 18.41 -49.02
N THR W 175 37.15 18.49 -49.87
CA THR W 175 38.32 19.33 -49.60
C THR W 175 39.05 19.50 -50.93
N THR W 176 39.20 20.74 -51.37
CA THR W 176 39.91 21.03 -52.60
C THR W 176 40.30 22.50 -52.68
N SER X 160 67.08 48.60 -54.39
CA SER X 160 66.00 47.98 -53.62
C SER X 160 64.69 48.01 -54.39
N VAL X 161 64.67 48.75 -55.50
CA VAL X 161 63.48 48.88 -56.34
C VAL X 161 63.26 47.57 -57.09
N PRO X 162 62.08 46.94 -56.96
CA PRO X 162 61.83 45.71 -57.71
C PRO X 162 61.88 45.96 -59.21
N VAL X 163 62.37 44.96 -59.93
CA VAL X 163 62.49 45.01 -61.38
C VAL X 163 61.64 43.90 -61.98
N PRO X 164 60.73 44.20 -62.90
CA PRO X 164 59.90 43.14 -63.50
C PRO X 164 60.71 42.16 -64.33
N ALA X 165 60.08 41.09 -64.77
CA ALA X 165 60.73 40.06 -65.56
C ALA X 165 60.52 40.32 -67.04
N THR X 166 61.09 39.43 -67.87
CA THR X 166 61.01 39.50 -69.33
C THR X 166 60.51 38.17 -69.87
N GLU X 167 59.39 37.70 -69.32
CA GLU X 167 58.81 36.40 -69.64
C GLU X 167 58.75 36.14 -71.15
N LEU X 168 59.51 35.16 -71.61
CA LEU X 168 59.51 34.74 -73.01
C LEU X 168 59.03 33.31 -73.19
N GLY X 169 59.60 32.36 -72.45
CA GLY X 169 59.20 30.98 -72.56
C GLY X 169 60.31 30.06 -72.06
N SER X 170 60.18 28.78 -72.42
CA SER X 170 61.14 27.75 -72.04
C SER X 170 61.33 27.70 -70.52
N THR X 171 60.23 27.43 -69.83
CA THR X 171 60.23 27.37 -68.37
C THR X 171 60.00 25.93 -67.92
N GLU X 172 60.91 25.41 -67.11
CA GLU X 172 60.81 24.05 -66.59
C GLU X 172 61.04 24.10 -65.08
N LEU X 173 60.03 23.69 -64.32
CA LEU X 173 60.18 23.61 -62.87
C LEU X 173 61.17 22.50 -62.51
N VAL X 174 62.14 22.84 -61.66
CA VAL X 174 63.16 21.89 -61.23
C VAL X 174 63.21 21.86 -59.71
N THR X 175 63.09 20.66 -59.15
CA THR X 175 63.22 20.47 -57.70
C THR X 175 63.47 18.98 -57.48
N THR X 176 64.61 18.65 -56.86
CA THR X 176 64.93 17.26 -56.57
C THR X 176 66.03 17.17 -55.51
N HIS Y 123 -64.18 -44.40 22.84
CA HIS Y 123 -64.80 -43.55 23.84
C HIS Y 123 -64.34 -43.92 25.25
N ASP Y 124 -64.18 -45.23 25.48
CA ASP Y 124 -63.74 -45.70 26.78
C ASP Y 124 -62.33 -45.23 27.10
N GLN Y 125 -61.44 -45.24 26.11
CA GLN Y 125 -60.07 -44.78 26.32
C GLN Y 125 -60.03 -43.31 26.69
N MET Y 126 -60.83 -42.48 26.01
CA MET Y 126 -60.88 -41.06 26.33
C MET Y 126 -61.45 -40.83 27.72
N LEU Y 127 -62.44 -41.63 28.11
CA LEU Y 127 -63.01 -41.50 29.46
C LEU Y 127 -61.97 -41.81 30.53
N SER Y 128 -61.15 -42.84 30.30
CA SER Y 128 -60.08 -43.16 31.24
C SER Y 128 -59.07 -42.01 31.35
N VAL Y 129 -58.73 -41.41 30.22
CA VAL Y 129 -57.83 -40.26 30.22
C VAL Y 129 -58.46 -39.09 30.98
N HIS Y 130 -59.76 -38.87 30.78
CA HIS Y 130 -60.44 -37.79 31.48
C HIS Y 130 -60.43 -38.01 32.99
N ASP Y 131 -60.64 -39.24 33.42
CA ASP Y 131 -60.62 -39.54 34.85
C ASP Y 131 -59.25 -39.26 35.46
N ILE Y 132 -58.19 -39.61 34.74
CA ILE Y 132 -56.83 -39.33 35.22
C ILE Y 132 -56.60 -37.83 35.29
N ARG Y 133 -57.01 -37.11 34.25
CA ARG Y 133 -56.83 -35.66 34.23
C ARG Y 133 -57.65 -34.98 35.33
N LEU Y 134 -58.89 -35.45 35.54
CA LEU Y 134 -59.71 -34.88 36.59
C LEU Y 134 -59.10 -35.11 37.97
N ALA Y 135 -58.55 -36.30 38.21
CA ALA Y 135 -57.89 -36.58 39.47
C ALA Y 135 -56.65 -35.71 39.65
N ASP Y 136 -55.88 -35.51 38.58
CA ASP Y 136 -54.70 -34.66 38.66
C ASP Y 136 -55.07 -33.22 38.99
N MET Y 137 -56.15 -32.73 38.39
CA MET Y 137 -56.59 -31.35 38.67
C MET Y 137 -57.01 -31.20 40.13
N ASP Y 138 -57.64 -32.23 40.69
CA ASP Y 138 -58.09 -32.15 42.09
C ASP Y 138 -56.92 -31.93 43.03
N LEU Y 139 -55.80 -32.62 42.80
CA LEU Y 139 -54.60 -32.36 43.59
C LEU Y 139 -54.05 -30.97 43.33
N ARG Y 140 -54.23 -30.46 42.10
CA ARG Y 140 -53.75 -29.12 41.76
C ARG Y 140 -54.51 -28.05 42.53
N PHE Y 141 -55.81 -28.23 42.72
CA PHE Y 141 -56.60 -27.28 43.48
C PHE Y 141 -56.09 -27.17 44.91
N GLN Y 142 -55.83 -28.31 45.55
CA GLN Y 142 -55.44 -28.32 46.96
C GLN Y 142 -54.10 -27.64 47.17
N VAL Y 143 -53.15 -27.85 46.25
CA VAL Y 143 -51.84 -27.23 46.38
C VAL Y 143 -51.96 -25.71 46.31
N LEU Y 144 -52.75 -25.20 45.35
CA LEU Y 144 -52.96 -23.77 45.24
C LEU Y 144 -53.77 -23.22 46.42
N GLU Y 145 -54.71 -24.02 46.94
CA GLU Y 145 -55.51 -23.57 48.08
C GLU Y 145 -54.66 -23.33 49.30
N THR Y 146 -53.69 -24.22 49.56
CA THR Y 146 -52.84 -24.13 50.74
C THR Y 146 -51.49 -23.49 50.43
N ALA Y 147 -51.30 -22.94 49.24
CA ALA Y 147 -50.04 -22.30 48.90
C ALA Y 147 -49.85 -21.03 49.72
N SER Y 148 -48.59 -20.78 50.09
CA SER Y 148 -48.23 -19.61 50.87
C SER Y 148 -47.07 -18.88 50.23
N TYR Y 149 -47.02 -17.57 50.41
CA TYR Y 149 -45.98 -16.75 49.79
C TYR Y 149 -45.35 -15.77 50.78
N ASN Y 150 -45.47 -16.02 52.08
CA ASN Y 150 -44.91 -15.14 53.11
C ASN Y 150 -43.67 -15.73 53.78
N GLY Y 151 -43.17 -16.86 53.29
CA GLY Y 151 -42.00 -17.49 53.87
C GLY Y 151 -42.27 -18.32 55.11
N VAL Y 152 -43.52 -18.44 55.54
CA VAL Y 152 -43.89 -19.23 56.71
C VAL Y 152 -44.89 -20.29 56.26
N LEU Y 153 -44.60 -21.55 56.60
CA LEU Y 153 -45.43 -22.68 56.21
C LEU Y 153 -46.06 -23.31 57.43
N ILE Y 154 -47.38 -23.48 57.39
CA ILE Y 154 -48.12 -24.20 58.42
C ILE Y 154 -48.66 -25.47 57.79
N TRP Y 155 -48.25 -26.62 58.31
CA TRP Y 155 -48.57 -27.92 57.73
C TRP Y 155 -49.53 -28.66 58.66
N LYS Y 156 -50.66 -29.09 58.13
CA LYS Y 156 -51.66 -29.84 58.88
C LYS Y 156 -51.66 -31.29 58.37
N ILE Y 157 -51.41 -32.23 59.28
CA ILE Y 157 -51.37 -33.64 58.95
C ILE Y 157 -52.46 -34.32 59.76
N ARG Y 158 -53.59 -34.61 59.11
CA ARG Y 158 -54.70 -35.29 59.76
C ARG Y 158 -54.50 -36.81 59.73
N ASP Y 159 -55.29 -37.51 60.54
CA ASP Y 159 -55.24 -38.97 60.64
C ASP Y 159 -53.82 -39.45 60.97
N TYR Y 160 -53.28 -38.90 62.06
CA TYR Y 160 -51.92 -39.23 62.47
C TYR Y 160 -51.80 -40.69 62.90
N LYS Y 161 -52.84 -41.25 63.51
CA LYS Y 161 -52.75 -42.61 64.05
C LYS Y 161 -52.52 -43.64 62.95
N ARG Y 162 -53.31 -43.57 61.87
CA ARG Y 162 -53.18 -44.57 60.82
C ARG Y 162 -51.90 -44.38 60.01
N ARG Y 163 -51.45 -43.13 59.84
CA ARG Y 163 -50.23 -42.88 59.08
C ARG Y 163 -48.98 -43.22 59.87
N LYS Y 164 -49.01 -43.04 61.20
CA LYS Y 164 -47.89 -43.48 62.02
C LYS Y 164 -47.73 -44.99 61.95
N GLN Y 165 -48.84 -45.73 61.97
CA GLN Y 165 -48.78 -47.17 61.81
C GLN Y 165 -48.22 -47.56 60.44
N GLU Y 166 -48.61 -46.82 59.40
CA GLU Y 166 -48.09 -47.09 58.06
C GLU Y 166 -46.58 -46.89 58.00
N ALA Y 167 -46.08 -45.85 58.69
CA ALA Y 167 -44.65 -45.62 58.74
C ALA Y 167 -43.94 -46.77 59.45
N VAL Y 168 -44.54 -47.29 60.52
CA VAL Y 168 -43.96 -48.43 61.22
C VAL Y 168 -43.95 -49.66 60.31
N MET Y 169 -45.07 -49.90 59.60
CA MET Y 169 -45.15 -51.03 58.68
C MET Y 169 -44.34 -50.79 57.40
N GLY Y 170 -43.83 -49.59 57.17
CA GLY Y 170 -43.07 -49.30 55.99
C GLY Y 170 -43.88 -48.97 54.76
N LYS Y 171 -45.20 -48.84 54.88
CA LYS Y 171 -46.02 -48.51 53.73
C LYS Y 171 -45.69 -47.11 53.20
N THR Y 172 -45.49 -46.15 54.10
CA THR Y 172 -45.12 -44.78 53.73
C THR Y 172 -44.14 -44.28 54.77
N LEU Y 173 -42.85 -44.22 54.39
CA LEU Y 173 -41.82 -43.84 55.35
C LEU Y 173 -41.87 -42.35 55.66
N SER Y 174 -42.06 -41.51 54.64
CA SER Y 174 -42.01 -40.06 54.81
C SER Y 174 -43.17 -39.41 54.08
N LEU Y 175 -43.51 -38.20 54.50
CA LEU Y 175 -44.59 -37.42 53.92
C LEU Y 175 -44.04 -36.07 53.45
N TYR Y 176 -44.57 -35.60 52.32
CA TYR Y 176 -44.14 -34.33 51.73
C TYR Y 176 -45.24 -33.29 51.89
N SER Y 177 -44.84 -32.09 52.30
CA SER Y 177 -45.77 -31.00 52.48
C SER Y 177 -46.03 -30.29 51.14
N GLN Y 178 -47.05 -29.44 51.13
CA GLN Y 178 -47.33 -28.64 49.96
C GLN Y 178 -46.23 -27.58 49.79
N PRO Y 179 -45.93 -27.21 48.54
CA PRO Y 179 -44.88 -26.21 48.32
C PRO Y 179 -45.23 -24.86 48.93
N PHE Y 180 -44.22 -24.19 49.45
CA PHE Y 180 -44.38 -22.83 49.98
C PHE Y 180 -43.20 -21.99 49.52
N TYR Y 181 -43.41 -20.67 49.46
CA TYR Y 181 -42.45 -19.77 48.87
C TYR Y 181 -42.19 -18.60 49.81
N THR Y 182 -40.98 -18.02 49.71
CA THR Y 182 -40.69 -16.79 50.42
C THR Y 182 -41.44 -15.60 49.84
N GLY Y 183 -41.84 -15.67 48.58
CA GLY Y 183 -42.54 -14.59 47.94
C GLY Y 183 -43.17 -15.05 46.65
N TYR Y 184 -43.73 -14.09 45.91
CA TYR Y 184 -44.37 -14.41 44.65
C TYR Y 184 -43.37 -14.94 43.63
N PHE Y 185 -42.11 -14.53 43.73
CA PHE Y 185 -41.04 -14.97 42.84
C PHE Y 185 -39.81 -15.37 43.63
N GLY Y 186 -40.00 -16.15 44.70
CA GLY Y 186 -38.93 -16.59 45.55
C GLY Y 186 -38.61 -18.07 45.38
N TYR Y 187 -37.95 -18.62 46.39
CA TYR Y 187 -37.58 -20.02 46.36
C TYR Y 187 -38.81 -20.91 46.46
N LYS Y 188 -38.75 -22.05 45.78
CA LYS Y 188 -39.80 -23.07 45.88
C LYS Y 188 -39.34 -24.13 46.88
N MET Y 189 -40.05 -24.25 47.99
CA MET Y 189 -39.59 -25.04 49.12
C MET Y 189 -40.74 -25.91 49.64
N CYS Y 190 -40.38 -26.93 50.41
CA CYS Y 190 -41.36 -27.81 51.03
C CYS Y 190 -40.72 -28.44 52.26
N ALA Y 191 -41.54 -29.21 52.99
CA ALA Y 191 -41.12 -29.86 54.23
C ALA Y 191 -41.35 -31.36 54.13
N ARG Y 192 -40.42 -32.14 54.69
CA ARG Y 192 -40.50 -33.59 54.70
C ARG Y 192 -40.41 -34.07 56.15
N VAL Y 193 -41.28 -35.01 56.52
CA VAL Y 193 -41.38 -35.51 57.89
C VAL Y 193 -41.36 -37.03 57.87
N TYR Y 194 -40.69 -37.63 58.85
CA TYR Y 194 -40.73 -39.06 59.10
C TYR Y 194 -41.45 -39.31 60.41
N LEU Y 195 -42.64 -39.93 60.33
CA LEU Y 195 -43.42 -40.19 61.54
C LEU Y 195 -42.71 -41.19 62.45
N ASN Y 196 -42.10 -42.22 61.87
CA ASN Y 196 -41.40 -43.24 62.63
C ASN Y 196 -39.90 -42.94 62.78
N GLY Y 197 -39.42 -41.83 62.23
CA GLY Y 197 -38.04 -41.48 62.31
C GLY Y 197 -37.24 -41.95 61.11
N ASP Y 198 -36.07 -41.32 60.93
CA ASP Y 198 -35.19 -41.63 59.82
C ASP Y 198 -33.75 -41.63 60.30
N GLY Y 199 -32.94 -42.50 59.70
CA GLY Y 199 -31.53 -42.57 60.06
C GLY Y 199 -31.35 -42.99 61.50
N MET Y 200 -30.58 -42.20 62.25
CA MET Y 200 -30.30 -42.50 63.65
C MET Y 200 -31.52 -42.34 64.54
N GLY Y 201 -32.57 -41.67 64.07
CA GLY Y 201 -33.76 -41.49 64.87
C GLY Y 201 -34.88 -42.43 64.49
N LYS Y 202 -34.56 -43.49 63.75
CA LYS Y 202 -35.56 -44.43 63.31
C LYS Y 202 -36.08 -45.25 64.49
N GLY Y 203 -37.40 -45.26 64.66
CA GLY Y 203 -38.05 -46.05 65.68
C GLY Y 203 -38.08 -45.43 67.06
N THR Y 204 -37.34 -44.34 67.29
CA THR Y 204 -37.32 -43.70 68.60
C THR Y 204 -37.67 -42.21 68.57
N HIS Y 205 -37.54 -41.53 67.44
CA HIS Y 205 -37.80 -40.11 67.35
C HIS Y 205 -38.63 -39.82 66.11
N LEU Y 206 -39.03 -38.56 65.96
CA LEU Y 206 -39.67 -38.06 64.76
C LEU Y 206 -38.68 -37.19 64.00
N SER Y 207 -38.53 -37.45 62.71
CA SER Y 207 -37.57 -36.77 61.86
C SER Y 207 -38.27 -35.75 60.97
N LEU Y 208 -37.77 -34.52 60.97
CA LEU Y 208 -38.29 -33.45 60.14
C LEU Y 208 -37.16 -32.94 59.26
N PHE Y 209 -37.41 -32.85 57.96
CA PHE Y 209 -36.40 -32.45 57.00
C PHE Y 209 -36.92 -31.30 56.13
N PHE Y 210 -35.99 -30.43 55.75
CA PHE Y 210 -36.28 -29.23 54.99
C PHE Y 210 -35.73 -29.40 53.57
N VAL Y 211 -36.58 -29.17 52.58
CA VAL Y 211 -36.29 -29.55 51.19
C VAL Y 211 -36.36 -28.30 50.32
N ILE Y 212 -35.39 -28.17 49.42
CA ILE Y 212 -35.37 -27.10 48.43
C ILE Y 212 -35.82 -27.68 47.10
N MET Y 213 -36.86 -27.10 46.50
CA MET Y 213 -37.38 -27.54 45.22
C MET Y 213 -36.96 -26.58 44.12
N ARG Y 214 -37.04 -27.05 42.88
CA ARG Y 214 -36.67 -26.24 41.74
C ARG Y 214 -37.76 -25.22 41.46
N GLY Y 215 -37.43 -23.94 41.62
CA GLY Y 215 -38.38 -22.87 41.34
C GLY Y 215 -38.24 -22.35 39.92
N GLU Y 216 -39.34 -21.78 39.41
CA GLU Y 216 -39.33 -21.24 38.06
C GLU Y 216 -38.47 -20.00 37.92
N TYR Y 217 -38.11 -19.36 39.03
CA TYR Y 217 -37.29 -18.15 39.01
C TYR Y 217 -35.98 -18.37 39.74
N ASP Y 218 -35.47 -19.61 39.71
CA ASP Y 218 -34.22 -19.92 40.39
C ASP Y 218 -33.03 -19.20 39.77
N ALA Y 219 -33.11 -18.87 38.47
CA ALA Y 219 -32.01 -18.20 37.80
C ALA Y 219 -31.76 -16.80 38.33
N LEU Y 220 -32.80 -16.13 38.86
CA LEU Y 220 -32.67 -14.79 39.39
C LEU Y 220 -32.44 -14.76 40.90
N LEU Y 221 -32.34 -15.93 41.54
CA LEU Y 221 -32.17 -15.94 42.98
C LEU Y 221 -30.73 -16.26 43.35
N PRO Y 222 -30.22 -15.65 44.42
CA PRO Y 222 -28.84 -15.95 44.84
C PRO Y 222 -28.68 -17.39 45.30
N TRP Y 223 -27.51 -17.94 45.06
CA TRP Y 223 -27.15 -19.29 45.47
C TRP Y 223 -25.74 -19.27 46.05
N PRO Y 224 -25.44 -20.17 47.00
CA PRO Y 224 -26.30 -21.20 47.60
C PRO Y 224 -27.34 -20.61 48.55
N PHE Y 225 -28.36 -21.39 48.90
CA PHE Y 225 -29.38 -20.93 49.84
C PHE Y 225 -28.75 -20.65 51.20
N LYS Y 226 -29.09 -19.49 51.78
CA LYS Y 226 -28.51 -19.09 53.05
C LYS Y 226 -29.50 -18.47 54.01
N GLN Y 227 -30.80 -18.42 53.68
CA GLN Y 227 -31.78 -17.86 54.59
C GLN Y 227 -31.95 -18.77 55.80
N LYS Y 228 -32.04 -18.15 56.97
CA LYS Y 228 -32.19 -18.93 58.21
C LYS Y 228 -33.50 -19.71 58.19
N VAL Y 229 -33.43 -20.98 58.55
CA VAL Y 229 -34.58 -21.88 58.55
C VAL Y 229 -34.80 -22.38 59.97
N THR Y 230 -36.02 -22.22 60.47
CA THR Y 230 -36.40 -22.67 61.80
C THR Y 230 -37.51 -23.69 61.67
N LEU Y 231 -37.30 -24.88 62.22
CA LEU Y 231 -38.29 -25.95 62.23
C LEU Y 231 -38.96 -25.97 63.59
N MET Y 232 -40.30 -25.85 63.59
CA MET Y 232 -41.07 -25.75 64.83
C MET Y 232 -42.23 -26.74 64.78
N LEU Y 233 -42.55 -27.32 65.95
CA LEU Y 233 -43.69 -28.19 66.12
C LEU Y 233 -44.71 -27.47 66.98
N MET Y 234 -45.87 -27.17 66.41
CA MET Y 234 -46.87 -26.37 67.10
C MET Y 234 -47.47 -27.13 68.28
N ASP Y 235 -47.67 -26.42 69.39
CA ASP Y 235 -48.29 -26.97 70.58
C ASP Y 235 -49.77 -26.61 70.57
N GLN Y 236 -50.62 -27.61 70.37
CA GLN Y 236 -52.06 -27.37 70.27
C GLN Y 236 -52.72 -27.12 71.63
N GLY Y 237 -52.00 -27.32 72.74
CA GLY Y 237 -52.56 -27.11 74.04
C GLY Y 237 -52.55 -25.64 74.45
N SER Y 238 -53.14 -25.38 75.62
CA SER Y 238 -53.19 -24.01 76.13
C SER Y 238 -51.82 -23.51 76.55
N SER Y 239 -50.87 -24.40 76.84
CA SER Y 239 -49.53 -23.96 77.21
C SER Y 239 -48.81 -23.30 76.03
N ARG Y 240 -49.09 -23.76 74.80
CA ARG Y 240 -48.47 -23.23 73.60
C ARG Y 240 -46.95 -23.34 73.66
N ARG Y 241 -46.46 -24.44 74.25
CA ARG Y 241 -45.02 -24.68 74.37
C ARG Y 241 -44.56 -25.38 73.09
N HIS Y 242 -44.35 -24.57 72.06
CA HIS Y 242 -43.94 -25.11 70.76
C HIS Y 242 -42.51 -25.61 70.82
N LEU Y 243 -42.29 -26.82 70.30
CA LEU Y 243 -40.94 -27.36 70.19
C LEU Y 243 -40.32 -26.92 68.88
N GLY Y 244 -39.12 -26.33 68.95
CA GLY Y 244 -38.49 -25.77 67.77
C GLY Y 244 -37.00 -26.07 67.75
N ASP Y 245 -36.43 -25.94 66.55
CA ASP Y 245 -35.00 -26.15 66.36
C ASP Y 245 -34.58 -25.34 65.15
N ALA Y 246 -33.84 -24.25 65.38
CA ALA Y 246 -33.38 -23.38 64.31
C ALA Y 246 -31.96 -23.74 63.90
N PHE Y 247 -31.67 -23.55 62.62
CA PHE Y 247 -30.36 -23.90 62.08
C PHE Y 247 -30.06 -22.99 60.89
N LYS Y 248 -28.78 -22.93 60.54
CA LYS Y 248 -28.31 -22.16 59.39
C LYS Y 248 -27.93 -23.11 58.27
N PRO Y 249 -28.40 -22.86 57.04
CA PRO Y 249 -28.07 -23.77 55.92
C PRO Y 249 -26.56 -23.93 55.74
N ASP Y 250 -26.16 -25.16 55.43
CA ASP Y 250 -24.75 -25.47 55.22
C ASP Y 250 -24.31 -24.87 53.89
N PRO Y 251 -23.25 -24.04 53.87
CA PRO Y 251 -22.85 -23.37 52.63
C PRO Y 251 -22.42 -24.31 51.51
N ASN Y 252 -22.05 -25.56 51.84
CA ASN Y 252 -21.51 -26.46 50.83
C ASN Y 252 -22.21 -27.81 50.84
N SER Y 253 -23.54 -27.81 50.94
CA SER Y 253 -24.32 -29.04 50.90
C SER Y 253 -25.19 -29.06 49.65
N SER Y 254 -25.44 -30.27 49.13
CA SER Y 254 -26.26 -30.40 47.93
C SER Y 254 -27.71 -29.99 48.19
N SER Y 255 -28.10 -29.91 49.46
CA SER Y 255 -29.47 -29.52 49.81
C SER Y 255 -29.75 -28.05 49.50
N PHE Y 256 -28.75 -27.18 49.60
CA PHE Y 256 -28.94 -25.74 49.45
C PHE Y 256 -28.29 -25.18 48.18
N LYS Y 257 -27.88 -26.03 47.26
CA LYS Y 257 -27.33 -25.56 46.00
C LYS Y 257 -28.46 -25.19 45.04
N LYS Y 258 -28.10 -24.75 43.85
CA LYS Y 258 -29.10 -24.48 42.82
C LYS Y 258 -29.70 -25.80 42.37
N PRO Y 259 -31.02 -25.98 42.46
CA PRO Y 259 -31.61 -27.27 42.12
C PRO Y 259 -31.39 -27.63 40.66
N THR Y 260 -31.16 -28.92 40.41
CA THR Y 260 -31.08 -29.46 39.06
C THR Y 260 -32.22 -30.40 38.72
N GLY Y 261 -32.71 -31.16 39.69
CA GLY Y 261 -33.89 -32.00 39.53
C GLY Y 261 -35.12 -31.34 40.11
N GLU Y 262 -36.15 -32.17 40.33
CA GLU Y 262 -37.39 -31.66 40.90
C GLU Y 262 -37.18 -31.16 42.33
N MET Y 263 -36.51 -31.97 43.15
CA MET Y 263 -36.21 -31.61 44.53
C MET Y 263 -34.77 -31.98 44.84
N ASN Y 264 -34.19 -31.28 45.83
CA ASN Y 264 -32.86 -31.58 46.30
C ASN Y 264 -32.90 -32.59 47.43
N ILE Y 265 -31.74 -32.88 48.01
CA ILE Y 265 -31.67 -33.81 49.13
C ILE Y 265 -32.26 -33.18 50.37
N ALA Y 266 -33.15 -33.90 51.04
CA ALA Y 266 -33.77 -33.39 52.25
C ALA Y 266 -32.74 -33.22 53.36
N SER Y 267 -32.87 -32.14 54.12
CA SER Y 267 -31.96 -31.84 55.22
C SER Y 267 -32.75 -31.34 56.41
N GLY Y 268 -32.35 -31.77 57.60
CA GLY Y 268 -33.04 -31.36 58.82
C GLY Y 268 -32.53 -32.04 60.06
N CYS Y 269 -33.42 -32.27 61.03
CA CYS Y 269 -33.05 -32.88 62.31
C CYS Y 269 -33.73 -34.23 62.44
N PRO Y 270 -33.02 -35.34 62.24
CA PRO Y 270 -33.63 -36.66 62.43
C PRO Y 270 -34.04 -36.93 63.87
N VAL Y 271 -33.51 -36.18 64.83
CA VAL Y 271 -33.82 -36.39 66.25
C VAL Y 271 -34.54 -35.16 66.79
N PHE Y 272 -35.34 -34.52 65.93
CA PHE Y 272 -36.06 -33.30 66.28
C PHE Y 272 -36.83 -33.44 67.59
N VAL Y 273 -37.78 -34.37 67.63
CA VAL Y 273 -38.59 -34.61 68.82
C VAL Y 273 -38.68 -36.10 69.07
N ALA Y 274 -38.57 -36.50 70.33
CA ALA Y 274 -38.71 -37.90 70.71
C ALA Y 274 -40.15 -38.35 70.53
N GLN Y 275 -40.33 -39.60 70.11
CA GLN Y 275 -41.67 -40.14 69.90
C GLN Y 275 -42.49 -40.14 71.18
N THR Y 276 -41.87 -40.53 72.29
CA THR Y 276 -42.56 -40.53 73.57
C THR Y 276 -42.97 -39.11 73.99
N VAL Y 277 -42.06 -38.15 73.79
CA VAL Y 277 -42.36 -36.77 74.14
C VAL Y 277 -43.52 -36.25 73.30
N LEU Y 278 -43.51 -36.58 72.01
CA LEU Y 278 -44.61 -36.19 71.13
C LEU Y 278 -45.94 -36.76 71.60
N GLU Y 279 -45.93 -38.01 72.08
CA GLU Y 279 -47.15 -38.71 72.46
C GLU Y 279 -47.50 -38.53 73.92
N ASN Y 280 -47.18 -37.37 74.50
CA ASN Y 280 -47.53 -37.03 75.88
C ASN Y 280 -48.60 -35.95 75.92
N GLY Y 281 -49.45 -35.91 74.90
CA GLY Y 281 -50.57 -34.98 74.88
C GLY Y 281 -50.18 -33.60 74.40
N THR Y 282 -51.20 -32.77 74.19
CA THR Y 282 -51.08 -31.37 73.80
C THR Y 282 -50.48 -31.21 72.41
N TYR Y 283 -50.14 -32.31 71.74
CA TYR Y 283 -49.57 -32.28 70.41
C TYR Y 283 -50.38 -33.02 69.37
N ILE Y 284 -51.22 -33.97 69.78
CA ILE Y 284 -52.09 -34.69 68.84
C ILE Y 284 -53.53 -34.49 69.28
N LYS Y 285 -54.20 -33.50 68.70
CA LYS Y 285 -55.61 -33.26 68.95
C LYS Y 285 -56.41 -33.63 67.71
N ASP Y 286 -57.46 -34.43 67.89
CA ASP Y 286 -58.29 -34.94 66.80
C ASP Y 286 -57.43 -35.69 65.78
N ASP Y 287 -56.42 -36.41 66.28
CA ASP Y 287 -55.50 -37.19 65.45
C ASP Y 287 -54.86 -36.32 64.38
N THR Y 288 -54.45 -35.10 64.75
CA THR Y 288 -53.87 -34.15 63.81
C THR Y 288 -52.71 -33.43 64.46
N ILE Y 289 -51.63 -33.24 63.70
CA ILE Y 289 -50.44 -32.54 64.16
C ILE Y 289 -50.22 -31.32 63.28
N PHE Y 290 -49.59 -30.29 63.85
CA PHE Y 290 -49.30 -29.05 63.16
C PHE Y 290 -47.80 -28.82 63.15
N ILE Y 291 -47.25 -28.55 61.97
CA ILE Y 291 -45.82 -28.31 61.79
C ILE Y 291 -45.63 -26.93 61.19
N LYS Y 292 -44.78 -26.13 61.83
CA LYS Y 292 -44.50 -24.76 61.39
C LYS Y 292 -43.05 -24.65 60.97
N VAL Y 293 -42.83 -24.09 59.77
CA VAL Y 293 -41.50 -23.82 59.24
C VAL Y 293 -41.39 -22.33 58.97
N ILE Y 294 -40.36 -21.70 59.53
CA ILE Y 294 -40.15 -20.27 59.41
C ILE Y 294 -38.84 -20.04 58.66
N VAL Y 295 -38.90 -19.29 57.56
CA VAL Y 295 -37.74 -18.95 56.76
C VAL Y 295 -37.59 -17.44 56.78
N ASP Y 296 -36.40 -16.97 57.19
CA ASP Y 296 -36.16 -15.53 57.27
C ASP Y 296 -36.03 -14.93 55.87
N THR Y 297 -36.77 -13.84 55.63
CA THR Y 297 -36.75 -13.17 54.34
C THR Y 297 -36.32 -11.71 54.46
N SER Y 298 -35.64 -11.35 55.55
CA SER Y 298 -35.23 -9.97 55.77
C SER Y 298 -34.10 -9.53 54.86
N ASP Y 299 -33.39 -10.47 54.23
CA ASP Y 299 -32.27 -10.15 53.35
C ASP Y 299 -32.54 -10.55 51.90
N LEU Y 300 -33.82 -10.59 51.52
CA LEU Y 300 -34.23 -10.96 50.18
C LEU Y 300 -35.08 -9.85 49.56
N PRO Y 301 -34.73 -9.36 48.37
CA PRO Y 301 -35.47 -8.30 47.67
C PRO Y 301 -36.93 -8.68 47.41
N HIS Z 123 -70.94 -45.98 30.21
CA HIS Z 123 -70.26 -44.78 29.73
C HIS Z 123 -71.09 -43.53 30.03
N ASP Z 124 -72.41 -43.65 29.90
CA ASP Z 124 -73.28 -42.52 30.18
C ASP Z 124 -73.21 -42.10 31.65
N GLN Z 125 -73.15 -43.08 32.55
CA GLN Z 125 -73.08 -42.76 33.97
C GLN Z 125 -71.79 -42.02 34.31
N MET Z 126 -70.66 -42.45 33.72
CA MET Z 126 -69.39 -41.76 33.97
C MET Z 126 -69.41 -40.35 33.39
N LEU Z 127 -70.06 -40.17 32.23
CA LEU Z 127 -70.16 -38.85 31.64
C LEU Z 127 -70.96 -37.90 32.53
N SER Z 128 -72.04 -38.40 33.15
CA SER Z 128 -72.81 -37.57 34.07
C SER Z 128 -71.97 -37.19 35.29
N VAL Z 129 -71.18 -38.12 35.80
CA VAL Z 129 -70.29 -37.82 36.93
C VAL Z 129 -69.26 -36.78 36.52
N HIS Z 130 -68.71 -36.90 35.30
CA HIS Z 130 -67.73 -35.95 34.82
C HIS Z 130 -68.33 -34.54 34.72
N ASP Z 131 -69.57 -34.44 34.23
CA ASP Z 131 -70.22 -33.14 34.13
C ASP Z 131 -70.39 -32.51 35.50
N ILE Z 132 -70.77 -33.30 36.50
CA ILE Z 132 -70.93 -32.77 37.85
C ILE Z 132 -69.57 -32.31 38.39
N ARG Z 133 -68.53 -33.13 38.19
CA ARG Z 133 -67.20 -32.76 38.67
C ARG Z 133 -66.68 -31.53 37.95
N LEU Z 134 -66.91 -31.43 36.65
CA LEU Z 134 -66.46 -30.25 35.90
C LEU Z 134 -67.17 -28.99 36.39
N ALA Z 135 -68.47 -29.08 36.66
CA ALA Z 135 -69.20 -27.93 37.20
C ALA Z 135 -68.69 -27.54 38.57
N ASP Z 136 -68.38 -28.54 39.42
CA ASP Z 136 -67.86 -28.25 40.75
C ASP Z 136 -66.51 -27.56 40.67
N MET Z 137 -65.66 -27.98 39.73
CA MET Z 137 -64.35 -27.35 39.59
C MET Z 137 -64.48 -25.90 39.13
N ASP Z 138 -65.47 -25.61 38.28
CA ASP Z 138 -65.66 -24.25 37.80
C ASP Z 138 -65.95 -23.29 38.94
N LEU Z 139 -66.77 -23.71 39.89
CA LEU Z 139 -66.99 -22.88 41.08
C LEU Z 139 -65.71 -22.78 41.92
N ARG Z 140 -64.89 -23.83 41.91
CA ARG Z 140 -63.66 -23.81 42.68
C ARG Z 140 -62.67 -22.78 42.12
N PHE Z 141 -62.61 -22.64 40.80
CA PHE Z 141 -61.74 -21.63 40.20
C PHE Z 141 -62.12 -20.23 40.65
N GLN Z 142 -63.42 -19.92 40.63
CA GLN Z 142 -63.87 -18.58 40.95
C GLN Z 142 -63.56 -18.20 42.40
N VAL Z 143 -63.73 -19.15 43.32
CA VAL Z 143 -63.45 -18.88 44.73
C VAL Z 143 -61.98 -18.54 44.92
N LEU Z 144 -61.10 -19.33 44.30
CA LEU Z 144 -59.67 -19.05 44.39
C LEU Z 144 -59.29 -17.77 43.66
N GLU Z 145 -59.98 -17.46 42.56
CA GLU Z 145 -59.66 -16.25 41.81
C GLU Z 145 -59.95 -15.00 42.64
N THR Z 146 -61.04 -14.99 43.38
CA THR Z 146 -61.44 -13.84 44.19
C THR Z 146 -61.06 -13.99 45.66
N ALA Z 147 -60.27 -14.99 46.00
CA ALA Z 147 -59.85 -15.17 47.38
C ALA Z 147 -58.91 -14.04 47.80
N SER Z 148 -59.03 -13.63 49.06
CA SER Z 148 -58.21 -12.57 49.62
C SER Z 148 -57.60 -13.02 50.94
N TYR Z 149 -56.42 -12.50 51.24
CA TYR Z 149 -55.71 -12.89 52.46
C TYR Z 149 -55.17 -11.68 53.23
N ASN Z 150 -55.72 -10.49 53.00
CA ASN Z 150 -55.27 -9.28 53.68
C ASN Z 150 -56.27 -8.79 54.74
N GLY Z 151 -57.32 -9.56 55.01
CA GLY Z 151 -58.30 -9.17 56.00
C GLY Z 151 -59.35 -8.20 55.50
N VAL Z 152 -59.31 -7.80 54.24
CA VAL Z 152 -60.27 -6.88 53.66
C VAL Z 152 -60.96 -7.59 52.49
N LEU Z 153 -62.28 -7.59 52.49
CA LEU Z 153 -63.07 -8.26 51.47
C LEU Z 153 -63.85 -7.23 50.65
N ILE Z 154 -63.72 -7.31 49.34
CA ILE Z 154 -64.51 -6.49 48.40
C ILE Z 154 -65.42 -7.43 47.65
N TRP Z 155 -66.74 -7.24 47.79
CA TRP Z 155 -67.73 -8.13 47.23
C TRP Z 155 -68.46 -7.41 46.11
N LYS Z 156 -68.50 -8.03 44.93
CA LYS Z 156 -69.19 -7.50 43.76
C LYS Z 156 -70.42 -8.36 43.48
N ILE Z 157 -71.59 -7.74 43.49
CA ILE Z 157 -72.85 -8.43 43.26
C ILE Z 157 -73.47 -7.81 42.01
N ARG Z 158 -73.34 -8.51 40.88
CA ARG Z 158 -73.91 -8.05 39.62
C ARG Z 158 -75.37 -8.48 39.51
N ASP Z 159 -76.07 -7.87 38.56
CA ASP Z 159 -77.48 -8.16 38.29
C ASP Z 159 -78.32 -7.98 39.56
N TYR Z 160 -78.21 -6.79 40.15
CA TYR Z 160 -78.91 -6.50 41.39
C TYR Z 160 -80.43 -6.46 41.19
N LYS Z 161 -80.89 -6.02 40.02
CA LYS Z 161 -82.32 -5.85 39.81
C LYS Z 161 -83.05 -7.18 39.87
N ARG Z 162 -82.55 -8.20 39.15
CA ARG Z 162 -83.24 -9.48 39.13
C ARG Z 162 -83.12 -10.21 40.46
N ARG Z 163 -82.00 -10.06 41.17
CA ARG Z 163 -81.83 -10.74 42.44
C ARG Z 163 -82.62 -10.07 43.56
N LYS Z 164 -82.78 -8.75 43.51
CA LYS Z 164 -83.65 -8.07 44.47
C LYS Z 164 -85.09 -8.54 44.31
N GLN Z 165 -85.56 -8.72 43.08
CA GLN Z 165 -86.89 -9.25 42.84
C GLN Z 165 -87.02 -10.67 43.37
N GLU Z 166 -85.97 -11.48 43.20
CA GLU Z 166 -85.99 -12.84 43.71
C GLU Z 166 -86.09 -12.86 45.23
N ALA Z 167 -85.40 -11.93 45.90
CA ALA Z 167 -85.51 -11.84 47.35
C ALA Z 167 -86.93 -11.46 47.77
N VAL Z 168 -87.56 -10.56 47.03
CA VAL Z 168 -88.95 -10.19 47.32
C VAL Z 168 -89.87 -11.40 47.11
N MET Z 169 -89.67 -12.12 46.01
CA MET Z 169 -90.48 -13.30 45.74
C MET Z 169 -90.12 -14.49 46.63
N GLY Z 170 -89.02 -14.39 47.39
CA GLY Z 170 -88.61 -15.47 48.26
C GLY Z 170 -87.80 -16.57 47.60
N LYS Z 171 -87.44 -16.40 46.32
CA LYS Z 171 -86.64 -17.42 45.64
C LYS Z 171 -85.26 -17.57 46.29
N THR Z 172 -84.64 -16.44 46.64
CA THR Z 172 -83.33 -16.44 47.29
C THR Z 172 -83.33 -15.32 48.32
N LEU Z 173 -83.45 -15.68 49.59
CA LEU Z 173 -83.56 -14.67 50.65
C LEU Z 173 -82.22 -13.98 50.88
N SER Z 174 -81.13 -14.74 50.93
CA SER Z 174 -79.82 -14.19 51.26
C SER Z 174 -78.77 -14.72 50.29
N LEU Z 175 -77.67 -13.99 50.19
CA LEU Z 175 -76.55 -14.33 49.34
C LEU Z 175 -75.28 -14.44 50.17
N TYR Z 176 -74.43 -15.40 49.81
CA TYR Z 176 -73.17 -15.64 50.52
C TYR Z 176 -72.00 -15.20 49.65
N SER Z 177 -71.05 -14.49 50.27
CA SER Z 177 -69.87 -14.03 49.57
C SER Z 177 -68.81 -15.12 49.54
N GLN Z 178 -67.79 -14.91 48.70
CA GLN Z 178 -66.67 -15.83 48.66
C GLN Z 178 -65.87 -15.74 49.96
N PRO Z 179 -65.25 -16.83 50.39
CA PRO Z 179 -64.48 -16.80 51.64
C PRO Z 179 -63.29 -15.85 51.54
N PHE Z 180 -63.00 -15.17 52.65
CA PHE Z 180 -61.83 -14.31 52.75
C PHE Z 180 -61.17 -14.54 54.11
N TYR Z 181 -59.87 -14.27 54.17
CA TYR Z 181 -59.06 -14.60 55.34
C TYR Z 181 -58.27 -13.38 55.78
N THR Z 182 -57.95 -13.35 57.08
CA THR Z 182 -57.04 -12.33 57.60
C THR Z 182 -55.60 -12.57 57.13
N GLY Z 183 -55.26 -13.81 56.79
CA GLY Z 183 -53.92 -14.13 56.36
C GLY Z 183 -53.89 -15.50 55.69
N TYR Z 184 -52.68 -15.95 55.39
CA TYR Z 184 -52.52 -17.26 54.76
C TYR Z 184 -52.97 -18.39 55.67
N PHE Z 185 -52.88 -18.18 56.99
CA PHE Z 185 -53.29 -19.17 57.98
C PHE Z 185 -54.13 -18.52 59.07
N GLY Z 186 -55.09 -17.70 58.67
CA GLY Z 186 -55.96 -17.00 59.58
C GLY Z 186 -57.37 -17.56 59.59
N TYR Z 187 -58.30 -16.73 60.07
CA TYR Z 187 -59.70 -17.14 60.15
C TYR Z 187 -60.30 -17.26 58.76
N LYS Z 188 -61.21 -18.21 58.60
CA LYS Z 188 -61.97 -18.38 57.38
C LYS Z 188 -63.33 -17.70 57.56
N MET Z 189 -63.57 -16.64 56.78
CA MET Z 189 -64.71 -15.77 57.01
C MET Z 189 -65.41 -15.49 55.69
N CYS Z 190 -66.65 -15.01 55.80
CA CYS Z 190 -67.43 -14.63 54.62
C CYS Z 190 -68.49 -13.61 55.05
N ALA Z 191 -69.22 -13.11 54.07
CA ALA Z 191 -70.24 -12.10 54.28
C ALA Z 191 -71.59 -12.58 53.75
N ARG Z 192 -72.66 -12.25 54.47
CA ARG Z 192 -74.02 -12.61 54.09
C ARG Z 192 -74.86 -11.35 54.00
N VAL Z 193 -75.65 -11.23 52.93
CA VAL Z 193 -76.45 -10.04 52.68
C VAL Z 193 -77.88 -10.46 52.37
N TYR Z 194 -78.84 -9.67 52.86
CA TYR Z 194 -80.25 -9.81 52.52
C TYR Z 194 -80.67 -8.59 51.70
N LEU Z 195 -80.98 -8.83 50.42
CA LEU Z 195 -81.38 -7.73 49.55
C LEU Z 195 -82.70 -7.12 49.98
N ASN Z 196 -83.65 -7.95 50.40
CA ASN Z 196 -84.96 -7.48 50.84
C ASN Z 196 -85.03 -7.28 52.35
N GLY Z 197 -83.95 -7.53 53.07
CA GLY Z 197 -83.93 -7.36 54.51
C GLY Z 197 -84.23 -8.66 55.25
N ASP Z 198 -83.85 -8.68 56.52
CA ASP Z 198 -84.04 -9.83 57.37
C ASP Z 198 -84.47 -9.39 58.76
N GLY Z 199 -85.30 -10.20 59.39
CA GLY Z 199 -85.76 -9.89 60.73
C GLY Z 199 -86.57 -8.61 60.76
N MET Z 200 -86.18 -7.68 61.63
CA MET Z 200 -86.88 -6.42 61.79
C MET Z 200 -86.71 -5.50 60.58
N GLY Z 201 -85.73 -5.77 59.72
CA GLY Z 201 -85.51 -4.93 58.55
C GLY Z 201 -86.07 -5.54 57.28
N LYS Z 202 -86.94 -6.54 57.42
CA LYS Z 202 -87.52 -7.20 56.26
C LYS Z 202 -88.47 -6.27 55.53
N GLY Z 203 -88.24 -6.09 54.22
CA GLY Z 203 -89.11 -5.31 53.39
C GLY Z 203 -88.87 -3.81 53.41
N THR Z 204 -88.07 -3.31 54.34
CA THR Z 204 -87.80 -1.88 54.45
C THR Z 204 -86.32 -1.52 54.41
N HIS Z 205 -85.41 -2.43 54.73
CA HIS Z 205 -83.99 -2.15 54.78
C HIS Z 205 -83.22 -3.26 54.08
N LEU Z 206 -81.91 -3.06 53.97
CA LEU Z 206 -80.99 -4.09 53.49
C LEU Z 206 -80.19 -4.61 54.68
N SER Z 207 -80.13 -5.93 54.82
CA SER Z 207 -79.48 -6.57 55.95
C SER Z 207 -78.15 -7.15 55.52
N LEU Z 208 -77.09 -6.83 56.27
CA LEU Z 208 -75.76 -7.35 56.03
C LEU Z 208 -75.28 -8.08 57.28
N PHE Z 209 -74.82 -9.32 57.10
CA PHE Z 209 -74.40 -10.13 58.22
C PHE Z 209 -72.99 -10.66 58.00
N PHE Z 210 -72.26 -10.82 59.11
CA PHE Z 210 -70.87 -11.24 59.10
C PHE Z 210 -70.79 -12.64 59.67
N VAL Z 211 -70.14 -13.55 58.93
CA VAL Z 211 -70.19 -14.98 59.21
C VAL Z 211 -68.78 -15.49 59.44
N ILE Z 212 -68.63 -16.33 60.46
CA ILE Z 212 -67.36 -17.01 60.74
C ILE Z 212 -67.48 -18.44 60.25
N MET Z 213 -66.56 -18.86 59.38
CA MET Z 213 -66.53 -20.20 58.85
C MET Z 213 -65.42 -21.02 59.50
N ARG Z 214 -65.54 -22.34 59.38
CA ARG Z 214 -64.55 -23.23 59.97
C ARG Z 214 -63.28 -23.23 59.12
N GLY Z 215 -62.19 -22.74 59.70
CA GLY Z 215 -60.92 -22.72 59.01
C GLY Z 215 -60.09 -23.96 59.32
N GLU Z 216 -59.18 -24.28 58.40
CA GLU Z 216 -58.32 -25.45 58.57
C GLU Z 216 -57.31 -25.27 59.68
N TYR Z 217 -57.06 -24.03 60.11
CA TYR Z 217 -56.09 -23.73 61.16
C TYR Z 217 -56.77 -23.11 62.37
N ASP Z 218 -58.04 -23.47 62.61
CA ASP Z 218 -58.77 -22.90 63.74
C ASP Z 218 -58.18 -23.32 65.07
N ALA Z 219 -57.52 -24.48 65.12
CA ALA Z 219 -56.95 -24.97 66.37
C ALA Z 219 -55.82 -24.09 66.87
N LEU Z 220 -55.11 -23.39 65.98
CA LEU Z 220 -54.00 -22.53 66.37
C LEU Z 220 -54.42 -21.07 66.52
N LEU Z 221 -55.70 -20.75 66.34
CA LEU Z 221 -56.12 -19.37 66.45
C LEU Z 221 -56.83 -19.12 67.77
N PRO Z 222 -56.64 -17.93 68.35
CA PRO Z 222 -57.32 -17.61 69.61
C PRO Z 222 -58.83 -17.55 69.43
N TRP Z 223 -59.53 -17.94 70.49
CA TRP Z 223 -60.98 -17.90 70.53
C TRP Z 223 -61.41 -17.35 71.89
N PRO Z 224 -62.58 -16.67 71.96
CA PRO Z 224 -63.52 -16.35 70.86
C PRO Z 224 -62.99 -15.27 69.93
N PHE Z 225 -63.60 -15.12 68.76
CA PHE Z 225 -63.19 -14.09 67.81
C PHE Z 225 -63.42 -12.71 68.42
N LYS Z 226 -62.40 -11.85 68.30
CA LYS Z 226 -62.47 -10.52 68.88
C LYS Z 226 -61.93 -9.42 68.00
N GLN Z 227 -61.51 -9.71 66.77
CA GLN Z 227 -61.01 -8.68 65.87
C GLN Z 227 -62.15 -7.75 65.47
N LYS Z 228 -61.85 -6.45 65.45
CA LYS Z 228 -62.86 -5.46 65.08
C LYS Z 228 -63.31 -5.67 63.64
N VAL Z 229 -64.63 -5.65 63.43
CA VAL Z 229 -65.22 -5.88 62.13
C VAL Z 229 -66.02 -4.65 61.74
N THR Z 230 -65.73 -4.11 60.55
CA THR Z 230 -66.42 -2.94 60.02
C THR Z 230 -67.12 -3.33 58.72
N LEU Z 231 -68.43 -3.11 58.67
CA LEU Z 231 -69.22 -3.36 57.48
C LEU Z 231 -69.46 -2.05 56.74
N MET Z 232 -69.06 -2.00 55.48
CA MET Z 232 -69.13 -0.78 54.69
C MET Z 232 -69.79 -1.07 53.34
N LEU Z 233 -70.57 -0.10 52.87
CA LEU Z 233 -71.19 -0.16 51.55
C LEU Z 233 -70.52 0.88 50.66
N MET Z 234 -69.85 0.42 49.62
CA MET Z 234 -69.05 1.30 48.77
C MET Z 234 -69.94 2.25 47.98
N ASP Z 235 -69.52 3.49 47.88
CA ASP Z 235 -70.22 4.52 47.11
C ASP Z 235 -69.56 4.61 45.73
N GLN Z 236 -70.27 4.17 44.70
CA GLN Z 236 -69.72 4.15 43.35
C GLN Z 236 -69.69 5.53 42.69
N GLY Z 237 -70.31 6.53 43.30
CA GLY Z 237 -70.33 7.87 42.74
C GLY Z 237 -69.05 8.63 43.03
N SER Z 238 -68.98 9.83 42.46
CA SER Z 238 -67.83 10.69 42.66
C SER Z 238 -67.74 11.22 44.09
N SER Z 239 -68.85 11.26 44.82
CA SER Z 239 -68.83 11.71 46.20
C SER Z 239 -68.06 10.75 47.09
N ARG Z 240 -68.12 9.45 46.78
CA ARG Z 240 -67.43 8.41 47.55
C ARG Z 240 -67.88 8.43 49.02
N ARG Z 241 -69.16 8.70 49.24
CA ARG Z 241 -69.73 8.74 50.59
C ARG Z 241 -70.16 7.32 50.97
N HIS Z 242 -69.18 6.53 51.39
CA HIS Z 242 -69.44 5.14 51.72
C HIS Z 242 -70.23 5.05 53.03
N LEU Z 243 -71.28 4.23 53.01
CA LEU Z 243 -72.05 3.97 54.22
C LEU Z 243 -71.42 2.80 54.99
N GLY Z 244 -71.14 3.01 56.27
CA GLY Z 244 -70.46 2.02 57.06
C GLY Z 244 -71.04 1.91 58.46
N ASP Z 245 -70.73 0.78 59.09
CA ASP Z 245 -71.19 0.53 60.46
C ASP Z 245 -70.19 -0.43 61.10
N ALA Z 246 -69.39 0.07 62.04
CA ALA Z 246 -68.38 -0.73 62.71
C ALA Z 246 -68.92 -1.23 64.04
N PHE Z 247 -68.48 -2.43 64.43
CA PHE Z 247 -68.93 -3.05 65.66
C PHE Z 247 -67.84 -3.97 66.19
N LYS Z 248 -67.96 -4.30 67.48
CA LYS Z 248 -67.04 -5.20 68.15
C LYS Z 248 -67.72 -6.54 68.37
N PRO Z 249 -67.08 -7.66 68.03
CA PRO Z 249 -67.72 -8.97 68.22
C PRO Z 249 -68.14 -9.21 69.66
N ASP Z 250 -69.30 -9.83 69.81
CA ASP Z 250 -69.84 -10.13 71.14
C ASP Z 250 -69.02 -11.26 71.76
N PRO Z 251 -68.46 -11.08 72.95
CA PRO Z 251 -67.60 -12.11 73.54
C PRO Z 251 -68.29 -13.43 73.83
N ASN Z 252 -69.62 -13.44 73.93
CA ASN Z 252 -70.33 -14.67 74.30
C ASN Z 252 -71.47 -14.99 73.34
N SER Z 253 -71.20 -14.89 72.04
CA SER Z 253 -72.18 -15.24 71.02
C SER Z 253 -71.69 -16.45 70.23
N SER Z 254 -72.63 -17.26 69.76
CA SER Z 254 -72.29 -18.44 68.97
C SER Z 254 -71.66 -18.08 67.64
N SER Z 255 -71.82 -16.83 67.20
CA SER Z 255 -71.25 -16.37 65.94
C SER Z 255 -69.73 -16.28 65.99
N PHE Z 256 -69.15 -15.96 67.15
CA PHE Z 256 -67.72 -15.73 67.25
C PHE Z 256 -67.00 -16.81 68.07
N LYS Z 257 -67.66 -17.93 68.34
CA LYS Z 257 -67.00 -19.04 69.03
C LYS Z 257 -66.15 -19.84 68.04
N LYS Z 258 -65.52 -20.88 68.55
CA LYS Z 258 -64.78 -21.79 67.68
C LYS Z 258 -65.78 -22.57 66.84
N PRO Z 259 -65.69 -22.52 65.50
CA PRO Z 259 -66.70 -23.18 64.67
C PRO Z 259 -66.71 -24.69 64.88
N THR Z 260 -67.91 -25.27 64.85
CA THR Z 260 -68.08 -26.71 64.88
C THR Z 260 -68.64 -27.28 63.59
N GLY Z 261 -69.51 -26.54 62.91
CA GLY Z 261 -70.00 -26.90 61.60
C GLY Z 261 -69.27 -26.15 60.50
N GLU Z 262 -69.89 -26.15 59.32
CA GLU Z 262 -69.29 -25.46 58.18
C GLU Z 262 -69.25 -23.95 58.42
N MET Z 263 -70.36 -23.38 58.87
CA MET Z 263 -70.43 -21.95 59.17
C MET Z 263 -71.17 -21.76 60.49
N ASN Z 264 -70.89 -20.63 61.14
CA ASN Z 264 -71.57 -20.27 62.37
C ASN Z 264 -72.82 -19.44 62.06
N ILE Z 265 -73.48 -18.97 63.10
CA ILE Z 265 -74.66 -18.14 62.93
C ILE Z 265 -74.25 -16.77 62.43
N ALA Z 266 -74.92 -16.29 61.38
CA ALA Z 266 -74.62 -14.98 60.82
C ALA Z 266 -74.97 -13.89 61.81
N SER Z 267 -74.12 -12.86 61.88
CA SER Z 267 -74.31 -11.74 62.77
C SER Z 267 -73.98 -10.44 62.04
N GLY Z 268 -74.78 -9.41 62.28
CA GLY Z 268 -74.56 -8.13 61.64
C GLY Z 268 -75.63 -7.10 61.95
N CYS Z 269 -75.90 -6.23 60.99
CA CYS Z 269 -76.89 -5.16 61.15
C CYS Z 269 -78.06 -5.38 60.20
N PRO Z 270 -79.20 -5.87 60.68
CA PRO Z 270 -80.36 -6.02 59.80
C PRO Z 270 -80.90 -4.70 59.26
N VAL Z 271 -80.56 -3.59 59.90
CA VAL Z 271 -81.05 -2.27 59.49
C VAL Z 271 -79.88 -1.42 59.02
N PHE Z 272 -78.89 -2.07 58.42
CA PHE Z 272 -77.67 -1.41 57.95
C PHE Z 272 -77.98 -0.18 57.10
N VAL Z 273 -78.66 -0.37 55.97
CA VAL Z 273 -79.02 0.73 55.08
C VAL Z 273 -80.48 0.57 54.66
N ALA Z 274 -81.20 1.69 54.63
CA ALA Z 274 -82.59 1.69 54.19
C ALA Z 274 -82.66 1.40 52.70
N GLN Z 275 -83.70 0.68 52.28
CA GLN Z 275 -83.86 0.34 50.87
C GLN Z 275 -84.02 1.59 50.01
N THR Z 276 -84.80 2.55 50.48
CA THR Z 276 -84.98 3.80 49.74
C THR Z 276 -83.68 4.57 49.63
N VAL Z 277 -82.91 4.62 50.72
CA VAL Z 277 -81.63 5.33 50.69
C VAL Z 277 -80.68 4.66 49.70
N LEU Z 278 -80.66 3.32 49.71
CA LEU Z 278 -79.82 2.59 48.76
C LEU Z 278 -80.21 2.90 47.31
N GLU Z 279 -81.51 3.04 47.04
CA GLU Z 279 -82.01 3.24 45.69
C GLU Z 279 -82.14 4.71 45.31
N ASN Z 280 -81.27 5.56 45.84
CA ASN Z 280 -81.23 6.98 45.52
C ASN Z 280 -79.99 7.32 44.69
N GLY Z 281 -79.52 6.34 43.91
CA GLY Z 281 -78.40 6.58 43.01
C GLY Z 281 -77.05 6.48 43.71
N THR Z 282 -76.00 6.50 42.88
CA THR Z 282 -74.60 6.48 43.31
C THR Z 282 -74.22 5.18 44.01
N TYR Z 283 -75.16 4.25 44.12
CA TYR Z 283 -74.90 2.97 44.76
C TYR Z 283 -75.16 1.78 43.86
N ILE Z 284 -75.99 1.93 42.83
CA ILE Z 284 -76.24 0.85 41.88
C ILE Z 284 -75.86 1.33 40.48
N LYS Z 285 -74.63 1.05 40.06
CA LYS Z 285 -74.17 1.35 38.72
C LYS Z 285 -74.03 0.07 37.92
N ASP Z 286 -74.61 0.05 36.71
CA ASP Z 286 -74.62 -1.13 35.86
C ASP Z 286 -75.25 -2.32 36.59
N ASP Z 287 -76.28 -2.04 37.39
CA ASP Z 287 -76.99 -3.05 38.18
C ASP Z 287 -76.03 -3.86 39.04
N THR Z 288 -75.07 -3.19 39.67
CA THR Z 288 -74.06 -3.85 40.47
C THR Z 288 -73.78 -3.05 41.74
N ILE Z 289 -73.64 -3.74 42.86
CA ILE Z 289 -73.35 -3.12 44.14
C ILE Z 289 -72.02 -3.66 44.66
N PHE Z 290 -71.33 -2.84 45.45
CA PHE Z 290 -70.05 -3.19 46.02
C PHE Z 290 -70.15 -3.15 47.54
N ILE Z 291 -69.70 -4.22 48.20
CA ILE Z 291 -69.75 -4.34 49.65
C ILE Z 291 -68.32 -4.56 50.16
N LYS Z 292 -67.91 -3.74 51.11
CA LYS Z 292 -66.57 -3.80 51.69
C LYS Z 292 -66.66 -4.20 53.15
N VAL Z 293 -65.87 -5.21 53.54
CA VAL Z 293 -65.77 -5.67 54.92
C VAL Z 293 -64.31 -5.53 55.35
N ILE Z 294 -64.09 -4.85 56.47
CA ILE Z 294 -62.74 -4.59 56.97
C ILE Z 294 -62.62 -5.25 58.34
N VAL Z 295 -61.62 -6.12 58.47
CA VAL Z 295 -61.33 -6.82 59.72
C VAL Z 295 -59.95 -6.40 60.19
N ASP Z 296 -59.86 -5.89 61.42
CA ASP Z 296 -58.58 -5.44 61.96
C ASP Z 296 -57.69 -6.63 62.27
N THR Z 297 -56.44 -6.58 61.79
CA THR Z 297 -55.47 -7.65 62.00
C THR Z 297 -54.22 -7.15 62.73
N SER Z 298 -54.31 -6.01 63.41
CA SER Z 298 -53.15 -5.44 64.08
C SER Z 298 -52.74 -6.21 65.33
N ASP Z 299 -53.61 -7.08 65.85
CA ASP Z 299 -53.32 -7.85 67.06
C ASP Z 299 -53.27 -9.35 66.76
N LEU Z 300 -52.93 -9.71 65.53
CA LEU Z 300 -52.85 -11.10 65.13
C LEU Z 300 -51.47 -11.40 64.55
N PRO Z 301 -50.77 -12.42 65.06
CA PRO Z 301 -49.44 -12.81 64.58
C PRO Z 301 -49.42 -13.15 63.09
N HIS AA 123 -72.80 -39.18 22.87
CA HIS AA 123 -71.70 -39.32 23.81
C HIS AA 123 -70.42 -38.71 23.26
N ASP AA 124 -70.22 -38.85 21.95
CA ASP AA 124 -69.02 -38.28 21.33
C ASP AA 124 -69.02 -36.76 21.41
N GLN AA 125 -70.18 -36.13 21.21
CA GLN AA 125 -70.27 -34.67 21.29
C GLN AA 125 -69.93 -34.18 22.69
N MET AA 126 -70.43 -34.86 23.72
CA MET AA 126 -70.13 -34.47 25.09
C MET AA 126 -68.64 -34.67 25.40
N LEU AA 127 -68.04 -35.72 24.86
CA LEU AA 127 -66.61 -35.95 25.06
C LEU AA 127 -65.78 -34.83 24.45
N SER AA 128 -66.17 -34.37 23.26
CA SER AA 128 -65.46 -33.25 22.64
C SER AA 128 -65.59 -31.98 23.48
N VAL AA 129 -66.78 -31.73 24.03
CA VAL AA 129 -66.97 -30.57 24.91
C VAL AA 129 -66.10 -30.72 26.16
N HIS AA 130 -66.03 -31.93 26.71
CA HIS AA 130 -65.22 -32.15 27.90
C HIS AA 130 -63.74 -31.88 27.63
N ASP AA 131 -63.25 -32.31 26.46
CA ASP AA 131 -61.86 -32.07 26.11
C ASP AA 131 -61.57 -30.57 26.00
N ILE AA 132 -62.49 -29.81 25.42
CA ILE AA 132 -62.31 -28.37 25.32
C ILE AA 132 -62.30 -27.74 26.71
N ARG AA 133 -63.25 -28.16 27.56
CA ARG AA 133 -63.31 -27.61 28.91
C ARG AA 133 -62.07 -27.99 29.72
N LEU AA 134 -61.60 -29.22 29.58
CA LEU AA 134 -60.40 -29.64 30.30
C LEU AA 134 -59.18 -28.83 29.85
N ALA AA 135 -59.06 -28.58 28.55
CA ALA AA 135 -57.96 -27.77 28.05
C ALA AA 135 -58.05 -26.34 28.58
N ASP AA 136 -59.27 -25.78 28.61
CA ASP AA 136 -59.44 -24.43 29.12
C ASP AA 136 -59.06 -24.34 30.60
N MET AA 137 -59.42 -25.35 31.38
CA MET AA 137 -59.07 -25.35 32.80
C MET AA 137 -57.56 -25.41 32.99
N ASP AA 138 -56.86 -26.15 32.14
CA ASP AA 138 -55.41 -26.27 32.26
C ASP AA 138 -54.73 -24.91 32.14
N LEU AA 139 -55.18 -24.08 31.19
CA LEU AA 139 -54.67 -22.72 31.10
C LEU AA 139 -55.06 -21.90 32.32
N ARG AA 140 -56.22 -22.19 32.90
CA ARG AA 140 -56.67 -21.45 34.08
C ARG AA 140 -55.77 -21.73 35.28
N PHE AA 141 -55.31 -22.97 35.43
CA PHE AA 141 -54.40 -23.30 36.52
C PHE AA 141 -53.10 -22.50 36.43
N GLN AA 142 -52.53 -22.42 35.23
CA GLN AA 142 -51.25 -21.77 35.06
C GLN AA 142 -51.33 -20.28 35.37
N VAL AA 143 -52.42 -19.62 34.96
CA VAL AA 143 -52.58 -18.20 35.22
C VAL AA 143 -52.65 -17.93 36.72
N LEU AA 144 -53.41 -18.75 37.44
CA LEU AA 144 -53.48 -18.59 38.89
C LEU AA 144 -52.17 -18.97 39.57
N GLU AA 145 -51.45 -19.95 39.02
CA GLU AA 145 -50.19 -20.37 39.61
C GLU AA 145 -49.16 -19.24 39.57
N THR AA 146 -49.11 -18.50 38.45
CA THR AA 146 -48.13 -17.43 38.27
C THR AA 146 -48.73 -16.06 38.55
N ALA AA 147 -49.94 -15.99 39.08
CA ALA AA 147 -50.55 -14.71 39.40
C ALA AA 147 -49.80 -14.01 40.54
N SER AA 148 -49.71 -12.69 40.45
CA SER AA 148 -49.02 -11.89 41.45
C SER AA 148 -49.91 -10.74 41.87
N TYR AA 149 -49.76 -10.32 43.14
CA TYR AA 149 -50.59 -9.24 43.68
C TYR AA 149 -49.76 -8.20 44.42
N ASN AA 150 -48.46 -8.10 44.15
CA ASN AA 150 -47.59 -7.14 44.80
C ASN AA 150 -47.20 -5.98 43.90
N GLY AA 151 -47.76 -5.90 42.69
CA GLY AA 151 -47.43 -4.84 41.76
C GLY AA 151 -46.16 -5.06 40.97
N VAL AA 152 -45.47 -6.18 41.16
CA VAL AA 152 -44.25 -6.50 40.44
C VAL AA 152 -44.47 -7.79 39.68
N LEU AA 153 -44.17 -7.79 38.38
CA LEU AA 153 -44.38 -8.94 37.51
C LEU AA 153 -43.04 -9.45 37.02
N ILE AA 154 -42.80 -10.74 37.19
CA ILE AA 154 -41.63 -11.42 36.64
C ILE AA 154 -42.12 -12.39 35.58
N TRP AA 155 -41.68 -12.19 34.34
CA TRP AA 155 -42.16 -12.96 33.20
C TRP AA 155 -41.05 -13.85 32.69
N LYS AA 156 -41.33 -15.15 32.58
CA LYS AA 156 -40.38 -16.12 32.07
C LYS AA 156 -40.85 -16.61 30.71
N ILE AA 157 -40.01 -16.43 29.69
CA ILE AA 157 -40.32 -16.82 28.33
C ILE AA 157 -39.30 -17.86 27.91
N ARG AA 158 -39.69 -19.13 27.95
CA ARG AA 158 -38.81 -20.23 27.55
C ARG AA 158 -38.88 -20.43 26.05
N ASP AA 159 -37.90 -21.19 25.53
CA ASP AA 159 -37.80 -21.51 24.10
C ASP AA 159 -37.78 -20.23 23.26
N TYR AA 160 -36.83 -19.36 23.60
CA TYR AA 160 -36.72 -18.07 22.91
C TYR AA 160 -36.30 -18.24 21.44
N LYS AA 161 -35.49 -19.25 21.15
CA LYS AA 161 -34.97 -19.40 19.79
C LYS AA 161 -36.09 -19.68 18.79
N ARG AA 162 -36.97 -20.63 19.10
CA ARG AA 162 -38.02 -20.98 18.16
C ARG AA 162 -39.07 -19.89 18.05
N ARG AA 163 -39.35 -19.18 19.15
CA ARG AA 163 -40.36 -18.13 19.11
C ARG AA 163 -39.84 -16.87 18.43
N LYS AA 164 -38.55 -16.58 18.55
CA LYS AA 164 -37.97 -15.47 17.80
C LYS AA 164 -38.06 -15.72 16.30
N GLN AA 165 -37.80 -16.96 15.88
CA GLN AA 165 -37.96 -17.30 14.47
C GLN AA 165 -39.40 -17.16 14.02
N GLU AA 166 -40.35 -17.55 14.87
CA GLU AA 166 -41.76 -17.41 14.54
C GLU AA 166 -42.14 -15.94 14.37
N ALA AA 167 -41.59 -15.06 15.21
CA ALA AA 167 -41.84 -13.63 15.05
C ALA AA 167 -41.29 -13.12 13.73
N VAL AA 168 -40.10 -13.60 13.33
CA VAL AA 168 -39.55 -13.21 12.05
C VAL AA 168 -40.42 -13.71 10.90
N MET AA 169 -40.86 -14.97 10.98
CA MET AA 169 -41.75 -15.53 9.97
C MET AA 169 -43.16 -14.98 10.03
N GLY AA 170 -43.50 -14.23 11.09
CA GLY AA 170 -44.83 -13.67 11.22
C GLY AA 170 -45.87 -14.60 11.80
N LYS AA 171 -45.47 -15.79 12.25
CA LYS AA 171 -46.42 -16.72 12.86
C LYS AA 171 -47.02 -16.14 14.13
N THR AA 172 -46.19 -15.53 14.96
CA THR AA 172 -46.65 -14.91 16.21
C THR AA 172 -45.84 -13.63 16.40
N LEU AA 173 -46.48 -12.48 16.15
CA LEU AA 173 -45.78 -11.21 16.21
C LEU AA 173 -45.48 -10.81 17.64
N SER AA 174 -46.44 -10.98 18.54
CA SER AA 174 -46.29 -10.52 19.92
C SER AA 174 -46.77 -11.60 20.88
N LEU AA 175 -46.29 -11.51 22.11
CA LEU AA 175 -46.65 -12.45 23.18
C LEU AA 175 -47.24 -11.69 24.36
N TYR AA 176 -48.23 -12.28 25.00
CA TYR AA 176 -48.91 -11.68 26.15
C TYR AA 176 -48.54 -12.41 27.42
N SER AA 177 -48.23 -11.63 28.47
CA SER AA 177 -47.87 -12.20 29.75
C SER AA 177 -49.12 -12.53 30.56
N GLN AA 178 -48.92 -13.28 31.63
CA GLN AA 178 -50.02 -13.58 32.55
C GLN AA 178 -50.44 -12.30 33.29
N PRO AA 179 -51.72 -12.17 33.63
CA PRO AA 179 -52.17 -10.98 34.33
C PRO AA 179 -51.51 -10.83 35.69
N PHE AA 180 -51.22 -9.59 36.07
CA PHE AA 180 -50.69 -9.28 37.39
C PHE AA 180 -51.39 -8.03 37.92
N TYR AA 181 -51.42 -7.91 39.25
CA TYR AA 181 -52.21 -6.88 39.91
C TYR AA 181 -51.35 -6.14 40.93
N THR AA 182 -51.71 -4.88 41.18
CA THR AA 182 -51.09 -4.14 42.26
C THR AA 182 -51.51 -4.65 43.63
N GLY AA 183 -52.66 -5.30 43.72
CA GLY AA 183 -53.15 -5.82 44.98
C GLY AA 183 -54.26 -6.82 44.75
N TYR AA 184 -54.89 -7.23 45.85
CA TYR AA 184 -55.98 -8.19 45.76
C TYR AA 184 -57.19 -7.59 45.04
N PHE AA 185 -57.34 -6.28 45.10
CA PHE AA 185 -58.44 -5.56 44.46
C PHE AA 185 -57.93 -4.34 43.72
N GLY AA 186 -56.83 -4.51 42.97
CA GLY AA 186 -56.22 -3.43 42.22
C GLY AA 186 -56.45 -3.55 40.73
N TYR AA 187 -55.59 -2.86 39.98
CA TYR AA 187 -55.69 -2.88 38.53
C TYR AA 187 -55.32 -4.25 37.98
N LYS AA 188 -55.99 -4.64 36.89
CA LYS AA 188 -55.65 -5.87 36.17
C LYS AA 188 -54.77 -5.50 34.99
N MET AA 189 -53.53 -5.97 35.00
CA MET AA 189 -52.51 -5.52 34.07
C MET AA 189 -51.76 -6.71 33.51
N CYS AA 190 -51.07 -6.48 32.38
CA CYS AA 190 -50.24 -7.49 31.76
C CYS AA 190 -49.17 -6.82 30.94
N ALA AA 191 -48.28 -7.63 30.36
CA ALA AA 191 -47.16 -7.15 29.58
C ALA AA 191 -47.19 -7.78 28.18
N ARG AA 192 -46.83 -6.99 27.18
CA ARG AA 192 -46.78 -7.44 25.80
C ARG AA 192 -45.39 -7.18 25.23
N VAL AA 193 -44.82 -8.17 24.54
CA VAL AA 193 -43.47 -8.11 24.02
C VAL AA 193 -43.47 -8.49 22.55
N TYR AA 194 -42.65 -7.81 21.76
CA TYR AA 194 -42.38 -8.17 20.37
C TYR AA 194 -40.95 -8.64 20.26
N LEU AA 195 -40.77 -9.94 19.96
CA LEU AA 195 -39.43 -10.48 19.86
C LEU AA 195 -38.68 -9.89 18.67
N ASN AA 196 -39.36 -9.70 17.54
CA ASN AA 196 -38.75 -9.14 16.34
C ASN AA 196 -38.93 -7.64 16.24
N GLY AA 197 -39.58 -7.01 17.22
CA GLY AA 197 -39.80 -5.58 17.20
C GLY AA 197 -41.13 -5.20 16.60
N ASP AA 198 -41.56 -3.98 16.92
CA ASP AA 198 -42.83 -3.46 16.44
C ASP AA 198 -42.67 -1.99 16.05
N GLY AA 199 -43.42 -1.59 15.02
CA GLY AA 199 -43.36 -0.20 14.58
C GLY AA 199 -41.98 0.16 14.06
N MET AA 200 -41.43 1.24 14.60
CA MET AA 200 -40.11 1.72 14.16
C MET AA 200 -38.99 0.80 14.60
N GLY AA 201 -39.22 -0.12 15.53
CA GLY AA 201 -38.20 -1.03 15.98
C GLY AA 201 -38.32 -2.41 15.36
N LYS AA 202 -39.11 -2.53 14.30
CA LYS AA 202 -39.31 -3.82 13.65
C LYS AA 202 -38.04 -4.27 12.95
N GLY AA 203 -37.59 -5.48 13.27
CA GLY AA 203 -36.45 -6.09 12.63
C GLY AA 203 -35.10 -5.67 13.18
N THR AA 204 -35.04 -4.65 14.03
CA THR AA 204 -33.78 -4.18 14.59
C THR AA 204 -33.74 -4.14 16.11
N HIS AA 205 -34.88 -4.07 16.78
CA HIS AA 205 -34.93 -3.97 18.24
C HIS AA 205 -35.97 -4.93 18.78
N LEU AA 206 -36.04 -5.01 20.11
CA LEU AA 206 -37.09 -5.73 20.81
C LEU AA 206 -38.05 -4.73 21.42
N SER AA 207 -39.34 -4.94 21.20
CA SER AA 207 -40.38 -4.01 21.65
C SER AA 207 -41.10 -4.60 22.84
N LEU AA 208 -41.23 -3.81 23.91
CA LEU AA 208 -41.94 -4.18 25.12
C LEU AA 208 -43.05 -3.17 25.36
N PHE AA 209 -44.27 -3.67 25.56
CA PHE AA 209 -45.42 -2.80 25.74
C PHE AA 209 -46.16 -3.16 27.02
N PHE AA 210 -46.75 -2.14 27.64
CA PHE AA 210 -47.44 -2.26 28.91
C PHE AA 210 -48.93 -2.08 28.67
N VAL AA 211 -49.73 -3.03 29.15
CA VAL AA 211 -51.14 -3.14 28.78
C VAL AA 211 -52.00 -3.07 30.03
N ILE AA 212 -53.08 -2.30 29.96
CA ILE AA 212 -54.07 -2.21 31.03
C ILE AA 212 -55.26 -3.05 30.64
N MET AA 213 -55.62 -4.01 31.50
CA MET AA 213 -56.76 -4.88 31.27
C MET AA 213 -57.94 -4.47 32.14
N ARG AA 214 -59.13 -4.92 31.75
CA ARG AA 214 -60.34 -4.60 32.51
C ARG AA 214 -60.40 -5.42 33.78
N GLY AA 215 -60.31 -4.74 34.93
CA GLY AA 215 -60.40 -5.42 36.21
C GLY AA 215 -61.82 -5.45 36.74
N GLU AA 216 -62.10 -6.43 37.60
CA GLU AA 216 -63.42 -6.57 38.17
C GLU AA 216 -63.75 -5.47 39.17
N TYR AA 217 -62.75 -4.73 39.65
CA TYR AA 217 -62.95 -3.65 40.60
C TYR AA 217 -62.52 -2.31 40.01
N ASP AA 218 -62.64 -2.16 38.69
CA ASP AA 218 -62.23 -0.93 38.04
C ASP AA 218 -63.11 0.25 38.46
N ALA AA 219 -64.35 0.00 38.86
CA ALA AA 219 -65.25 1.06 39.26
C ALA AA 219 -64.80 1.77 40.53
N LEU AA 220 -64.06 1.09 41.40
CA LEU AA 220 -63.58 1.66 42.64
C LEU AA 220 -62.17 2.20 42.54
N LEU AA 221 -61.55 2.12 41.36
CA LEU AA 221 -60.17 2.58 41.24
C LEU AA 221 -60.12 3.93 40.54
N PRO AA 222 -59.19 4.80 40.95
CA PRO AA 222 -59.06 6.11 40.30
C PRO AA 222 -58.63 5.97 38.84
N TRP AA 223 -59.12 6.89 38.02
CA TRP AA 223 -58.77 6.96 36.61
C TRP AA 223 -58.51 8.41 36.24
N PRO AA 224 -57.64 8.66 35.26
CA PRO AA 224 -56.85 7.70 34.46
C PRO AA 224 -55.71 7.08 35.24
N PHE AA 225 -55.14 5.98 34.73
CA PHE AA 225 -54.01 5.34 35.39
C PHE AA 225 -52.82 6.28 35.44
N LYS AA 226 -52.20 6.38 36.61
CA LYS AA 226 -51.08 7.30 36.80
C LYS AA 226 -49.93 6.72 37.62
N GLN AA 227 -49.99 5.45 38.01
CA GLN AA 227 -48.90 4.85 38.75
C GLN AA 227 -47.67 4.70 37.87
N LYS AA 228 -46.51 5.02 38.43
CA LYS AA 228 -45.26 4.94 37.67
C LYS AA 228 -44.99 3.49 37.26
N VAL AA 229 -44.64 3.30 35.99
CA VAL AA 229 -44.39 1.99 35.41
C VAL AA 229 -42.95 1.94 34.92
N THR AA 230 -42.21 0.93 35.37
CA THR AA 230 -40.81 0.73 34.96
C THR AA 230 -40.70 -0.61 34.26
N LEU AA 231 -40.20 -0.59 33.03
CA LEU AA 231 -39.97 -1.81 32.26
C LEU AA 231 -38.49 -2.18 32.36
N MET AA 232 -38.21 -3.39 32.81
CA MET AA 232 -36.84 -3.84 33.04
C MET AA 232 -36.63 -5.20 32.40
N LEU AA 233 -35.43 -5.41 31.86
CA LEU AA 233 -35.01 -6.68 31.30
C LEU AA 233 -33.95 -7.28 32.21
N MET AA 234 -34.27 -8.42 32.83
CA MET AA 234 -33.39 -9.00 33.82
C MET AA 234 -32.10 -9.52 33.19
N ASP AA 235 -30.98 -9.30 33.88
CA ASP AA 235 -29.68 -9.78 33.45
C ASP AA 235 -29.39 -11.08 34.18
N GLN AA 236 -29.38 -12.19 33.44
CA GLN AA 236 -29.18 -13.50 34.04
C GLN AA 236 -27.73 -13.78 34.39
N GLY AA 237 -26.79 -12.92 33.96
CA GLY AA 237 -25.39 -13.12 34.25
C GLY AA 237 -25.02 -12.65 35.65
N SER AA 238 -23.76 -12.90 36.00
CA SER AA 238 -23.25 -12.49 37.30
C SER AA 238 -23.14 -10.97 37.43
N SER AA 239 -23.04 -10.25 36.31
CA SER AA 239 -22.97 -8.80 36.38
C SER AA 239 -24.28 -8.19 36.88
N ARG AA 240 -25.41 -8.83 36.56
CA ARG AA 240 -26.73 -8.36 36.97
C ARG AA 240 -26.99 -6.94 36.47
N ARG AA 241 -26.51 -6.63 35.27
CA ARG AA 241 -26.69 -5.32 34.66
C ARG AA 241 -28.03 -5.32 33.92
N HIS AA 242 -29.10 -5.13 34.69
CA HIS AA 242 -30.45 -5.16 34.13
C HIS AA 242 -30.68 -3.92 33.28
N LEU AA 243 -31.23 -4.14 32.08
CA LEU AA 243 -31.62 -3.03 31.21
C LEU AA 243 -33.04 -2.60 31.54
N GLY AA 244 -33.23 -1.30 31.80
CA GLY AA 244 -34.51 -0.81 32.22
C GLY AA 244 -34.84 0.51 31.56
N ASP AA 245 -36.14 0.84 31.59
CA ASP AA 245 -36.63 2.10 31.03
C ASP AA 245 -37.91 2.46 31.76
N ALA AA 246 -37.86 3.48 32.60
CA ALA AA 246 -38.99 3.92 33.39
C ALA AA 246 -39.70 5.08 32.70
N PHE AA 247 -41.02 5.14 32.86
CA PHE AA 247 -41.82 6.18 32.22
C PHE AA 247 -43.06 6.44 33.07
N LYS AA 248 -43.67 7.59 32.82
CA LYS AA 248 -44.89 8.01 33.50
C LYS AA 248 -46.07 7.88 32.53
N PRO AA 249 -47.17 7.25 32.95
CA PRO AA 249 -48.31 7.09 32.04
C PRO AA 249 -48.82 8.43 31.50
N ASP AA 250 -49.18 8.43 30.23
CA ASP AA 250 -49.70 9.63 29.58
C ASP AA 250 -51.09 9.93 30.11
N PRO AA 251 -51.34 11.13 30.64
CA PRO AA 251 -52.66 11.43 31.24
C PRO AA 251 -53.82 11.36 30.27
N ASN AA 252 -53.57 11.47 28.96
CA ASN AA 252 -54.67 11.53 27.99
C ASN AA 252 -54.48 10.52 26.86
N SER AA 253 -54.11 9.29 27.20
CA SER AA 253 -53.97 8.21 26.22
C SER AA 253 -55.01 7.14 26.48
N SER AA 254 -55.46 6.47 25.41
CA SER AA 254 -56.44 5.42 25.54
C SER AA 254 -55.90 4.22 26.29
N SER AA 255 -54.57 4.12 26.42
CA SER AA 255 -53.95 3.02 27.13
C SER AA 255 -54.20 3.07 28.63
N PHE AA 256 -54.32 4.26 29.21
CA PHE AA 256 -54.44 4.41 30.65
C PHE AA 256 -55.81 4.91 31.08
N LYS AA 257 -56.80 4.90 30.20
CA LYS AA 257 -58.16 5.27 30.57
C LYS AA 257 -58.85 4.10 31.27
N LYS AA 258 -60.11 4.31 31.66
CA LYS AA 258 -60.89 3.23 32.22
C LYS AA 258 -61.20 2.22 31.12
N PRO AA 259 -60.83 0.94 31.27
CA PRO AA 259 -61.03 -0.02 30.19
C PRO AA 259 -62.50 -0.20 29.86
N THR AA 260 -62.77 -0.37 28.57
CA THR AA 260 -64.11 -0.71 28.08
C THR AA 260 -64.18 -2.11 27.49
N GLY AA 261 -63.12 -2.57 26.82
CA GLY AA 261 -63.03 -3.92 26.33
C GLY AA 261 -62.20 -4.79 27.25
N GLU AA 262 -61.76 -5.93 26.71
CA GLU AA 262 -60.95 -6.85 27.50
C GLU AA 262 -59.60 -6.23 27.85
N MET AA 263 -58.93 -5.64 26.86
CA MET AA 263 -57.65 -4.98 27.07
C MET AA 263 -57.65 -3.65 26.33
N ASN AA 264 -56.82 -2.73 26.81
CA ASN AA 264 -56.64 -1.44 26.16
C ASN AA 264 -55.50 -1.52 25.14
N ILE AA 265 -55.18 -0.38 24.54
CA ILE AA 265 -54.10 -0.31 23.56
C ILE AA 265 -52.76 -0.45 24.28
N ALA AA 266 -51.92 -1.34 23.78
CA ALA AA 266 -50.60 -1.54 24.38
C ALA AA 266 -49.74 -0.29 24.22
N SER AA 267 -48.99 0.02 25.27
CA SER AA 267 -48.11 1.19 25.27
C SER AA 267 -46.77 0.82 25.91
N GLY AA 268 -45.69 1.32 25.33
CA GLY AA 268 -44.37 1.03 25.85
C GLY AA 268 -43.25 1.60 25.01
N CYS AA 269 -42.11 0.90 24.96
CA CYS AA 269 -40.93 1.34 24.23
C CYS AA 269 -40.64 0.38 23.09
N PRO AA 270 -40.98 0.73 21.85
CA PRO AA 270 -40.65 -0.16 20.71
C PRO AA 270 -39.16 -0.32 20.50
N VAL AA 271 -38.33 0.57 21.04
CA VAL AA 271 -36.89 0.53 20.85
C VAL AA 271 -36.22 0.29 22.20
N PHE AA 272 -36.89 -0.48 23.06
CA PHE AA 272 -36.41 -0.77 24.41
C PHE AA 272 -34.98 -1.28 24.41
N VAL AA 273 -34.71 -2.40 23.76
CA VAL AA 273 -33.37 -2.97 23.68
C VAL AA 273 -33.10 -3.40 22.25
N ALA AA 274 -31.88 -3.14 21.78
CA ALA AA 274 -31.48 -3.54 20.44
C ALA AA 274 -31.34 -5.07 20.38
N GLN AA 275 -31.70 -5.65 19.23
CA GLN AA 275 -31.62 -7.09 19.07
C GLN AA 275 -30.20 -7.60 19.22
N THR AA 276 -29.23 -6.89 18.64
CA THR AA 276 -27.84 -7.29 18.75
C THR AA 276 -27.36 -7.21 20.20
N VAL AA 277 -27.75 -6.14 20.91
CA VAL AA 277 -27.37 -5.99 22.31
C VAL AA 277 -27.94 -7.13 23.15
N LEU AA 278 -29.20 -7.48 22.88
CA LEU AA 278 -29.84 -8.59 23.59
C LEU AA 278 -29.09 -9.90 23.35
N GLU AA 279 -28.60 -10.12 22.12
CA GLU AA 279 -27.98 -11.37 21.74
C GLU AA 279 -26.46 -11.34 21.94
N ASN AA 280 -25.98 -10.61 22.95
CA ASN AA 280 -24.57 -10.58 23.30
C ASN AA 280 -24.31 -11.30 24.62
N GLY AA 281 -25.13 -12.31 24.91
CA GLY AA 281 -24.93 -13.12 26.09
C GLY AA 281 -25.49 -12.48 27.35
N THR AA 282 -25.48 -13.29 28.43
CA THR AA 282 -25.91 -12.89 29.77
C THR AA 282 -27.40 -12.56 29.84
N TYR AA 283 -28.10 -12.68 28.70
CA TYR AA 283 -29.52 -12.39 28.65
C TYR AA 283 -30.37 -13.58 28.20
N ILE AA 284 -29.78 -14.53 27.48
CA ILE AA 284 -30.50 -15.72 27.05
C ILE AA 284 -29.77 -16.94 27.59
N LYS AA 285 -30.20 -17.43 28.75
CA LYS AA 285 -29.67 -18.66 29.32
C LYS AA 285 -30.70 -19.76 29.23
N ASP AA 286 -30.28 -20.92 28.72
CA ASP AA 286 -31.19 -22.05 28.49
C ASP AA 286 -32.35 -21.66 27.59
N ASP AA 287 -32.07 -20.79 26.61
CA ASP AA 287 -33.06 -20.30 25.66
C ASP AA 287 -34.26 -19.68 26.39
N THR AA 288 -33.99 -18.91 27.44
CA THR AA 288 -35.05 -18.31 28.25
C THR AA 288 -34.66 -16.89 28.62
N ILE AA 289 -35.64 -15.98 28.56
CA ILE AA 289 -35.44 -14.58 28.93
C ILE AA 289 -36.37 -14.23 30.08
N PHE AA 290 -35.95 -13.27 30.88
CA PHE AA 290 -36.71 -12.81 32.04
C PHE AA 290 -37.03 -11.33 31.89
N ILE AA 291 -38.30 -10.99 32.05
CA ILE AA 291 -38.79 -9.61 31.92
C ILE AA 291 -39.42 -9.20 33.24
N LYS AA 292 -38.99 -8.06 33.78
CA LYS AA 292 -39.48 -7.53 35.03
C LYS AA 292 -40.21 -6.22 34.80
N VAL AA 293 -41.43 -6.12 35.33
CA VAL AA 293 -42.23 -4.91 35.27
C VAL AA 293 -42.53 -4.47 36.70
N ILE AA 294 -42.22 -3.21 37.01
CA ILE AA 294 -42.40 -2.67 38.35
C ILE AA 294 -43.39 -1.53 38.27
N VAL AA 295 -44.47 -1.62 39.05
CA VAL AA 295 -45.50 -0.60 39.13
C VAL AA 295 -45.52 -0.06 40.55
N ASP AA 296 -45.39 1.26 40.69
CA ASP AA 296 -45.37 1.88 42.00
C ASP AA 296 -46.77 1.87 42.62
N THR AA 297 -46.87 1.40 43.85
CA THR AA 297 -48.13 1.32 44.57
C THR AA 297 -48.12 2.14 45.86
N SER AA 298 -47.20 3.10 45.98
CA SER AA 298 -47.08 3.88 47.20
C SER AA 298 -48.22 4.88 47.37
N ASP AA 299 -48.98 5.18 46.32
CA ASP AA 299 -50.08 6.13 46.38
C ASP AA 299 -51.43 5.46 46.13
N LEU AA 300 -51.53 4.17 46.44
CA LEU AA 300 -52.76 3.42 46.25
C LEU AA 300 -53.19 2.78 47.56
N PRO AA 301 -54.43 2.99 48.00
CA PRO AA 301 -54.96 2.42 49.25
C PRO AA 301 -54.91 0.89 49.27
N SER BA 160 -27.05 -27.87 65.49
CA SER BA 160 -27.43 -26.90 64.46
C SER BA 160 -26.89 -27.33 63.10
N VAL BA 161 -26.04 -28.36 63.09
CA VAL BA 161 -25.45 -28.86 61.86
C VAL BA 161 -26.52 -29.63 61.08
N PRO BA 162 -26.78 -29.26 59.83
CA PRO BA 162 -27.77 -30.01 59.03
C PRO BA 162 -27.34 -31.46 58.84
N VAL BA 163 -28.33 -32.34 58.82
CA VAL BA 163 -28.11 -33.78 58.65
C VAL BA 163 -28.83 -34.22 57.39
N PRO BA 164 -28.14 -34.87 56.45
CA PRO BA 164 -28.82 -35.32 55.22
C PRO BA 164 -29.87 -36.39 55.48
N ALA BA 165 -30.64 -36.73 54.45
CA ALA BA 165 -31.70 -37.72 54.57
C ALA BA 165 -31.18 -39.10 54.15
N THR BA 166 -32.07 -40.08 54.23
CA THR BA 166 -31.79 -41.47 53.87
C THR BA 166 -32.82 -41.97 52.86
N GLU BA 167 -32.99 -41.20 51.79
CA GLU BA 167 -34.01 -41.46 50.77
C GLU BA 167 -34.03 -42.91 50.33
N LEU BA 168 -35.13 -43.61 50.61
CA LEU BA 168 -35.32 -44.99 50.19
C LEU BA 168 -36.51 -45.14 49.25
N GLY BA 169 -37.67 -44.63 49.63
CA GLY BA 169 -38.85 -44.73 48.79
C GLY BA 169 -40.11 -44.58 49.62
N SER BA 170 -41.23 -44.97 49.02
CA SER BA 170 -42.54 -44.91 49.65
C SER BA 170 -42.85 -43.49 50.13
N THR BA 171 -42.88 -42.57 49.17
CA THR BA 171 -43.14 -41.16 49.44
C THR BA 171 -44.49 -40.77 48.86
N GLU BA 172 -45.37 -40.24 49.71
CA GLU BA 172 -46.69 -39.79 49.29
C GLU BA 172 -46.93 -38.39 49.83
N LEU BA 173 -47.12 -37.43 48.92
CA LEU BA 173 -47.43 -36.07 49.34
C LEU BA 173 -48.82 -36.04 49.96
N VAL BA 174 -48.91 -35.42 51.14
CA VAL BA 174 -50.17 -35.32 51.87
C VAL BA 174 -50.43 -33.86 52.21
N THR BA 175 -51.61 -33.36 51.85
CA THR BA 175 -52.03 -32.00 52.20
C THR BA 175 -53.54 -31.94 51.99
N THR BA 176 -54.27 -31.64 53.07
CA THR BA 176 -55.72 -31.52 52.98
C THR BA 176 -56.28 -30.77 54.19
N SER CA 160 -73.99 -0.88 68.14
CA SER CA 160 -72.74 -1.63 68.03
C SER CA 160 -72.93 -3.07 68.51
N VAL CA 161 -74.07 -3.34 69.12
CA VAL CA 161 -74.38 -4.67 69.63
C VAL CA 161 -74.68 -5.59 68.46
N PRO CA 162 -73.97 -6.72 68.34
CA PRO CA 162 -74.25 -7.66 67.24
C PRO CA 162 -75.67 -8.21 67.34
N VAL CA 163 -76.29 -8.44 66.19
CA VAL CA 163 -77.65 -8.95 66.09
C VAL CA 163 -77.58 -10.28 65.35
N PRO CA 164 -78.13 -11.36 65.91
CA PRO CA 164 -78.10 -12.66 65.21
C PRO CA 164 -78.95 -12.65 63.95
N ALA CA 165 -78.85 -13.72 63.16
CA ALA CA 165 -79.58 -13.83 61.91
C ALA CA 165 -80.88 -14.60 62.12
N THR CA 166 -81.63 -14.76 61.04
CA THR CA 166 -82.92 -15.44 61.04
C THR CA 166 -82.91 -16.52 59.96
N GLU CA 167 -81.88 -17.37 59.99
CA GLU CA 167 -81.65 -18.42 58.99
C GLU CA 167 -82.92 -19.21 58.67
N LEU CA 168 -83.41 -19.08 57.43
CA LEU CA 168 -84.56 -19.82 56.96
C LEU CA 168 -84.20 -20.77 55.81
N GLY CA 169 -83.55 -20.24 54.77
CA GLY CA 169 -83.19 -21.07 53.63
C GLY CA 169 -82.96 -20.20 52.42
N SER CA 170 -82.95 -20.86 51.25
CA SER CA 170 -82.75 -20.22 49.96
C SER CA 170 -81.46 -19.39 49.95
N THR CA 171 -80.35 -20.09 50.15
CA THR CA 171 -79.03 -19.48 50.21
C THR CA 171 -78.22 -19.93 48.99
N GLU CA 172 -77.73 -18.96 48.22
CA GLU CA 172 -76.92 -19.23 47.05
C GLU CA 172 -75.67 -18.36 47.10
N LEU CA 173 -74.51 -18.99 47.16
CA LEU CA 173 -73.25 -18.24 47.13
C LEU CA 173 -73.07 -17.60 45.76
N VAL CA 174 -72.76 -16.31 45.74
CA VAL CA 174 -72.57 -15.56 44.51
C VAL CA 174 -71.21 -14.86 44.57
N THR CA 175 -70.39 -15.07 43.55
CA THR CA 175 -69.11 -14.38 43.41
C THR CA 175 -68.67 -14.54 41.96
N THR CA 176 -68.48 -13.41 41.28
CA THR CA 176 -68.03 -13.44 39.89
C THR CA 176 -67.49 -12.08 39.46
N SER DA 160 -39.00 9.09 27.60
CA SER DA 160 -39.94 8.76 28.67
C SER DA 160 -41.38 8.87 28.19
N VAL DA 161 -41.55 9.41 26.98
CA VAL DA 161 -42.88 9.58 26.39
C VAL DA 161 -43.39 8.21 25.96
N PRO DA 162 -44.58 7.80 26.44
CA PRO DA 162 -45.13 6.51 26.00
C PRO DA 162 -45.38 6.50 24.49
N VAL DA 163 -45.18 5.33 23.89
CA VAL DA 163 -45.37 5.13 22.46
C VAL DA 163 -46.46 4.08 22.27
N PRO DA 164 -47.51 4.36 21.50
CA PRO DA 164 -48.56 3.35 21.29
C PRO DA 164 -48.07 2.15 20.51
N ALA DA 165 -48.90 1.11 20.42
CA ALA DA 165 -48.54 -0.11 19.73
C ALA DA 165 -49.05 -0.07 18.29
N THR DA 166 -48.78 -1.15 17.57
CA THR DA 166 -49.17 -1.30 16.16
C THR DA 166 -49.92 -2.63 15.99
N GLU DA 167 -50.94 -2.83 16.83
CA GLU DA 167 -51.72 -4.06 16.87
C GLU DA 167 -52.13 -4.54 15.49
N LEU DA 168 -51.61 -5.70 15.08
CA LEU DA 168 -51.96 -6.33 13.81
C LEU DA 168 -52.63 -7.68 14.01
N GLY DA 169 -52.01 -8.57 14.79
CA GLY DA 169 -52.59 -9.88 15.03
C GLY DA 169 -51.51 -10.86 15.47
N SER DA 170 -51.85 -12.14 15.39
CA SER DA 170 -50.95 -13.24 15.76
C SER DA 170 -50.44 -13.06 17.19
N THR DA 171 -51.38 -13.05 18.13
CA THR DA 171 -51.08 -12.87 19.55
C THR DA 171 -51.36 -14.16 20.29
N GLU DA 172 -50.36 -14.68 21.00
CA GLU DA 172 -50.50 -15.90 21.77
C GLU DA 172 -49.94 -15.64 23.17
N LEU DA 173 -50.79 -15.77 24.18
CA LEU DA 173 -50.33 -15.63 25.56
C LEU DA 173 -49.43 -16.80 25.92
N VAL DA 174 -48.26 -16.49 26.49
CA VAL DA 174 -47.29 -17.49 26.87
C VAL DA 174 -46.92 -17.28 28.34
N THR DA 175 -47.03 -18.34 29.13
CA THR DA 175 -46.61 -18.32 30.54
C THR DA 175 -46.48 -19.77 30.99
N THR DA 176 -45.30 -20.15 31.42
CA THR DA 176 -45.07 -21.52 31.90
C THR DA 176 -43.78 -21.59 32.73
N HIS EA 123 -16.65 30.79 -78.33
CA HIS EA 123 -17.42 31.39 -77.25
C HIS EA 123 -17.15 30.70 -75.92
N ASP EA 124 -16.98 29.38 -75.97
CA ASP EA 124 -16.71 28.62 -74.76
C ASP EA 124 -15.36 29.01 -74.15
N GLN EA 125 -14.35 29.22 -74.99
CA GLN EA 125 -13.04 29.61 -74.50
C GLN EA 125 -13.09 30.96 -73.80
N MET EA 126 -13.81 31.92 -74.38
CA MET EA 126 -13.94 33.23 -73.75
C MET EA 126 -14.70 33.14 -72.44
N LEU EA 127 -15.71 32.28 -72.37
CA LEU EA 127 -16.46 32.09 -71.12
C LEU EA 127 -15.56 31.55 -70.02
N SER EA 128 -14.69 30.60 -70.36
CA SER EA 128 -13.75 30.06 -69.37
C SER EA 128 -12.80 31.14 -68.88
N VAL EA 129 -12.33 32.00 -69.79
CA VAL EA 129 -11.47 33.12 -69.39
C VAL EA 129 -12.22 34.07 -68.48
N HIS EA 130 -13.49 34.35 -68.81
CA HIS EA 130 -14.30 35.24 -67.98
C HIS EA 130 -14.47 34.69 -66.58
N ASP EA 131 -14.71 33.38 -66.47
CA ASP EA 131 -14.88 32.76 -65.15
C ASP EA 131 -13.60 32.89 -64.32
N ILE EA 132 -12.44 32.71 -64.95
CA ILE EA 132 -11.17 32.86 -64.24
C ILE EA 132 -10.99 34.31 -63.79
N ARG EA 133 -11.28 35.26 -64.70
CA ARG EA 133 -11.14 36.67 -64.35
C ARG EA 133 -12.11 37.08 -63.25
N LEU EA 134 -13.35 36.58 -63.32
CA LEU EA 134 -14.33 36.90 -62.29
C LEU EA 134 -13.90 36.37 -60.93
N ALA EA 135 -13.35 35.15 -60.90
CA ALA EA 135 -12.87 34.58 -59.65
C ALA EA 135 -11.69 35.38 -59.11
N ASP EA 136 -10.79 35.82 -60.00
CA ASP EA 136 -9.64 36.62 -59.56
C ASP EA 136 -10.10 37.95 -58.98
N MET EA 137 -11.11 38.58 -59.58
CA MET EA 137 -11.62 39.84 -59.06
C MET EA 137 -12.23 39.67 -57.68
N ASP EA 138 -12.90 38.53 -57.44
CA ASP EA 138 -13.53 38.29 -56.16
C ASP EA 138 -12.51 38.29 -55.03
N LEU EA 139 -11.36 37.67 -55.26
CA LEU EA 139 -10.28 37.74 -54.27
C LEU EA 139 -9.74 39.15 -54.14
N ARG EA 140 -9.76 39.93 -55.23
CA ARG EA 140 -9.27 41.29 -55.18
C ARG EA 140 -10.16 42.17 -54.31
N PHE EA 141 -11.47 41.95 -54.34
CA PHE EA 141 -12.38 42.72 -53.49
C PHE EA 141 -12.07 42.49 -52.02
N GLN EA 142 -11.87 41.22 -51.64
CA GLN EA 142 -11.68 40.90 -50.23
C GLN EA 142 -10.39 41.51 -49.69
N VAL EA 143 -9.31 41.50 -50.49
CA VAL EA 143 -8.05 42.08 -50.04
C VAL EA 143 -8.21 43.57 -49.78
N LEU EA 144 -8.88 44.28 -50.70
CA LEU EA 144 -9.10 45.71 -50.50
C LEU EA 144 -10.08 45.97 -49.36
N GLU EA 145 -11.05 45.08 -49.16
CA GLU EA 145 -12.02 45.26 -48.08
C GLU EA 145 -11.34 45.21 -46.72
N THR EA 146 -10.40 44.29 -46.54
CA THR EA 146 -9.71 44.11 -45.27
C THR EA 146 -8.35 44.79 -45.23
N ALA EA 147 -8.03 45.59 -46.24
CA ALA EA 147 -6.75 46.29 -46.25
C ALA EA 147 -6.69 47.34 -45.14
N SER EA 148 -5.51 47.50 -44.56
CA SER EA 148 -5.30 48.45 -43.48
C SER EA 148 -4.07 49.31 -43.78
N TYR EA 149 -4.09 50.55 -43.30
CA TYR EA 149 -2.99 51.47 -43.56
C TYR EA 149 -2.54 52.21 -42.30
N ASN EA 150 -2.82 51.66 -41.12
CA ASN EA 150 -2.42 52.28 -39.86
C ASN EA 150 -1.27 51.55 -39.18
N GLY EA 151 -0.68 50.56 -39.84
CA GLY EA 151 0.41 49.81 -39.25
C GLY EA 151 0.01 48.71 -38.29
N VAL EA 152 -1.29 48.51 -38.07
CA VAL EA 152 -1.79 47.47 -37.18
C VAL EA 152 -2.68 46.54 -37.99
N LEU EA 153 -2.41 45.24 -37.90
CA LEU EA 153 -3.15 44.24 -38.65
C LEU EA 153 -3.92 43.34 -37.70
N ILE EA 154 -5.21 43.18 -37.96
CA ILE EA 154 -6.07 42.26 -37.24
C ILE EA 154 -6.48 41.16 -38.22
N TRP EA 155 -6.11 39.92 -37.91
CA TRP EA 155 -6.33 38.80 -38.80
C TRP EA 155 -7.37 37.87 -38.20
N LYS EA 156 -8.40 37.57 -38.98
CA LYS EA 156 -9.48 36.67 -38.56
C LYS EA 156 -9.38 35.38 -39.37
N ILE EA 157 -9.22 34.26 -38.68
CA ILE EA 157 -9.09 32.95 -39.31
C ILE EA 157 -10.27 32.11 -38.83
N ARG EA 158 -11.29 31.98 -39.68
CA ARG EA 158 -12.46 31.18 -39.36
C ARG EA 158 -12.21 29.71 -39.71
N ASP EA 159 -13.08 28.84 -39.19
CA ASP EA 159 -13.00 27.40 -39.42
C ASP EA 159 -11.64 26.85 -39.01
N TYR EA 160 -11.26 27.13 -37.76
CA TYR EA 160 -9.96 26.71 -37.26
C TYR EA 160 -9.85 25.19 -37.16
N LYS EA 161 -10.95 24.51 -36.85
CA LYS EA 161 -10.90 23.07 -36.63
C LYS EA 161 -10.49 22.32 -37.88
N ARG EA 162 -11.14 22.62 -39.01
CA ARG EA 162 -10.83 21.90 -40.24
C ARG EA 162 -9.47 22.26 -40.80
N ARG EA 163 -9.03 23.52 -40.62
CA ARG EA 163 -7.73 23.92 -41.13
C ARG EA 163 -6.59 23.42 -40.27
N LYS EA 164 -6.80 23.29 -38.96
CA LYS EA 164 -5.79 22.66 -38.11
C LYS EA 164 -5.57 21.21 -38.50
N GLN EA 165 -6.66 20.49 -38.80
CA GLN EA 165 -6.53 19.12 -39.28
C GLN EA 165 -5.79 19.06 -40.60
N GLU EA 166 -6.06 20.01 -41.50
CA GLU EA 166 -5.36 20.05 -42.77
C GLU EA 166 -3.86 20.27 -42.58
N ALA EA 167 -3.49 21.12 -41.62
CA ALA EA 167 -2.07 21.32 -41.31
C ALA EA 167 -1.44 20.03 -40.80
N VAL EA 168 -2.16 19.28 -39.96
CA VAL EA 168 -1.65 18.01 -39.48
C VAL EA 168 -1.49 17.02 -40.64
N MET EA 169 -2.49 16.96 -41.51
CA MET EA 169 -2.42 16.08 -42.68
C MET EA 169 -1.46 16.58 -43.74
N GLY EA 170 -0.95 17.81 -43.62
CA GLY EA 170 -0.04 18.36 -44.59
C GLY EA 170 -0.69 18.96 -45.81
N LYS EA 171 -2.02 19.07 -45.85
CA LYS EA 171 -2.69 19.67 -46.99
C LYS EA 171 -2.31 21.14 -47.14
N THR EA 172 -2.27 21.86 -46.02
CA THR EA 172 -1.91 23.28 -46.02
C THR EA 172 -1.08 23.53 -44.77
N LEU EA 173 0.24 23.66 -44.94
CA LEU EA 173 1.13 23.82 -43.80
C LEU EA 173 0.99 25.20 -43.17
N SER EA 174 0.92 26.25 -43.98
CA SER EA 174 0.90 27.62 -43.48
C SER EA 174 -0.17 28.42 -44.20
N LEU EA 175 -0.59 29.51 -43.56
CA LEU EA 175 -1.59 30.41 -44.09
C LEU EA 175 -1.03 31.82 -44.17
N TYR EA 176 -1.41 32.54 -45.21
CA TYR EA 176 -0.95 33.91 -45.44
C TYR EA 176 -2.09 34.90 -45.20
N SER EA 177 -1.78 35.96 -44.48
CA SER EA 177 -2.76 37.00 -44.19
C SER EA 177 -2.85 37.99 -45.35
N GLN EA 178 -3.89 38.81 -45.31
CA GLN EA 178 -4.03 39.87 -46.29
C GLN EA 178 -2.95 40.93 -46.07
N PRO EA 179 -2.50 41.58 -47.15
CA PRO EA 179 -1.44 42.60 -46.99
C PRO EA 179 -1.92 43.77 -46.14
N PHE EA 180 -1.01 44.31 -45.34
CA PHE EA 180 -1.27 45.51 -44.55
C PHE EA 180 -0.05 46.43 -44.63
N TYR EA 181 -0.30 47.72 -44.43
CA TYR EA 181 0.72 48.74 -44.65
C TYR EA 181 0.81 49.66 -43.45
N THR EA 182 2.00 50.23 -43.26
CA THR EA 182 2.16 51.28 -42.24
C THR EA 182 1.46 52.57 -42.64
N GLY EA 183 1.24 52.78 -43.93
CA GLY EA 183 0.61 54.00 -44.39
C GLY EA 183 0.15 53.84 -45.82
N TYR EA 184 -0.32 54.95 -46.40
CA TYR EA 184 -0.79 54.92 -47.78
C TYR EA 184 0.37 54.64 -48.75
N PHE EA 185 1.59 55.01 -48.38
CA PHE EA 185 2.77 54.79 -49.19
C PHE EA 185 3.90 54.20 -48.35
N GLY EA 186 3.59 53.20 -47.52
CA GLY EA 186 4.55 52.58 -46.66
C GLY EA 186 4.93 51.18 -47.11
N TYR EA 187 5.46 50.40 -46.18
CA TYR EA 187 5.88 49.05 -46.47
C TYR EA 187 4.67 48.16 -46.75
N LYS EA 188 4.84 47.20 -47.65
CA LYS EA 188 3.83 46.19 -47.92
C LYS EA 188 4.18 44.94 -47.15
N MET EA 189 3.33 44.57 -46.20
CA MET EA 189 3.65 43.53 -45.23
C MET EA 189 2.47 42.57 -45.08
N CYS EA 190 2.76 41.40 -44.53
CA CYS EA 190 1.72 40.41 -44.25
C CYS EA 190 2.19 39.51 -43.12
N ALA EA 191 1.33 38.60 -42.70
CA ALA EA 191 1.59 37.68 -41.61
C ALA EA 191 1.42 36.25 -42.08
N ARG EA 192 2.28 35.35 -41.58
CA ARG EA 192 2.23 33.94 -41.90
C ARG EA 192 2.15 33.14 -40.62
N VAL EA 193 1.25 32.15 -40.59
CA VAL EA 193 1.00 31.35 -39.40
C VAL EA 193 1.06 29.87 -39.76
N TYR EA 194 1.61 29.07 -38.86
CA TYR EA 194 1.57 27.61 -38.95
C TYR EA 194 0.69 27.07 -37.84
N LEU EA 195 -0.46 26.49 -38.22
CA LEU EA 195 -1.38 25.96 -37.22
C LEU EA 195 -0.78 24.78 -36.48
N ASN EA 196 -0.07 23.91 -37.18
CA ASN EA 196 0.56 22.74 -36.58
C ASN EA 196 2.00 22.98 -36.16
N GLY EA 197 2.52 24.20 -36.38
CA GLY EA 197 3.89 24.52 -36.03
C GLY EA 197 4.85 24.33 -37.19
N ASP EA 198 6.01 24.98 -37.06
CA ASP EA 198 7.04 24.92 -38.08
C ASP EA 198 8.40 24.81 -37.42
N GLY EA 199 9.31 24.09 -38.08
CA GLY EA 199 10.65 23.94 -37.56
C GLY EA 199 10.65 23.19 -36.24
N MET EA 200 11.29 23.80 -35.23
CA MET EA 200 11.39 23.18 -33.92
C MET EA 200 10.06 23.14 -33.18
N GLY EA 201 9.07 23.91 -33.63
CA GLY EA 201 7.76 23.90 -32.98
C GLY EA 201 6.74 23.07 -33.71
N LYS EA 202 7.19 22.21 -34.62
CA LYS EA 202 6.28 21.38 -35.40
C LYS EA 202 5.63 20.33 -34.52
N GLY EA 203 4.30 20.28 -34.54
CA GLY EA 203 3.54 19.29 -33.81
C GLY EA 203 3.31 19.58 -32.35
N THR EA 204 3.98 20.58 -31.78
CA THR EA 204 3.82 20.92 -30.37
C THR EA 204 3.42 22.36 -30.11
N HIS EA 205 3.68 23.28 -31.02
CA HIS EA 205 3.40 24.69 -30.82
C HIS EA 205 2.73 25.26 -32.07
N LEU EA 206 2.33 26.52 -31.98
CA LEU EA 206 1.83 27.29 -33.12
C LEU EA 206 2.90 28.30 -33.52
N SER EA 207 3.22 28.34 -34.81
CA SER EA 207 4.28 29.20 -35.32
C SER EA 207 3.66 30.38 -36.05
N LEU EA 208 4.13 31.59 -35.71
CA LEU EA 208 3.71 32.82 -36.33
C LEU EA 208 4.92 33.52 -36.91
N PHE EA 209 4.84 33.90 -38.19
CA PHE EA 209 5.96 34.52 -38.88
C PHE EA 209 5.54 35.83 -39.52
N PHE EA 210 6.48 36.76 -39.57
CA PHE EA 210 6.26 38.10 -40.07
C PHE EA 210 7.00 38.26 -41.40
N VAL EA 211 6.29 38.71 -42.42
CA VAL EA 211 6.76 38.65 -43.79
C VAL EA 211 6.78 40.07 -44.37
N ILE EA 212 7.85 40.41 -45.07
CA ILE EA 212 7.98 41.67 -45.78
C ILE EA 212 7.73 41.41 -47.26
N MET EA 213 6.77 42.12 -47.84
CA MET EA 213 6.44 41.98 -49.25
C MET EA 213 6.96 43.17 -50.04
N ARG EA 214 7.07 42.99 -51.35
CA ARG EA 214 7.57 44.05 -52.22
C ARG EA 214 6.50 45.11 -52.41
N GLY EA 215 6.76 46.31 -51.91
CA GLY EA 215 5.83 47.42 -52.07
C GLY EA 215 6.15 48.25 -53.30
N GLU EA 216 5.12 48.93 -53.81
CA GLU EA 216 5.29 49.76 -55.00
C GLU EA 216 6.12 51.00 -54.73
N TYR EA 217 6.30 51.37 -53.46
CA TYR EA 217 7.08 52.54 -53.09
C TYR EA 217 8.31 52.16 -52.27
N ASP EA 218 8.84 50.96 -52.50
CA ASP EA 218 10.00 50.49 -51.75
C ASP EA 218 11.24 51.34 -52.02
N ALA EA 219 11.32 51.96 -53.20
CA ALA EA 219 12.49 52.76 -53.55
C ALA EA 219 12.62 54.00 -52.68
N LEU EA 220 11.50 54.52 -52.17
CA LEU EA 220 11.52 55.71 -51.33
C LEU EA 220 11.55 55.39 -49.84
N LEU EA 221 11.58 54.12 -49.47
CA LEU EA 221 11.57 53.77 -48.06
C LEU EA 221 12.96 53.37 -47.58
N PRO EA 222 13.31 53.71 -46.34
CA PRO EA 222 14.62 53.33 -45.82
C PRO EA 222 14.75 51.82 -45.68
N TRP EA 223 15.97 51.33 -45.88
CA TRP EA 223 16.30 49.93 -45.74
C TRP EA 223 17.62 49.81 -44.99
N PRO EA 224 17.82 48.71 -44.24
CA PRO EA 224 16.91 47.58 -44.01
C PRO EA 224 15.73 47.93 -43.09
N PHE EA 225 14.71 47.09 -43.06
CA PHE EA 225 13.56 47.33 -42.20
C PHE EA 225 13.99 47.29 -40.74
N LYS EA 226 13.54 48.29 -39.97
CA LYS EA 226 13.94 48.39 -38.57
C LYS EA 226 12.81 48.78 -37.63
N GLN EA 227 11.57 48.91 -38.12
CA GLN EA 227 10.46 49.24 -37.26
C GLN EA 227 10.15 48.08 -36.32
N LYS EA 228 9.89 48.41 -35.05
CA LYS EA 228 9.59 47.39 -34.06
C LYS EA 228 8.32 46.64 -34.43
N VAL EA 229 8.38 45.31 -34.36
CA VAL EA 229 7.26 44.44 -34.73
C VAL EA 229 6.87 43.63 -33.50
N THR EA 230 5.58 43.67 -33.15
CA THR EA 230 5.05 42.93 -32.03
C THR EA 230 3.99 41.97 -32.54
N LEU EA 231 4.17 40.68 -32.24
CA LEU EA 231 3.20 39.66 -32.61
C LEU EA 231 2.35 39.31 -31.40
N MET EA 232 1.04 39.44 -31.54
CA MET EA 232 0.11 39.25 -30.45
C MET EA 232 -1.02 38.31 -30.87
N LEU EA 233 -1.46 37.48 -29.92
CA LEU EA 233 -2.60 36.59 -30.12
C LEU EA 233 -3.74 37.10 -29.26
N MET EA 234 -4.83 37.53 -29.90
CA MET EA 234 -5.93 38.15 -29.19
C MET EA 234 -6.66 37.15 -28.31
N ASP EA 235 -7.03 37.59 -27.11
CA ASP EA 235 -7.78 36.78 -26.16
C ASP EA 235 -9.26 37.14 -26.30
N GLN EA 236 -10.05 36.21 -26.82
CA GLN EA 236 -11.47 36.47 -27.06
C GLN EA 236 -12.31 36.41 -25.79
N GLY EA 237 -11.74 35.96 -24.68
CA GLY EA 237 -12.48 35.87 -23.44
C GLY EA 237 -12.57 37.21 -22.72
N SER EA 238 -13.30 37.19 -21.62
CA SER EA 238 -13.47 38.41 -20.81
C SER EA 238 -12.18 38.80 -20.11
N SER EA 239 -11.26 37.87 -19.89
CA SER EA 239 -10.00 38.20 -19.26
C SER EA 239 -9.14 39.10 -20.14
N ARG EA 240 -9.24 38.94 -21.47
CA ARG EA 240 -8.47 39.73 -22.43
C ARG EA 240 -6.97 39.60 -22.19
N ARG EA 241 -6.54 38.40 -21.80
CA ARG EA 241 -5.12 38.13 -21.55
C ARG EA 241 -4.47 37.75 -22.86
N HIS EA 242 -4.14 38.76 -23.66
CA HIS EA 242 -3.56 38.54 -24.97
C HIS EA 242 -2.13 38.02 -24.83
N LEU EA 243 -1.80 36.97 -25.57
CA LEU EA 243 -0.45 36.46 -25.63
C LEU EA 243 0.34 37.19 -26.71
N GLY EA 244 1.49 37.74 -26.34
CA GLY EA 244 2.26 38.55 -27.26
C GLY EA 244 3.74 38.26 -27.14
N ASP EA 245 4.47 38.66 -28.19
CA ASP EA 245 5.93 38.49 -28.23
C ASP EA 245 6.48 39.55 -29.16
N ALA EA 246 7.15 40.56 -28.58
CA ALA EA 246 7.72 41.65 -29.34
C ALA EA 246 9.19 41.39 -29.63
N PHE EA 247 9.65 41.86 -30.79
CA PHE EA 247 11.02 41.65 -31.21
C PHE EA 247 11.46 42.80 -32.11
N LYS EA 248 12.77 42.94 -32.26
CA LYS EA 248 13.37 43.96 -33.12
C LYS EA 248 13.92 43.28 -34.38
N PRO EA 249 13.62 43.80 -35.57
CA PRO EA 249 14.12 43.17 -36.79
C PRO EA 249 15.64 43.06 -36.82
N ASP EA 250 16.11 41.93 -37.32
CA ASP EA 250 17.54 41.67 -37.42
C ASP EA 250 18.15 42.56 -38.50
N PRO EA 251 19.16 43.37 -38.19
CA PRO EA 251 19.71 44.29 -39.18
C PRO EA 251 20.32 43.63 -40.41
N ASN EA 252 20.68 42.35 -40.32
CA ASN EA 252 21.38 41.69 -41.44
C ASN EA 252 20.71 40.37 -41.82
N SER EA 253 19.39 40.36 -41.91
CA SER EA 253 18.65 39.18 -42.33
C SER EA 253 17.96 39.45 -43.67
N SER EA 254 17.81 38.40 -44.47
CA SER EA 254 17.15 38.54 -45.77
C SER EA 254 15.68 38.89 -45.62
N SER EA 255 15.12 38.67 -44.44
CA SER EA 255 13.71 38.98 -44.19
C SER EA 255 13.43 40.49 -44.20
N PHE EA 256 14.39 41.30 -43.77
CA PHE EA 256 14.18 42.73 -43.62
C PHE EA 256 14.98 43.56 -44.61
N LYS EA 257 15.53 42.96 -45.65
CA LYS EA 257 16.23 43.70 -46.69
C LYS EA 257 15.22 44.29 -47.67
N LYS EA 258 15.74 44.99 -48.67
CA LYS EA 258 14.87 45.48 -49.74
C LYS EA 258 14.37 44.31 -50.56
N PRO EA 259 13.05 44.11 -50.69
CA PRO EA 259 12.56 42.93 -51.40
C PRO EA 259 12.98 42.92 -52.85
N THR EA 260 13.27 41.72 -53.35
CA THR EA 260 13.55 41.51 -54.77
C THR EA 260 12.49 40.66 -55.47
N GLY EA 261 11.90 39.70 -54.76
CA GLY EA 261 10.78 38.93 -55.28
C GLY EA 261 9.46 39.44 -54.73
N GLU EA 262 8.43 38.59 -54.85
CA GLU EA 262 7.11 38.96 -54.35
C GLU EA 262 7.12 39.12 -52.84
N MET EA 263 7.69 38.14 -52.14
CA MET EA 263 7.80 38.18 -50.69
C MET EA 263 9.19 37.75 -50.27
N ASN EA 264 9.60 38.19 -49.08
CA ASN EA 264 10.88 37.79 -48.51
C ASN EA 264 10.71 36.55 -47.65
N ILE EA 265 11.80 36.12 -47.01
CA ILE EA 265 11.75 34.96 -46.13
C ILE EA 265 10.98 35.30 -44.87
N ALA EA 266 10.02 34.46 -44.50
CA ALA EA 266 9.22 34.67 -43.31
C ALA EA 266 10.10 34.58 -42.06
N SER EA 267 9.84 35.46 -41.09
CA SER EA 267 10.58 35.49 -39.85
C SER EA 267 9.63 35.71 -38.69
N GLY EA 268 9.87 35.02 -37.59
CA GLY EA 268 9.01 35.14 -36.42
C GLY EA 268 9.37 34.19 -35.30
N CYS EA 269 8.37 33.76 -34.54
CA CYS EA 269 8.58 32.86 -33.40
C CYS EA 269 7.92 31.52 -33.67
N PRO EA 270 8.69 30.48 -34.01
CA PRO EA 270 8.09 29.16 -34.21
C PRO EA 270 7.50 28.56 -32.95
N VAL EA 271 7.88 29.07 -31.77
CA VAL EA 271 7.39 28.56 -30.50
C VAL EA 271 6.57 29.62 -29.80
N PHE EA 272 5.88 30.45 -30.59
CA PHE EA 272 5.08 31.56 -30.07
C PHE EA 272 4.14 31.13 -28.95
N VAL EA 273 3.22 30.21 -29.24
CA VAL EA 273 2.27 29.71 -28.27
C VAL EA 273 2.18 28.20 -28.39
N ALA EA 274 2.13 27.53 -27.23
CA ALA EA 274 1.99 26.07 -27.21
C ALA EA 274 0.60 25.68 -27.69
N GLN EA 275 0.51 24.56 -28.39
CA GLN EA 275 -0.78 24.10 -28.91
C GLN EA 275 -1.76 23.80 -27.79
N THR EA 276 -1.29 23.16 -26.71
CA THR EA 276 -2.15 22.87 -25.57
C THR EA 276 -2.63 24.15 -24.90
N VAL EA 277 -1.74 25.13 -24.75
CA VAL EA 277 -2.12 26.41 -24.14
C VAL EA 277 -3.18 27.10 -25.00
N LEU EA 278 -2.98 27.08 -26.31
CA LEU EA 278 -3.97 27.67 -27.22
C LEU EA 278 -5.32 27.00 -27.09
N GLU EA 279 -5.35 25.68 -26.90
CA GLU EA 279 -6.59 24.92 -26.86
C GLU EA 279 -7.14 24.76 -25.45
N ASN EA 280 -6.92 25.75 -24.59
CA ASN EA 280 -7.46 25.77 -23.23
C ASN EA 280 -8.56 26.82 -23.10
N GLY EA 281 -9.27 27.09 -24.19
CA GLY EA 281 -10.39 28.00 -24.16
C GLY EA 281 -9.98 29.46 -24.24
N THR EA 282 -10.99 30.31 -24.40
CA THR EA 282 -10.86 31.77 -24.45
C THR EA 282 -10.08 32.24 -25.67
N TYR EA 283 -9.64 31.31 -26.51
CA TYR EA 283 -8.88 31.66 -27.70
C TYR EA 283 -9.53 31.18 -28.99
N ILE EA 284 -10.38 30.16 -28.93
CA ILE EA 284 -11.10 29.68 -30.11
C ILE EA 284 -12.60 29.78 -29.84
N LYS EA 285 -13.21 30.88 -30.27
CA LYS EA 285 -14.65 31.06 -30.16
C LYS EA 285 -15.26 30.98 -31.55
N ASP EA 286 -16.31 30.16 -31.69
CA ASP EA 286 -16.96 29.93 -32.99
C ASP EA 286 -15.96 29.43 -34.02
N ASP EA 287 -15.01 28.60 -33.57
CA ASP EA 287 -13.96 28.03 -34.41
C ASP EA 287 -13.20 29.12 -35.17
N THR EA 288 -12.88 30.22 -34.47
CA THR EA 288 -12.21 31.36 -35.09
C THR EA 288 -11.17 31.91 -34.14
N ILE EA 289 -10.00 32.27 -34.68
CA ILE EA 289 -8.91 32.83 -33.90
C ILE EA 289 -8.60 34.22 -34.45
N PHE EA 290 -8.08 35.09 -33.58
CA PHE EA 290 -7.74 36.45 -33.94
C PHE EA 290 -6.26 36.68 -33.68
N ILE EA 291 -5.55 37.21 -34.69
CA ILE EA 291 -4.13 37.47 -34.61
C ILE EA 291 -3.89 38.95 -34.84
N LYS EA 292 -3.17 39.59 -33.93
CA LYS EA 292 -2.87 41.02 -34.00
C LYS EA 292 -1.37 41.22 -34.19
N VAL EA 293 -1.02 42.04 -35.18
CA VAL EA 293 0.37 42.41 -35.46
C VAL EA 293 0.47 43.92 -35.36
N ILE EA 294 1.41 44.41 -34.54
CA ILE EA 294 1.59 45.83 -34.31
C ILE EA 294 2.98 46.22 -34.78
N VAL EA 295 3.04 47.19 -35.69
CA VAL EA 295 4.29 47.71 -36.22
C VAL EA 295 4.40 49.17 -35.83
N ASP EA 296 5.50 49.53 -35.18
CA ASP EA 296 5.69 50.91 -34.74
C ASP EA 296 5.99 51.82 -35.93
N THR EA 297 5.27 52.93 -36.02
CA THR EA 297 5.43 53.89 -37.11
C THR EA 297 5.81 55.28 -36.61
N SER EA 298 6.32 55.37 -35.38
CA SER EA 298 6.65 56.67 -34.79
C SER EA 298 7.89 57.30 -35.43
N ASP EA 299 8.70 56.53 -36.14
CA ASP EA 299 9.92 57.03 -36.76
C ASP EA 299 9.85 56.98 -38.29
N LEU EA 300 8.64 57.03 -38.85
CA LEU EA 300 8.43 56.98 -40.28
C LEU EA 300 7.64 58.20 -40.73
N PRO EA 301 8.14 58.96 -41.73
CA PRO EA 301 7.46 60.14 -42.25
C PRO EA 301 6.07 59.84 -42.80
N HIS FA 123 -24.30 27.60 -72.50
CA HIS FA 123 -23.59 28.87 -72.59
C HIS FA 123 -24.47 30.02 -72.13
N ASP FA 124 -25.77 29.94 -72.46
CA ASP FA 124 -26.70 30.98 -72.07
C ASP FA 124 -26.84 31.06 -70.55
N GLN FA 125 -26.88 29.89 -69.88
CA GLN FA 125 -27.00 29.88 -68.43
C GLN FA 125 -25.78 30.52 -67.77
N MET FA 126 -24.59 30.22 -68.26
CA MET FA 126 -23.38 30.83 -67.71
C MET FA 126 -23.36 32.34 -67.96
N LEU FA 127 -23.85 32.78 -69.11
CA LEU FA 127 -23.91 34.22 -69.40
C LEU FA 127 -24.84 34.92 -68.42
N SER FA 128 -25.98 34.31 -68.10
CA SER FA 128 -26.89 34.90 -67.12
C SER FA 128 -26.24 34.99 -65.75
N VAL FA 129 -25.50 33.96 -65.36
CA VAL FA 129 -24.77 34.00 -64.09
C VAL FA 129 -23.73 35.10 -64.11
N HIS FA 130 -23.02 35.25 -65.23
CA HIS FA 130 -22.00 36.30 -65.33
C HIS FA 130 -22.62 37.68 -65.20
N ASP FA 131 -23.79 37.90 -65.82
CA ASP FA 131 -24.46 39.20 -65.71
C ASP FA 131 -24.84 39.51 -64.27
N ILE FA 132 -25.32 38.50 -63.54
CA ILE FA 132 -25.67 38.70 -62.13
C ILE FA 132 -24.41 39.02 -61.32
N ARG FA 133 -23.34 38.27 -61.56
CA ARG FA 133 -22.09 38.51 -60.84
C ARG FA 133 -21.50 39.88 -61.17
N LEU FA 134 -21.56 40.27 -62.44
CA LEU FA 134 -21.05 41.59 -62.84
C LEU FA 134 -21.85 42.70 -62.16
N ALA FA 135 -23.18 42.56 -62.10
CA ALA FA 135 -24.00 43.56 -61.43
C ALA FA 135 -23.69 43.62 -59.95
N ASP FA 136 -23.48 42.46 -59.31
CA ASP FA 136 -23.14 42.43 -57.89
C ASP FA 136 -21.81 43.12 -57.63
N MET FA 137 -20.83 42.92 -58.50
CA MET FA 137 -19.53 43.56 -58.33
C MET FA 137 -19.65 45.07 -58.45
N ASP FA 138 -20.52 45.55 -59.35
CA ASP FA 138 -20.68 46.99 -59.54
C ASP FA 138 -21.14 47.67 -58.24
N LEU FA 139 -22.07 47.05 -57.53
CA LEU FA 139 -22.47 47.58 -56.23
C LEU FA 139 -21.33 47.48 -55.22
N ARG FA 140 -20.48 46.46 -55.36
CA ARG FA 140 -19.36 46.30 -54.44
C ARG FA 140 -18.34 47.42 -54.61
N PHE FA 141 -18.11 47.87 -55.85
CA PHE FA 141 -17.19 48.98 -56.08
C PHE FA 141 -17.67 50.24 -55.39
N GLN FA 142 -18.96 50.55 -55.50
CA GLN FA 142 -19.48 51.80 -54.96
C GLN FA 142 -19.39 51.82 -53.43
N VAL FA 143 -19.65 50.69 -52.78
CA VAL FA 143 -19.58 50.63 -51.33
C VAL FA 143 -18.15 50.90 -50.87
N LEU FA 144 -17.16 50.28 -51.52
CA LEU FA 144 -15.77 50.52 -51.16
C LEU FA 144 -15.33 51.93 -51.53
N GLU FA 145 -15.87 52.49 -52.62
CA GLU FA 145 -15.50 53.84 -53.03
C GLU FA 145 -15.92 54.87 -51.98
N THR FA 146 -17.11 54.71 -51.40
CA THR FA 146 -17.65 55.64 -50.43
C THR FA 146 -17.46 55.18 -49.00
N ALA FA 147 -16.70 54.10 -48.79
CA ALA FA 147 -16.45 53.62 -47.43
C ALA FA 147 -15.61 54.61 -46.65
N SER FA 148 -15.91 54.73 -45.35
CA SER FA 148 -15.20 55.63 -44.46
C SER FA 148 -14.77 54.89 -43.21
N TYR FA 149 -13.64 55.33 -42.63
CA TYR FA 149 -13.10 54.66 -41.45
C TYR FA 149 -12.71 55.66 -40.36
N ASN FA 150 -13.26 56.87 -40.38
CA ASN FA 150 -12.94 57.90 -39.39
C ASN FA 150 -14.07 58.12 -38.39
N GLY FA 151 -15.12 57.32 -38.45
CA GLY FA 151 -16.25 57.48 -37.55
C GLY FA 151 -17.25 58.54 -37.94
N VAL FA 152 -17.04 59.21 -39.07
CA VAL FA 152 -17.95 60.26 -39.56
C VAL FA 152 -18.45 59.83 -40.94
N LEU FA 153 -19.76 59.84 -41.12
CA LEU FA 153 -20.39 59.42 -42.36
C LEU FA 153 -21.07 60.61 -43.02
N ILE FA 154 -20.77 60.85 -44.29
CA ILE FA 154 -21.45 61.84 -45.10
C ILE FA 154 -22.23 61.11 -46.18
N TRP FA 155 -23.55 61.27 -46.17
CA TRP FA 155 -24.44 60.53 -47.06
C TRP FA 155 -25.04 61.49 -48.08
N LYS FA 156 -24.89 61.15 -49.35
CA LYS FA 156 -25.44 61.94 -50.45
C LYS FA 156 -26.59 61.18 -51.09
N ILE FA 157 -27.78 61.78 -51.10
CA ILE FA 157 -28.97 61.17 -51.66
C ILE FA 157 -29.43 62.06 -52.81
N ARG FA 158 -29.13 61.64 -54.03
CA ARG FA 158 -29.53 62.38 -55.21
C ARG FA 158 -30.96 61.99 -55.62
N ASP FA 159 -31.55 62.81 -56.50
CA ASP FA 159 -32.90 62.59 -57.01
C ASP FA 159 -33.91 62.47 -55.87
N TYR FA 160 -33.91 63.51 -55.01
CA TYR FA 160 -34.78 63.50 -53.84
C TYR FA 160 -36.25 63.59 -54.23
N LYS FA 161 -36.57 64.29 -55.32
CA LYS FA 161 -37.96 64.50 -55.69
C LYS FA 161 -38.66 63.20 -56.03
N ARG FA 162 -38.03 62.37 -56.88
CA ARG FA 162 -38.68 61.12 -57.29
C ARG FA 162 -38.73 60.11 -56.16
N ARG FA 163 -37.71 60.10 -55.29
CA ARG FA 163 -37.70 59.14 -54.20
C ARG FA 163 -38.64 59.54 -53.07
N LYS FA 164 -38.83 60.84 -52.84
CA LYS FA 164 -39.85 61.28 -51.88
C LYS FA 164 -41.23 60.86 -52.33
N GLN FA 165 -41.52 60.98 -53.63
CA GLN FA 165 -42.80 60.53 -54.16
C GLN FA 165 -42.96 59.02 -53.98
N GLU FA 166 -41.88 58.27 -54.19
CA GLU FA 166 -41.93 56.82 -54.02
C GLU FA 166 -42.23 56.46 -52.56
N ALA FA 167 -41.66 57.20 -51.62
CA ALA FA 167 -41.97 56.97 -50.21
C ALA FA 167 -43.43 57.24 -49.92
N VAL FA 168 -44.00 58.29 -50.52
CA VAL FA 168 -45.42 58.58 -50.34
C VAL FA 168 -46.26 57.46 -50.94
N MET FA 169 -45.91 57.01 -52.14
CA MET FA 169 -46.63 55.92 -52.79
C MET FA 169 -46.35 54.57 -52.14
N GLY FA 170 -45.38 54.48 -51.23
CA GLY FA 170 -45.05 53.23 -50.58
C GLY FA 170 -44.14 52.31 -51.36
N LYS FA 171 -43.61 52.77 -52.50
CA LYS FA 171 -42.70 51.93 -53.28
C LYS FA 171 -41.43 51.63 -52.50
N THR FA 172 -40.88 52.65 -51.83
CA THR FA 172 -39.67 52.48 -51.02
C THR FA 172 -39.84 53.35 -49.77
N LEU FA 173 -40.12 52.70 -48.64
CA LEU FA 173 -40.39 53.45 -47.41
C LEU FA 173 -39.12 54.06 -46.84
N SER FA 174 -38.03 53.30 -46.83
CA SER FA 174 -36.79 53.76 -46.21
C SER FA 174 -35.61 53.46 -47.11
N LEU FA 175 -34.52 54.19 -46.88
CA LEU FA 175 -33.28 54.05 -47.64
C LEU FA 175 -32.13 53.74 -46.69
N TYR FA 176 -31.22 52.89 -47.13
CA TYR FA 176 -30.06 52.49 -46.33
C TYR FA 176 -28.80 53.11 -46.91
N SER FA 177 -27.97 53.65 -46.02
CA SER FA 177 -26.71 54.26 -46.43
C SER FA 177 -25.62 53.19 -46.57
N GLN FA 178 -24.51 53.59 -47.17
CA GLN FA 178 -23.37 52.71 -47.27
C GLN FA 178 -22.75 52.50 -45.89
N PRO FA 179 -22.16 51.33 -45.64
CA PRO FA 179 -21.56 51.07 -44.33
C PRO FA 179 -20.41 52.01 -44.05
N PHE FA 180 -20.29 52.42 -42.78
CA PHE FA 180 -19.16 53.23 -42.33
C PHE FA 180 -18.69 52.69 -40.98
N TYR FA 181 -17.41 52.95 -40.68
CA TYR FA 181 -16.76 52.35 -39.52
C TYR FA 181 -16.06 53.42 -38.71
N THR FA 182 -15.93 53.17 -37.41
CA THR FA 182 -15.12 54.03 -36.56
C THR FA 182 -13.63 53.89 -36.86
N GLY FA 183 -13.21 52.77 -37.42
CA GLY FA 183 -11.82 52.54 -37.74
C GLY FA 183 -11.66 51.37 -38.67
N TYR FA 184 -10.41 50.99 -38.90
CA TYR FA 184 -10.13 49.87 -39.79
C TYR FA 184 -10.66 48.56 -39.23
N PHE FA 185 -10.76 48.46 -37.90
CA PHE FA 185 -11.27 47.27 -37.22
C PHE FA 185 -12.27 47.66 -36.15
N GLY FA 186 -13.19 48.56 -36.48
CA GLY FA 186 -14.19 49.03 -35.55
C GLY FA 186 -15.57 48.49 -35.86
N TYR FA 187 -16.57 49.19 -35.34
CA TYR FA 187 -17.97 48.79 -35.54
C TYR FA 187 -18.37 48.98 -37.00
N LYS FA 188 -19.23 48.09 -37.49
CA LYS FA 188 -19.81 48.21 -38.82
C LYS FA 188 -21.19 48.84 -38.67
N MET FA 189 -21.37 50.05 -39.21
CA MET FA 189 -22.54 50.84 -38.94
C MET FA 189 -23.07 51.43 -40.26
N CYS FA 190 -24.33 51.87 -40.21
CA CYS FA 190 -24.96 52.51 -41.36
C CYS FA 190 -26.08 53.41 -40.87
N ALA FA 191 -26.69 54.13 -41.79
CA ALA FA 191 -27.76 55.07 -41.50
C ALA FA 191 -29.01 54.72 -42.31
N ARG FA 192 -30.17 54.88 -41.68
CA ARG FA 192 -31.46 54.62 -42.32
C ARG FA 192 -32.33 55.88 -42.23
N VAL FA 193 -32.97 56.24 -43.34
CA VAL FA 193 -33.76 57.46 -43.43
C VAL FA 193 -35.13 57.13 -44.01
N TYR FA 194 -36.16 57.78 -43.49
CA TYR FA 194 -37.50 57.74 -44.05
C TYR FA 194 -37.84 59.11 -44.63
N LEU FA 195 -37.97 59.18 -45.95
CA LEU FA 195 -38.28 60.45 -46.59
C LEU FA 195 -39.67 60.95 -46.22
N ASN FA 196 -40.64 60.04 -46.14
CA ASN FA 196 -42.01 60.40 -45.78
C ASN FA 196 -42.29 60.25 -44.29
N GLY FA 197 -41.30 59.85 -43.50
CA GLY FA 197 -41.49 59.68 -42.09
C GLY FA 197 -41.85 58.25 -41.71
N ASP FA 198 -41.63 57.94 -40.43
CA ASP FA 198 -41.91 56.61 -39.90
C ASP FA 198 -42.52 56.74 -38.52
N GLY FA 199 -43.42 55.80 -38.20
CA GLY FA 199 -44.06 55.80 -36.89
C GLY FA 199 -44.91 57.05 -36.69
N MET FA 200 -44.66 57.74 -35.58
CA MET FA 200 -45.41 58.95 -35.26
C MET FA 200 -45.10 60.11 -36.18
N GLY FA 201 -44.01 60.04 -36.94
CA GLY FA 201 -43.65 61.12 -37.84
C GLY FA 201 -44.02 60.83 -39.28
N LYS FA 202 -44.88 59.82 -39.49
CA LYS FA 202 -45.27 59.45 -40.85
C LYS FA 202 -46.15 60.53 -41.47
N GLY FA 203 -45.75 60.99 -42.66
CA GLY FA 203 -46.53 61.96 -43.41
C GLY FA 203 -46.33 63.40 -43.01
N THR FA 204 -45.67 63.68 -41.88
CA THR FA 204 -45.46 65.04 -41.42
C THR FA 204 -44.00 65.40 -41.18
N HIS FA 205 -43.12 64.43 -40.95
CA HIS FA 205 -41.72 64.69 -40.64
C HIS FA 205 -40.84 63.77 -41.45
N LEU FA 206 -39.53 63.98 -41.34
CA LEU FA 206 -38.53 63.08 -41.91
C LEU FA 206 -37.88 62.31 -40.78
N SER FA 207 -37.81 61.00 -40.93
CA SER FA 207 -37.29 60.10 -39.89
C SER FA 207 -35.90 59.63 -40.26
N LEU FA 208 -34.96 59.76 -39.32
CA LEU FA 208 -33.60 59.31 -39.49
C LEU FA 208 -33.28 58.31 -38.39
N PHE FA 209 -32.74 57.15 -38.78
CA PHE FA 209 -32.46 56.09 -37.82
C PHE FA 209 -31.02 55.63 -37.97
N PHE FA 210 -30.44 55.22 -36.84
CA PHE FA 210 -29.06 54.81 -36.75
C PHE FA 210 -29.01 53.30 -36.50
N VAL FA 211 -28.24 52.59 -37.33
CA VAL FA 211 -28.29 51.14 -37.41
C VAL FA 211 -26.91 50.58 -37.11
N ILE FA 212 -26.87 49.53 -36.29
CA ILE FA 212 -25.64 48.79 -35.99
C ILE FA 212 -25.65 47.51 -36.82
N MET FA 213 -24.61 47.31 -37.61
CA MET FA 213 -24.47 46.12 -38.44
C MET FA 213 -23.45 45.17 -37.83
N ARG FA 214 -23.50 43.91 -38.26
CA ARG FA 214 -22.58 42.90 -37.77
C ARG FA 214 -21.21 43.10 -38.41
N GLY FA 215 -20.22 43.44 -37.59
CA GLY FA 215 -18.86 43.61 -38.08
C GLY FA 215 -18.05 42.34 -37.94
N GLU FA 216 -17.02 42.22 -38.79
CA GLU FA 216 -16.17 41.04 -38.77
C GLU FA 216 -15.31 40.96 -37.51
N TYR FA 217 -15.16 42.07 -36.79
CA TYR FA 217 -14.34 42.11 -35.58
C TYR FA 217 -15.19 42.45 -34.36
N ASP FA 218 -16.48 42.05 -34.38
CA ASP FA 218 -17.37 42.35 -33.27
C ASP FA 218 -16.95 41.62 -32.00
N ALA FA 219 -16.27 40.48 -32.12
CA ALA FA 219 -15.85 39.73 -30.95
C ALA FA 219 -14.82 40.46 -30.10
N LEU FA 220 -14.03 41.34 -30.71
CA LEU FA 220 -13.00 42.09 -30.00
C LEU FA 220 -13.48 43.47 -29.58
N LEU FA 221 -14.73 43.83 -29.85
CA LEU FA 221 -15.21 45.15 -29.50
C LEU FA 221 -16.09 45.10 -28.26
N PRO FA 222 -16.01 46.12 -27.41
CA PRO FA 222 -16.86 46.14 -26.21
C PRO FA 222 -18.34 46.25 -26.57
N TRP FA 223 -19.16 45.63 -25.74
CA TRP FA 223 -20.61 45.68 -25.88
C TRP FA 223 -21.23 45.90 -24.51
N PRO FA 224 -22.41 46.54 -24.45
CA PRO FA 224 -23.20 47.11 -25.55
C PRO FA 224 -22.58 48.38 -26.14
N PHE FA 225 -23.03 48.79 -27.33
CA PHE FA 225 -22.54 50.00 -27.94
C PHE FA 225 -22.87 51.21 -27.08
N LYS FA 226 -21.88 52.08 -26.86
CA LYS FA 226 -22.07 53.23 -26.00
C LYS FA 226 -21.43 54.52 -26.53
N GLN FA 227 -20.85 54.49 -27.73
CA GLN FA 227 -20.27 55.70 -28.29
C GLN FA 227 -21.35 56.71 -28.63
N LYS FA 228 -21.10 57.98 -28.30
CA LYS FA 228 -22.09 59.03 -28.57
C LYS FA 228 -22.33 59.15 -30.07
N VAL FA 229 -23.61 59.23 -30.44
CA VAL FA 229 -24.01 59.30 -31.84
C VAL FA 229 -24.78 60.60 -32.04
N THR FA 230 -24.36 61.40 -33.02
CA THR FA 230 -25.00 62.65 -33.36
C THR FA 230 -25.50 62.58 -34.79
N LEU FA 231 -26.80 62.81 -34.97
CA LEU FA 231 -27.42 62.83 -36.30
C LEU FA 231 -27.59 64.28 -36.74
N MET FA 232 -27.02 64.62 -37.89
CA MET FA 232 -27.02 65.98 -38.39
C MET FA 232 -27.49 66.01 -39.84
N LEU FA 233 -28.23 67.07 -40.19
CA LEU FA 233 -28.67 67.32 -41.54
C LEU FA 233 -27.92 68.53 -42.08
N MET FA 234 -27.09 68.31 -43.11
CA MET FA 234 -26.22 69.37 -43.61
C MET FA 234 -27.03 70.47 -44.28
N ASP FA 235 -26.62 71.71 -44.03
CA ASP FA 235 -27.24 72.88 -44.64
C ASP FA 235 -26.40 73.29 -45.85
N GLN FA 236 -26.95 73.10 -47.05
CA GLN FA 236 -26.23 73.39 -48.28
C GLN FA 236 -26.15 74.87 -48.60
N GLY FA 237 -26.88 75.72 -47.87
CA GLY FA 237 -26.86 77.14 -48.11
C GLY FA 237 -25.66 77.82 -47.47
N SER FA 238 -25.54 79.12 -47.75
CA SER FA 238 -24.44 79.90 -47.20
C SER FA 238 -24.56 80.08 -45.69
N SER FA 239 -25.77 79.96 -45.14
CA SER FA 239 -25.93 80.10 -43.69
C SER FA 239 -25.27 78.94 -42.95
N ARG FA 240 -25.24 77.75 -43.55
CA ARG FA 240 -24.65 76.56 -42.95
C ARG FA 240 -25.28 76.24 -41.59
N ARG FA 241 -26.59 76.46 -41.48
CA ARG FA 241 -27.33 76.20 -40.25
C ARG FA 241 -27.78 74.73 -40.27
N HIS FA 242 -26.84 73.86 -39.92
CA HIS FA 242 -27.09 72.43 -39.93
C HIS FA 242 -28.07 72.04 -38.82
N LEU FA 243 -29.07 71.25 -39.16
CA LEU FA 243 -29.99 70.73 -38.15
C LEU FA 243 -29.44 69.42 -37.60
N GLY FA 244 -29.33 69.33 -36.28
CA GLY FA 244 -28.73 68.18 -35.65
C GLY FA 244 -29.50 67.76 -34.41
N ASP FA 245 -29.24 66.51 -34.00
CA ASP FA 245 -29.87 65.95 -32.81
C ASP FA 245 -28.95 64.86 -32.27
N ALA FA 246 -28.30 65.14 -31.15
CA ALA FA 246 -27.37 64.21 -30.53
C ALA FA 246 -28.06 63.41 -29.43
N PHE FA 247 -27.64 62.16 -29.28
CA PHE FA 247 -28.24 61.27 -28.29
C PHE FA 247 -27.20 60.26 -27.84
N LYS FA 248 -27.49 59.63 -26.69
CA LYS FA 248 -26.63 58.60 -26.12
C LYS FA 248 -27.31 57.24 -26.31
N PRO FA 249 -26.59 56.23 -26.80
CA PRO FA 249 -27.22 54.92 -27.01
C PRO FA 249 -27.82 54.35 -25.73
N ASP FA 250 -28.98 53.72 -25.88
CA ASP FA 250 -29.68 53.12 -24.75
C ASP FA 250 -28.92 51.88 -24.30
N PRO FA 251 -28.53 51.79 -23.02
CA PRO FA 251 -27.72 50.64 -22.57
C PRO FA 251 -28.41 49.30 -22.69
N ASN FA 252 -29.74 49.26 -22.78
CA ASN FA 252 -30.46 47.98 -22.79
C ASN FA 252 -31.45 47.90 -23.95
N SER FA 253 -31.02 48.29 -25.15
CA SER FA 253 -31.84 48.19 -26.35
C SER FA 253 -31.22 47.19 -27.31
N SER FA 254 -32.07 46.51 -28.08
CA SER FA 254 -31.58 45.54 -29.06
C SER FA 254 -30.79 46.20 -30.17
N SER FA 255 -30.93 47.52 -30.33
CA SER FA 255 -30.21 48.24 -31.36
C SER FA 255 -28.71 48.31 -31.10
N PHE FA 256 -28.30 48.36 -29.83
CA PHE FA 256 -26.90 48.55 -29.47
C PHE FA 256 -26.27 47.32 -28.83
N LYS FA 257 -26.92 46.16 -28.91
CA LYS FA 257 -26.33 44.93 -28.41
C LYS FA 257 -25.34 44.37 -29.43
N LYS FA 258 -24.75 43.24 -29.09
CA LYS FA 258 -23.88 42.55 -30.04
C LYS FA 258 -24.73 41.98 -31.17
N PRO FA 259 -24.47 42.34 -32.42
CA PRO FA 259 -25.35 41.88 -33.52
C PRO FA 259 -25.34 40.37 -33.65
N THR FA 260 -26.50 39.82 -33.98
CA THR FA 260 -26.65 38.41 -34.30
C THR FA 260 -27.01 38.16 -35.76
N GLY FA 261 -27.80 39.04 -36.37
CA GLY FA 261 -28.09 38.99 -37.77
C GLY FA 261 -27.25 39.96 -38.56
N GLU FA 262 -27.70 40.24 -39.80
CA GLU FA 262 -26.97 41.17 -40.65
C GLU FA 262 -27.00 42.58 -40.07
N MET FA 263 -28.17 43.04 -39.65
CA MET FA 263 -28.33 44.35 -39.05
C MET FA 263 -29.24 44.24 -37.84
N ASN FA 264 -29.09 45.19 -36.92
CA ASN FA 264 -29.93 45.27 -35.74
C ASN FA 264 -31.14 46.16 -36.02
N ILE FA 265 -31.96 46.37 -34.99
CA ILE FA 265 -33.14 47.22 -35.13
C ILE FA 265 -32.70 48.68 -35.26
N ALA FA 266 -33.23 49.37 -36.26
CA ALA FA 266 -32.89 50.77 -36.45
C ALA FA 266 -33.41 51.62 -35.29
N SER FA 267 -32.59 52.60 -34.89
CA SER FA 267 -32.94 53.49 -33.79
C SER FA 267 -32.55 54.92 -34.15
N GLY FA 268 -33.40 55.87 -33.79
CA GLY FA 268 -33.13 57.26 -34.09
C GLY FA 268 -34.27 58.19 -33.71
N CYS FA 269 -34.44 59.27 -34.48
CA CYS FA 269 -35.46 60.27 -34.21
C CYS FA 269 -36.48 60.28 -35.34
N PRO FA 270 -37.66 59.70 -35.14
CA PRO FA 270 -38.69 59.76 -36.19
C PRO FA 270 -39.19 61.16 -36.48
N VAL FA 271 -38.97 62.11 -35.56
CA VAL FA 271 -39.44 63.49 -35.72
C VAL FA 271 -38.24 64.41 -35.82
N PHE FA 272 -37.16 63.92 -36.42
CA PHE FA 272 -35.91 64.66 -36.56
C PHE FA 272 -36.13 66.06 -37.14
N VAL FA 273 -36.65 66.13 -38.36
CA VAL FA 273 -36.92 67.41 -39.02
C VAL FA 273 -38.30 67.35 -39.66
N ALA FA 274 -39.05 68.46 -39.53
CA ALA FA 274 -40.36 68.54 -40.14
C ALA FA 274 -40.23 68.63 -41.66
N GLN FA 275 -41.18 68.02 -42.37
CA GLN FA 275 -41.13 68.01 -43.82
C GLN FA 275 -41.22 69.42 -44.40
N THR FA 276 -42.08 70.26 -43.82
CA THR FA 276 -42.20 71.64 -44.29
C THR FA 276 -40.90 72.41 -44.04
N VAL FA 277 -40.30 72.21 -42.87
CA VAL FA 277 -39.04 72.89 -42.56
C VAL FA 277 -37.95 72.47 -43.54
N LEU FA 278 -37.89 71.17 -43.83
CA LEU FA 278 -36.93 70.67 -44.80
C LEU FA 278 -37.11 71.30 -46.17
N GLU FA 279 -38.37 71.51 -46.58
CA GLU FA 279 -38.69 72.01 -47.91
C GLU FA 279 -38.81 73.52 -47.95
N ASN FA 280 -38.04 74.23 -47.13
CA ASN FA 280 -38.00 75.68 -47.13
C ASN FA 280 -36.67 76.19 -47.68
N GLY FA 281 -36.07 75.43 -48.58
CA GLY FA 281 -34.85 75.85 -49.24
C GLY FA 281 -33.61 75.59 -48.41
N THR FA 282 -32.46 75.81 -49.05
CA THR FA 282 -31.12 75.69 -48.45
C THR FA 282 -30.81 74.26 -48.03
N TYR FA 283 -31.73 73.33 -48.26
CA TYR FA 283 -31.53 71.93 -47.90
C TYR FA 283 -31.62 70.98 -49.08
N ILE FA 284 -32.31 71.36 -50.14
CA ILE FA 284 -32.39 70.54 -51.34
C ILE FA 284 -31.85 71.32 -52.52
N LYS FA 285 -30.57 71.12 -52.82
CA LYS FA 285 -29.94 71.74 -53.99
C LYS FA 285 -29.66 70.67 -55.03
N ASP FA 286 -30.07 70.93 -56.27
CA ASP FA 286 -29.94 69.98 -57.37
C ASP FA 286 -30.62 68.65 -57.02
N ASP FA 287 -31.76 68.75 -56.32
CA ASP FA 287 -32.54 67.59 -55.90
C ASP FA 287 -31.68 66.60 -55.12
N THR FA 288 -30.84 67.10 -54.22
CA THR FA 288 -29.92 66.26 -53.46
C THR FA 288 -29.84 66.77 -52.02
N ILE FA 289 -29.83 65.83 -51.08
CA ILE FA 289 -29.73 66.14 -49.66
C ILE FA 289 -28.47 65.49 -49.10
N PHE FA 290 -27.92 66.10 -48.05
CA PHE FA 290 -26.71 65.63 -47.41
C PHE FA 290 -27.01 65.32 -45.94
N ILE FA 291 -26.63 64.12 -45.50
CA ILE FA 291 -26.86 63.67 -44.14
C ILE FA 291 -25.52 63.34 -43.51
N LYS FA 292 -25.26 63.92 -42.33
CA LYS FA 292 -24.00 63.72 -41.61
C LYS FA 292 -24.28 63.00 -40.30
N VAL FA 293 -23.53 61.93 -40.06
CA VAL FA 293 -23.59 61.17 -38.81
C VAL FA 293 -22.21 61.20 -38.16
N ILE FA 294 -22.16 61.61 -36.91
CA ILE FA 294 -20.90 61.74 -36.17
C ILE FA 294 -20.94 60.77 -35.00
N VAL FA 295 -19.94 59.89 -34.92
CA VAL FA 295 -19.81 58.93 -33.83
C VAL FA 295 -18.51 59.23 -33.10
N ASP FA 296 -18.60 59.43 -31.79
CA ASP FA 296 -17.43 59.75 -31.00
C ASP FA 296 -16.54 58.52 -30.84
N THR FA 297 -15.25 58.67 -31.12
CA THR FA 297 -14.29 57.58 -31.03
C THR FA 297 -13.16 57.89 -30.04
N SER FA 298 -13.38 58.84 -29.14
CA SER FA 298 -12.33 59.24 -28.19
C SER FA 298 -12.07 58.20 -27.12
N ASP FA 299 -12.98 57.25 -26.93
CA ASP FA 299 -12.83 56.22 -25.90
C ASP FA 299 -12.70 54.82 -26.51
N LEU FA 300 -12.18 54.74 -27.75
CA LEU FA 300 -12.02 53.49 -28.44
C LEU FA 300 -10.56 53.32 -28.87
N PRO FA 301 -9.90 52.21 -28.52
CA PRO FA 301 -8.51 51.95 -28.89
C PRO FA 301 -8.28 51.94 -30.40
N HIS GA 123 -25.34 35.91 -78.29
CA HIS GA 123 -24.37 35.54 -77.26
C HIS GA 123 -23.05 36.26 -77.48
N ASP GA 124 -22.66 36.43 -78.75
CA ASP GA 124 -21.42 37.12 -79.06
C ASP GA 124 -21.47 38.58 -78.63
N GLN GA 125 -22.61 39.23 -78.84
CA GLN GA 125 -22.74 40.64 -78.44
C GLN GA 125 -22.61 40.80 -76.93
N MET GA 126 -23.23 39.90 -76.16
CA MET GA 126 -23.12 39.97 -74.70
C MET GA 126 -21.68 39.70 -74.25
N LEU GA 127 -20.99 38.79 -74.93
CA LEU GA 127 -19.59 38.52 -74.59
C LEU GA 127 -18.72 39.75 -74.81
N SER GA 128 -18.96 40.47 -75.91
CA SER GA 128 -18.21 41.70 -76.16
C SER GA 128 -18.47 42.74 -75.08
N VAL GA 129 -19.74 42.86 -74.66
CA VAL GA 129 -20.07 43.78 -73.57
C VAL GA 129 -19.38 43.36 -72.28
N HIS GA 130 -19.35 42.06 -72.00
CA HIS GA 130 -18.69 41.57 -70.80
C HIS GA 130 -17.21 41.89 -70.80
N ASP GA 131 -16.56 41.73 -71.96
CA ASP GA 131 -15.13 42.04 -72.05
C ASP GA 131 -14.87 43.52 -71.79
N ILE GA 132 -15.73 44.40 -72.30
CA ILE GA 132 -15.58 45.83 -72.04
C ILE GA 132 -15.77 46.12 -70.56
N ARG GA 133 -16.81 45.53 -69.96
CA ARG GA 133 -17.07 45.74 -68.54
C ARG GA 133 -15.95 45.19 -67.68
N LEU GA 134 -15.41 44.02 -68.03
CA LEU GA 134 -14.32 43.44 -67.27
C LEU GA 134 -13.08 44.33 -67.34
N ALA GA 135 -12.79 44.87 -68.53
CA ALA GA 135 -11.64 45.77 -68.66
C ALA GA 135 -11.85 47.04 -67.85
N ASP GA 136 -13.08 47.58 -67.85
CA ASP GA 136 -13.36 48.78 -67.08
C ASP GA 136 -13.18 48.53 -65.59
N MET GA 137 -13.61 47.36 -65.11
CA MET GA 137 -13.45 47.03 -63.70
C MET GA 137 -11.98 46.94 -63.32
N ASP GA 138 -11.15 46.41 -64.22
CA ASP GA 138 -9.72 46.26 -63.92
C ASP GA 138 -9.08 47.61 -63.64
N LEU GA 139 -9.42 48.63 -64.43
CA LEU GA 139 -8.94 49.98 -64.14
C LEU GA 139 -9.51 50.50 -62.83
N ARG GA 140 -10.73 50.09 -62.49
CA ARG GA 140 -11.35 50.54 -61.25
C ARG GA 140 -10.62 49.99 -60.03
N PHE GA 141 -10.14 48.74 -60.10
CA PHE GA 141 -9.39 48.17 -59.00
C PHE GA 141 -8.11 48.96 -58.74
N GLN GA 142 -7.39 49.31 -59.80
CA GLN GA 142 -6.10 49.98 -59.63
C GLN GA 142 -6.26 51.37 -59.01
N VAL GA 143 -7.31 52.09 -59.40
CA VAL GA 143 -7.55 53.43 -58.85
C VAL GA 143 -7.82 53.33 -57.36
N LEU GA 144 -8.65 52.38 -56.94
CA LEU GA 144 -8.92 52.20 -55.52
C LEU GA 144 -7.70 51.68 -54.77
N GLU GA 145 -6.89 50.84 -55.43
CA GLU GA 145 -5.70 50.30 -54.79
C GLU GA 145 -4.71 51.41 -54.43
N THR GA 146 -4.53 52.37 -55.33
CA THR GA 146 -3.57 53.45 -55.14
C THR GA 146 -4.23 54.73 -54.63
N ALA GA 147 -5.51 54.68 -54.26
CA ALA GA 147 -6.19 55.86 -53.74
C ALA GA 147 -5.61 56.26 -52.40
N SER GA 148 -5.55 57.58 -52.16
CA SER GA 148 -5.02 58.13 -50.92
C SER GA 148 -6.01 59.16 -50.38
N TYR GA 149 -6.02 59.28 -49.04
CA TYR GA 149 -6.95 60.20 -48.38
C TYR GA 149 -6.26 61.04 -47.31
N ASN GA 150 -4.94 61.20 -47.38
CA ASN GA 150 -4.20 61.98 -46.41
C ASN GA 150 -3.71 63.31 -46.98
N GLY GA 151 -4.11 63.67 -48.19
CA GLY GA 151 -3.69 64.90 -48.81
C GLY GA 151 -2.32 64.88 -49.45
N VAL GA 152 -1.64 63.74 -49.42
CA VAL GA 152 -0.31 63.59 -50.02
C VAL GA 152 -0.39 62.50 -51.08
N LEU GA 153 0.07 62.80 -52.28
CA LEU GA 153 0.02 61.88 -53.41
C LEU GA 153 1.43 61.50 -53.83
N ILE GA 154 1.68 60.19 -53.92
CA ILE GA 154 2.93 59.66 -54.45
C ILE GA 154 2.60 58.96 -55.76
N TRP GA 155 3.20 59.43 -56.84
CA TRP GA 155 2.90 58.95 -58.19
C TRP GA 155 4.10 58.20 -58.73
N LYS GA 156 3.87 56.96 -59.17
CA LYS GA 156 4.90 56.11 -59.75
C LYS GA 156 4.63 55.96 -61.23
N ILE GA 157 5.59 56.36 -62.06
CA ILE GA 157 5.48 56.30 -63.52
C ILE GA 157 6.58 55.37 -64.01
N ARG GA 158 6.22 54.13 -64.31
CA ARG GA 158 7.17 53.15 -64.83
C ARG GA 158 7.32 53.29 -66.34
N ASP GA 159 8.37 52.67 -66.87
CA ASP GA 159 8.67 52.69 -68.31
C ASP GA 159 8.78 54.13 -68.82
N TYR GA 160 9.65 54.90 -68.17
CA TYR GA 160 9.82 56.30 -68.53
C TYR GA 160 10.42 56.48 -69.91
N LYS GA 161 11.30 55.56 -70.33
CA LYS GA 161 12.00 55.72 -71.59
C LYS GA 161 11.04 55.69 -72.78
N ARG GA 162 10.15 54.68 -72.82
CA ARG GA 162 9.24 54.56 -73.95
C ARG GA 162 8.18 55.66 -73.95
N ARG GA 163 7.75 56.09 -72.76
CA ARG GA 163 6.72 57.14 -72.70
C ARG GA 163 7.28 58.51 -73.00
N LYS GA 164 8.55 58.77 -72.64
CA LYS GA 164 9.19 60.02 -73.02
C LYS GA 164 9.31 60.11 -74.54
N GLN GA 165 9.65 59.00 -75.20
CA GLN GA 165 9.70 58.99 -76.66
C GLN GA 165 8.32 59.23 -77.26
N GLU GA 166 7.28 58.66 -76.65
CA GLU GA 166 5.93 58.88 -77.13
C GLU GA 166 5.53 60.36 -77.02
N ALA GA 167 5.93 61.02 -75.94
CA ALA GA 167 5.67 62.44 -75.79
C ALA GA 167 6.38 63.24 -76.88
N VAL GA 168 7.61 62.86 -77.20
CA VAL GA 168 8.34 63.53 -78.28
C VAL GA 168 7.63 63.31 -79.61
N MET GA 169 7.22 62.07 -79.88
CA MET GA 169 6.50 61.76 -81.11
C MET GA 169 5.07 62.29 -81.11
N GLY GA 170 4.57 62.78 -79.98
CA GLY GA 170 3.22 63.29 -79.91
C GLY GA 170 2.14 62.25 -79.70
N LYS GA 171 2.51 60.99 -79.48
CA LYS GA 171 1.51 59.95 -79.24
C LYS GA 171 0.73 60.23 -77.96
N THR GA 172 1.43 60.63 -76.90
CA THR GA 172 0.80 60.95 -75.61
C THR GA 172 1.53 62.16 -75.04
N LEU GA 173 0.89 63.33 -75.12
CA LEU GA 173 1.55 64.56 -74.66
C LEU GA 173 1.64 64.61 -73.15
N SER GA 174 0.57 64.25 -72.45
CA SER GA 174 0.52 64.37 -71.00
C SER GA 174 -0.05 63.11 -70.39
N LEU GA 175 0.25 62.91 -69.10
CA LEU GA 175 -0.21 61.76 -68.34
C LEU GA 175 -0.98 62.24 -67.12
N TYR GA 176 -2.02 61.51 -66.76
CA TYR GA 176 -2.87 61.84 -65.62
C TYR GA 176 -2.66 60.83 -64.50
N SER GA 177 -2.51 61.34 -63.28
CA SER GA 177 -2.31 60.50 -62.11
C SER GA 177 -3.65 60.00 -61.58
N GLN GA 178 -3.58 59.02 -60.69
CA GLN GA 178 -4.77 58.53 -60.03
C GLN GA 178 -5.33 59.60 -59.08
N PRO GA 179 -6.64 59.65 -58.89
CA PRO GA 179 -7.22 60.66 -58.01
C PRO GA 179 -6.75 60.48 -56.57
N PHE GA 180 -6.54 61.60 -55.89
CA PHE GA 180 -6.21 61.61 -54.47
C PHE GA 180 -7.01 62.70 -53.78
N TYR GA 181 -7.22 62.51 -52.48
CA TYR GA 181 -8.11 63.37 -51.71
C TYR GA 181 -7.43 63.85 -50.44
N THR GA 182 -7.86 65.02 -49.96
CA THR GA 182 -7.40 65.50 -48.66
C THR GA 182 -7.98 64.68 -47.52
N GLY GA 183 -9.12 64.03 -47.75
CA GLY GA 183 -9.76 63.24 -46.71
C GLY GA 183 -10.81 62.33 -47.31
N TYR GA 184 -11.55 61.67 -46.43
CA TYR GA 184 -12.60 60.77 -46.87
C TYR GA 184 -13.71 61.52 -47.60
N PHE GA 185 -13.92 62.79 -47.26
CA PHE GA 185 -14.93 63.64 -47.88
C PHE GA 185 -14.35 64.99 -48.24
N GLY GA 186 -13.17 65.00 -48.85
CA GLY GA 186 -12.50 66.21 -49.24
C GLY GA 186 -12.51 66.44 -50.73
N TYR GA 187 -11.59 67.28 -51.20
CA TYR GA 187 -11.49 67.59 -52.61
C TYR GA 187 -11.01 66.38 -53.39
N LYS GA 188 -11.51 66.26 -54.63
CA LYS GA 188 -11.06 65.22 -55.56
C LYS GA 188 -10.04 65.85 -56.49
N MET GA 189 -8.79 65.37 -56.41
CA MET GA 189 -7.68 66.03 -57.08
C MET GA 189 -6.82 65.00 -57.78
N CYS GA 190 -6.00 65.47 -58.72
CA CYS GA 190 -5.06 64.62 -59.44
C CYS GA 190 -3.90 65.47 -59.93
N ALA GA 191 -2.93 64.81 -60.54
CA ALA GA 191 -1.72 65.45 -61.05
C ALA GA 191 -1.55 65.16 -62.53
N ARG GA 192 -1.08 66.16 -63.27
CA ARG GA 192 -0.83 66.04 -64.69
C ARG GA 192 0.62 66.41 -64.99
N VAL GA 193 1.29 65.60 -65.81
CA VAL GA 193 2.70 65.78 -66.12
C VAL GA 193 2.90 65.73 -67.62
N TYR GA 194 3.81 66.58 -68.12
CA TYR GA 194 4.27 66.55 -69.50
C TYR GA 194 5.72 66.10 -69.52
N LEU GA 195 5.97 64.92 -70.07
CA LEU GA 195 7.34 64.40 -70.12
C LEU GA 195 8.22 65.24 -71.03
N ASN GA 196 7.68 65.69 -72.16
CA ASN GA 196 8.44 66.51 -73.11
C ASN GA 196 8.24 68.00 -72.88
N GLY GA 197 7.44 68.38 -71.89
CA GLY GA 197 7.18 69.78 -71.61
C GLY GA 197 5.93 70.30 -72.29
N ASP GA 198 5.43 71.41 -71.77
CA ASP GA 198 4.22 72.04 -72.28
C ASP GA 198 4.39 73.55 -72.30
N GLY GA 199 3.78 74.18 -73.30
CA GLY GA 199 3.85 75.63 -73.40
C GLY GA 199 5.28 76.10 -73.63
N MET GA 200 5.72 77.03 -72.80
CA MET GA 200 7.07 77.59 -72.92
C MET GA 200 8.16 76.59 -72.56
N GLY GA 201 7.82 75.48 -71.90
CA GLY GA 201 8.81 74.48 -71.54
C GLY GA 201 8.81 73.29 -72.46
N LYS GA 202 8.17 73.41 -73.62
CA LYS GA 202 8.09 72.30 -74.57
C LYS GA 202 9.45 72.02 -75.17
N GLY GA 203 9.89 70.77 -75.07
CA GLY GA 203 11.13 70.33 -75.68
C GLY GA 203 12.38 70.59 -74.87
N THR GA 204 12.29 71.40 -73.80
CA THR GA 204 13.45 71.72 -72.99
C THR GA 204 13.29 71.41 -71.51
N HIS GA 205 12.06 71.33 -71.00
CA HIS GA 205 11.82 71.10 -69.58
C HIS GA 205 10.75 70.04 -69.42
N LEU GA 206 10.49 69.67 -68.17
CA LEU GA 206 9.39 68.80 -67.80
C LEU GA 206 8.33 69.64 -67.11
N SER GA 207 7.09 69.49 -67.55
CA SER GA 207 5.97 70.29 -67.05
C SER GA 207 5.10 69.45 -66.12
N LEU GA 208 4.82 69.98 -64.95
CA LEU GA 208 3.96 69.35 -63.96
C LEU GA 208 2.80 70.27 -63.64
N PHE GA 209 1.58 69.75 -63.72
CA PHE GA 209 0.39 70.56 -63.50
C PHE GA 209 -0.51 69.91 -62.47
N PHE GA 210 -1.19 70.76 -61.72
CA PHE GA 210 -2.05 70.36 -60.61
C PHE GA 210 -3.50 70.60 -61.01
N VAL GA 211 -4.33 69.57 -60.87
CA VAL GA 211 -5.68 69.55 -61.45
C VAL GA 211 -6.68 69.34 -60.33
N ILE GA 212 -7.77 70.10 -60.38
CA ILE GA 212 -8.89 69.95 -59.46
C ILE GA 212 -10.01 69.22 -60.19
N MET GA 213 -10.46 68.10 -59.63
CA MET GA 213 -11.53 67.31 -60.21
C MET GA 213 -12.83 67.52 -59.43
N ARG GA 214 -13.94 67.17 -60.07
CA ARG GA 214 -15.24 67.32 -59.44
C ARG GA 214 -15.45 66.22 -58.40
N GLY GA 215 -15.53 66.62 -57.14
CA GLY GA 215 -15.78 65.67 -56.07
C GLY GA 215 -17.26 65.53 -55.75
N GLU GA 216 -17.61 64.37 -55.19
CA GLU GA 216 -19.00 64.10 -54.84
C GLU GA 216 -19.49 64.96 -53.68
N TYR GA 217 -18.58 65.56 -52.92
CA TYR GA 217 -18.93 66.39 -51.78
C TYR GA 217 -18.47 67.84 -51.98
N ASP GA 218 -18.42 68.28 -53.23
CA ASP GA 218 -17.96 69.63 -53.53
C ASP GA 218 -18.91 70.69 -52.97
N ALA GA 219 -20.19 70.35 -52.82
CA ALA GA 219 -21.17 71.31 -52.31
C ALA GA 219 -20.90 71.70 -50.87
N LEU GA 220 -20.28 70.83 -50.08
CA LEU GA 220 -20.00 71.10 -48.68
C LEU GA 220 -18.59 71.64 -48.47
N LEU GA 221 -17.81 71.83 -49.53
CA LEU GA 221 -16.45 72.30 -49.36
C LEU GA 221 -16.33 73.78 -49.72
N PRO GA 222 -15.49 74.53 -49.00
CA PRO GA 222 -15.31 75.95 -49.32
C PRO GA 222 -14.69 76.14 -50.69
N TRP GA 223 -15.09 77.23 -51.34
CA TRP GA 223 -14.56 77.62 -52.64
C TRP GA 223 -14.29 79.12 -52.64
N PRO GA 224 -13.30 79.58 -53.41
CA PRO GA 224 -12.40 78.83 -54.29
C PRO GA 224 -11.35 78.04 -53.52
N PHE GA 225 -10.69 77.08 -54.18
CA PHE GA 225 -9.64 76.30 -53.54
C PHE GA 225 -8.49 77.20 -53.11
N LYS GA 226 -8.04 77.03 -51.87
CA LYS GA 226 -6.97 77.87 -51.33
C LYS GA 226 -5.93 77.12 -50.53
N GLN GA 227 -6.01 75.79 -50.43
CA GLN GA 227 -5.01 75.03 -49.70
C GLN GA 227 -3.67 75.10 -50.42
N LYS GA 228 -2.59 75.27 -49.65
CA LYS GA 228 -1.26 75.36 -50.23
C LYS GA 228 -0.90 74.05 -50.93
N VAL GA 229 -0.37 74.16 -52.14
CA VAL GA 229 -0.02 73.00 -52.96
C VAL GA 229 1.47 73.07 -53.25
N THR GA 230 2.18 71.97 -52.95
CA THR GA 230 3.61 71.87 -53.18
C THR GA 230 3.86 70.72 -54.15
N LEU GA 231 4.53 71.01 -55.27
CA LEU GA 231 4.90 70.01 -56.25
C LEU GA 231 6.35 69.62 -56.05
N MET GA 232 6.59 68.33 -55.84
CA MET GA 232 7.94 67.84 -55.54
C MET GA 232 8.28 66.67 -56.45
N LEU GA 233 9.55 66.58 -56.84
CA LEU GA 233 10.07 65.47 -57.61
C LEU GA 233 11.01 64.67 -56.72
N MET GA 234 10.65 63.43 -56.43
CA MET GA 234 11.40 62.62 -55.49
C MET GA 234 12.77 62.25 -56.03
N ASP GA 235 13.78 62.32 -55.16
CA ASP GA 235 15.14 61.95 -55.51
C ASP GA 235 15.38 60.50 -55.06
N GLN GA 236 15.51 59.60 -56.03
CA GLN GA 236 15.67 58.18 -55.72
C GLN GA 236 17.07 57.82 -55.26
N GLY GA 237 18.02 58.75 -55.34
CA GLY GA 237 19.38 58.49 -54.91
C GLY GA 237 19.55 58.62 -53.40
N SER GA 238 20.76 58.30 -52.95
CA SER GA 238 21.08 58.40 -51.54
C SER GA 238 21.12 59.84 -51.05
N SER GA 239 21.36 60.80 -51.95
CA SER GA 239 21.37 62.20 -51.55
C SER GA 239 20.00 62.68 -51.11
N ARG GA 240 18.94 62.13 -51.71
CA ARG GA 240 17.55 62.50 -51.39
C ARG GA 240 17.33 64.00 -51.58
N ARG GA 241 17.96 64.57 -52.62
CA ARG GA 241 17.82 66.00 -52.94
C ARG GA 241 16.59 66.16 -53.82
N HIS GA 242 15.42 66.19 -53.19
CA HIS GA 242 14.17 66.29 -53.91
C HIS GA 242 14.01 67.69 -54.49
N LEU GA 243 13.64 67.76 -55.77
CA LEU GA 243 13.33 69.03 -56.40
C LEU GA 243 11.87 69.38 -56.18
N GLY GA 244 11.62 70.58 -55.67
CA GLY GA 244 10.27 70.97 -55.32
C GLY GA 244 9.99 72.41 -55.71
N ASP GA 245 8.70 72.72 -55.78
CA ASP GA 245 8.26 74.08 -56.10
C ASP GA 245 6.88 74.27 -55.49
N ALA GA 246 6.79 75.08 -54.43
CA ALA GA 246 5.54 75.32 -53.73
C ALA GA 246 4.91 76.62 -54.23
N PHE GA 247 3.58 76.64 -54.25
CA PHE GA 247 2.84 77.80 -54.73
C PHE GA 247 1.50 77.87 -54.02
N LYS GA 248 0.88 79.05 -54.08
CA LYS GA 248 -0.42 79.29 -53.51
C LYS GA 248 -1.45 79.40 -54.62
N PRO GA 249 -2.58 78.70 -54.53
CA PRO GA 249 -3.59 78.76 -55.58
C PRO GA 249 -4.06 80.18 -55.87
N ASP GA 250 -4.25 80.47 -57.15
CA ASP GA 250 -4.71 81.79 -57.58
C ASP GA 250 -6.17 81.98 -57.19
N PRO GA 251 -6.52 83.02 -56.44
CA PRO GA 251 -7.90 83.18 -55.97
C PRO GA 251 -8.93 83.35 -57.08
N ASN GA 252 -8.51 83.74 -58.28
CA ASN GA 252 -9.47 84.02 -59.36
C ASN GA 252 -9.10 83.30 -60.65
N SER GA 253 -8.75 82.01 -60.55
CA SER GA 253 -8.45 81.20 -61.72
C SER GA 253 -9.48 80.09 -61.85
N SER GA 254 -9.76 79.71 -63.10
CA SER GA 254 -10.74 78.64 -63.35
C SER GA 254 -10.25 77.30 -62.82
N SER GA 255 -8.95 77.17 -62.54
CA SER GA 255 -8.40 75.93 -62.02
C SER GA 255 -8.85 75.64 -60.60
N PHE GA 256 -9.08 76.67 -59.79
CA PHE GA 256 -9.40 76.49 -58.38
C PHE GA 256 -10.84 76.88 -58.03
N LYS GA 257 -11.70 77.07 -59.02
CA LYS GA 257 -13.10 77.35 -58.77
C LYS GA 257 -13.85 76.06 -58.45
N LYS GA 258 -15.14 76.18 -58.20
CA LYS GA 258 -15.97 75.00 -58.02
C LYS GA 258 -16.10 74.27 -59.35
N PRO GA 259 -15.72 73.00 -59.43
CA PRO GA 259 -15.74 72.30 -60.73
C PRO GA 259 -17.15 72.21 -61.29
N THR GA 260 -17.25 72.34 -62.62
CA THR GA 260 -18.49 72.12 -63.34
C THR GA 260 -18.45 70.90 -64.24
N GLY GA 261 -17.30 70.60 -64.84
CA GLY GA 261 -17.09 69.40 -65.61
C GLY GA 261 -16.38 68.33 -64.81
N GLU GA 262 -15.84 67.35 -65.53
CA GLU GA 262 -15.11 66.26 -64.86
C GLU GA 262 -13.85 66.78 -64.20
N MET GA 263 -13.07 67.58 -64.92
CA MET GA 263 -11.85 68.18 -64.39
C MET GA 263 -11.77 69.64 -64.81
N ASN GA 264 -11.04 70.41 -64.03
CA ASN GA 264 -10.81 71.83 -64.33
C ASN GA 264 -9.55 71.98 -65.18
N ILE GA 265 -9.19 73.22 -65.46
CA ILE GA 265 -7.99 73.50 -66.24
C ILE GA 265 -6.76 73.21 -65.39
N ALA GA 266 -5.81 72.45 -65.96
CA ALA GA 266 -4.59 72.11 -65.25
C ALA GA 266 -3.75 73.36 -65.00
N SER GA 267 -3.15 73.42 -63.81
CA SER GA 267 -2.31 74.55 -63.43
C SER GA 267 -1.08 74.04 -62.72
N GLY GA 268 0.07 74.66 -63.02
CA GLY GA 268 1.31 74.26 -62.40
C GLY GA 268 2.53 75.00 -62.93
N CYS GA 269 3.67 74.32 -62.97
CA CYS GA 269 4.92 74.92 -63.42
C CYS GA 269 5.39 74.24 -64.70
N PRO GA 270 5.21 74.87 -65.86
CA PRO GA 270 5.71 74.27 -67.11
C PRO GA 270 7.23 74.14 -67.15
N VAL GA 271 7.95 74.89 -66.32
CA VAL GA 271 9.41 74.88 -66.31
C VAL GA 271 9.89 74.34 -64.97
N PHE GA 272 9.14 73.39 -64.40
CA PHE GA 272 9.44 72.80 -63.11
C PHE GA 272 10.88 72.31 -63.02
N VAL GA 273 11.25 71.36 -63.87
CA VAL GA 273 12.60 70.81 -63.89
C VAL GA 273 13.08 70.72 -65.34
N ALA GA 274 14.34 71.08 -65.56
CA ALA GA 274 14.93 70.99 -66.89
C ALA GA 274 15.12 69.53 -67.27
N GLN GA 275 14.93 69.22 -68.56
CA GLN GA 275 15.07 67.85 -69.03
C GLN GA 275 16.48 67.30 -68.81
N THR GA 276 17.49 68.14 -69.08
CA THR GA 276 18.88 67.73 -68.86
C THR GA 276 19.14 67.47 -67.39
N VAL GA 277 18.63 68.34 -66.52
CA VAL GA 277 18.83 68.16 -65.07
C VAL GA 277 18.18 66.87 -64.61
N LEU GA 278 16.97 66.59 -65.11
CA LEU GA 278 16.28 65.35 -64.77
C LEU GA 278 17.08 64.13 -65.21
N GLU GA 279 17.74 64.20 -66.36
CA GLU GA 279 18.45 63.06 -66.93
C GLU GA 279 19.91 63.04 -66.53
N ASN GA 280 20.23 63.51 -65.33
CA ASN GA 280 21.60 63.47 -64.79
C ASN GA 280 21.69 62.47 -63.64
N GLY GA 281 20.87 61.42 -63.70
CA GLY GA 281 20.93 60.35 -62.71
C GLY GA 281 20.18 60.69 -61.43
N THR GA 282 20.07 59.66 -60.57
CA THR GA 282 19.47 59.74 -59.25
C THR GA 282 17.97 60.05 -59.32
N TYR GA 283 17.43 60.20 -60.53
CA TYR GA 283 16.01 60.48 -60.71
C TYR GA 283 15.27 59.44 -61.53
N ILE GA 284 15.98 58.69 -62.37
CA ILE GA 284 15.35 57.62 -63.15
C ILE GA 284 16.04 56.31 -62.80
N LYS GA 285 15.47 55.56 -61.86
CA LYS GA 285 15.96 54.24 -61.51
C LYS GA 285 14.97 53.19 -61.99
N ASP GA 286 15.49 52.18 -62.69
CA ASP GA 286 14.66 51.13 -63.29
C ASP GA 286 13.61 51.73 -64.23
N ASP GA 287 13.99 52.80 -64.94
CA ASP GA 287 13.12 53.50 -65.87
C ASP GA 287 11.82 53.92 -65.19
N THR GA 288 11.93 54.45 -63.97
CA THR GA 288 10.76 54.84 -63.21
C THR GA 288 11.05 56.14 -62.46
N ILE GA 289 10.07 57.04 -62.45
CA ILE GA 289 10.18 58.32 -61.76
C ILE GA 289 9.10 58.40 -60.70
N PHE GA 290 9.37 59.15 -59.64
CA PHE GA 290 8.46 59.34 -58.52
C PHE GA 290 8.12 60.81 -58.38
N ILE GA 291 6.82 61.11 -58.31
CA ILE GA 291 6.32 62.48 -58.20
C ILE GA 291 5.50 62.59 -56.92
N LYS GA 292 5.84 63.57 -56.09
CA LYS GA 292 5.16 63.80 -54.82
C LYS GA 292 4.43 65.13 -54.85
N VAL GA 293 3.16 65.11 -54.48
CA VAL GA 293 2.33 66.32 -54.37
C VAL GA 293 1.83 66.41 -52.93
N ILE GA 294 2.06 67.56 -52.31
CA ILE GA 294 1.70 67.79 -50.91
C ILE GA 294 0.68 68.92 -50.87
N VAL GA 295 -0.48 68.65 -50.28
CA VAL GA 295 -1.55 69.63 -50.11
C VAL GA 295 -1.77 69.84 -48.62
N ASP GA 296 -1.69 71.09 -48.18
CA ASP GA 296 -1.87 71.39 -46.77
C ASP GA 296 -3.33 71.24 -46.38
N THR GA 297 -3.58 70.51 -45.29
CA THR GA 297 -4.93 70.27 -44.79
C THR GA 297 -5.11 70.77 -43.36
N SER GA 298 -4.25 71.67 -42.90
CA SER GA 298 -4.32 72.16 -41.53
C SER GA 298 -5.49 73.09 -41.29
N ASP GA 299 -6.11 73.63 -42.35
CA ASP GA 299 -7.23 74.55 -42.22
C ASP GA 299 -8.52 73.96 -42.80
N LEU GA 300 -8.63 72.63 -42.80
CA LEU GA 300 -9.79 71.96 -43.33
C LEU GA 300 -10.38 71.03 -42.27
N PRO GA 301 -11.68 71.13 -41.96
CA PRO GA 301 -12.36 70.30 -40.96
C PRO GA 301 -12.27 68.81 -41.30
N SER HA 160 13.95 36.99 -28.37
CA SER HA 160 13.70 38.16 -29.20
C SER HA 160 14.41 38.06 -30.54
N VAL HA 161 15.29 37.07 -30.65
CA VAL HA 161 16.05 36.84 -31.88
C VAL HA 161 15.12 36.28 -32.95
N PRO HA 162 15.03 36.93 -34.12
CA PRO HA 162 14.18 36.39 -35.18
C PRO HA 162 14.66 35.02 -35.64
N VAL HA 163 13.71 34.16 -35.99
CA VAL HA 163 13.98 32.81 -36.45
C VAL HA 163 13.45 32.67 -37.88
N PRO HA 164 14.28 32.24 -38.83
CA PRO HA 164 13.79 32.09 -40.20
C PRO HA 164 12.75 30.99 -40.35
N ALA HA 165 12.13 30.89 -41.51
CA ALA HA 165 11.09 29.92 -41.77
C ALA HA 165 11.70 28.66 -42.42
N THR HA 166 10.84 27.70 -42.70
CA THR HA 166 11.20 26.43 -43.31
C THR HA 166 10.33 26.17 -44.53
N GLU HA 167 10.27 27.17 -45.42
CA GLU HA 167 9.41 27.16 -46.60
C GLU HA 167 9.49 25.84 -47.37
N LEU HA 168 8.39 25.10 -47.39
CA LEU HA 168 8.29 23.85 -48.15
C LEU HA 168 7.25 23.93 -49.25
N GLY HA 169 6.03 24.34 -48.92
CA GLY HA 169 4.97 24.44 -49.92
C GLY HA 169 3.61 24.40 -49.25
N SER HA 170 2.59 24.16 -50.07
CA SER HA 170 1.20 24.08 -49.63
C SER HA 170 0.80 25.36 -48.89
N THR HA 171 0.86 26.47 -49.61
CA THR HA 171 0.54 27.79 -49.07
C THR HA 171 -0.74 28.30 -49.72
N GLU HA 172 -1.72 28.64 -48.91
CA GLU HA 172 -3.00 29.17 -49.38
C GLU HA 172 -3.34 30.41 -48.58
N LEU HA 173 -3.43 31.55 -49.26
CA LEU HA 173 -3.84 32.78 -48.60
C LEU HA 173 -5.30 32.67 -48.16
N VAL HA 174 -5.57 33.01 -46.90
CA VAL HA 174 -6.92 32.94 -46.35
C VAL HA 174 -7.26 34.29 -45.73
N THR HA 175 -8.39 34.86 -46.13
CA THR HA 175 -8.89 36.10 -45.54
C THR HA 175 -10.36 36.21 -45.92
N THR HA 176 -11.24 36.26 -44.93
CA THR HA 176 -12.67 36.40 -45.18
C THR HA 176 -13.40 36.86 -43.92
N SER IA 160 -33.64 62.83 -26.10
CA SER IA 160 -32.37 62.12 -26.21
C SER IA 160 -32.58 60.61 -26.10
N VAL IA 161 -33.79 60.21 -25.73
CA VAL IA 161 -34.13 58.80 -25.58
C VAL IA 161 -34.23 58.17 -26.97
N PRO IA 162 -33.48 57.10 -27.24
CA PRO IA 162 -33.60 56.44 -28.54
C PRO IA 162 -35.00 55.88 -28.77
N VAL IA 163 -35.45 55.94 -30.02
CA VAL IA 163 -36.77 55.46 -30.42
C VAL IA 163 -36.57 54.34 -31.42
N PRO IA 164 -37.16 53.15 -31.20
CA PRO IA 164 -37.00 52.05 -32.17
C PRO IA 164 -37.66 52.35 -33.50
N ALA IA 165 -37.43 51.49 -34.49
CA ALA IA 165 -37.98 51.67 -35.81
C ALA IA 165 -39.28 50.88 -35.96
N THR IA 166 -39.88 50.98 -37.15
CA THR IA 166 -41.13 50.31 -37.48
C THR IA 166 -40.96 49.51 -38.77
N GLU IA 167 -39.91 48.68 -38.79
CA GLU IA 167 -39.52 47.89 -39.95
C GLU IA 167 -40.71 47.20 -40.61
N LEU IA 168 -41.02 47.60 -41.84
CA LEU IA 168 -42.09 46.99 -42.63
C LEU IA 168 -41.56 46.34 -43.90
N GLY IA 169 -40.79 47.07 -44.70
CA GLY IA 169 -40.25 46.53 -45.93
C GLY IA 169 -39.89 47.65 -46.89
N SER IA 170 -39.70 47.27 -48.15
CA SER IA 170 -39.35 48.20 -49.23
C SER IA 170 -38.09 49.00 -48.87
N THR IA 171 -37.00 48.27 -48.68
CA THR IA 171 -35.71 48.85 -48.32
C THR IA 171 -34.75 48.69 -49.47
N GLU IA 172 -34.17 49.81 -49.92
CA GLU IA 172 -33.21 49.81 -51.02
C GLU IA 172 -32.01 50.64 -50.60
N LEU IA 173 -30.84 50.00 -50.52
CA LEU IA 173 -29.62 50.73 -50.21
C LEU IA 173 -29.27 51.67 -51.35
N VAL IA 174 -28.99 52.93 -51.03
CA VAL IA 174 -28.65 53.94 -52.02
C VAL IA 174 -27.34 54.61 -51.62
N THR IA 175 -26.39 54.63 -52.55
CA THR IA 175 -25.12 55.32 -52.34
C THR IA 175 -24.49 55.51 -53.71
N THR IA 176 -24.24 56.75 -54.10
CA THR IA 176 -23.61 57.04 -55.39
C THR IA 176 -23.06 58.46 -55.41
N SER JA 160 6.18 81.67 -58.14
CA SER JA 160 5.11 81.12 -57.32
C SER JA 160 3.75 81.34 -57.95
N VAL JA 161 3.72 82.15 -59.02
CA VAL JA 161 2.49 82.45 -59.73
C VAL JA 161 2.06 81.21 -60.52
N PRO JA 162 0.85 80.71 -60.32
CA PRO JA 162 0.38 79.56 -61.11
C PRO JA 162 0.34 79.89 -62.60
N VAL JA 163 0.65 78.89 -63.41
CA VAL JA 163 0.66 79.03 -64.87
C VAL JA 163 -0.36 78.05 -65.44
N PRO JA 164 -1.31 78.50 -66.26
CA PRO JA 164 -2.29 77.57 -66.84
C PRO JA 164 -1.67 76.57 -67.79
N ALA JA 165 -2.45 75.59 -68.22
CA ALA JA 165 -1.97 74.56 -69.12
C ALA JA 165 -2.28 74.93 -70.57
N THR JA 166 -1.88 74.05 -71.49
CA THR JA 166 -2.07 74.22 -72.92
C THR JA 166 -2.76 72.98 -73.49
N GLU JA 167 -3.88 72.59 -72.87
CA GLU JA 167 -4.63 71.38 -73.21
C GLU JA 167 -4.84 71.23 -74.72
N LEU JA 168 -4.24 70.19 -75.29
CA LEU JA 168 -4.39 69.88 -76.71
C LEU JA 168 -5.04 68.51 -76.92
N GLY JA 169 -4.51 67.47 -76.28
CA GLY JA 169 -5.08 66.14 -76.43
C GLY JA 169 -4.04 65.09 -76.08
N SER JA 170 -4.33 63.86 -76.49
CA SER JA 170 -3.47 62.70 -76.26
C SER JA 170 -3.15 62.55 -74.77
N THR JA 171 -4.21 62.34 -73.99
CA THR JA 171 -4.11 62.19 -72.56
C THR JA 171 -4.46 60.76 -72.17
N GLU JA 172 -3.54 60.10 -71.46
CA GLU JA 172 -3.75 58.73 -71.01
C GLU JA 172 -3.39 58.66 -69.53
N LEU JA 173 -4.36 58.31 -68.70
CA LEU JA 173 -4.10 58.13 -67.27
C LEU JA 173 -3.21 56.90 -67.07
N VAL JA 174 -2.14 57.07 -66.29
CA VAL JA 174 -1.20 56.00 -66.01
C VAL JA 174 -1.03 55.87 -64.51
N THR JA 175 -1.23 54.66 -63.99
CA THR JA 175 -1.00 54.36 -62.58
C THR JA 175 -0.90 52.84 -62.45
N THR JA 176 0.23 52.36 -61.96
CA THR JA 176 0.44 50.93 -61.77
C THR JA 176 1.60 50.66 -60.83
N HIS KA 123 -74.68 11.19 -30.23
CA HIS KA 123 -75.30 11.93 -29.14
C HIS KA 123 -74.91 11.33 -27.79
N ASP KA 124 -74.81 10.01 -27.74
CA ASP KA 124 -74.44 9.34 -26.50
C ASP KA 124 -73.01 9.70 -26.08
N GLN KA 125 -72.10 9.77 -27.05
CA GLN KA 125 -70.72 10.12 -26.74
C GLN KA 125 -70.62 11.52 -26.17
N MET KA 126 -71.35 12.47 -26.75
CA MET KA 126 -71.34 13.84 -26.23
C MET KA 126 -71.94 13.91 -24.84
N LEU KA 127 -72.99 13.11 -24.58
CA LEU KA 127 -73.59 13.09 -23.25
C LEU KA 127 -72.61 12.58 -22.21
N SER KA 128 -71.82 11.55 -22.55
CA SER KA 128 -70.81 11.05 -21.63
C SER KA 128 -69.75 12.11 -21.35
N VAL KA 129 -69.33 12.85 -22.38
CA VAL KA 129 -68.38 13.94 -22.18
C VAL KA 129 -68.98 15.01 -21.28
N HIS KA 130 -70.26 15.33 -21.49
CA HIS KA 130 -70.90 16.35 -20.67
C HIS KA 130 -70.95 15.93 -19.21
N ASP KA 131 -71.24 14.64 -18.95
CA ASP KA 131 -71.28 14.16 -17.57
C ASP KA 131 -69.92 14.28 -16.90
N ILE KA 132 -68.85 13.96 -17.64
CA ILE KA 132 -67.50 14.10 -17.09
C ILE KA 132 -67.19 15.57 -16.81
N ARG KA 133 -67.53 16.45 -17.75
CA ARG KA 133 -67.28 17.87 -17.56
C ARG KA 133 -68.10 18.43 -16.41
N LEU KA 134 -69.36 18.02 -16.29
CA LEU KA 134 -70.20 18.48 -15.18
C LEU KA 134 -69.63 18.03 -13.83
N ALA KA 135 -69.15 16.79 -13.76
CA ALA KA 135 -68.55 16.30 -12.52
C ALA KA 135 -67.28 17.08 -12.19
N ASP KA 136 -66.46 17.37 -13.21
CA ASP KA 136 -65.24 18.14 -12.98
C ASP KA 136 -65.55 19.54 -12.47
N MET KA 137 -66.60 20.17 -13.01
CA MET KA 137 -66.97 21.50 -12.56
C MET KA 137 -67.43 21.49 -11.11
N ASP KA 138 -68.12 20.42 -10.69
CA ASP KA 138 -68.62 20.33 -9.33
C ASP KA 138 -67.47 20.36 -8.33
N LEU KA 139 -66.38 19.65 -8.62
CA LEU KA 139 -65.19 19.73 -7.78
C LEU KA 139 -64.57 21.12 -7.84
N ARG KA 140 -64.67 21.80 -8.98
CA ARG KA 140 -64.11 23.13 -9.11
C ARG KA 140 -64.84 24.14 -8.23
N PHE KA 141 -66.17 24.00 -8.10
CA PHE KA 141 -66.93 24.89 -7.23
C PHE KA 141 -66.46 24.76 -5.78
N GLN KA 142 -66.28 23.52 -5.31
CA GLN KA 142 -65.93 23.31 -3.91
C GLN KA 142 -64.57 23.88 -3.57
N VAL KA 143 -63.60 23.74 -4.48
CA VAL KA 143 -62.26 24.28 -4.23
C VAL KA 143 -62.31 25.79 -4.10
N LEU KA 144 -63.04 26.46 -4.99
CA LEU KA 144 -63.18 27.91 -4.91
C LEU KA 144 -63.99 28.33 -3.68
N GLU KA 145 -64.99 27.52 -3.30
CA GLU KA 145 -65.80 27.85 -2.14
C GLU KA 145 -64.98 27.87 -0.86
N THR KA 146 -64.07 26.92 -0.71
CA THR KA 146 -63.24 26.79 0.49
C THR KA 146 -61.86 27.39 0.31
N ALA KA 147 -61.61 28.09 -0.79
CA ALA KA 147 -60.31 28.71 -1.02
C ALA KA 147 -60.08 29.83 -0.01
N SER KA 148 -58.82 29.97 0.41
CA SER KA 148 -58.43 31.00 1.37
C SER KA 148 -57.21 31.74 0.85
N TYR KA 149 -57.10 33.02 1.22
CA TYR KA 149 -56.00 33.85 0.75
C TYR KA 149 -55.36 34.65 1.87
N ASN KA 150 -55.53 34.23 3.13
CA ASN KA 150 -54.96 34.92 4.27
C ASN KA 150 -53.77 34.19 4.89
N GLY KA 151 -53.32 33.11 4.27
CA GLY KA 151 -52.20 32.35 4.79
C GLY KA 151 -52.55 31.36 5.89
N VAL KA 152 -53.81 31.25 6.26
CA VAL KA 152 -54.27 30.34 7.30
C VAL KA 152 -55.30 29.39 6.68
N LEU KA 153 -55.09 28.09 6.86
CA LEU KA 153 -55.95 27.07 6.29
C LEU KA 153 -56.65 26.31 7.40
N ILE KA 154 -57.98 26.22 7.29
CA ILE KA 154 -58.79 25.41 8.20
C ILE KA 154 -59.37 24.26 7.38
N TRP KA 155 -59.03 23.04 7.74
CA TRP KA 155 -59.40 21.86 6.99
C TRP KA 155 -60.42 21.04 7.78
N LYS KA 156 -61.55 20.75 7.16
CA LYS KA 156 -62.61 19.96 7.77
C LYS KA 156 -62.68 18.60 7.08
N ILE KA 157 -62.50 17.53 7.84
CA ILE KA 157 -62.52 16.17 7.33
C ILE KA 157 -63.66 15.44 8.01
N ARG KA 158 -64.78 15.30 7.30
CA ARG KA 158 -65.94 14.61 7.82
C ARG KA 158 -65.81 13.10 7.58
N ASP KA 159 -66.67 12.34 8.27
CA ASP KA 159 -66.69 10.88 8.17
C ASP KA 159 -65.32 10.29 8.46
N TYR KA 160 -64.79 10.64 9.63
CA TYR KA 160 -63.46 10.18 10.02
C TYR KA 160 -63.41 8.68 10.25
N LYS KA 161 -64.51 8.09 10.74
CA LYS KA 161 -64.50 6.67 11.09
C LYS KA 161 -64.29 5.80 9.86
N ARG KA 162 -65.04 6.05 8.79
CA ARG KA 162 -64.92 5.20 7.60
C ARG KA 162 -63.61 5.44 6.87
N ARG KA 163 -63.09 6.67 6.88
CA ARG KA 163 -61.85 6.96 6.19
C ARG KA 163 -60.64 6.45 6.97
N LYS KA 164 -60.69 6.45 8.30
CA LYS KA 164 -59.63 5.83 9.09
C LYS KA 164 -59.54 4.34 8.81
N GLN KA 165 -60.68 3.67 8.69
CA GLN KA 165 -60.69 2.25 8.34
C GLN KA 165 -60.12 2.03 6.94
N GLU KA 166 -60.43 2.93 6.00
CA GLU KA 166 -59.88 2.82 4.66
C GLU KA 166 -58.36 2.95 4.66
N ALA KA 167 -57.84 3.86 5.49
CA ALA KA 167 -56.39 4.00 5.62
C ALA KA 167 -55.76 2.72 6.17
N VAL KA 168 -56.42 2.09 7.15
CA VAL KA 168 -55.92 0.83 7.69
C VAL KA 168 -55.94 -0.25 6.62
N MET KA 169 -57.05 -0.34 5.87
CA MET KA 169 -57.16 -1.32 4.79
C MET KA 169 -56.31 -0.96 3.58
N GLY KA 170 -55.73 0.24 3.53
CA GLY KA 170 -54.91 0.65 2.42
C GLY KA 170 -55.67 1.19 1.22
N LYS KA 171 -56.98 1.37 1.33
CA LYS KA 171 -57.75 1.91 0.21
C LYS KA 171 -57.32 3.34 -0.10
N THR KA 172 -57.11 4.15 0.93
CA THR KA 172 -56.67 5.54 0.77
C THR KA 172 -55.69 5.84 1.89
N LEU KA 173 -54.39 5.88 1.55
CA LEU KA 173 -53.37 6.07 2.57
C LEU KA 173 -53.36 7.51 3.08
N SER KA 174 -53.47 8.49 2.19
CA SER KA 174 -53.36 9.89 2.57
C SER KA 174 -54.47 10.69 1.91
N LEU KA 175 -54.75 11.85 2.48
CA LEU KA 175 -55.77 12.78 1.99
C LEU KA 175 -55.14 14.13 1.72
N TYR KA 176 -55.61 14.78 0.66
CA TYR KA 176 -55.10 16.09 0.26
C TYR KA 176 -56.15 17.17 0.54
N SER KA 177 -55.71 18.27 1.13
CA SER KA 177 -56.59 19.39 1.42
C SER KA 177 -56.77 20.27 0.20
N GLN KA 178 -57.75 21.17 0.29
CA GLN KA 178 -57.95 22.14 -0.77
C GLN KA 178 -56.80 23.15 -0.78
N PRO KA 179 -56.43 23.68 -1.94
CA PRO KA 179 -55.33 24.65 -2.00
C PRO KA 179 -55.64 25.92 -1.22
N PHE KA 180 -54.61 26.46 -0.58
CA PHE KA 180 -54.71 27.73 0.13
C PHE KA 180 -53.48 28.55 -0.17
N TYR KA 181 -53.62 29.87 -0.07
CA TYR KA 181 -52.59 30.81 -0.50
C TYR KA 181 -52.31 31.82 0.60
N THR KA 182 -51.08 32.34 0.61
CA THR KA 182 -50.75 33.44 1.50
C THR KA 182 -51.42 34.74 1.07
N GLY KA 183 -51.78 34.86 -0.20
CA GLY KA 183 -52.40 36.06 -0.71
C GLY KA 183 -53.03 35.81 -2.06
N TYR KA 184 -53.50 36.90 -2.67
CA TYR KA 184 -54.12 36.79 -3.98
C TYR KA 184 -53.11 36.36 -5.04
N PHE KA 185 -51.84 36.67 -4.84
CA PHE KA 185 -50.77 36.30 -5.77
C PHE KA 185 -49.58 35.74 -5.00
N GLY KA 186 -49.85 34.83 -4.06
CA GLY KA 186 -48.83 34.22 -3.26
C GLY KA 186 -48.57 32.77 -3.63
N TYR KA 187 -47.98 32.04 -2.69
CA TYR KA 187 -47.67 30.64 -2.90
C TYR KA 187 -48.95 29.81 -2.96
N LYS KA 188 -48.93 28.77 -3.78
CA LYS KA 188 -50.02 27.81 -3.85
C LYS KA 188 -49.65 26.60 -3.00
N MET KA 189 -50.40 26.36 -1.93
CA MET KA 189 -50.02 25.40 -0.91
C MET KA 189 -51.22 24.53 -0.56
N CYS KA 190 -50.93 23.40 0.08
CA CYS KA 190 -51.98 22.49 0.55
C CYS KA 190 -51.42 21.67 1.69
N ALA KA 191 -52.29 20.85 2.29
CA ALA KA 191 -51.95 20.02 3.42
C ALA KA 191 -52.25 18.55 3.11
N ARG KA 192 -51.38 17.66 3.58
CA ARG KA 192 -51.53 16.23 3.40
C ARG KA 192 -51.51 15.54 4.76
N VAL KA 193 -52.44 14.62 4.98
CA VAL KA 193 -52.60 13.94 6.26
C VAL KA 193 -52.66 12.43 6.03
N TYR KA 194 -52.05 11.67 6.94
CA TYR KA 194 -52.17 10.22 6.98
C TYR KA 194 -52.95 9.84 8.23
N LEU KA 195 -54.15 9.30 8.03
CA LEU KA 195 -54.98 8.91 9.17
C LEU KA 195 -54.36 7.76 9.95
N ASN KA 196 -53.78 6.79 9.25
CA ASN KA 196 -53.15 5.65 9.88
C ASN KA 196 -51.65 5.83 10.10
N GLY KA 197 -51.11 6.98 9.73
CA GLY KA 197 -49.70 7.26 9.89
C GLY KA 197 -48.88 6.91 8.65
N ASP KA 198 -47.69 7.48 8.59
CA ASP KA 198 -46.78 7.29 7.47
C ASP KA 198 -45.36 7.15 7.98
N GLY KA 199 -44.59 6.32 7.28
CA GLY KA 199 -43.19 6.13 7.67
C GLY KA 199 -43.08 5.50 9.04
N MET KA 200 -42.29 6.14 9.90
CA MET KA 200 -42.07 5.64 11.26
C MET KA 200 -43.31 5.74 12.14
N GLY KA 201 -44.31 6.52 11.75
CA GLY KA 201 -45.52 6.66 12.53
C GLY KA 201 -46.67 5.83 11.99
N LYS KA 202 -46.37 4.87 11.11
CA LYS KA 202 -47.41 4.04 10.53
C LYS KA 202 -48.01 3.11 11.58
N GLY KA 203 -49.33 3.14 11.71
CA GLY KA 203 -50.04 2.26 12.59
C GLY KA 203 -50.09 2.69 14.05
N THR KA 204 -49.31 3.70 14.44
CA THR KA 204 -49.29 4.15 15.82
C THR KA 204 -49.57 5.63 16.00
N HIS KA 205 -49.38 6.46 14.98
CA HIS KA 205 -49.55 7.90 15.07
C HIS KA 205 -50.33 8.40 13.86
N LEU KA 206 -50.66 9.68 13.89
CA LEU KA 206 -51.24 10.37 12.75
C LEU KA 206 -50.18 11.29 12.14
N SER KA 207 -50.02 11.20 10.83
CA SER KA 207 -48.98 11.94 10.11
C SER KA 207 -49.61 13.10 9.36
N LEU KA 208 -49.04 14.29 9.55
CA LEU KA 208 -49.48 15.50 8.85
C LEU KA 208 -48.30 16.07 8.08
N PHE KA 209 -48.52 16.34 6.80
CA PHE KA 209 -47.45 16.82 5.93
C PHE KA 209 -47.88 18.09 5.22
N PHE KA 210 -46.90 18.97 4.98
CA PHE KA 210 -47.11 20.28 4.38
C PHE KA 210 -46.52 20.27 2.98
N VAL KA 211 -47.32 20.68 2.01
CA VAL KA 211 -47.01 20.48 0.59
C VAL KA 211 -47.00 21.84 -0.11
N ILE KA 212 -45.99 22.05 -0.95
CA ILE KA 212 -45.88 23.23 -1.78
C ILE KA 212 -46.31 22.87 -3.20
N MET KA 213 -47.31 23.57 -3.72
CA MET KA 213 -47.81 23.35 -5.07
C MET KA 213 -47.31 24.43 -6.01
N ARG KA 214 -47.36 24.13 -7.31
CA ARG KA 214 -46.92 25.08 -8.32
C ARG KA 214 -47.96 26.19 -8.49
N GLY KA 215 -47.58 27.41 -8.13
CA GLY KA 215 -48.45 28.55 -8.29
C GLY KA 215 -48.25 29.26 -9.62
N GLU KA 216 -49.29 29.96 -10.07
CA GLU KA 216 -49.22 30.67 -11.34
C GLU KA 216 -48.29 31.87 -11.28
N TYR KA 217 -47.94 32.34 -10.08
CA TYR KA 217 -47.06 33.48 -9.91
C TYR KA 217 -45.78 33.10 -9.19
N ASP KA 218 -45.33 31.85 -9.38
CA ASP KA 218 -44.12 31.38 -8.72
C ASP KA 218 -42.89 32.12 -9.21
N ALA KA 219 -42.91 32.62 -10.44
CA ALA KA 219 -41.75 33.32 -10.98
C ALA KA 219 -41.46 34.63 -10.26
N LEU KA 220 -42.47 35.26 -9.67
CA LEU KA 220 -42.29 36.52 -8.95
C LEU KA 220 -42.10 36.32 -7.46
N LEU KA 221 -42.09 35.08 -6.97
CA LEU KA 221 -41.97 34.85 -5.54
C LEU KA 221 -40.55 34.41 -5.19
N PRO KA 222 -40.04 34.83 -4.03
CA PRO KA 222 -38.70 34.41 -3.63
C PRO KA 222 -38.64 32.91 -3.37
N TRP KA 223 -37.47 32.34 -3.66
CA TRP KA 223 -37.20 30.93 -3.42
C TRP KA 223 -35.81 30.80 -2.82
N PRO KA 224 -35.58 29.76 -2.00
CA PRO KA 224 -36.51 28.70 -1.56
C PRO KA 224 -37.55 29.21 -0.56
N PHE KA 225 -38.62 28.44 -0.35
CA PHE KA 225 -39.64 28.82 0.62
C PHE KA 225 -39.05 28.87 2.02
N LYS KA 226 -39.34 29.95 2.74
CA LYS KA 226 -38.78 30.15 4.07
C LYS KA 226 -39.78 30.68 5.09
N GLN KA 227 -41.05 30.86 4.73
CA GLN KA 227 -42.04 31.33 5.69
C GLN KA 227 -42.29 30.28 6.75
N LYS KA 228 -42.39 30.72 8.00
CA LYS KA 228 -42.62 29.80 9.11
C LYS KA 228 -43.97 29.11 8.96
N VAL KA 229 -43.97 27.79 9.14
CA VAL KA 229 -45.15 26.96 8.98
C VAL KA 229 -45.45 26.28 10.32
N THR KA 230 -46.67 26.44 10.80
CA THR KA 230 -47.12 25.84 12.05
C THR KA 230 -48.28 24.90 11.74
N LEU KA 231 -48.13 23.63 12.13
CA LEU KA 231 -49.19 22.63 11.97
C LEU KA 231 -49.90 22.45 13.30
N MET KA 232 -51.22 22.65 13.29
CA MET KA 232 -52.03 22.61 14.50
C MET KA 232 -53.23 21.71 14.29
N LEU KA 233 -53.61 21.00 15.35
CA LEU KA 233 -54.80 20.16 15.36
C LEU KA 233 -55.82 20.82 16.30
N MET KA 234 -56.94 21.25 15.75
CA MET KA 234 -57.92 22.00 16.52
C MET KA 234 -58.60 21.12 17.56
N ASP KA 235 -58.79 21.69 18.75
CA ASP KA 235 -59.47 21.00 19.85
C ASP KA 235 -60.93 21.45 19.85
N GLN KA 236 -61.83 20.52 19.50
CA GLN KA 236 -63.25 20.85 19.40
C GLN KA 236 -63.94 20.94 20.75
N GLY KA 237 -63.27 20.56 21.83
CA GLY KA 237 -63.86 20.62 23.15
C GLY KA 237 -63.79 22.01 23.76
N SER KA 238 -64.40 22.15 24.93
CA SER KA 238 -64.40 23.42 25.63
C SER KA 238 -63.02 23.80 26.15
N SER KA 239 -62.12 22.83 26.34
CA SER KA 239 -60.78 23.14 26.79
C SER KA 239 -59.99 23.90 25.74
N ARG KA 240 -60.26 23.64 24.46
CA ARG KA 240 -59.57 24.29 23.36
C ARG KA 240 -58.06 24.10 23.44
N ARG KA 241 -57.64 22.91 23.88
CA ARG KA 241 -56.22 22.57 23.99
C ARG KA 241 -55.75 22.03 22.64
N HIS KA 242 -55.47 22.96 21.73
CA HIS KA 242 -55.05 22.59 20.39
C HIS KA 242 -53.65 22.00 20.41
N LEU KA 243 -53.47 20.87 19.74
CA LEU KA 243 -52.15 20.28 19.58
C LEU KA 243 -51.46 20.86 18.36
N GLY KA 244 -50.25 21.37 18.54
CA GLY KA 244 -49.55 22.05 17.47
C GLY KA 244 -48.07 21.68 17.45
N ASP KA 245 -47.46 21.94 16.29
CA ASP KA 245 -46.04 21.68 16.10
C ASP KA 245 -45.53 22.63 15.03
N ALA KA 246 -44.75 23.63 15.43
CA ALA KA 246 -44.21 24.62 14.51
C ALA KA 246 -42.80 24.25 14.09
N PHE KA 247 -42.46 24.59 12.85
CA PHE KA 247 -41.16 24.26 12.30
C PHE KA 247 -40.78 25.29 11.25
N LYS KA 248 -39.49 25.34 10.94
CA LYS KA 248 -38.94 26.24 9.93
C LYS KA 248 -38.57 25.44 8.69
N PRO KA 249 -38.99 25.87 7.50
CA PRO KA 249 -38.66 25.10 6.29
C PRO KA 249 -37.17 24.89 6.10
N ASP KA 250 -36.82 23.70 5.65
CA ASP KA 250 -35.42 23.34 5.42
C ASP KA 250 -34.91 24.10 4.20
N PRO KA 251 -33.81 24.86 4.32
CA PRO KA 251 -33.34 25.67 3.19
C PRO KA 251 -32.91 24.87 1.97
N ASN KA 252 -32.61 23.58 2.13
CA ASN KA 252 -32.09 22.79 1.01
C ASN KA 252 -32.86 21.49 0.83
N SER KA 253 -34.19 21.55 0.89
CA SER KA 253 -35.04 20.38 0.67
C SER KA 253 -35.85 20.59 -0.60
N SER KA 254 -36.15 19.48 -1.29
CA SER KA 254 -36.95 19.55 -2.52
C SER KA 254 -38.37 20.00 -2.23
N SER KA 255 -38.81 19.92 -0.97
CA SER KA 255 -40.15 20.34 -0.61
C SER KA 255 -40.35 21.84 -0.72
N PHE KA 256 -39.31 22.64 -0.48
CA PHE KA 256 -39.43 24.09 -0.42
C PHE KA 256 -38.71 24.78 -1.58
N LYS KA 257 -38.31 24.05 -2.61
CA LYS KA 257 -37.70 24.66 -3.79
C LYS KA 257 -38.79 25.23 -4.70
N LYS KA 258 -38.36 25.80 -5.81
CA LYS KA 258 -39.32 26.26 -6.81
C LYS KA 258 -39.97 25.06 -7.47
N PRO KA 259 -41.30 24.93 -7.44
CA PRO KA 259 -41.94 23.72 -7.96
C PRO KA 259 -41.69 23.56 -9.45
N THR KA 260 -41.52 22.31 -9.88
CA THR KA 260 -41.42 21.96 -11.29
C THR KA 260 -42.60 21.14 -11.77
N GLY KA 261 -43.16 20.27 -10.93
CA GLY KA 261 -44.36 19.54 -11.23
C GLY KA 261 -45.58 20.17 -10.60
N GLU KA 262 -46.66 19.38 -10.52
CA GLU KA 262 -47.89 19.87 -9.92
C GLU KA 262 -47.70 20.15 -8.43
N MET KA 263 -47.09 19.20 -7.71
CA MET KA 263 -46.82 19.36 -6.29
C MET KA 263 -45.41 18.88 -6.00
N ASN KA 264 -44.84 19.39 -4.91
CA ASN KA 264 -43.53 18.96 -4.45
C ASN KA 264 -43.66 17.81 -3.47
N ILE KA 265 -42.54 17.37 -2.91
CA ILE KA 265 -42.54 16.30 -1.94
C ILE KA 265 -43.14 16.80 -0.63
N ALA KA 266 -44.08 16.03 -0.09
CA ALA KA 266 -44.72 16.40 1.17
C ALA KA 266 -43.71 16.37 2.31
N SER KA 267 -43.81 17.34 3.22
CA SER KA 267 -42.93 17.43 4.36
C SER KA 267 -43.73 17.80 5.60
N GLY KA 268 -43.40 17.18 6.72
CA GLY KA 268 -44.10 17.47 7.96
C GLY KA 268 -43.66 16.60 9.12
N CYS KA 269 -44.59 16.28 10.02
CA CYS KA 269 -44.30 15.48 11.20
C CYS KA 269 -45.05 14.16 11.14
N PRO KA 270 -44.38 13.06 10.80
CA PRO KA 270 -45.07 11.75 10.79
C PRO KA 270 -45.54 11.31 12.16
N VAL KA 271 -45.01 11.89 13.24
CA VAL KA 271 -45.36 11.51 14.59
C VAL KA 271 -46.04 12.69 15.28
N PHE KA 272 -46.77 13.48 14.51
CA PHE KA 272 -47.44 14.69 15.01
C PHE KA 272 -48.27 14.40 16.27
N VAL KA 273 -49.26 13.53 16.16
CA VAL KA 273 -50.12 13.18 17.28
C VAL KA 273 -50.29 11.66 17.31
N ALA KA 274 -50.24 11.10 18.51
CA ALA KA 274 -50.45 9.66 18.69
C ALA KA 274 -51.91 9.32 18.41
N GLN KA 275 -52.15 8.14 17.82
CA GLN KA 275 -53.50 7.72 17.50
C GLN KA 275 -54.36 7.59 18.75
N THR KA 276 -53.80 7.02 19.81
CA THR KA 276 -54.53 6.87 21.06
C THR KA 276 -54.88 8.23 21.65
N VAL KA 277 -53.92 9.17 21.62
CA VAL KA 277 -54.16 10.51 22.15
C VAL KA 277 -55.27 11.20 21.36
N LEU KA 278 -55.24 11.05 20.03
CA LEU KA 278 -56.28 11.62 19.19
C LEU KA 278 -57.65 11.04 19.54
N GLU KA 279 -57.72 9.76 19.85
CA GLU KA 279 -58.99 9.07 20.10
C GLU KA 279 -59.37 9.07 21.57
N ASN KA 280 -59.01 10.11 22.31
CA ASN KA 280 -59.38 10.28 23.71
C ASN KA 280 -60.40 11.41 23.88
N GLY KA 281 -61.22 11.62 22.85
CA GLY KA 281 -62.28 12.61 22.92
C GLY KA 281 -61.81 14.01 22.66
N THR KA 282 -62.79 14.92 22.54
CA THR KA 282 -62.58 16.36 22.34
C THR KA 282 -61.93 16.68 21.01
N TYR KA 283 -61.64 15.65 20.21
CA TYR KA 283 -61.01 15.85 18.91
C TYR KA 283 -61.83 15.30 17.75
N ILE KA 284 -62.72 14.35 18.00
CA ILE KA 284 -63.59 13.81 16.96
C ILE KA 284 -65.05 14.03 17.39
N LYS KA 285 -65.64 15.12 16.93
CA LYS KA 285 -67.04 15.39 17.18
C LYS KA 285 -67.82 15.24 15.88
N ASP KA 286 -68.92 14.48 15.92
CA ASP KA 286 -69.72 14.18 14.75
C ASP KA 286 -68.88 13.53 13.66
N ASP KA 287 -67.93 12.69 14.07
CA ASP KA 287 -67.02 11.99 13.17
C ASP KA 287 -66.30 12.97 12.25
N THR KA 288 -65.85 14.09 12.79
CA THR KA 288 -65.19 15.13 12.00
C THR KA 288 -64.01 15.69 12.78
N ILE KA 289 -62.91 15.93 12.08
CA ILE KA 289 -61.70 16.49 12.66
C ILE KA 289 -61.39 17.81 11.96
N PHE KA 290 -60.73 18.71 12.70
CA PHE KA 290 -60.36 20.02 12.18
C PHE KA 290 -58.85 20.18 12.24
N ILE KA 291 -58.24 20.57 11.13
CA ILE KA 291 -56.79 20.75 11.01
C ILE KA 291 -56.52 22.19 10.62
N LYS KA 292 -55.66 22.86 11.39
CA LYS KA 292 -55.30 24.25 11.15
C LYS KA 292 -53.83 24.35 10.78
N VAL KA 293 -53.55 25.05 9.68
CA VAL KA 293 -52.18 25.31 9.23
C VAL KA 293 -51.99 26.82 9.18
N ILE KA 294 -50.95 27.31 9.83
CA ILE KA 294 -50.67 28.73 9.91
C ILE KA 294 -49.32 28.99 9.25
N VAL KA 295 -49.32 29.89 8.26
CA VAL KA 295 -48.10 30.28 7.54
C VAL KA 295 -47.88 31.76 7.77
N ASP KA 296 -46.69 32.11 8.27
CA ASP KA 296 -46.38 33.50 8.56
C ASP KA 296 -46.18 34.28 7.26
N THR KA 297 -46.85 35.42 7.16
CA THR KA 297 -46.76 36.27 5.97
C THR KA 297 -46.26 37.67 6.30
N SER KA 298 -45.60 37.84 7.45
CA SER KA 298 -45.13 39.16 7.88
C SER KA 298 -43.95 39.65 7.06
N ASP KA 299 -43.27 38.78 6.32
CA ASP KA 299 -42.10 39.15 5.52
C ASP KA 299 -42.36 38.97 4.03
N LEU KA 300 -43.62 39.06 3.61
CA LEU KA 300 -43.99 38.90 2.22
C LEU KA 300 -44.77 40.11 1.75
N PRO KA 301 -44.35 40.76 0.65
CA PRO KA 301 -45.03 41.94 0.09
C PRO KA 301 -46.49 41.67 -0.27
N HIS LA 123 -81.75 8.98 -23.32
CA HIS LA 123 -81.01 10.19 -23.61
C HIS LA 123 -81.77 11.43 -23.16
N ASP LA 124 -83.09 11.40 -23.33
CA ASP LA 124 -83.91 12.54 -22.93
C ASP LA 124 -83.87 12.75 -21.41
N GLN LA 125 -83.89 11.64 -20.65
CA GLN LA 125 -83.85 11.76 -19.20
C GLN LA 125 -82.53 12.38 -18.73
N MET LA 126 -81.41 11.97 -19.34
CA MET LA 126 -80.12 12.55 -18.98
C MET LA 126 -80.05 14.02 -19.36
N LEU LA 127 -80.65 14.39 -20.50
CA LEU LA 127 -80.67 15.80 -20.89
C LEU LA 127 -81.45 16.65 -19.89
N SER LA 128 -82.57 16.13 -19.39
CA SER LA 128 -83.32 16.86 -18.38
C SER LA 128 -82.51 17.03 -17.10
N VAL LA 129 -81.78 15.99 -16.70
CA VAL LA 129 -80.91 16.08 -15.52
C VAL LA 129 -79.82 17.13 -15.76
N HIS LA 130 -79.24 17.13 -16.97
CA HIS LA 130 -78.20 18.10 -17.29
C HIS LA 130 -78.72 19.52 -17.20
N ASP LA 131 -79.94 19.76 -17.71
CA ASP LA 131 -80.52 21.10 -17.64
C ASP LA 131 -80.71 21.55 -16.20
N ILE LA 132 -81.16 20.64 -15.33
CA ILE LA 132 -81.32 20.99 -13.92
C ILE LA 132 -79.97 21.29 -13.29
N ARG LA 133 -78.97 20.46 -13.57
CA ARG LA 133 -77.63 20.68 -13.01
C ARG LA 133 -77.03 21.98 -13.54
N LEU LA 134 -77.21 22.27 -14.83
CA LEU LA 134 -76.69 23.52 -15.38
C LEU LA 134 -77.33 24.73 -14.74
N ALA LA 135 -78.65 24.67 -14.51
CA ALA LA 135 -79.34 25.77 -13.85
C ALA LA 135 -78.85 25.94 -12.42
N ASP LA 136 -78.63 24.83 -11.72
CA ASP LA 136 -78.13 24.90 -10.34
C ASP LA 136 -76.75 25.53 -10.29
N MET LA 137 -75.88 25.18 -11.25
CA MET LA 137 -74.54 25.75 -11.29
C MET LA 137 -74.59 27.26 -11.54
N ASP LA 138 -75.54 27.72 -12.36
CA ASP LA 138 -75.64 29.15 -12.66
C ASP LA 138 -75.91 29.95 -11.40
N LEU LA 139 -76.80 29.46 -10.53
CA LEU LA 139 -77.01 30.11 -9.24
C LEU LA 139 -75.76 30.03 -8.36
N ARG LA 140 -74.99 28.95 -8.50
CA ARG LA 140 -73.78 28.80 -7.71
C ARG LA 140 -72.72 29.84 -8.10
N PHE LA 141 -72.63 30.16 -9.38
CA PHE LA 141 -71.67 31.18 -9.82
C PHE LA 141 -72.00 32.54 -9.19
N GLN LA 142 -73.28 32.91 -9.19
CA GLN LA 142 -73.67 34.23 -8.70
C GLN LA 142 -73.39 34.38 -7.21
N VAL LA 143 -73.64 33.32 -6.44
CA VAL LA 143 -73.40 33.39 -4.99
C VAL LA 143 -71.91 33.60 -4.72
N LEU LA 144 -71.05 32.87 -5.42
CA LEU LA 144 -69.61 33.05 -5.25
C LEU LA 144 -69.15 34.40 -5.79
N GLU LA 145 -69.78 34.90 -6.85
CA GLU LA 145 -69.39 36.18 -7.42
C GLU LA 145 -69.64 37.32 -6.43
N THR LA 146 -70.76 37.27 -5.72
CA THR LA 146 -71.13 38.32 -4.78
C THR LA 146 -70.79 37.97 -3.34
N ALA LA 147 -70.07 36.87 -3.11
CA ALA LA 147 -69.69 36.50 -1.76
C ALA LA 147 -68.71 37.50 -1.17
N SER LA 148 -68.84 37.74 0.13
CA SER LA 148 -68.00 38.67 0.85
C SER LA 148 -67.46 38.00 2.11
N TYR LA 149 -66.26 38.41 2.52
CA TYR LA 149 -65.61 37.83 3.68
C TYR LA 149 -65.04 38.89 4.64
N ASN LA 150 -65.53 40.13 4.56
CA ASN LA 150 -65.05 41.21 5.41
C ASN LA 150 -66.04 41.59 6.50
N GLY LA 151 -67.14 40.84 6.64
CA GLY LA 151 -68.13 41.15 7.64
C GLY LA 151 -69.11 42.24 7.27
N VAL LA 152 -69.01 42.81 6.07
CA VAL LA 152 -69.91 43.85 5.59
C VAL LA 152 -70.58 43.34 4.32
N LEU LA 153 -71.91 43.42 4.30
CA LEU LA 153 -72.70 42.93 3.17
C LEU LA 153 -73.40 44.10 2.49
N ILE LA 154 -73.24 44.21 1.17
CA ILE LA 154 -73.94 45.17 0.36
C ILE LA 154 -74.89 44.40 -0.55
N TRP LA 155 -76.18 44.65 -0.42
CA TRP LA 155 -77.21 43.90 -1.12
C TRP LA 155 -77.87 44.80 -2.15
N LYS LA 156 -77.90 44.34 -3.41
CA LYS LA 156 -78.52 45.06 -4.50
C LYS LA 156 -79.78 44.32 -4.93
N ILE LA 157 -80.93 45.01 -4.86
CA ILE LA 157 -82.21 44.42 -5.22
C ILE LA 157 -82.76 45.23 -6.40
N ARG LA 158 -82.62 44.70 -7.60
CA ARG LA 158 -83.12 45.36 -8.80
C ARG LA 158 -84.61 45.02 -9.01
N ASP LA 159 -85.25 45.79 -9.88
CA ASP LA 159 -86.65 45.62 -10.21
C ASP LA 159 -87.53 45.67 -8.96
N TYR LA 160 -87.38 46.76 -8.20
CA TYR LA 160 -88.11 46.91 -6.96
C TYR LA 160 -89.60 47.06 -7.18
N LYS LA 161 -90.01 47.68 -8.29
CA LYS LA 161 -91.42 47.96 -8.51
C LYS LA 161 -92.23 46.66 -8.66
N ARG LA 162 -91.76 45.74 -9.48
CA ARG LA 162 -92.51 44.51 -9.70
C ARG LA 162 -92.46 43.59 -8.49
N ARG LA 163 -91.36 43.58 -7.74
CA ARG LA 163 -91.26 42.73 -6.58
C ARG LA 163 -92.06 43.28 -5.39
N LYS LA 164 -92.15 44.60 -5.26
CA LYS LA 164 -93.01 45.19 -4.24
C LYS LA 164 -94.47 44.81 -4.49
N GLN LA 165 -94.89 44.84 -5.75
CA GLN LA 165 -96.25 44.42 -6.09
C GLN LA 165 -96.46 42.95 -5.77
N GLU LA 166 -95.46 42.12 -6.02
CA GLU LA 166 -95.56 40.70 -5.71
C GLU LA 166 -95.71 40.47 -4.21
N ALA LA 167 -95.00 41.26 -3.40
CA ALA LA 167 -95.15 41.17 -1.96
C ALA LA 167 -96.56 41.55 -1.52
N VAL LA 168 -97.13 42.59 -2.15
CA VAL LA 168 -98.50 42.98 -1.85
C VAL LA 168 -99.47 41.86 -2.23
N MET LA 169 -99.28 41.29 -3.43
CA MET LA 169 -100.13 40.20 -3.88
C MET LA 169 -99.85 38.89 -3.15
N GLY LA 170 -98.78 38.82 -2.36
CA GLY LA 170 -98.44 37.61 -1.64
C GLY LA 170 -97.68 36.57 -2.43
N LYS LA 171 -97.27 36.90 -3.65
CA LYS LA 171 -96.50 35.94 -4.46
C LYS LA 171 -95.15 35.63 -3.79
N THR LA 172 -94.48 36.66 -3.28
CA THR LA 172 -93.19 36.50 -2.61
C THR LA 172 -93.17 37.47 -1.44
N LEU LA 173 -93.36 36.94 -0.22
CA LEU LA 173 -93.44 37.81 0.95
C LEU LA 173 -92.07 38.38 1.33
N SER LA 174 -91.03 37.56 1.28
CA SER LA 174 -89.71 37.99 1.72
C SER LA 174 -88.66 37.54 0.72
N LEU LA 175 -87.51 38.22 0.76
CA LEU LA 175 -86.38 37.94 -0.12
C LEU LA 175 -85.15 37.65 0.72
N TYR LA 176 -84.34 36.71 0.26
CA TYR LA 176 -83.12 36.31 0.95
C TYR LA 176 -81.90 36.79 0.19
N SER LA 177 -80.94 37.36 0.92
CA SER LA 177 -79.71 37.85 0.33
C SER LA 177 -78.70 36.71 0.16
N GLN LA 178 -77.65 36.99 -0.60
CA GLN LA 178 -76.57 36.03 -0.75
C GLN LA 178 -75.80 35.90 0.57
N PRO LA 179 -75.26 34.72 0.85
CA PRO LA 179 -74.53 34.54 2.12
C PRO LA 179 -73.30 35.43 2.18
N PHE LA 180 -73.00 35.93 3.38
CA PHE LA 180 -71.80 36.70 3.63
C PHE LA 180 -71.20 36.26 4.96
N TYR LA 181 -69.89 36.45 5.09
CA TYR LA 181 -69.14 35.92 6.22
C TYR LA 181 -68.29 37.01 6.84
N THR LA 182 -68.02 36.85 8.14
CA THR LA 182 -67.06 37.73 8.81
C THR LA 182 -65.64 37.49 8.36
N GLY LA 183 -65.35 36.29 7.85
CA GLY LA 183 -64.02 35.96 7.42
C GLY LA 183 -64.03 34.70 6.57
N TYR LA 184 -62.83 34.22 6.24
CA TYR LA 184 -62.72 33.02 5.43
C TYR LA 184 -63.25 31.80 6.17
N PHE LA 185 -63.19 31.81 7.50
CA PHE LA 185 -63.68 30.72 8.34
C PHE LA 185 -64.53 31.26 9.48
N GLY LA 186 -65.43 32.19 9.18
CA GLY LA 186 -66.29 32.79 10.15
C GLY LA 186 -67.73 32.32 10.06
N TYR LA 187 -68.63 33.11 10.63
CA TYR LA 187 -70.05 32.78 10.62
C TYR LA 187 -70.61 32.88 9.20
N LYS LA 188 -71.57 32.01 8.90
CA LYS LA 188 -72.29 32.06 7.63
C LYS LA 188 -73.61 32.77 7.88
N MET LA 189 -73.79 33.94 7.25
CA MET LA 189 -74.88 34.82 7.57
C MET LA 189 -75.53 35.33 6.29
N CYS LA 190 -76.74 35.85 6.43
CA CYS LA 190 -77.47 36.43 5.30
C CYS LA 190 -78.48 37.43 5.84
N ALA LA 191 -79.16 38.11 4.92
CA ALA LA 191 -80.13 39.13 5.25
C ALA LA 191 -81.49 38.80 4.62
N ARG LA 192 -82.56 39.09 5.35
CA ARG LA 192 -83.92 38.86 4.89
C ARG LA 192 -84.71 40.16 4.96
N VAL LA 193 -85.45 40.47 3.90
CA VAL LA 193 -86.18 41.72 3.80
C VAL LA 193 -87.63 41.43 3.40
N TYR LA 194 -88.56 42.19 3.97
CA TYR LA 194 -89.96 42.17 3.57
C TYR LA 194 -90.29 43.51 2.92
N LEU LA 195 -90.57 43.47 1.61
CA LEU LA 195 -90.89 44.71 0.89
C LEU LA 195 -92.19 45.32 1.37
N ASN LA 196 -93.20 44.49 1.64
CA ASN LA 196 -94.49 44.95 2.12
C ASN LA 196 -94.60 44.96 3.64
N GLY LA 197 -93.55 44.56 4.35
CA GLY LA 197 -93.58 44.52 5.79
C GLY LA 197 -93.96 43.15 6.34
N ASP LA 198 -93.62 42.94 7.59
CA ASP LA 198 -93.89 41.68 8.28
C ASP LA 198 -94.35 41.96 9.70
N GLY LA 199 -95.24 41.11 10.19
CA GLY LA 199 -95.73 41.26 11.56
C GLY LA 199 -96.47 42.57 11.74
N MET LA 200 -96.07 43.34 12.76
CA MET LA 200 -96.71 44.61 13.05
C MET LA 200 -96.44 45.67 12.00
N GLY LA 201 -95.45 45.48 11.13
CA GLY LA 201 -95.15 46.44 10.09
C GLY LA 201 -95.71 46.05 8.74
N LYS LA 202 -96.63 45.09 8.71
CA LYS LA 202 -97.20 44.63 7.46
C LYS LA 202 -98.09 45.71 6.84
N GLY LA 203 -97.81 46.04 5.58
CA GLY LA 203 -98.62 46.99 4.84
C GLY LA 203 -98.30 48.45 5.08
N THR LA 204 -97.49 48.76 6.09
CA THR LA 204 -97.16 50.15 6.41
C THR LA 204 -95.66 50.44 6.45
N HIS LA 205 -94.82 49.44 6.66
CA HIS LA 205 -93.38 49.65 6.78
C HIS LA 205 -92.65 48.59 5.96
N LEU LA 206 -91.33 48.74 5.91
CA LEU LA 206 -90.45 47.74 5.32
C LEU LA 206 -89.71 47.02 6.44
N SER LA 207 -89.73 45.70 6.40
CA SER LA 207 -89.14 44.87 7.44
C SER LA 207 -87.82 44.28 6.97
N LEU LA 208 -86.78 44.43 7.78
CA LEU LA 208 -85.46 43.88 7.50
C LEU LA 208 -85.06 42.97 8.64
N PHE LA 209 -84.65 41.74 8.31
CA PHE LA 209 -84.31 40.75 9.32
C PHE LA 209 -82.92 40.18 9.06
N PHE LA 210 -82.25 39.84 10.15
CA PHE LA 210 -80.88 39.35 10.12
C PHE LA 210 -80.88 37.87 10.49
N VAL LA 211 -80.25 37.06 9.66
CA VAL LA 211 -80.39 35.61 9.72
C VAL LA 211 -79.01 34.99 9.91
N ILE LA 212 -78.93 34.01 10.81
CA ILE LA 212 -77.71 33.23 11.03
C ILE LA 212 -77.89 31.88 10.34
N MET LA 213 -76.95 31.55 9.44
CA MET LA 213 -76.98 30.29 8.72
C MET LA 213 -75.93 29.33 9.29
N ARG LA 214 -76.11 28.05 8.98
CA ARG LA 214 -75.19 27.03 9.46
C ARG LA 214 -73.90 27.08 8.65
N GLY LA 215 -72.80 27.44 9.33
CA GLY LA 215 -71.50 27.47 8.68
C GLY LA 215 -70.75 26.17 8.83
N GLU LA 216 -69.83 25.92 7.90
CA GLU LA 216 -69.05 24.69 7.92
C GLU LA 216 -68.05 24.66 9.08
N TYR LA 217 -67.75 25.83 9.67
CA TYR LA 217 -66.80 25.92 10.78
C TYR LA 217 -67.49 26.41 12.06
N ASP LA 218 -68.78 26.09 12.20
CA ASP LA 218 -69.52 26.54 13.38
C ASP LA 218 -69.00 25.90 14.66
N ALA LA 219 -68.40 24.71 14.56
CA ALA LA 219 -67.89 24.03 15.74
C ALA LA 219 -66.73 24.77 16.40
N LEU LA 220 -65.96 25.54 15.63
CA LEU LA 220 -64.82 26.28 16.15
C LEU LA 220 -65.18 27.72 16.50
N LEU LA 221 -66.43 28.12 16.33
CA LEU LA 221 -66.78 29.51 16.62
C LEU LA 221 -67.52 29.62 17.94
N PRO LA 222 -67.30 30.70 18.69
CA PRO LA 222 -67.99 30.88 19.97
C PRO LA 222 -69.50 31.04 19.76
N TRP LA 223 -70.25 30.54 20.73
CA TRP LA 223 -71.71 30.66 20.75
C TRP LA 223 -72.15 31.04 22.15
N PRO LA 224 -73.27 31.77 22.29
CA PRO LA 224 -74.16 32.29 21.23
C PRO LA 224 -73.55 33.46 20.47
N PHE LA 225 -74.11 33.79 19.31
CA PHE LA 225 -73.63 34.92 18.54
C PHE LA 225 -73.80 36.21 19.32
N LYS LA 226 -72.74 37.03 19.34
CA LYS LA 226 -72.77 38.27 20.11
C LYS LA 226 -72.13 39.45 19.40
N GLN LA 227 -71.70 39.30 18.16
CA GLN LA 227 -71.13 40.42 17.42
C GLN LA 227 -72.20 41.46 17.12
N LYS LA 228 -71.83 42.73 17.29
CA LYS LA 228 -72.78 43.81 17.05
C LYS LA 228 -73.19 43.83 15.58
N VAL LA 229 -74.50 43.95 15.33
CA VAL LA 229 -75.06 43.93 14.00
C VAL LA 229 -75.79 45.25 13.77
N THR LA 230 -75.44 45.93 12.67
CA THR LA 230 -76.05 47.20 12.30
C THR LA 230 -76.72 47.03 10.94
N LEU LA 231 -78.02 47.33 10.88
CA LEU LA 231 -78.78 47.28 9.65
C LEU LA 231 -78.93 48.69 9.10
N MET LA 232 -78.49 48.89 7.86
CA MET LA 232 -78.47 50.21 7.24
C MET LA 232 -79.11 50.14 5.87
N LEU LA 233 -79.82 51.22 5.51
CA LEU LA 233 -80.40 51.37 4.18
C LEU LA 233 -79.65 52.48 3.46
N MET LA 234 -78.97 52.13 2.38
CA MET LA 234 -78.11 53.08 1.69
C MET LA 234 -78.93 54.16 1.01
N ASP LA 235 -78.43 55.40 1.09
CA ASP LA 235 -79.06 56.55 0.45
C ASP LA 235 -78.36 56.79 -0.87
N GLN LA 236 -79.05 56.54 -1.98
CA GLN LA 236 -78.46 56.68 -3.30
C GLN LA 236 -78.35 58.13 -3.76
N GLY LA 237 -78.94 59.07 -3.03
CA GLY LA 237 -78.87 60.47 -3.41
C GLY LA 237 -77.57 61.12 -2.98
N SER LA 238 -77.41 62.39 -3.37
CA SER LA 238 -76.22 63.14 -3.02
C SER LA 238 -76.15 63.46 -1.54
N SER LA 239 -77.30 63.47 -0.84
CA SER LA 239 -77.28 63.72 0.59
C SER LA 239 -76.60 62.59 1.37
N ARG LA 240 -76.71 61.36 0.88
CA ARG LA 240 -76.10 60.19 1.51
C ARG LA 240 -76.59 60.03 2.95
N ARG LA 241 -77.86 60.34 3.18
CA ARG LA 241 -78.47 60.22 4.51
C ARG LA 241 -78.98 58.79 4.67
N HIS LA 242 -78.06 57.90 5.00
CA HIS LA 242 -78.40 56.49 5.14
C HIS LA 242 -79.23 56.26 6.39
N LEU LA 243 -80.32 55.50 6.24
CA LEU LA 243 -81.14 55.13 7.37
C LEU LA 243 -80.60 53.84 7.99
N GLY LA 244 -80.35 53.86 9.29
CA GLY LA 244 -79.73 52.73 9.96
C GLY LA 244 -80.37 52.46 11.31
N ASP LA 245 -80.13 51.24 11.79
CA ASP LA 245 -80.64 50.83 13.09
C ASP LA 245 -79.73 49.73 13.62
N ALA LA 246 -78.94 50.05 14.64
CA ALA LA 246 -77.99 49.12 15.22
C ALA LA 246 -78.58 48.47 16.46
N PHE LA 247 -78.22 47.21 16.68
CA PHE LA 247 -78.75 46.45 17.80
C PHE LA 247 -77.72 45.41 18.22
N LYS LA 248 -77.89 44.91 19.45
CA LYS LA 248 -77.04 43.87 20.01
C LYS LA 248 -77.79 42.55 20.03
N PRO LA 249 -77.19 41.46 19.55
CA PRO LA 249 -77.91 40.17 19.54
C PRO LA 249 -78.38 39.75 20.92
N ASP LA 250 -79.58 39.19 20.96
CA ASP LA 250 -80.17 38.72 22.21
C ASP LA 250 -79.43 37.48 22.69
N PRO LA 251 -78.90 37.48 23.92
CA PRO LA 251 -78.10 36.33 24.38
C PRO LA 251 -78.88 35.02 24.46
N ASN LA 252 -80.21 35.06 24.51
CA ASN LA 252 -80.99 33.84 24.70
C ASN LA 252 -82.11 33.71 23.67
N SER LA 253 -81.80 33.98 22.41
CA SER LA 253 -82.76 33.83 21.32
C SER LA 253 -82.31 32.72 20.39
N SER LA 254 -83.27 32.02 19.79
CA SER LA 254 -82.96 30.94 18.85
C SER LA 254 -82.27 31.46 17.60
N SER LA 255 -82.36 32.77 17.33
CA SER LA 255 -81.73 33.36 16.17
C SER LA 255 -80.21 33.36 16.26
N PHE LA 256 -79.65 33.48 17.46
CA PHE LA 256 -78.21 33.61 17.64
C PHE LA 256 -77.57 32.40 18.32
N LYS LA 257 -78.28 31.29 18.42
CA LYS LA 257 -77.71 30.07 18.96
C LYS LA 257 -76.88 29.36 17.89
N LYS LA 258 -76.31 28.23 18.26
CA LYS LA 258 -75.60 27.41 17.29
C LYS LA 258 -76.60 26.81 16.32
N PRO LA 259 -76.47 27.04 15.02
CA PRO LA 259 -77.49 26.55 14.07
C PRO LA 259 -77.57 25.03 14.08
N THR LA 260 -78.80 24.52 13.93
CA THR LA 260 -79.05 23.10 13.76
C THR LA 260 -79.59 22.76 12.38
N GLY LA 261 -80.40 23.64 11.79
CA GLY LA 261 -80.86 23.47 10.43
C GLY LA 261 -80.07 24.32 9.47
N GLU LA 262 -80.64 24.53 8.28
CA GLU LA 262 -79.97 25.34 7.27
C GLU LA 262 -79.86 26.79 7.71
N MET LA 263 -80.95 27.35 8.22
CA MET LA 263 -80.98 28.72 8.71
C MET LA 263 -81.75 28.77 10.02
N ASN LA 264 -81.43 29.78 10.82
CA ASN LA 264 -82.13 30.01 12.08
C ASN LA 264 -83.31 30.95 11.85
N ILE LA 265 -83.99 31.30 12.94
CA ILE LA 265 -85.13 32.21 12.86
C ILE LA 265 -84.63 33.62 12.56
N ALA LA 266 -85.24 34.25 11.57
CA ALA LA 266 -84.85 35.61 11.21
C ALA LA 266 -85.18 36.58 12.33
N SER LA 267 -84.28 37.54 12.55
CA SER LA 267 -84.44 38.54 13.60
C SER LA 267 -84.03 39.90 13.07
N GLY LA 268 -84.79 40.93 13.43
CA GLY LA 268 -84.48 42.27 12.98
C GLY LA 268 -85.51 43.30 13.40
N CYS LA 269 -85.71 44.32 12.56
CA CYS LA 269 -86.65 45.41 12.84
C CYS LA 269 -87.79 45.38 11.84
N PRO LA 270 -88.97 44.89 12.23
CA PRO LA 270 -90.11 44.93 11.30
C PRO LA 270 -90.56 46.33 10.95
N VAL LA 271 -90.19 47.34 11.74
CA VAL LA 271 -90.61 48.71 11.51
C VAL LA 271 -89.38 49.55 11.19
N PHE LA 272 -88.40 48.95 10.52
CA PHE LA 272 -87.14 49.60 10.17
C PHE LA 272 -87.36 50.95 9.50
N VAL LA 273 -88.01 50.96 8.35
CA VAL LA 273 -88.28 52.18 7.60
C VAL LA 273 -89.73 52.16 7.13
N ALA LA 274 -90.40 53.31 7.24
CA ALA LA 274 -91.78 53.44 6.77
C ALA LA 274 -91.81 53.37 5.26
N GLN LA 275 -92.87 52.77 4.71
CA GLN LA 275 -93.01 52.64 3.27
C GLN LA 275 -93.07 53.99 2.58
N THR LA 276 -93.82 54.93 3.17
CA THR LA 276 -93.92 56.27 2.60
C THR LA 276 -92.58 56.98 2.62
N VAL LA 277 -91.83 56.84 3.73
CA VAL LA 277 -90.52 57.47 3.85
C VAL LA 277 -89.58 56.89 2.80
N LEU LA 278 -89.62 55.58 2.60
CA LEU LA 278 -88.80 54.93 1.59
C LEU LA 278 -89.12 55.46 0.20
N GLU LA 279 -90.40 55.71 -0.09
CA GLU LA 279 -90.84 56.11 -1.42
C GLU LA 279 -90.90 57.63 -1.58
N ASN LA 280 -90.00 58.35 -0.91
CA ASN LA 280 -89.88 59.80 -1.05
C ASN LA 280 -88.60 60.18 -1.79
N GLY LA 281 -88.15 59.30 -2.69
CA GLY LA 281 -86.99 59.59 -3.51
C GLY LA 281 -85.67 59.32 -2.80
N THR LA 282 -84.60 59.41 -3.59
CA THR LA 282 -83.22 59.26 -3.14
C THR LA 282 -82.92 57.85 -2.62
N TYR LA 283 -83.92 56.97 -2.66
CA TYR LA 283 -83.74 55.60 -2.19
C TYR LA 283 -84.03 54.55 -3.26
N ILE LA 284 -84.81 54.89 -4.29
CA ILE LA 284 -85.09 53.97 -5.38
C ILE LA 284 -84.64 54.62 -6.68
N LYS LA 285 -83.41 54.32 -7.11
CA LYS LA 285 -82.89 54.79 -8.39
C LYS LA 285 -82.79 53.62 -9.35
N ASP LA 286 -83.33 53.81 -10.56
CA ASP LA 286 -83.39 52.75 -11.57
C ASP LA 286 -84.09 51.51 -11.03
N ASP LA 287 -85.13 51.73 -10.22
CA ASP LA 287 -85.91 50.67 -9.61
C ASP LA 287 -85.02 49.69 -8.84
N THR LA 288 -84.06 50.22 -8.10
CA THR LA 288 -83.10 49.39 -7.37
C THR LA 288 -82.83 50.01 -6.00
N ILE LA 289 -82.75 49.16 -4.98
CA ILE LA 289 -82.47 49.58 -3.62
C ILE LA 289 -81.19 48.90 -3.15
N PHE LA 290 -80.49 49.57 -2.23
CA PHE LA 290 -79.24 49.07 -1.68
C PHE LA 290 -79.38 48.91 -0.17
N ILE LA 291 -79.01 47.73 0.33
CA ILE LA 291 -79.11 47.41 1.76
C ILE LA 291 -77.72 47.05 2.25
N LYS LA 292 -77.29 47.71 3.33
CA LYS LA 292 -75.98 47.50 3.93
C LYS LA 292 -76.13 46.90 5.32
N VAL LA 293 -75.41 45.81 5.58
CA VAL LA 293 -75.37 45.16 6.88
C VAL LA 293 -73.93 45.16 7.36
N ILE LA 294 -73.70 45.68 8.56
CA ILE LA 294 -72.36 45.79 9.14
C ILE LA 294 -72.31 44.94 10.40
N VAL LA 295 -71.37 44.01 10.44
CA VAL LA 295 -71.15 43.13 11.59
C VAL LA 295 -69.76 43.40 12.14
N ASP LA 296 -69.69 43.72 13.43
CA ASP LA 296 -68.41 44.03 14.06
C ASP LA 296 -67.58 42.77 14.22
N THR LA 297 -66.33 42.82 13.79
CA THR LA 297 -65.41 41.68 13.87
C THR LA 297 -64.16 42.01 14.69
N SER LA 298 -64.22 43.05 15.52
CA SER LA 298 -63.06 43.45 16.30
C SER LA 298 -62.73 42.49 17.43
N ASP LA 299 -63.65 41.62 17.81
CA ASP LA 299 -63.44 40.67 18.89
C ASP LA 299 -63.46 39.22 18.40
N LEU LA 300 -63.10 39.01 17.14
CA LEU LA 300 -63.08 37.69 16.54
C LEU LA 300 -61.69 37.40 15.97
N PRO LA 301 -61.05 36.28 16.35
CA PRO LA 301 -59.72 35.90 15.85
C PRO LA 301 -59.68 35.76 14.33
N HIS MA 123 -83.04 16.83 -29.69
CA HIS MA 123 -81.98 16.48 -28.75
C HIS MA 123 -80.65 17.10 -29.17
N ASP MA 124 -80.41 17.13 -30.49
CA ASP MA 124 -79.18 17.72 -31.00
C ASP MA 124 -79.10 19.21 -30.70
N GLN MA 125 -80.22 19.92 -30.84
CA GLN MA 125 -80.24 21.35 -30.56
C GLN MA 125 -79.92 21.64 -29.10
N MET MA 126 -80.49 20.84 -28.18
CA MET MA 126 -80.21 21.02 -26.76
C MET MA 126 -78.75 20.71 -26.45
N LEU MA 127 -78.18 19.70 -27.11
CA LEU MA 127 -76.77 19.37 -26.91
C LEU MA 127 -75.87 20.52 -27.34
N SER MA 128 -76.20 21.17 -28.46
CA SER MA 128 -75.41 22.33 -28.91
C SER MA 128 -75.51 23.46 -27.91
N VAL MA 129 -76.69 23.70 -27.35
CA VAL MA 129 -76.85 24.72 -26.32
C VAL MA 129 -76.04 24.38 -25.09
N HIS MA 130 -76.04 23.10 -24.70
CA HIS MA 130 -75.28 22.67 -23.53
C HIS MA 130 -73.79 22.89 -23.74
N ASP MA 131 -73.28 22.60 -24.94
CA ASP MA 131 -71.87 22.82 -25.23
C ASP MA 131 -71.50 24.29 -25.12
N ILE MA 132 -72.37 25.17 -25.61
CA ILE MA 132 -72.11 26.61 -25.50
C ILE MA 132 -72.11 27.03 -24.04
N ARG MA 133 -73.11 26.56 -23.28
CA ARG MA 133 -73.19 26.92 -21.87
C ARG MA 133 -72.00 26.37 -21.09
N LEU MA 134 -71.58 25.14 -21.38
CA LEU MA 134 -70.42 24.56 -20.70
C LEU MA 134 -69.15 25.36 -20.99
N ALA MA 135 -68.98 25.78 -22.24
CA ALA MA 135 -67.82 26.59 -22.60
C ALA MA 135 -67.86 27.94 -21.89
N ASP MA 136 -69.05 28.55 -21.80
CA ASP MA 136 -69.18 29.83 -21.11
C ASP MA 136 -68.84 29.69 -19.63
N MET MA 137 -69.26 28.60 -19.01
CA MET MA 137 -68.96 28.39 -17.59
C MET MA 137 -67.46 28.23 -17.37
N ASP MA 138 -66.77 27.57 -18.31
CA ASP MA 138 -65.33 27.36 -18.16
C ASP MA 138 -64.59 28.69 -18.08
N LEU MA 139 -64.96 29.65 -18.91
CA LEU MA 139 -64.39 30.99 -18.81
C LEU MA 139 -64.77 31.65 -17.49
N ARG MA 140 -65.97 31.35 -16.98
CA ARG MA 140 -66.41 31.94 -15.72
C ARG MA 140 -65.57 31.45 -14.55
N PHE MA 141 -65.16 30.18 -14.57
CA PHE MA 141 -64.32 29.65 -13.50
C PHE MA 141 -62.98 30.39 -13.45
N GLN MA 142 -62.37 30.60 -14.63
CA GLN MA 142 -61.04 31.21 -14.67
C GLN MA 142 -61.06 32.64 -14.15
N VAL MA 143 -62.11 33.40 -14.50
CA VAL MA 143 -62.20 34.78 -14.05
C VAL MA 143 -62.30 34.84 -12.53
N LEU MA 144 -63.13 33.98 -11.93
CA LEU MA 144 -63.24 33.93 -10.48
C LEU MA 144 -61.97 33.40 -9.83
N GLU MA 145 -61.28 32.46 -10.50
CA GLU MA 145 -60.06 31.90 -9.93
C GLU MA 145 -58.98 32.97 -9.80
N THR MA 146 -58.85 33.84 -10.79
CA THR MA 146 -57.83 34.88 -10.81
C THR MA 146 -58.35 36.24 -10.35
N ALA MA 147 -59.59 36.29 -9.84
CA ALA MA 147 -60.14 37.56 -9.36
C ALA MA 147 -59.38 38.04 -8.13
N SER MA 148 -59.23 39.34 -8.03
CA SER MA 148 -58.53 39.98 -6.91
C SER MA 148 -59.38 41.10 -6.34
N TYR MA 149 -59.24 41.34 -5.04
CA TYR MA 149 -60.03 42.36 -4.37
C TYR MA 149 -59.18 43.25 -3.46
N ASN MA 150 -57.87 43.33 -3.70
CA ASN MA 150 -56.98 44.13 -2.89
C ASN MA 150 -56.49 45.38 -3.62
N GLY MA 151 -57.02 45.65 -4.81
CA GLY MA 151 -56.61 46.81 -5.58
C GLY MA 151 -55.32 46.64 -6.36
N VAL MA 152 -54.71 45.47 -6.31
CA VAL MA 152 -53.47 45.19 -7.05
C VAL MA 152 -53.72 44.02 -7.98
N LEU MA 153 -53.39 44.19 -9.25
CA LEU MA 153 -53.63 43.19 -10.27
C LEU MA 153 -52.30 42.68 -10.82
N ILE MA 154 -52.13 41.36 -10.82
CA ILE MA 154 -50.98 40.70 -11.42
C ILE MA 154 -51.49 39.91 -12.62
N TRP MA 155 -51.00 40.26 -13.81
CA TRP MA 155 -51.49 39.69 -15.05
C TRP MA 155 -50.39 38.81 -15.66
N LYS MA 156 -50.73 37.56 -15.96
CA LYS MA 156 -49.82 36.62 -16.57
C LYS MA 156 -50.28 36.34 -18.00
N ILE MA 157 -49.40 36.62 -18.96
CA ILE MA 157 -49.69 36.43 -20.37
C ILE MA 157 -48.69 35.40 -20.91
N ARG MA 158 -49.15 34.16 -21.05
CA ARG MA 158 -48.32 33.09 -21.58
C ARG MA 158 -48.35 33.11 -23.10
N ASP MA 159 -47.39 32.37 -23.69
CA ASP MA 159 -47.27 32.25 -25.15
C ASP MA 159 -47.15 33.63 -25.80
N TYR MA 160 -46.17 34.40 -25.33
CA TYR MA 160 -45.97 35.75 -25.83
C TYR MA 160 -45.52 35.77 -27.28
N LYS MA 161 -44.75 34.76 -27.70
CA LYS MA 161 -44.20 34.78 -29.06
C LYS MA 161 -45.29 34.70 -30.11
N ARG MA 162 -46.22 33.76 -29.95
CA ARG MA 162 -47.27 33.60 -30.97
C ARG MA 162 -48.26 34.75 -30.94
N ARG MA 163 -48.53 35.32 -29.77
CA ARG MA 163 -49.48 36.42 -29.68
C ARG MA 163 -48.89 37.73 -30.16
N LYS MA 164 -47.58 37.93 -29.98
CA LYS MA 164 -46.94 39.10 -30.55
C LYS MA 164 -46.99 39.07 -32.06
N GLN MA 165 -46.78 37.88 -32.66
CA GLN MA 165 -46.90 37.75 -34.11
C GLN MA 165 -48.32 38.02 -34.56
N GLU MA 166 -49.32 37.57 -33.79
CA GLU MA 166 -50.71 37.84 -34.14
C GLU MA 166 -51.01 39.33 -34.12
N ALA MA 167 -50.44 40.04 -33.15
CA ALA MA 167 -50.62 41.50 -33.11
C ALA MA 167 -50.00 42.16 -34.33
N VAL MA 168 -48.83 41.68 -34.76
CA VAL MA 168 -48.20 42.21 -35.98
C VAL MA 168 -49.08 41.92 -37.19
N MET MA 169 -49.58 40.69 -37.29
CA MET MA 169 -50.45 40.32 -38.40
C MET MA 169 -51.85 40.93 -38.30
N GLY MA 170 -52.18 41.55 -37.17
CA GLY MA 170 -53.48 42.15 -36.99
C GLY MA 170 -54.59 41.20 -36.56
N LYS MA 171 -54.25 39.95 -36.27
CA LYS MA 171 -55.28 38.99 -35.83
C LYS MA 171 -55.88 39.42 -34.50
N THR MA 172 -55.05 39.86 -33.56
CA THR MA 172 -55.51 40.34 -32.25
C THR MA 172 -54.65 41.53 -31.87
N LEU MA 173 -55.23 42.73 -31.98
CA LEU MA 173 -54.46 43.95 -31.73
C LEU MA 173 -54.19 44.13 -30.24
N SER MA 174 -55.19 43.90 -29.39
CA SER MA 174 -55.06 44.14 -27.97
C SER MA 174 -55.62 42.97 -27.18
N LEU MA 175 -55.18 42.86 -25.93
CA LEU MA 175 -55.62 41.81 -25.02
C LEU MA 175 -56.20 42.44 -23.76
N TYR MA 176 -57.24 41.81 -23.22
CA TYR MA 176 -57.92 42.28 -22.03
C TYR MA 176 -57.63 41.37 -20.86
N SER MA 177 -57.31 41.97 -19.71
CA SER MA 177 -57.03 41.22 -18.50
C SER MA 177 -58.32 40.85 -17.79
N GLN MA 178 -58.19 39.94 -16.81
CA GLN MA 178 -59.33 39.59 -15.98
C GLN MA 178 -59.70 40.76 -15.09
N PRO MA 179 -60.99 40.91 -14.76
CA PRO MA 179 -61.41 42.03 -13.91
C PRO MA 179 -60.78 41.94 -12.52
N PHE MA 180 -60.44 43.10 -11.96
CA PHE MA 180 -59.94 43.20 -10.60
C PHE MA 180 -60.59 44.40 -9.92
N TYR MA 181 -60.66 44.34 -8.60
CA TYR MA 181 -61.42 45.31 -7.82
C TYR MA 181 -60.56 45.85 -6.69
N THR MA 182 -60.86 47.08 -6.27
CA THR MA 182 -60.24 47.64 -5.07
C THR MA 182 -60.73 46.96 -3.81
N GLY MA 183 -61.91 46.37 -3.84
CA GLY MA 183 -62.46 45.71 -2.68
C GLY MA 183 -63.62 44.82 -3.07
N TYR MA 184 -64.29 44.28 -2.05
CA TYR MA 184 -65.44 43.41 -2.29
C TYR MA 184 -66.58 44.17 -2.95
N PHE MA 185 -66.68 45.47 -2.72
CA PHE MA 185 -67.72 46.32 -3.29
C PHE MA 185 -67.12 47.60 -3.84
N GLY MA 186 -66.01 47.49 -4.57
CA GLY MA 186 -65.33 48.61 -5.14
C GLY MA 186 -65.52 48.71 -6.64
N TYR MA 187 -64.61 49.45 -7.27
CA TYR MA 187 -64.65 49.64 -8.71
C TYR MA 187 -64.33 48.34 -9.43
N LYS MA 188 -64.98 48.14 -10.58
CA LYS MA 188 -64.69 47.01 -11.45
C LYS MA 188 -63.76 47.49 -12.55
N MET MA 189 -62.54 46.95 -12.58
CA MET MA 189 -61.47 47.48 -13.41
C MET MA 189 -60.76 46.34 -14.12
N CYS MA 190 -60.03 46.68 -15.18
CA CYS MA 190 -59.23 45.71 -15.91
C CYS MA 190 -58.10 46.45 -16.62
N ALA MA 191 -57.23 45.67 -17.27
CA ALA MA 191 -56.07 46.20 -17.96
C ALA MA 191 -56.08 45.77 -19.42
N ARG MA 192 -55.65 46.67 -20.30
CA ARG MA 192 -55.58 46.42 -21.73
C ARG MA 192 -54.16 46.66 -22.22
N VAL MA 193 -53.63 45.75 -23.03
CA VAL MA 193 -52.26 45.82 -23.50
C VAL MA 193 -52.23 45.64 -25.01
N TYR MA 194 -51.34 46.38 -25.68
CA TYR MA 194 -51.06 46.20 -27.10
C TYR MA 194 -49.65 45.66 -27.24
N LEU MA 195 -49.52 44.42 -27.70
CA LEU MA 195 -48.20 43.83 -27.86
C LEU MA 195 -47.39 44.53 -28.93
N ASN MA 196 -48.03 44.91 -30.03
CA ASN MA 196 -47.35 45.59 -31.13
C ASN MA 196 -47.44 47.12 -31.02
N GLY MA 197 -48.10 47.63 -29.98
CA GLY MA 197 -48.24 49.06 -29.81
C GLY MA 197 -49.54 49.60 -30.39
N ASP MA 198 -49.92 50.78 -29.91
CA ASP MA 198 -51.15 51.42 -30.35
C ASP MA 198 -50.89 52.92 -30.52
N GLY MA 199 -51.60 53.51 -31.49
CA GLY MA 199 -51.45 54.93 -31.74
C GLY MA 199 -50.04 55.28 -32.18
N MET MA 200 -49.45 56.26 -31.47
CA MET MA 200 -48.11 56.71 -31.80
C MET MA 200 -47.03 55.69 -31.48
N GLY MA 201 -47.35 54.66 -30.68
CA GLY MA 201 -46.39 53.64 -30.35
C GLY MA 201 -46.55 52.37 -31.15
N LYS MA 202 -47.31 52.44 -32.24
CA LYS MA 202 -47.56 51.26 -33.06
C LYS MA 202 -46.29 50.85 -33.79
N GLY MA 203 -45.91 49.58 -33.63
CA GLY MA 203 -44.78 49.01 -34.32
C GLY MA 203 -43.43 49.27 -33.69
N THR MA 204 -43.35 50.16 -32.70
CA THR MA 204 -42.09 50.48 -32.05
C THR MA 204 -42.09 50.32 -30.55
N HIS MA 205 -43.25 50.34 -29.89
CA HIS MA 205 -43.34 50.25 -28.44
C HIS MA 205 -44.44 49.28 -28.06
N LEU MA 206 -44.56 49.03 -26.76
CA LEU MA 206 -45.66 48.27 -26.19
C LEU MA 206 -46.59 49.22 -25.46
N SER MA 207 -47.89 49.12 -25.75
CA SER MA 207 -48.88 50.03 -25.21
C SER MA 207 -49.68 49.32 -24.11
N LEU MA 208 -49.79 49.97 -22.97
CA LEU MA 208 -50.57 49.46 -21.84
C LEU MA 208 -51.63 50.49 -21.48
N PHE MA 209 -52.87 50.04 -21.38
CA PHE MA 209 -54.00 50.94 -21.10
C PHE MA 209 -54.79 50.44 -19.91
N PHE MA 210 -55.35 51.39 -19.17
CA PHE MA 210 -56.08 51.14 -17.94
C PHE MA 210 -57.56 51.42 -18.20
N VAL MA 211 -58.42 50.47 -17.87
CA VAL MA 211 -59.81 50.48 -18.29
C VAL MA 211 -60.70 50.44 -17.05
N ILE MA 212 -61.74 51.26 -17.05
CA ILE MA 212 -62.76 51.25 -16.00
C ILE MA 212 -63.98 50.53 -16.53
N MET MA 213 -64.42 49.49 -15.83
CA MET MA 213 -65.59 48.72 -16.21
C MET MA 213 -66.78 49.08 -15.31
N ARG MA 214 -67.98 48.75 -15.78
CA ARG MA 214 -69.19 49.02 -15.03
C ARG MA 214 -69.33 48.03 -13.88
N GLY MA 215 -69.24 48.54 -12.65
CA GLY MA 215 -69.40 47.70 -11.48
C GLY MA 215 -70.85 47.68 -10.99
N GLU MA 216 -71.19 46.60 -10.29
CA GLU MA 216 -72.54 46.45 -9.76
C GLU MA 216 -72.85 47.43 -8.64
N TYR MA 217 -71.83 48.03 -8.04
CA TYR MA 217 -72.00 48.98 -6.94
C TYR MA 217 -71.48 50.37 -7.33
N ASP MA 218 -71.55 50.70 -8.62
CA ASP MA 218 -71.07 52.00 -9.08
C ASP MA 218 -71.90 53.14 -8.52
N ALA MA 219 -73.17 52.90 -8.19
CA ALA MA 219 -74.03 53.96 -7.68
C ALA MA 219 -73.57 54.46 -6.31
N LEU MA 220 -72.91 53.62 -5.52
CA LEU MA 220 -72.44 53.99 -4.20
C LEU MA 220 -70.99 54.47 -4.19
N LEU MA 221 -70.34 54.50 -5.35
CA LEU MA 221 -68.95 54.91 -5.38
C LEU MA 221 -68.79 56.34 -5.87
N PRO MA 222 -67.84 57.08 -5.33
CA PRO MA 222 -67.63 58.47 -5.79
C PRO MA 222 -67.16 58.50 -7.24
N TRP MA 223 -67.58 59.55 -7.94
CA TRP MA 223 -67.18 59.80 -9.32
C TRP MA 223 -66.84 61.27 -9.47
N PRO MA 224 -65.92 61.62 -10.39
CA PRO MA 224 -65.16 60.73 -11.30
C PRO MA 224 -64.08 59.94 -10.58
N PHE MA 225 -63.55 58.90 -11.22
CA PHE MA 225 -62.47 58.11 -10.64
C PHE MA 225 -61.23 58.97 -10.42
N LYS MA 226 -60.64 58.88 -9.22
CA LYS MA 226 -59.49 59.69 -8.89
C LYS MA 226 -58.40 58.95 -8.13
N GLN MA 227 -58.54 57.65 -7.92
CA GLN MA 227 -57.50 56.89 -7.24
C GLN MA 227 -56.25 56.80 -8.11
N LYS MA 228 -55.09 56.98 -7.48
CA LYS MA 228 -53.82 56.93 -8.21
C LYS MA 228 -53.62 55.55 -8.82
N VAL MA 229 -53.23 55.53 -10.10
CA VAL MA 229 -53.03 54.29 -10.84
C VAL MA 229 -51.59 54.23 -11.30
N THR MA 230 -50.91 53.13 -10.98
CA THR MA 230 -49.52 52.91 -11.36
C THR MA 230 -49.44 51.67 -12.24
N LEU MA 231 -48.90 51.83 -13.44
CA LEU MA 231 -48.71 50.72 -14.37
C LEU MA 231 -47.26 50.27 -14.31
N MET MA 232 -47.04 48.99 -14.01
CA MET MA 232 -45.71 48.44 -13.82
C MET MA 232 -45.54 47.17 -14.64
N LEU MA 233 -44.34 46.98 -15.16
CA LEU MA 233 -43.97 45.77 -15.88
C LEU MA 233 -42.97 45.00 -15.04
N MET MA 234 -43.36 43.80 -14.60
CA MET MA 234 -42.55 43.04 -13.67
C MET MA 234 -41.27 42.55 -14.34
N ASP MA 235 -40.16 42.62 -13.60
CA ASP MA 235 -38.88 42.13 -14.06
C ASP MA 235 -38.67 40.73 -13.51
N GLN MA 236 -38.69 39.73 -14.40
CA GLN MA 236 -38.57 38.34 -13.98
C GLN MA 236 -37.14 37.94 -13.64
N GLY MA 237 -36.16 38.79 -13.92
CA GLY MA 237 -34.78 38.48 -13.62
C GLY MA 237 -34.43 38.73 -12.17
N SER MA 238 -33.19 38.37 -11.82
CA SER MA 238 -32.71 38.57 -10.46
C SER MA 238 -32.53 40.04 -10.12
N SER MA 239 -32.36 40.91 -11.13
CA SER MA 239 -32.21 42.33 -10.86
C SER MA 239 -33.50 42.93 -10.32
N ARG MA 240 -34.66 42.41 -10.74
CA ARG MA 240 -35.97 42.89 -10.31
C ARG MA 240 -36.14 44.37 -10.61
N ARG MA 241 -35.61 44.81 -11.75
CA ARG MA 241 -35.71 46.21 -12.17
C ARG MA 241 -37.02 46.38 -12.94
N HIS MA 242 -38.10 46.52 -12.17
CA HIS MA 242 -39.42 46.64 -12.77
C HIS MA 242 -39.57 47.99 -13.45
N LEU MA 243 -40.09 47.98 -14.67
CA LEU MA 243 -40.40 49.22 -15.38
C LEU MA 243 -41.81 49.67 -15.03
N GLY MA 244 -41.94 50.92 -14.61
CA GLY MA 244 -43.21 51.43 -14.14
C GLY MA 244 -43.46 52.84 -14.63
N ASP MA 245 -44.73 53.23 -14.58
CA ASP MA 245 -45.14 54.57 -14.97
C ASP MA 245 -46.43 54.90 -14.23
N ALA MA 246 -46.35 55.79 -13.25
CA ALA MA 246 -47.49 56.18 -12.44
C ALA MA 246 -48.10 57.46 -12.98
N PHE MA 247 -49.43 57.57 -12.84
CA PHE MA 247 -50.15 58.72 -13.35
C PHE MA 247 -51.40 58.94 -12.50
N LYS MA 248 -51.95 60.14 -12.60
CA LYS MA 248 -53.18 60.52 -11.91
C LYS MA 248 -54.33 60.59 -12.90
N PRO MA 249 -55.47 59.97 -12.62
CA PRO MA 249 -56.59 60.00 -13.57
C PRO MA 249 -57.01 61.42 -13.91
N ASP MA 250 -57.33 61.63 -15.19
CA ASP MA 250 -57.77 62.93 -15.68
C ASP MA 250 -59.16 63.23 -15.15
N PRO MA 251 -59.37 64.36 -14.46
CA PRO MA 251 -60.68 64.64 -13.86
C PRO MA 251 -61.83 64.77 -14.86
N ASN MA 252 -61.52 65.03 -16.13
CA ASN MA 252 -62.58 65.28 -17.10
C ASN MA 252 -62.41 64.43 -18.37
N SER MA 253 -62.11 63.15 -18.19
CA SER MA 253 -61.99 62.21 -19.31
C SER MA 253 -63.09 61.17 -19.22
N SER MA 254 -63.54 60.69 -20.39
CA SER MA 254 -64.58 59.67 -20.43
C SER MA 254 -64.12 58.36 -19.85
N SER MA 255 -62.80 58.18 -19.70
CA SER MA 255 -62.26 56.95 -19.13
C SER MA 255 -62.56 56.81 -17.65
N PHE MA 256 -62.63 57.91 -16.91
CA PHE MA 256 -62.79 57.88 -15.47
C PHE MA 256 -64.16 58.38 -14.99
N LYS MA 257 -65.12 58.54 -15.90
CA LYS MA 257 -66.46 58.93 -15.51
C LYS MA 257 -67.23 57.72 -14.99
N LYS MA 258 -68.48 57.94 -14.62
CA LYS MA 258 -69.35 56.83 -14.24
C LYS MA 258 -69.66 55.99 -15.47
N PRO MA 259 -69.36 54.71 -15.48
CA PRO MA 259 -69.58 53.91 -16.70
C PRO MA 259 -71.04 53.85 -17.09
N THR MA 260 -71.29 53.88 -18.40
CA THR MA 260 -72.61 53.67 -18.95
C THR MA 260 -72.74 52.38 -19.74
N GLY MA 261 -71.68 51.97 -20.43
CA GLY MA 261 -71.64 50.69 -21.11
C GLY MA 261 -70.89 49.65 -20.30
N GLU MA 262 -70.49 48.58 -20.99
CA GLU MA 262 -69.75 47.51 -20.32
C GLU MA 262 -68.38 48.00 -19.84
N MET MA 263 -67.66 48.69 -20.73
CA MET MA 263 -66.36 49.26 -20.39
C MET MA 263 -66.26 50.67 -20.94
N ASN MA 264 -65.39 51.46 -20.32
CA ASN MA 264 -65.13 52.82 -20.77
C ASN MA 264 -63.97 52.82 -21.76
N ILE MA 265 -63.58 54.02 -22.20
CA ILE MA 265 -62.46 54.16 -23.13
C ILE MA 265 -61.16 53.85 -22.40
N ALA MA 266 -60.34 53.00 -23.00
CA ALA MA 266 -59.06 52.64 -22.40
C ALA MA 266 -58.13 53.85 -22.37
N SER MA 267 -57.39 53.98 -21.26
CA SER MA 267 -56.46 55.08 -21.07
C SER MA 267 -55.17 54.56 -20.47
N GLY MA 268 -54.04 55.08 -20.95
CA GLY MA 268 -52.75 54.65 -20.44
C GLY MA 268 -51.57 55.27 -21.17
N CYS MA 269 -50.49 54.52 -21.28
CA CYS MA 269 -49.26 55.00 -21.92
C CYS MA 269 -48.99 54.18 -23.17
N PRO MA 270 -49.27 54.72 -24.36
CA PRO MA 270 -48.94 53.99 -25.60
C PRO MA 270 -47.45 53.76 -25.79
N VAL MA 271 -46.60 54.54 -25.12
CA VAL MA 271 -45.16 54.44 -25.27
C VAL MA 271 -44.54 53.98 -23.96
N PHE MA 272 -45.28 53.14 -23.23
CA PHE MA 272 -44.85 52.64 -21.93
C PHE MA 272 -43.44 52.07 -21.95
N VAL MA 273 -43.22 51.03 -22.75
CA VAL MA 273 -41.91 50.40 -22.87
C VAL MA 273 -41.62 50.16 -24.35
N ALA MA 274 -40.37 50.42 -24.74
CA ALA MA 274 -39.94 50.18 -26.12
C ALA MA 274 -39.89 48.68 -26.38
N GLN MA 275 -40.23 48.28 -27.60
CA GLN MA 275 -40.22 46.86 -27.96
C GLN MA 275 -38.83 46.26 -27.85
N THR MA 276 -37.80 47.00 -28.31
CA THR MA 276 -36.43 46.52 -28.21
C THR MA 276 -36.01 46.37 -26.77
N VAL MA 277 -36.37 47.34 -25.92
CA VAL MA 277 -36.02 47.28 -24.50
C VAL MA 277 -36.68 46.07 -23.85
N LEU MA 278 -37.94 45.83 -24.18
CA LEU MA 278 -38.66 44.66 -23.66
C LEU MA 278 -37.97 43.37 -24.07
N GLU MA 279 -37.46 43.30 -25.29
CA GLU MA 279 -36.87 42.07 -25.83
C GLU MA 279 -35.37 42.00 -25.60
N ASN MA 280 -34.89 42.54 -24.49
CA ASN MA 280 -33.48 42.46 -24.10
C ASN MA 280 -33.30 41.55 -22.89
N GLY MA 281 -34.18 40.56 -22.75
CA GLY MA 281 -34.06 39.58 -21.69
C GLY MA 281 -34.63 40.06 -20.37
N THR MA 282 -34.69 39.13 -19.41
CA THR MA 282 -35.15 39.35 -18.04
C THR MA 282 -36.61 39.75 -17.97
N TYR MA 283 -37.29 39.83 -19.12
CA TYR MA 283 -38.70 40.19 -19.16
C TYR MA 283 -39.58 39.13 -19.80
N ILE MA 284 -39.02 38.25 -20.64
CA ILE MA 284 -39.78 37.18 -21.24
C ILE MA 284 -39.13 35.85 -20.86
N LYS MA 285 -39.63 35.23 -19.80
CA LYS MA 285 -39.17 33.91 -19.38
C LYS MA 285 -40.26 32.88 -19.66
N ASP MA 286 -39.88 31.79 -20.31
CA ASP MA 286 -40.82 30.75 -20.73
C ASP MA 286 -41.94 31.33 -21.59
N ASP MA 287 -41.59 32.30 -22.43
CA ASP MA 287 -42.53 32.98 -23.32
C ASP MA 287 -43.72 33.55 -22.54
N THR MA 288 -43.44 34.16 -21.39
CA THR MA 288 -44.48 34.69 -20.53
C THR MA 288 -44.05 36.02 -19.95
N ILE MA 289 -44.97 36.98 -19.91
CA ILE MA 289 -44.72 38.31 -19.36
C ILE MA 289 -45.66 38.54 -18.18
N PHE MA 290 -45.22 39.37 -17.24
CA PHE MA 290 -45.99 39.69 -16.05
C PHE MA 290 -46.23 41.19 -16.01
N ILE MA 291 -47.50 41.58 -15.82
CA ILE MA 291 -47.90 42.98 -15.77
C ILE MA 291 -48.56 43.25 -14.43
N LYS MA 292 -48.08 44.27 -13.73
CA LYS MA 292 -48.59 44.65 -12.42
C LYS MA 292 -49.25 46.02 -12.49
N VAL MA 293 -50.48 46.11 -11.98
CA VAL MA 293 -51.21 47.36 -11.89
C VAL MA 293 -51.53 47.61 -10.43
N ILE MA 294 -51.17 48.80 -9.93
CA ILE MA 294 -51.37 49.16 -8.53
C ILE MA 294 -52.31 50.35 -8.47
N VAL MA 295 -53.40 50.20 -7.74
CA VAL MA 295 -54.39 51.26 -7.55
C VAL MA 295 -54.44 51.61 -6.07
N ASP MA 296 -54.23 52.89 -5.75
CA ASP MA 296 -54.23 53.32 -4.36
C ASP MA 296 -55.64 53.29 -3.79
N THR MA 297 -55.80 52.67 -2.62
CA THR MA 297 -57.09 52.56 -1.96
C THR MA 297 -57.09 53.19 -0.57
N SER MA 298 -56.12 54.08 -0.30
CA SER MA 298 -56.00 54.67 1.03
C SER MA 298 -57.09 55.70 1.31
N ASP MA 299 -57.80 56.18 0.30
CA ASP MA 299 -58.85 57.17 0.45
C ASP MA 299 -60.23 56.62 0.08
N LEU MA 300 -60.40 55.30 0.21
CA LEU MA 300 -61.66 54.65 -0.12
C LEU MA 300 -62.16 53.86 1.08
N PRO MA 301 -63.41 54.08 1.52
CA PRO MA 301 -64.01 53.36 2.66
C PRO MA 301 -64.03 51.85 2.46
N SER NA 160 -38.17 19.67 15.20
CA SER NA 160 -38.45 20.79 14.31
C SER NA 160 -37.90 20.53 12.91
N VAL NA 161 -37.10 19.48 12.78
CA VAL NA 161 -36.50 19.11 11.50
C VAL NA 161 -37.58 18.53 10.60
N PRO NA 162 -37.77 19.07 9.41
CA PRO NA 162 -38.77 18.49 8.49
C PRO NA 162 -38.42 17.06 8.11
N VAL NA 163 -39.44 16.24 7.95
CA VAL NA 163 -39.30 14.84 7.59
C VAL NA 163 -40.00 14.62 6.25
N PRO NA 164 -39.32 14.05 5.25
CA PRO NA 164 -39.97 13.82 3.95
C PRO NA 164 -41.07 12.78 4.03
N ALA NA 165 -41.83 12.63 2.95
CA ALA NA 165 -42.94 11.69 2.91
C ALA NA 165 -42.48 10.36 2.31
N THR NA 166 -43.42 9.42 2.22
CA THR NA 166 -43.19 8.08 1.69
C THR NA 166 -44.22 7.79 0.60
N GLU NA 167 -44.33 8.70 -0.36
CA GLU NA 167 -45.31 8.65 -1.44
C GLU NA 167 -45.39 7.26 -2.08
N LEU NA 168 -46.53 6.59 -1.92
CA LEU NA 168 -46.78 5.30 -2.52
C LEU NA 168 -47.94 5.34 -3.52
N GLY NA 169 -49.09 5.85 -3.09
CA GLY NA 169 -50.25 5.94 -3.97
C GLY NA 169 -51.52 6.04 -3.15
N SER NA 170 -52.64 5.80 -3.83
CA SER NA 170 -53.97 5.84 -3.23
C SER NA 170 -54.22 7.19 -2.56
N THR NA 171 -54.18 8.24 -3.39
CA THR NA 171 -54.37 9.61 -2.94
C THR NA 171 -55.68 10.14 -3.49
N GLU NA 172 -56.55 10.61 -2.59
CA GLU NA 172 -57.84 11.17 -2.98
C GLU NA 172 -58.03 12.49 -2.26
N LEU NA 173 -58.14 13.58 -3.02
CA LEU NA 173 -58.40 14.88 -2.43
C LEU NA 173 -59.81 14.90 -1.83
N VAL NA 174 -59.91 15.36 -0.59
CA VAL NA 174 -61.19 15.43 0.11
C VAL NA 174 -61.37 16.84 0.65
N THR NA 175 -62.51 17.44 0.33
CA THR NA 175 -62.88 18.76 0.86
C THR NA 175 -64.38 18.93 0.63
N THR NA 176 -65.13 19.12 1.71
CA THR NA 176 -66.57 19.32 1.62
C THR NA 176 -67.12 19.93 2.89
N SER OA 160 -83.76 48.52 20.43
CA SER OA 160 -82.55 47.72 20.25
C SER OA 160 -82.83 46.25 20.51
N VAL OA 161 -84.00 45.96 21.06
CA VAL OA 161 -84.39 44.58 21.36
C VAL OA 161 -84.69 43.85 20.07
N PRO OA 162 -84.04 42.71 19.81
CA PRO OA 162 -84.33 41.95 18.59
C PRO OA 162 -85.78 41.47 18.58
N VAL OA 163 -86.37 41.45 17.39
CA VAL OA 163 -87.74 41.02 17.19
C VAL OA 163 -87.73 39.80 16.27
N PRO OA 164 -88.34 38.68 16.67
CA PRO OA 164 -88.37 37.50 15.79
C PRO OA 164 -89.16 37.72 14.52
N ALA OA 165 -89.09 36.78 13.59
CA ALA OA 165 -89.78 36.87 12.32
C ALA OA 165 -91.14 36.15 12.40
N THR OA 166 -91.85 36.18 11.29
CA THR OA 166 -93.17 35.58 11.15
C THR OA 166 -93.18 34.66 9.93
N GLU OA 167 -92.20 33.77 9.87
CA GLU OA 167 -91.99 32.86 8.74
C GLU OA 167 -93.28 32.18 8.29
N LEU OA 168 -93.72 32.50 7.07
CA LEU OA 168 -94.90 31.89 6.48
C LEU OA 168 -94.55 31.10 5.21
N GLY OA 169 -93.85 31.72 4.27
CA GLY OA 169 -93.48 31.04 3.04
C GLY OA 169 -93.18 32.06 1.95
N SER OA 170 -93.16 31.56 0.72
CA SER OA 170 -92.89 32.37 -0.47
C SER OA 170 -91.56 33.11 -0.34
N THR OA 171 -90.49 32.34 -0.20
CA THR OA 171 -89.15 32.87 -0.03
C THR OA 171 -88.33 32.54 -1.28
N GLU OA 172 -87.75 33.59 -1.89
CA GLU OA 172 -86.92 33.44 -3.08
C GLU OA 172 -85.64 34.23 -2.87
N LEU OA 173 -84.51 33.53 -2.87
CA LEU OA 173 -83.22 34.20 -2.77
C LEU OA 173 -82.96 35.02 -4.03
N VAL OA 174 -82.59 36.28 -3.85
CA VAL OA 174 -82.32 37.18 -4.96
C VAL OA 174 -80.93 37.79 -4.77
N THR OA 175 -80.09 37.68 -5.79
CA THR OA 175 -78.77 38.31 -5.81
C THR OA 175 -78.29 38.33 -7.25
N THR OA 176 -78.03 39.53 -7.77
CA THR OA 176 -77.54 39.67 -9.14
C THR OA 176 -76.93 41.04 -9.36
N SER PA 160 -47.05 62.08 -17.45
CA SER PA 160 -48.03 61.67 -16.46
C SER PA 160 -49.45 61.92 -16.96
N VAL PA 161 -49.56 62.63 -18.08
CA VAL PA 161 -50.86 62.95 -18.67
C VAL PA 161 -51.43 61.68 -19.30
N PRO PA 162 -52.65 61.27 -18.92
CA PRO PA 162 -53.25 60.09 -19.55
C PRO PA 162 -53.46 60.30 -21.04
N VAL PA 163 -53.30 59.22 -21.79
CA VAL PA 163 -53.45 59.23 -23.24
C VAL PA 163 -54.57 58.27 -23.61
N PRO PA 164 -55.59 58.70 -24.36
CA PRO PA 164 -56.68 57.80 -24.73
C PRO PA 164 -56.23 56.68 -25.66
N ALA PA 165 -57.10 55.72 -25.91
CA ALA PA 165 -56.79 54.58 -26.76
C ALA PA 165 -57.25 54.85 -28.19
N THR PA 166 -57.00 53.87 -29.05
CA THR PA 166 -57.36 53.92 -30.47
C THR PA 166 -58.17 52.69 -30.85
N GLU PA 167 -59.22 52.43 -30.07
CA GLU PA 167 -60.06 51.25 -30.22
C GLU PA 167 -60.45 50.98 -31.66
N LEU PA 168 -59.97 49.86 -32.21
CA LEU PA 168 -60.32 49.44 -33.56
C LEU PA 168 -61.06 48.11 -33.57
N GLY PA 169 -60.51 47.09 -32.91
CA GLY PA 169 -61.16 45.79 -32.87
C GLY PA 169 -60.14 44.72 -32.55
N SER PA 170 -60.55 43.47 -32.81
CA SER PA 170 -59.72 42.29 -32.57
C SER PA 170 -59.24 42.24 -31.12
N THR PA 171 -60.21 42.16 -30.22
CA THR PA 171 -59.95 42.13 -28.78
C THR PA 171 -60.32 40.76 -28.24
N GLU PA 172 -59.37 40.11 -27.58
CA GLU PA 172 -59.58 38.80 -26.98
C GLU PA 172 -59.06 38.82 -25.56
N LEU PA 173 -59.95 38.61 -24.59
CA LEU PA 173 -59.53 38.53 -23.20
C LEU PA 173 -58.69 37.28 -22.98
N VAL PA 174 -57.53 37.45 -22.34
CA VAL PA 174 -56.62 36.34 -22.08
C VAL PA 174 -56.28 36.34 -20.59
N THR PA 175 -56.48 35.19 -19.95
CA THR PA 175 -56.10 34.99 -18.55
C THR PA 175 -56.06 33.48 -18.30
N THR PA 176 -54.90 32.98 -17.90
CA THR PA 176 -54.75 31.56 -17.60
C THR PA 176 -53.51 31.30 -16.77
#